data_7ZJL
#
_entry.id   7ZJL
#
_symmetry.space_group_name_H-M   'P 1'
#
loop_
_entity.id
_entity.type
_entity.pdbx_description
1 polymer 'Spike glycoprotein'
2 polymer 'REGN10987 Fab homologue (Light chain)'
3 polymer 'REGN10987 Fab homologue (Heavy chain)'
#
loop_
_entity_poly.entity_id
_entity_poly.type
_entity_poly.pdbx_seq_one_letter_code
_entity_poly.pdbx_strand_id
1 'polypeptide(L)'
;CVNLRTRTQLPPAYTNSFTRGVYYPDKVFRSSVLHSTQDLFLPFFSNVTWFHAIHVSGTNGTKRFDNPVLPFNDGVYFAS
TEKSNIIRGWIFGTTLDSKTQSLLIVNNATNVVIKVCEFQFCNDPFLDVYYHKNNKSWMESGVYSSANNCTFEYVSQPFL
MDLEGKQGNFKNLREFVFKNIDGYFKIYSKHTPINLVRDLPQGFSALEPLVDLPIGINITRFQTLLALHRSYLTPGDSSS
GWTAGAAAYYVGYLQPRTFLLKYNENGTITDAVDCALDPLSETKCTLKSFTVEKGIYQTSNFRVQPTESIVRFPNITNLC
PFGEVFNATRFASVYAWNRKRISNCVADYSVLYNSASFSTFKCYGVSPTKLNDLCFTNVYADSFVIRGDEVRQIAPGQTG
KIADYNYKLPDDFTGCVIAWNSNNLDSKVGGNYNYRYRLFRKSNLKPFERDISTEIYQAGSKPCNGVEGFNCYFPLQSYG
FQPTNGVGYQPYRVVVLSFELLHAPATVCGPKKSTNLVKNKCVNFNFNGLTGTGVLTESNKKFLPFQQFGRDIADTTDAV
RDPQTLEILDITPCSFGGVSVITPGTNTSNQVAVLYQGVNCTEVPVAIHADQLTPTWRVYSTGSNVFQTRAGCLIGAEHV
NNSYECDIPIGAGICASYQTQTNSPRRARSVASQSIIAYTMSLGAENSVAYSNNSIAIPTNFTISVTTEILPVSMTKTSV
DCTMYICGDSTECSNLLLQYGSFCTQLNRALTGIAVEQDKNTQEVFAQVKQIYKTPPIKDFGGFNFSQILPDPSKPSKRS
FIEDLLFNKVTLADAGFIKQYGDCLGDIAARDLICAQKFNGLTVLPPLLTDEMIAQYTSALLAGTITSGWTFGAGAALQI
PFAMQMAYRFNGIGVTQNVLYENQKLIANQFNSAIGKIQDSLSSTASALGKLQNVVNQNAQALNTLVKQLSSNFGAISSV
LNDILSRLDKVEAEVQIDRLITGRLQSLQTYVTQQLIRAAEIRASANLAATKMSECVLGQSKRVDFCGKGYHLMSFPQSA
PHGVVFLHVTYVPAQEKNFTTAPAICHDGKAHFPREGVFVSNGTHWFVTQRNFYEPQIITTDNTFVSGNCDVVIGIVNNT
VYDPLQPELD
;
A,B,C
2 'polypeptide(L)'
;QSALTQPASVSGSPGQSITISCTGTSSDVGGYNYVSWYQQHPGKAPKLMIYDVSKRPSGVSNRFSGSKSGNTASLTISGL
QSEDEADYYCNSLTSISTWVFGGGTKLTVLGRTVAAPSVFIFPPSDEQLKSGTASVVCLLNNFYPREAKVQWKVDNALQS
GNSQESVTEQDSKDSTYSLSSTLTLSKADYEKHKVYACEVTHQGLSSPVTKSFNRGEC
;
i,g,k
3 'polypeptide(L)'
;QVQLVESGGGVVQPGRSLRLSCAASGFTFSNYAMYWVRQAPGKGLEWVAVISYDGSNKYYADSVKGRFTISRDNSKNTLY
LQMNSLRTEDTAVYYCASGSDYGDYLLVYWGQGTLVTVSSASTKGPSVFPLAPSSKSTSGGTAALGCLVKDYFPEPVTVS
WNSGALTSGVHTFPAVLQSSGLYSLSSVVTVPSSSLGTQTYICNVNHKPSNTKVDKKVEPKSC
;
j,h,l
#
# COMPACT_ATOMS: atom_id res chain seq x y z
N CYS A 1 -23.73 58.41 -7.92
CA CYS A 1 -22.64 58.21 -6.94
C CYS A 1 -22.30 59.51 -6.20
N VAL A 2 -21.85 59.41 -4.95
CA VAL A 2 -21.29 60.54 -4.19
C VAL A 2 -19.89 60.88 -4.71
N ASN A 3 -19.53 62.16 -4.70
CA ASN A 3 -18.19 62.66 -5.08
C ASN A 3 -17.69 63.66 -4.03
N LEU A 4 -16.99 63.15 -3.00
CA LEU A 4 -16.37 63.99 -1.97
C LEU A 4 -15.10 64.65 -2.54
N ARG A 5 -15.16 65.98 -2.74
CA ARG A 5 -14.04 66.76 -3.31
C ARG A 5 -12.86 66.96 -2.34
N THR A 6 -13.10 66.83 -1.04
CA THR A 6 -12.08 66.89 0.03
C THR A 6 -12.28 65.78 1.07
N ARG A 7 -11.17 65.17 1.52
CA ARG A 7 -11.11 64.11 2.54
C ARG A 7 -9.71 64.10 3.17
N THR A 8 -9.63 64.07 4.50
CA THR A 8 -8.37 63.99 5.26
C THR A 8 -8.29 62.62 5.91
N GLN A 9 -7.35 61.78 5.45
CA GLN A 9 -7.07 60.46 6.02
C GLN A 9 -6.13 60.60 7.23
N LEU A 10 -6.50 60.05 8.38
CA LEU A 10 -5.61 59.93 9.54
C LEU A 10 -4.84 58.59 9.54
N PRO A 11 -3.63 58.53 10.14
CA PRO A 11 -2.90 57.27 10.35
C PRO A 11 -3.67 56.31 11.28
N PRO A 12 -3.43 54.99 11.18
CA PRO A 12 -4.17 53.99 11.95
C PRO A 12 -3.86 54.10 13.44
N ALA A 13 -4.85 54.49 14.24
CA ALA A 13 -4.82 54.40 15.69
C ALA A 13 -5.06 52.95 16.15
N TYR A 14 -4.67 52.61 17.38
CA TYR A 14 -4.83 51.27 17.94
C TYR A 14 -5.42 51.30 19.35
N THR A 15 -6.16 50.27 19.71
CA THR A 15 -6.65 50.02 21.07
C THR A 15 -6.60 48.52 21.41
N ASN A 16 -6.69 48.14 22.69
CA ASN A 16 -6.59 46.77 23.15
C ASN A 16 -7.92 46.00 23.00
N SER A 17 -7.90 44.76 22.49
CA SER A 17 -9.11 43.93 22.35
C SER A 17 -9.65 43.36 23.67
N PHE A 18 -8.87 43.37 24.74
CA PHE A 18 -9.20 42.67 25.99
C PHE A 18 -9.58 41.20 25.74
N THR A 19 -10.75 40.75 26.17
CA THR A 19 -11.24 39.37 26.00
C THR A 19 -12.42 39.28 25.01
N ARG A 20 -12.47 40.16 24.01
CA ARG A 20 -13.54 40.22 22.99
C ARG A 20 -13.30 39.32 21.78
N GLY A 21 -14.32 39.21 20.93
CA GLY A 21 -14.28 38.47 19.66
C GLY A 21 -14.50 36.97 19.75
N VAL A 22 -14.88 36.44 20.91
CA VAL A 22 -15.30 35.04 21.06
C VAL A 22 -16.71 34.86 20.51
N TYR A 23 -16.97 33.73 19.87
CA TYR A 23 -18.27 33.38 19.30
C TYR A 23 -18.57 31.90 19.54
N TYR A 24 -19.84 31.49 19.42
CA TYR A 24 -20.21 30.08 19.54
C TYR A 24 -19.65 29.29 18.35
N PRO A 25 -18.76 28.30 18.54
CA PRO A 25 -18.00 27.72 17.45
C PRO A 25 -18.82 26.79 16.54
N ASP A 26 -19.90 26.21 17.05
CA ASP A 26 -20.71 25.20 16.37
C ASP A 26 -22.17 25.20 16.87
N LYS A 27 -23.07 24.54 16.13
CA LYS A 27 -24.52 24.53 16.39
C LYS A 27 -24.94 23.52 17.49
N VAL A 28 -24.06 23.27 18.45
CA VAL A 28 -24.20 22.26 19.51
C VAL A 28 -24.43 22.93 20.86
N PHE A 29 -25.50 22.55 21.57
CA PHE A 29 -25.71 22.93 22.97
C PHE A 29 -24.75 22.16 23.89
N ARG A 30 -24.18 22.86 24.87
CA ARG A 30 -23.33 22.31 25.95
C ARG A 30 -23.65 23.05 27.24
N SER A 31 -23.66 22.38 28.39
CA SER A 31 -24.10 22.97 29.67
C SER A 31 -23.21 22.59 30.85
N SER A 32 -22.90 23.54 31.73
CA SER A 32 -22.07 23.38 32.92
C SER A 32 -20.76 22.64 32.63
N VAL A 33 -20.01 23.11 31.64
CA VAL A 33 -18.84 22.39 31.10
C VAL A 33 -17.76 23.33 30.58
N LEU A 34 -16.52 22.87 30.58
CA LEU A 34 -15.38 23.52 29.94
C LEU A 34 -15.00 22.73 28.67
N HIS A 35 -14.96 23.37 27.51
CA HIS A 35 -14.75 22.71 26.22
C HIS A 35 -13.62 23.37 25.42
N SER A 36 -12.69 22.58 24.88
CA SER A 36 -11.52 23.07 24.16
C SER A 36 -11.73 22.95 22.65
N THR A 37 -11.51 24.03 21.91
CA THR A 37 -11.83 24.16 20.49
C THR A 37 -10.73 24.88 19.71
N GLN A 38 -10.52 24.48 18.45
CA GLN A 38 -9.58 25.13 17.54
C GLN A 38 -10.32 25.81 16.39
N ASP A 39 -10.12 27.11 16.21
CA ASP A 39 -10.78 27.89 15.15
C ASP A 39 -10.04 29.22 14.92
N LEU A 40 -10.46 29.99 13.91
CA LEU A 40 -10.04 31.39 13.79
C LEU A 40 -10.72 32.24 14.87
N PHE A 41 -9.94 32.87 15.74
CA PHE A 41 -10.42 33.75 16.80
C PHE A 41 -9.60 35.04 16.82
N LEU A 42 -10.14 36.10 17.40
CA LEU A 42 -9.38 37.30 17.74
C LEU A 42 -8.52 37.00 18.97
N PRO A 43 -7.17 37.04 18.90
CA PRO A 43 -6.32 36.76 20.05
C PRO A 43 -6.58 37.73 21.21
N PHE A 44 -6.64 37.24 22.44
CA PHE A 44 -6.86 38.10 23.61
C PHE A 44 -5.74 39.14 23.74
N PHE A 45 -6.12 40.34 24.18
CA PHE A 45 -5.27 41.51 24.34
C PHE A 45 -4.49 41.95 23.08
N SER A 46 -4.85 41.47 21.89
CA SER A 46 -4.29 41.99 20.63
C SER A 46 -4.68 43.45 20.37
N ASN A 47 -3.84 44.19 19.66
CA ASN A 47 -4.18 45.52 19.15
C ASN A 47 -5.20 45.44 18.02
N VAL A 48 -6.34 46.12 18.16
CA VAL A 48 -7.33 46.33 17.10
C VAL A 48 -7.19 47.75 16.56
N THR A 49 -7.20 47.88 15.24
CA THR A 49 -7.11 49.18 14.56
C THR A 49 -8.40 49.96 14.78
N TRP A 50 -8.31 51.25 15.05
CA TRP A 50 -9.43 52.15 15.31
C TRP A 50 -9.59 53.19 14.17
N PHE A 51 -10.83 53.41 13.73
CA PHE A 51 -11.22 54.36 12.68
C PHE A 51 -12.43 55.22 13.12
N HIS A 52 -12.60 56.40 12.52
CA HIS A 52 -13.66 57.35 12.90
C HIS A 52 -14.36 58.04 11.72
N ALA A 53 -15.64 58.35 11.91
CA ALA A 53 -16.43 59.27 11.10
C ALA A 53 -16.94 60.41 11.99
N ILE A 54 -16.58 61.66 11.69
CA ILE A 54 -16.96 62.84 12.49
C ILE A 54 -17.14 64.11 11.64
N HIS A 55 -18.00 65.02 12.09
CA HIS A 55 -18.06 66.41 11.61
C HIS A 55 -17.76 67.36 12.76
N VAL A 56 -16.75 68.22 12.58
CA VAL A 56 -16.37 69.27 13.53
C VAL A 56 -16.80 70.62 12.95
N SER A 57 -17.73 71.30 13.62
CA SER A 57 -18.24 72.61 13.23
C SER A 57 -17.26 73.73 13.58
N GLY A 58 -17.24 74.80 12.77
CA GLY A 58 -16.38 75.97 12.96
C GLY A 58 -16.21 76.82 11.69
N THR A 59 -15.36 77.85 11.75
CA THR A 59 -14.96 78.68 10.60
C THR A 59 -14.02 77.96 9.62
N ASN A 60 -13.36 76.88 10.05
CA ASN A 60 -12.73 75.86 9.19
C ASN A 60 -13.36 74.48 9.46
N GLY A 61 -14.68 74.38 9.25
CA GLY A 61 -15.47 73.17 9.50
C GLY A 61 -14.88 71.94 8.81
N THR A 62 -14.49 70.95 9.61
CA THR A 62 -13.72 69.78 9.14
C THR A 62 -14.62 68.55 9.11
N LYS A 63 -14.68 67.90 7.96
CA LYS A 63 -15.48 66.69 7.74
C LYS A 63 -14.54 65.51 7.53
N ARG A 64 -14.66 64.48 8.38
CA ARG A 64 -13.79 63.29 8.36
C ARG A 64 -14.61 62.02 8.18
N PHE A 65 -14.18 61.21 7.23
CA PHE A 65 -14.80 59.92 6.91
C PHE A 65 -13.70 58.88 6.68
N ASP A 66 -13.34 58.12 7.71
CA ASP A 66 -12.48 56.95 7.52
C ASP A 66 -13.32 55.78 6.99
N ASN A 67 -13.22 55.50 5.70
CA ASN A 67 -13.73 54.29 5.05
C ASN A 67 -12.70 53.68 4.07
N PRO A 68 -11.44 53.47 4.47
CA PRO A 68 -10.43 52.86 3.60
C PRO A 68 -10.81 51.43 3.21
N VAL A 69 -10.28 50.96 2.09
CA VAL A 69 -10.19 49.52 1.80
C VAL A 69 -9.18 48.90 2.77
N LEU A 70 -9.55 47.79 3.40
CA LEU A 70 -8.75 47.06 4.39
C LEU A 70 -8.56 45.60 3.96
N PRO A 71 -7.43 44.96 4.34
CA PRO A 71 -7.26 43.53 4.13
C PRO A 71 -8.32 42.76 4.93
N PHE A 72 -8.78 41.64 4.40
CA PHE A 72 -9.63 40.70 5.13
C PHE A 72 -8.81 39.61 5.85
N ASN A 73 -7.67 39.23 5.26
CA ASN A 73 -6.92 38.04 5.66
C ASN A 73 -7.84 36.81 5.73
N ASP A 74 -7.74 35.97 6.74
CA ASP A 74 -8.62 34.80 6.91
C ASP A 74 -9.96 35.13 7.59
N GLY A 75 -10.14 36.34 8.12
CA GLY A 75 -11.38 36.77 8.74
C GLY A 75 -11.19 37.96 9.68
N VAL A 76 -12.28 38.61 10.04
CA VAL A 76 -12.26 39.91 10.70
C VAL A 76 -13.27 39.99 11.84
N TYR A 77 -12.80 40.35 13.02
CA TYR A 77 -13.62 40.97 14.05
C TYR A 77 -13.85 42.44 13.71
N PHE A 78 -15.10 42.87 13.71
CA PHE A 78 -15.49 44.25 13.50
C PHE A 78 -16.37 44.69 14.67
N ALA A 79 -16.07 45.83 15.28
CA ALA A 79 -16.96 46.43 16.27
C ALA A 79 -17.19 47.90 15.99
N SER A 80 -18.38 48.39 16.29
CA SER A 80 -18.67 49.82 16.22
C SER A 80 -19.28 50.32 17.53
N THR A 81 -18.80 51.48 17.96
CA THR A 81 -19.37 52.24 19.06
C THR A 81 -20.00 53.48 18.45
N GLU A 82 -21.29 53.65 18.67
CA GLU A 82 -22.11 54.61 17.92
C GLU A 82 -23.17 55.27 18.80
N LYS A 83 -23.56 56.48 18.40
CA LYS A 83 -24.69 57.24 18.97
C LYS A 83 -25.97 57.10 18.12
N SER A 84 -25.78 56.85 16.82
CA SER A 84 -26.78 56.81 15.73
C SER A 84 -26.38 55.71 14.74
N ASN A 85 -27.27 55.24 13.86
CA ASN A 85 -26.95 54.18 12.88
C ASN A 85 -26.16 54.72 11.67
N ILE A 86 -24.87 55.02 11.86
CA ILE A 86 -23.99 55.60 10.84
C ILE A 86 -23.30 54.53 10.00
N ILE A 87 -22.83 53.43 10.61
CA ILE A 87 -22.31 52.29 9.86
C ILE A 87 -23.49 51.47 9.34
N ARG A 88 -23.53 51.22 8.02
CA ARG A 88 -24.68 50.62 7.33
C ARG A 88 -24.38 49.26 6.70
N GLY A 89 -23.13 48.92 6.42
CA GLY A 89 -22.84 47.69 5.69
C GLY A 89 -21.40 47.57 5.25
N TRP A 90 -21.12 46.63 4.36
CA TRP A 90 -19.77 46.32 3.93
C TRP A 90 -19.75 45.79 2.49
N ILE A 91 -18.61 45.99 1.84
CA ILE A 91 -18.26 45.38 0.55
C ILE A 91 -17.09 44.42 0.81
N PHE A 92 -17.09 43.24 0.20
CA PHE A 92 -16.00 42.27 0.31
C PHE A 92 -15.67 41.67 -1.05
N GLY A 93 -14.39 41.47 -1.35
CA GLY A 93 -13.96 40.87 -2.62
C GLY A 93 -12.45 40.82 -2.76
N THR A 94 -11.96 40.89 -4.00
CA THR A 94 -10.52 41.01 -4.28
C THR A 94 -10.16 42.31 -5.01
N THR A 95 -10.66 42.55 -6.22
CA THR A 95 -10.39 43.82 -6.95
C THR A 95 -11.31 44.97 -6.54
N LEU A 96 -12.48 44.65 -5.99
CA LEU A 96 -13.57 45.59 -5.69
C LEU A 96 -13.99 46.42 -6.91
N ASP A 97 -13.94 45.82 -8.10
CA ASP A 97 -14.36 46.42 -9.37
C ASP A 97 -15.09 45.39 -10.25
N SER A 98 -15.67 45.87 -11.34
CA SER A 98 -16.48 45.08 -12.26
C SER A 98 -15.75 43.87 -12.90
N LYS A 99 -14.42 43.72 -12.74
CA LYS A 99 -13.68 42.59 -13.29
C LYS A 99 -13.81 41.31 -12.45
N THR A 100 -14.27 41.38 -11.19
CA THR A 100 -14.44 40.20 -10.31
C THR A 100 -15.73 40.28 -9.47
N GLN A 101 -16.27 39.13 -9.08
CA GLN A 101 -17.45 39.07 -8.21
C GLN A 101 -17.10 39.54 -6.78
N SER A 102 -17.92 40.44 -6.24
CA SER A 102 -17.81 40.94 -4.87
C SER A 102 -19.11 40.74 -4.12
N LEU A 103 -18.99 40.41 -2.84
CA LEU A 103 -20.09 40.40 -1.89
C LEU A 103 -20.38 41.85 -1.46
N LEU A 104 -21.66 42.22 -1.53
CA LEU A 104 -22.22 43.41 -0.91
C LEU A 104 -23.14 42.95 0.23
N ILE A 105 -22.93 43.51 1.41
CA ILE A 105 -23.85 43.43 2.53
C ILE A 105 -24.28 44.84 2.87
N VAL A 106 -25.58 45.11 2.96
CA VAL A 106 -26.08 46.44 3.32
C VAL A 106 -27.37 46.38 4.13
N ASN A 107 -27.36 46.98 5.32
CA ASN A 107 -28.58 47.41 6.00
C ASN A 107 -29.09 48.66 5.28
N ASN A 108 -30.08 48.49 4.40
CA ASN A 108 -31.01 49.58 4.18
C ASN A 108 -31.94 49.60 5.40
N ALA A 109 -32.46 50.76 5.76
CA ALA A 109 -33.18 51.00 7.00
C ALA A 109 -34.51 50.23 7.15
N THR A 110 -34.89 49.39 6.18
CA THR A 110 -36.00 48.43 6.27
C THR A 110 -35.57 46.97 6.25
N ASN A 111 -34.49 46.63 5.54
CA ASN A 111 -34.01 45.25 5.37
C ASN A 111 -32.48 45.20 5.23
N VAL A 112 -31.86 44.14 5.76
CA VAL A 112 -30.52 43.74 5.32
C VAL A 112 -30.65 43.10 3.94
N VAL A 113 -29.84 43.56 3.00
CA VAL A 113 -29.74 43.04 1.63
C VAL A 113 -28.34 42.51 1.43
N ILE A 114 -28.23 41.33 0.84
CA ILE A 114 -26.96 40.66 0.55
C ILE A 114 -26.94 40.26 -0.91
N LYS A 115 -25.84 40.55 -1.62
CA LYS A 115 -25.71 40.30 -3.06
C LYS A 115 -24.28 39.90 -3.39
N VAL A 116 -24.10 39.04 -4.39
CA VAL A 116 -22.78 38.73 -4.96
C VAL A 116 -22.82 38.93 -6.46
N CYS A 117 -22.10 39.94 -6.95
CA CYS A 117 -22.15 40.39 -8.34
C CYS A 117 -20.80 40.99 -8.78
N GLU A 118 -20.57 41.07 -10.08
CA GLU A 118 -19.53 41.93 -10.67
C GLU A 118 -20.00 43.40 -10.62
N PHE A 119 -19.82 44.02 -9.45
CA PHE A 119 -20.25 45.39 -9.18
C PHE A 119 -19.31 46.45 -9.76
N GLN A 120 -19.90 47.48 -10.38
CA GLN A 120 -19.24 48.76 -10.64
C GLN A 120 -19.50 49.70 -9.46
N PHE A 121 -18.81 49.47 -8.33
CA PHE A 121 -18.94 50.31 -7.14
C PHE A 121 -18.55 51.77 -7.41
N CYS A 122 -19.14 52.70 -6.66
CA CYS A 122 -18.77 54.12 -6.75
C CYS A 122 -17.30 54.35 -6.36
N ASN A 123 -16.68 55.41 -6.88
CA ASN A 123 -15.25 55.70 -6.65
C ASN A 123 -14.93 55.94 -5.16
N ASP A 124 -15.87 56.53 -4.42
CA ASP A 124 -16.00 56.39 -2.98
C ASP A 124 -17.41 55.81 -2.66
N PRO A 125 -17.53 54.56 -2.18
CA PRO A 125 -18.82 53.98 -1.84
C PRO A 125 -19.30 54.45 -0.46
N PHE A 126 -20.51 55.01 -0.43
CA PHE A 126 -21.22 55.50 0.75
C PHE A 126 -22.72 55.25 0.57
N LEU A 127 -23.49 55.17 1.66
CA LEU A 127 -24.93 55.35 1.56
C LEU A 127 -25.28 56.84 1.66
N ASP A 128 -25.73 57.40 0.56
CA ASP A 128 -26.38 58.71 0.48
C ASP A 128 -27.72 58.64 1.21
N VAL A 129 -27.84 59.33 2.35
CA VAL A 129 -29.03 59.42 3.20
C VAL A 129 -29.62 60.83 3.12
N TYR A 130 -30.93 60.97 2.89
CA TYR A 130 -31.58 62.28 2.89
C TYR A 130 -33.02 62.25 3.39
N TYR A 131 -33.50 63.38 3.91
CA TYR A 131 -34.87 63.55 4.39
C TYR A 131 -35.75 64.11 3.27
N HIS A 132 -36.74 63.32 2.83
CA HIS A 132 -37.73 63.70 1.83
C HIS A 132 -38.87 64.49 2.49
N LYS A 133 -38.84 65.82 2.33
CA LYS A 133 -39.72 66.75 3.06
C LYS A 133 -41.21 66.59 2.75
N ASN A 134 -41.58 66.14 1.56
CA ASN A 134 -42.98 65.92 1.17
C ASN A 134 -43.54 64.60 1.72
N ASN A 135 -42.76 63.52 1.69
CA ASN A 135 -43.14 62.23 2.29
C ASN A 135 -42.90 62.17 3.81
N LYS A 136 -42.15 63.13 4.38
CA LYS A 136 -41.70 63.20 5.78
C LYS A 136 -40.97 61.94 6.22
N SER A 137 -40.03 61.47 5.40
CA SER A 137 -39.32 60.20 5.59
C SER A 137 -37.86 60.26 5.14
N TRP A 138 -37.01 59.41 5.71
CA TRP A 138 -35.64 59.20 5.23
C TRP A 138 -35.58 58.27 4.01
N MET A 139 -34.62 58.51 3.13
CA MET A 139 -34.32 57.69 1.94
C MET A 139 -32.82 57.38 1.83
N GLU A 140 -32.48 56.27 1.17
CA GLU A 140 -31.10 55.74 1.04
C GLU A 140 -30.72 55.40 -0.42
N SER A 141 -29.47 55.67 -0.83
CA SER A 141 -29.00 55.53 -2.22
C SER A 141 -27.47 55.39 -2.36
N GLY A 142 -26.98 54.99 -3.55
CA GLY A 142 -25.65 55.36 -4.04
C GLY A 142 -24.41 54.49 -3.79
N VAL A 143 -24.53 53.18 -3.59
CA VAL A 143 -23.35 52.30 -3.37
C VAL A 143 -22.59 51.95 -4.67
N TYR A 144 -23.30 51.74 -5.78
CA TYR A 144 -22.73 51.32 -7.08
C TYR A 144 -23.47 51.99 -8.25
N SER A 145 -22.78 52.13 -9.39
CA SER A 145 -23.38 52.65 -10.63
C SER A 145 -24.01 51.55 -11.49
N SER A 146 -23.50 50.31 -11.43
CA SER A 146 -24.11 49.13 -12.06
C SER A 146 -23.70 47.82 -11.37
N ALA A 147 -24.44 46.74 -11.62
CA ALA A 147 -24.14 45.38 -11.17
C ALA A 147 -24.40 44.38 -12.31
N ASN A 148 -23.52 43.40 -12.48
CA ASN A 148 -23.61 42.38 -13.54
C ASN A 148 -23.28 40.98 -13.01
N ASN A 149 -23.68 39.94 -13.76
CA ASN A 149 -23.33 38.54 -13.52
C ASN A 149 -23.53 38.08 -12.07
N CYS A 150 -24.66 38.43 -11.46
CA CYS A 150 -24.94 38.10 -10.07
C CYS A 150 -25.12 36.58 -9.85
N THR A 151 -24.55 36.05 -8.78
CA THR A 151 -24.54 34.61 -8.45
C THR A 151 -25.23 34.27 -7.12
N PHE A 152 -25.50 35.26 -6.27
CA PHE A 152 -26.32 35.11 -5.06
C PHE A 152 -27.04 36.41 -4.72
N GLU A 153 -28.22 36.29 -4.13
CA GLU A 153 -28.95 37.38 -3.50
C GLU A 153 -29.78 36.86 -2.31
N TYR A 154 -29.91 37.68 -1.27
CA TYR A 154 -30.81 37.46 -0.14
C TYR A 154 -31.27 38.80 0.45
N VAL A 155 -32.46 38.80 1.04
CA VAL A 155 -33.05 39.94 1.74
C VAL A 155 -33.65 39.46 3.06
N SER A 156 -33.35 40.13 4.18
CA SER A 156 -33.86 39.78 5.51
C SER A 156 -35.36 40.03 5.65
N GLN A 157 -35.96 39.47 6.71
CA GLN A 157 -37.24 39.96 7.23
C GLN A 157 -37.17 41.48 7.52
N PRO A 158 -38.28 42.22 7.37
CA PRO A 158 -38.29 43.67 7.54
C PRO A 158 -38.16 44.09 9.02
N PHE A 159 -37.70 45.33 9.21
CA PHE A 159 -37.57 46.03 10.49
C PHE A 159 -37.72 47.55 10.26
N LEU A 160 -37.76 48.35 11.32
CA LEU A 160 -37.64 49.81 11.27
C LEU A 160 -36.37 50.28 12.00
N MET A 161 -35.73 51.33 11.48
CA MET A 161 -34.49 51.89 12.02
C MET A 161 -34.49 53.42 12.06
N ASP A 162 -34.00 54.02 13.14
CA ASP A 162 -33.84 55.46 13.28
C ASP A 162 -32.52 55.95 12.63
N LEU A 163 -32.60 56.96 11.77
CA LEU A 163 -31.47 57.57 11.06
C LEU A 163 -31.15 59.01 11.49
N GLU A 164 -31.85 59.56 12.48
CA GLU A 164 -31.55 60.90 13.04
C GLU A 164 -30.21 60.91 13.81
N GLY A 165 -29.45 61.99 13.74
CA GLY A 165 -28.15 62.12 14.42
C GLY A 165 -28.28 62.55 15.89
N LYS A 166 -27.78 61.72 16.81
CA LYS A 166 -27.89 61.88 18.27
C LYS A 166 -26.58 62.35 18.92
N GLN A 167 -26.68 63.30 19.84
CA GLN A 167 -25.57 63.82 20.65
C GLN A 167 -25.32 62.99 21.92
N GLY A 168 -24.30 63.36 22.71
CA GLY A 168 -23.92 62.67 23.95
C GLY A 168 -22.77 61.65 23.78
N ASN A 169 -22.66 60.70 24.70
CA ASN A 169 -21.70 59.58 24.63
C ASN A 169 -22.13 58.50 23.62
N PHE A 170 -21.23 57.57 23.24
CA PHE A 170 -21.63 56.36 22.50
C PHE A 170 -22.58 55.51 23.36
N LYS A 171 -23.72 55.12 22.79
CA LYS A 171 -24.80 54.37 23.44
C LYS A 171 -24.87 52.90 23.00
N ASN A 172 -24.50 52.62 21.76
CA ASN A 172 -24.54 51.29 21.18
C ASN A 172 -23.12 50.77 20.93
N LEU A 173 -22.87 49.53 21.34
CA LEU A 173 -21.79 48.69 20.82
C LEU A 173 -22.42 47.60 19.94
N ARG A 174 -21.97 47.50 18.68
CA ARG A 174 -22.29 46.37 17.79
C ARG A 174 -20.99 45.62 17.54
N GLU A 175 -21.03 44.29 17.66
CA GLU A 175 -19.88 43.42 17.42
C GLU A 175 -20.24 42.39 16.35
N PHE A 176 -19.34 42.19 15.39
CA PHE A 176 -19.45 41.23 14.31
C PHE A 176 -18.16 40.43 14.16
N VAL A 177 -18.29 39.17 13.77
CA VAL A 177 -17.19 38.38 13.22
C VAL A 177 -17.57 37.94 11.83
N PHE A 178 -16.68 38.18 10.86
CA PHE A 178 -16.79 37.73 9.48
C PHE A 178 -15.69 36.69 9.21
N LYS A 179 -16.05 35.53 8.65
CA LYS A 179 -15.14 34.47 8.19
C LYS A 179 -15.48 34.01 6.78
N ASN A 180 -14.50 33.63 5.97
CA ASN A 180 -14.69 33.07 4.62
C ASN A 180 -13.96 31.72 4.47
N ILE A 181 -14.66 30.59 4.72
CA ILE A 181 -14.05 29.25 4.86
C ILE A 181 -14.88 28.18 4.14
N ASP A 182 -14.23 27.24 3.44
CA ASP A 182 -14.86 26.12 2.71
C ASP A 182 -15.90 26.55 1.66
N GLY A 183 -15.86 27.81 1.21
CA GLY A 183 -16.85 28.43 0.34
C GLY A 183 -18.03 29.09 1.07
N TYR A 184 -18.05 29.07 2.40
CA TYR A 184 -19.09 29.67 3.23
C TYR A 184 -18.61 30.97 3.89
N PHE A 185 -19.34 32.05 3.66
CA PHE A 185 -19.16 33.30 4.36
C PHE A 185 -20.03 33.31 5.62
N LYS A 186 -19.40 33.18 6.78
CA LYS A 186 -20.06 33.04 8.07
C LYS A 186 -20.02 34.39 8.79
N ILE A 187 -21.16 34.76 9.35
CA ILE A 187 -21.33 35.98 10.13
C ILE A 187 -21.79 35.61 11.53
N TYR A 188 -21.16 36.20 12.54
CA TYR A 188 -21.58 36.16 13.93
C TYR A 188 -21.81 37.58 14.40
N SER A 189 -22.74 37.81 15.32
CA SER A 189 -22.99 39.15 15.84
C SER A 189 -23.41 39.19 17.31
N LYS A 190 -23.25 40.36 17.94
CA LYS A 190 -23.95 40.74 19.18
C LYS A 190 -24.13 42.25 19.29
N HIS A 191 -25.16 42.70 19.99
CA HIS A 191 -25.38 44.09 20.39
C HIS A 191 -25.31 44.23 21.92
N THR A 192 -24.62 45.27 22.40
CA THR A 192 -24.53 45.62 23.81
C THR A 192 -24.79 47.11 24.02
N PRO A 193 -25.68 47.50 24.96
CA PRO A 193 -25.78 48.87 25.42
C PRO A 193 -24.54 49.30 26.22
N ILE A 194 -24.03 50.49 25.95
CA ILE A 194 -22.84 51.08 26.57
C ILE A 194 -23.08 52.54 26.93
N ASN A 195 -22.16 53.14 27.70
CA ASN A 195 -22.12 54.58 27.95
C ASN A 195 -20.66 55.03 28.06
N LEU A 196 -20.01 55.26 26.91
CA LEU A 196 -18.58 55.55 26.81
C LEU A 196 -18.29 56.75 25.89
N VAL A 197 -17.33 57.59 26.28
CA VAL A 197 -16.81 58.68 25.44
C VAL A 197 -16.00 58.13 24.26
N ARG A 198 -15.24 57.05 24.49
CA ARG A 198 -14.31 56.41 23.54
C ARG A 198 -13.95 54.98 23.94
N ASP A 199 -13.33 54.26 23.00
CA ASP A 199 -12.77 52.89 23.13
C ASP A 199 -13.80 51.76 23.32
N LEU A 200 -13.34 50.52 23.14
CA LEU A 200 -14.07 49.30 23.52
C LEU A 200 -14.16 49.15 25.05
N PRO A 201 -15.25 48.56 25.59
CA PRO A 201 -15.34 48.27 27.01
C PRO A 201 -14.47 47.07 27.38
N GLN A 202 -13.91 47.06 28.60
CA GLN A 202 -13.42 45.82 29.21
C GLN A 202 -14.57 44.83 29.47
N GLY A 203 -14.24 43.58 29.76
CA GLY A 203 -15.21 42.51 30.02
C GLY A 203 -15.43 41.53 28.86
N PHE A 204 -16.10 40.42 29.16
CA PHE A 204 -16.28 39.28 28.27
C PHE A 204 -17.68 39.19 27.67
N SER A 205 -17.78 38.82 26.38
CA SER A 205 -19.05 38.69 25.65
C SER A 205 -18.91 37.76 24.43
N ALA A 206 -19.86 36.84 24.21
CA ALA A 206 -19.82 35.87 23.11
C ALA A 206 -20.84 36.20 21.99
N LEU A 207 -20.38 36.30 20.73
CA LEU A 207 -21.20 36.56 19.55
C LEU A 207 -21.93 35.31 19.06
N GLU A 208 -23.23 35.42 18.79
CA GLU A 208 -24.05 34.33 18.26
C GLU A 208 -23.95 34.21 16.73
N PRO A 209 -24.07 33.02 16.13
CA PRO A 209 -24.13 32.88 14.68
C PRO A 209 -25.36 33.61 14.14
N LEU A 210 -25.14 34.49 13.17
CA LEU A 210 -26.18 35.31 12.57
C LEU A 210 -26.69 34.70 11.26
N VAL A 211 -25.76 34.32 10.37
CA VAL A 211 -26.07 33.72 9.07
C VAL A 211 -24.84 33.00 8.48
N ASP A 212 -25.08 32.12 7.50
CA ASP A 212 -24.07 31.26 6.87
C ASP A 212 -24.36 31.17 5.36
N LEU A 213 -23.54 31.84 4.55
CA LEU A 213 -23.83 32.14 3.15
C LEU A 213 -22.92 31.33 2.20
N PRO A 214 -23.46 30.51 1.28
CA PRO A 214 -22.66 29.58 0.46
C PRO A 214 -22.05 30.22 -0.80
N ILE A 215 -21.45 31.41 -0.68
CA ILE A 215 -21.11 32.27 -1.82
C ILE A 215 -19.93 31.81 -2.70
N GLY A 216 -18.97 31.05 -2.16
CA GLY A 216 -17.84 30.50 -2.91
C GLY A 216 -16.71 31.44 -3.36
N ILE A 217 -16.91 32.77 -3.36
CA ILE A 217 -15.91 33.73 -3.89
C ILE A 217 -14.65 33.90 -3.02
N ASN A 218 -13.54 34.27 -3.66
CA ASN A 218 -12.28 34.60 -3.00
C ASN A 218 -12.29 36.05 -2.46
N ILE A 219 -12.29 36.22 -1.14
CA ILE A 219 -12.24 37.52 -0.47
C ILE A 219 -10.86 37.73 0.14
N THR A 220 -10.21 38.83 -0.24
CA THR A 220 -8.91 39.27 0.30
C THR A 220 -8.98 40.69 0.85
N ARG A 221 -10.00 41.48 0.49
CA ARG A 221 -10.18 42.87 0.91
C ARG A 221 -11.64 43.17 1.21
N PHE A 222 -11.87 44.17 2.05
CA PHE A 222 -13.19 44.67 2.39
C PHE A 222 -13.20 46.19 2.59
N GLN A 223 -14.39 46.78 2.58
CA GLN A 223 -14.60 48.19 2.88
C GLN A 223 -15.91 48.41 3.65
N THR A 224 -15.92 49.29 4.65
CA THR A 224 -17.12 49.69 5.39
C THR A 224 -17.98 50.68 4.59
N LEU A 225 -19.30 50.53 4.64
CA LEU A 225 -20.28 51.48 4.12
C LEU A 225 -20.79 52.38 5.24
N LEU A 226 -20.53 53.68 5.11
CA LEU A 226 -21.00 54.71 6.02
C LEU A 226 -22.16 55.48 5.40
N ALA A 227 -23.11 55.89 6.23
CA ALA A 227 -24.11 56.87 5.85
C ALA A 227 -23.52 58.28 5.75
N LEU A 228 -23.80 58.98 4.65
CA LEU A 228 -23.61 60.43 4.51
C LEU A 228 -24.97 61.11 4.38
N HIS A 229 -25.28 61.99 5.33
CA HIS A 229 -26.48 62.82 5.28
C HIS A 229 -26.25 63.95 4.28
N ARG A 230 -27.13 64.16 3.29
CA ARG A 230 -27.09 65.34 2.37
C ARG A 230 -27.27 66.68 3.10
N SER A 231 -27.88 66.64 4.28
CA SER A 231 -28.35 67.80 5.05
C SER A 231 -28.04 67.62 6.54
N TYR A 232 -28.78 68.33 7.39
CA TYR A 232 -28.56 68.41 8.84
C TYR A 232 -28.68 67.05 9.55
N LEU A 233 -27.96 66.89 10.66
CA LEU A 233 -28.10 65.72 11.54
C LEU A 233 -29.40 65.76 12.37
N THR A 234 -29.93 66.94 12.66
CA THR A 234 -31.25 67.20 13.29
C THR A 234 -31.91 68.43 12.65
N PRO A 235 -33.25 68.56 12.68
CA PRO A 235 -33.95 69.68 12.04
C PRO A 235 -33.57 71.07 12.62
N GLY A 236 -33.72 72.11 11.80
CA GLY A 236 -33.61 73.52 12.20
C GLY A 236 -32.22 74.16 12.08
N ASP A 237 -31.17 73.42 11.70
CA ASP A 237 -29.86 73.97 11.35
C ASP A 237 -29.86 74.66 9.97
N SER A 238 -28.70 75.20 9.55
CA SER A 238 -28.53 75.96 8.29
C SER A 238 -27.19 75.70 7.58
N SER A 239 -26.50 74.60 7.91
CA SER A 239 -25.25 74.17 7.27
C SER A 239 -25.45 73.67 5.82
N SER A 240 -24.36 73.32 5.13
CA SER A 240 -24.39 72.93 3.70
C SER A 240 -23.47 71.75 3.38
N GLY A 241 -23.79 71.04 2.30
CA GLY A 241 -23.10 69.81 1.86
C GLY A 241 -23.31 68.61 2.80
N TRP A 242 -22.56 67.53 2.54
CA TRP A 242 -22.63 66.28 3.29
C TRP A 242 -22.26 66.42 4.77
N THR A 243 -22.81 65.55 5.62
CA THR A 243 -22.41 65.38 7.04
C THR A 243 -22.46 63.91 7.46
N ALA A 244 -21.74 63.54 8.52
CA ALA A 244 -21.89 62.25 9.21
C ALA A 244 -21.98 62.47 10.72
N GLY A 245 -22.86 61.71 11.38
CA GLY A 245 -22.91 61.63 12.84
C GLY A 245 -21.65 60.97 13.41
N ALA A 246 -21.31 61.27 14.66
CA ALA A 246 -20.12 60.74 15.30
C ALA A 246 -20.19 59.21 15.49
N ALA A 247 -19.27 58.48 14.85
CA ALA A 247 -19.15 57.03 14.93
C ALA A 247 -17.69 56.58 14.95
N ALA A 248 -17.41 55.52 15.69
CA ALA A 248 -16.11 54.88 15.74
C ALA A 248 -16.25 53.38 15.46
N TYR A 249 -15.27 52.82 14.75
CA TYR A 249 -15.20 51.38 14.56
C TYR A 249 -13.78 50.82 14.71
N TYR A 250 -13.75 49.55 15.08
CA TYR A 250 -12.58 48.80 15.49
C TYR A 250 -12.48 47.54 14.64
N VAL A 251 -11.27 47.25 14.15
CA VAL A 251 -11.00 46.13 13.24
C VAL A 251 -9.89 45.27 13.85
N GLY A 252 -10.16 43.98 14.02
CA GLY A 252 -9.19 43.01 14.51
C GLY A 252 -9.17 41.78 13.62
N TYR A 253 -7.99 41.31 13.24
CA TYR A 253 -7.86 40.14 12.39
C TYR A 253 -7.93 38.86 13.21
N LEU A 254 -8.62 37.83 12.71
CA LEU A 254 -8.66 36.53 13.34
C LEU A 254 -7.37 35.74 13.02
N GLN A 255 -6.94 34.87 13.93
CA GLN A 255 -5.83 33.94 13.73
C GLN A 255 -6.26 32.52 14.14
N PRO A 256 -5.65 31.45 13.59
CA PRO A 256 -5.82 30.09 14.10
C PRO A 256 -5.39 29.99 15.57
N ARG A 257 -6.31 29.62 16.46
CA ARG A 257 -6.09 29.59 17.90
C ARG A 257 -6.81 28.41 18.55
N THR A 258 -6.30 27.99 19.71
CA THR A 258 -6.98 27.04 20.61
C THR A 258 -7.56 27.82 21.78
N PHE A 259 -8.84 27.65 22.07
CA PHE A 259 -9.55 28.29 23.16
C PHE A 259 -10.20 27.24 24.06
N LEU A 260 -10.26 27.51 25.37
CA LEU A 260 -11.06 26.75 26.32
C LEU A 260 -12.27 27.60 26.74
N LEU A 261 -13.48 27.13 26.44
CA LEU A 261 -14.74 27.86 26.59
C LEU A 261 -15.52 27.34 27.79
N LYS A 262 -16.02 28.22 28.66
CA LYS A 262 -16.86 27.87 29.82
C LYS A 262 -18.32 28.10 29.51
N TYR A 263 -19.14 27.07 29.60
CA TYR A 263 -20.58 27.09 29.41
C TYR A 263 -21.30 26.96 30.76
N ASN A 264 -22.26 27.84 31.07
CA ASN A 264 -23.08 27.74 32.29
C ASN A 264 -24.23 26.73 32.17
N GLU A 265 -25.08 26.63 33.19
CA GLU A 265 -26.28 25.78 33.20
C GLU A 265 -27.19 26.07 31.99
N ASN A 266 -27.42 27.35 31.69
CA ASN A 266 -28.22 27.83 30.55
C ASN A 266 -27.53 27.61 29.18
N GLY A 267 -26.34 27.03 29.13
CA GLY A 267 -25.57 26.79 27.90
C GLY A 267 -25.05 28.03 27.18
N THR A 268 -25.04 29.18 27.85
CA THR A 268 -24.36 30.39 27.41
C THR A 268 -22.86 30.26 27.70
N ILE A 269 -22.00 30.68 26.77
CA ILE A 269 -20.57 30.81 27.04
C ILE A 269 -20.37 32.01 27.98
N THR A 270 -19.91 31.78 29.20
CA THR A 270 -19.72 32.83 30.22
C THR A 270 -18.27 33.26 30.40
N ASP A 271 -17.30 32.46 29.97
CA ASP A 271 -15.89 32.79 30.07
C ASP A 271 -15.05 31.99 29.05
N ALA A 272 -13.81 32.40 28.82
CA ALA A 272 -12.89 31.73 27.90
C ALA A 272 -11.41 31.92 28.28
N VAL A 273 -10.53 31.03 27.80
CA VAL A 273 -9.07 31.16 27.85
C VAL A 273 -8.49 31.00 26.44
N ASP A 274 -7.70 31.97 25.99
CA ASP A 274 -6.86 31.86 24.79
C ASP A 274 -5.58 31.09 25.13
N CYS A 275 -5.48 29.81 24.75
CA CYS A 275 -4.43 28.93 25.25
C CYS A 275 -3.01 29.37 24.85
N ALA A 276 -2.87 30.16 23.79
CA ALA A 276 -1.60 30.66 23.29
C ALA A 276 -1.16 32.01 23.91
N LEU A 277 -1.96 32.63 24.77
CA LEU A 277 -1.71 33.97 25.29
C LEU A 277 -0.43 34.08 26.14
N ASP A 278 -0.32 33.27 27.20
CA ASP A 278 0.74 33.31 28.20
C ASP A 278 0.86 31.95 28.92
N PRO A 279 1.93 31.68 29.68
CA PRO A 279 2.15 30.37 30.26
C PRO A 279 1.09 29.95 31.28
N LEU A 280 0.47 30.91 32.00
CA LEU A 280 -0.68 30.62 32.86
C LEU A 280 -1.89 30.16 32.05
N SER A 281 -2.21 30.80 30.93
CA SER A 281 -3.33 30.38 30.07
C SER A 281 -3.08 29.00 29.47
N GLU A 282 -1.85 28.70 29.07
CA GLU A 282 -1.47 27.36 28.65
C GLU A 282 -1.61 26.35 29.79
N THR A 283 -1.34 26.74 31.04
CA THR A 283 -1.53 25.89 32.22
C THR A 283 -3.02 25.61 32.46
N LYS A 284 -3.88 26.62 32.33
CA LYS A 284 -5.35 26.49 32.42
C LYS A 284 -5.91 25.56 31.35
N CYS A 285 -5.45 25.68 30.11
CA CYS A 285 -5.78 24.72 29.06
C CYS A 285 -5.19 23.33 29.29
N THR A 286 -3.96 23.20 29.81
CA THR A 286 -3.34 21.92 30.12
C THR A 286 -4.14 21.13 31.17
N LEU A 287 -4.60 21.81 32.21
CA LEU A 287 -5.40 21.23 33.30
C LEU A 287 -6.91 21.14 32.98
N LYS A 288 -7.36 21.70 31.85
CA LYS A 288 -8.77 21.91 31.50
C LYS A 288 -9.58 22.50 32.66
N SER A 289 -9.10 23.61 33.22
CA SER A 289 -9.65 24.27 34.41
C SER A 289 -9.38 25.77 34.38
N PHE A 290 -10.31 26.59 34.88
CA PHE A 290 -10.13 28.04 35.01
C PHE A 290 -9.40 28.44 36.30
N THR A 291 -9.27 27.52 37.26
CA THR A 291 -8.48 27.69 38.49
C THR A 291 -7.30 26.73 38.46
N VAL A 292 -6.11 27.23 38.78
CA VAL A 292 -4.88 26.43 38.94
C VAL A 292 -4.47 26.44 40.41
N GLU A 293 -4.23 25.27 41.01
CA GLU A 293 -3.72 25.15 42.37
C GLU A 293 -2.21 25.43 42.45
N LYS A 294 -1.68 25.62 43.67
CA LYS A 294 -0.23 25.71 43.92
C LYS A 294 0.54 24.54 43.28
N GLY A 295 1.56 24.79 42.49
CA GLY A 295 2.34 23.68 41.92
C GLY A 295 3.25 24.01 40.75
N ILE A 296 3.77 22.94 40.15
CA ILE A 296 4.56 22.95 38.91
C ILE A 296 3.91 22.00 37.90
N TYR A 297 3.60 22.51 36.73
CA TYR A 297 2.79 21.82 35.72
C TYR A 297 3.54 21.72 34.41
N GLN A 298 3.75 20.52 33.88
CA GLN A 298 4.25 20.32 32.53
C GLN A 298 3.17 20.71 31.51
N THR A 299 3.38 21.76 30.71
CA THR A 299 2.34 22.28 29.81
C THR A 299 2.69 22.16 28.33
N SER A 300 3.95 21.91 27.99
CA SER A 300 4.44 21.98 26.62
C SER A 300 5.78 21.24 26.50
N ASN A 301 6.21 20.95 25.27
CA ASN A 301 7.56 20.51 24.95
C ASN A 301 8.25 21.52 24.04
N PHE A 302 9.41 22.01 24.48
CA PHE A 302 10.29 22.87 23.71
C PHE A 302 11.23 22.03 22.86
N ARG A 303 11.56 22.50 21.66
CA ARG A 303 12.72 22.03 20.88
C ARG A 303 13.31 23.17 20.04
N VAL A 304 14.61 23.11 19.80
CA VAL A 304 15.29 23.94 18.79
C VAL A 304 14.94 23.40 17.40
N GLN A 305 14.38 24.23 16.53
CA GLN A 305 14.09 23.87 15.14
C GLN A 305 15.35 23.97 14.26
N PRO A 306 15.49 23.16 13.19
CA PRO A 306 16.58 23.32 12.23
C PRO A 306 16.50 24.67 11.53
N THR A 307 17.59 25.46 11.61
CA THR A 307 17.67 26.80 11.02
C THR A 307 17.78 26.74 9.49
N GLU A 308 18.41 25.70 8.96
CA GLU A 308 18.59 25.43 7.54
C GLU A 308 18.87 23.95 7.27
N SER A 309 18.75 23.53 6.00
CA SER A 309 19.12 22.20 5.54
C SER A 309 20.39 22.25 4.72
N ILE A 310 21.40 21.44 5.09
CA ILE A 310 22.61 21.22 4.29
C ILE A 310 22.50 19.91 3.48
N VAL A 311 23.29 19.81 2.42
CA VAL A 311 23.52 18.57 1.67
C VAL A 311 25.00 18.45 1.37
N ARG A 312 25.58 17.25 1.55
CA ARG A 312 26.95 16.94 1.15
C ARG A 312 26.97 15.60 0.40
N PHE A 313 27.65 15.59 -0.73
CA PHE A 313 27.92 14.40 -1.55
C PHE A 313 29.37 14.47 -2.09
N PRO A 314 29.99 13.34 -2.48
CA PRO A 314 31.40 13.29 -2.85
C PRO A 314 31.77 14.21 -4.03
N ASN A 315 33.05 14.53 -4.15
CA ASN A 315 33.58 15.33 -5.27
C ASN A 315 33.25 14.64 -6.61
N ILE A 316 32.43 15.25 -7.47
CA ILE A 316 32.11 14.67 -8.79
C ILE A 316 33.40 14.60 -9.63
N THR A 317 33.62 13.47 -10.32
CA THR A 317 34.89 13.22 -11.02
C THR A 317 34.71 12.53 -12.37
N ASN A 318 34.06 11.37 -12.42
CA ASN A 318 33.92 10.60 -13.65
C ASN A 318 32.68 11.04 -14.45
N LEU A 319 32.63 12.30 -14.87
CA LEU A 319 31.51 12.82 -15.65
C LEU A 319 31.45 12.15 -17.03
N CYS A 320 30.27 11.69 -17.46
CA CYS A 320 30.07 10.90 -18.66
C CYS A 320 30.53 11.59 -19.96
N PRO A 321 30.95 10.83 -20.99
CA PRO A 321 31.67 11.36 -22.15
C PRO A 321 30.76 11.95 -23.25
N PHE A 322 29.82 12.83 -22.90
CA PHE A 322 28.96 13.49 -23.90
C PHE A 322 29.71 14.39 -24.89
N GLY A 323 30.87 14.93 -24.49
CA GLY A 323 31.77 15.62 -25.42
C GLY A 323 32.41 14.71 -26.48
N GLU A 324 32.32 13.39 -26.35
CA GLU A 324 32.70 12.41 -27.38
C GLU A 324 31.51 11.97 -28.25
N VAL A 325 30.36 12.63 -28.10
CA VAL A 325 29.09 12.27 -28.75
C VAL A 325 28.53 13.48 -29.48
N PHE A 326 28.21 14.57 -28.77
CA PHE A 326 27.63 15.78 -29.36
C PHE A 326 28.66 16.71 -30.00
N ASN A 327 29.93 16.62 -29.59
CA ASN A 327 31.05 17.38 -30.13
C ASN A 327 32.10 16.48 -30.80
N ALA A 328 31.74 15.25 -31.19
CA ALA A 328 32.57 14.41 -32.05
C ALA A 328 32.63 14.96 -33.49
N THR A 329 33.76 14.73 -34.17
CA THR A 329 34.00 15.29 -35.51
C THR A 329 33.21 14.55 -36.59
N ARG A 330 33.32 13.22 -36.62
CA ARG A 330 32.77 12.34 -37.67
C ARG A 330 31.55 11.55 -37.17
N PHE A 331 30.40 11.71 -37.82
CA PHE A 331 29.17 10.96 -37.54
C PHE A 331 28.96 9.82 -38.55
N ALA A 332 28.08 8.88 -38.21
CA ALA A 332 27.75 7.73 -39.03
C ALA A 332 26.61 8.00 -40.03
N SER A 333 26.60 7.28 -41.15
CA SER A 333 25.42 7.16 -41.99
C SER A 333 24.29 6.49 -41.24
N VAL A 334 23.03 6.89 -41.46
CA VAL A 334 21.91 6.33 -40.70
C VAL A 334 21.73 4.83 -40.90
N TYR A 335 22.08 4.22 -42.03
CA TYR A 335 22.00 2.76 -42.19
C TYR A 335 23.01 2.01 -41.29
N ALA A 336 24.08 2.68 -40.87
CA ALA A 336 25.20 2.14 -40.10
C ALA A 336 25.41 2.93 -38.80
N TRP A 337 24.32 3.43 -38.22
CA TRP A 337 24.27 4.25 -37.02
C TRP A 337 25.18 3.76 -35.90
N ASN A 338 25.85 4.68 -35.22
CA ASN A 338 26.93 4.33 -34.30
C ASN A 338 26.44 4.41 -32.85
N ARG A 339 26.62 3.33 -32.10
CA ARG A 339 26.18 3.19 -30.71
C ARG A 339 27.37 3.33 -29.78
N LYS A 340 27.29 4.23 -28.81
CA LYS A 340 28.26 4.37 -27.72
C LYS A 340 27.61 3.95 -26.42
N ARG A 341 28.13 2.90 -25.79
CA ARG A 341 27.73 2.53 -24.44
C ARG A 341 28.39 3.46 -23.43
N ILE A 342 27.56 4.09 -22.63
CA ILE A 342 27.94 5.02 -21.56
C ILE A 342 27.67 4.29 -20.23
N SER A 343 28.65 4.23 -19.33
CA SER A 343 28.52 3.49 -18.06
C SER A 343 29.44 3.96 -16.95
N ASN A 344 29.10 3.62 -15.70
CA ASN A 344 29.84 3.89 -14.46
C ASN A 344 30.34 5.34 -14.31
N CYS A 345 29.49 6.31 -14.64
CA CYS A 345 29.83 7.72 -14.78
C CYS A 345 28.66 8.64 -14.34
N VAL A 346 28.94 9.93 -14.14
CA VAL A 346 27.93 10.92 -13.73
C VAL A 346 27.48 11.76 -14.93
N ALA A 347 26.19 11.83 -15.24
CA ALA A 347 25.70 12.44 -16.48
C ALA A 347 25.05 13.82 -16.25
N ASP A 348 25.69 14.90 -16.71
CA ASP A 348 25.15 16.25 -16.53
C ASP A 348 24.17 16.66 -17.65
N TYR A 349 22.96 16.11 -17.58
CA TYR A 349 21.91 16.42 -18.55
C TYR A 349 21.44 17.88 -18.50
N SER A 350 21.64 18.61 -17.39
CA SER A 350 21.32 20.04 -17.31
C SER A 350 22.24 20.89 -18.18
N VAL A 351 23.53 20.57 -18.26
CA VAL A 351 24.42 21.23 -19.23
C VAL A 351 23.98 20.93 -20.66
N LEU A 352 23.57 19.68 -20.92
CA LEU A 352 23.20 19.22 -22.24
C LEU A 352 21.91 19.90 -22.73
N TYR A 353 20.81 19.80 -21.97
CA TYR A 353 19.48 20.24 -22.36
C TYR A 353 19.31 21.76 -22.50
N ASN A 354 19.93 22.56 -21.62
CA ASN A 354 19.80 24.02 -21.66
C ASN A 354 20.72 24.69 -22.71
N SER A 355 21.44 23.92 -23.54
CA SER A 355 22.13 24.44 -24.72
C SER A 355 21.14 24.88 -25.82
N ALA A 356 21.50 25.91 -26.60
CA ALA A 356 20.66 26.45 -27.66
C ALA A 356 20.85 25.80 -29.05
N SER A 357 21.89 24.99 -29.24
CA SER A 357 22.29 24.45 -30.55
C SER A 357 21.35 23.39 -31.11
N PHE A 358 20.58 22.70 -30.26
CA PHE A 358 19.65 21.66 -30.69
C PHE A 358 18.38 22.25 -31.29
N SER A 359 18.06 21.87 -32.53
CA SER A 359 16.82 22.26 -33.22
C SER A 359 15.64 21.39 -32.79
N THR A 360 15.94 20.15 -32.38
CA THR A 360 14.99 19.22 -31.79
C THR A 360 15.62 18.65 -30.54
N PHE A 361 14.85 18.62 -29.46
CA PHE A 361 15.17 17.87 -28.26
C PHE A 361 13.85 17.37 -27.70
N LYS A 362 13.62 16.05 -27.75
CA LYS A 362 12.34 15.44 -27.40
C LYS A 362 12.56 14.13 -26.66
N CYS A 363 11.87 13.92 -25.55
CA CYS A 363 12.02 12.74 -24.68
C CYS A 363 10.68 12.03 -24.45
N TYR A 364 10.72 10.70 -24.29
CA TYR A 364 9.52 9.87 -24.45
C TYR A 364 9.19 9.01 -23.25
N GLY A 365 10.18 8.48 -22.52
CA GLY A 365 9.93 7.76 -21.27
C GLY A 365 9.78 8.67 -20.05
N VAL A 366 10.29 9.89 -20.13
CA VAL A 366 10.45 10.83 -19.02
C VAL A 366 10.23 12.28 -19.46
N SER A 367 9.81 13.15 -18.54
CA SER A 367 10.08 14.58 -18.69
C SER A 367 11.57 14.84 -18.44
N PRO A 368 12.25 15.72 -19.19
CA PRO A 368 13.71 15.79 -19.20
C PRO A 368 14.31 16.21 -17.85
N THR A 369 13.56 16.96 -17.03
CA THR A 369 13.99 17.38 -15.69
C THR A 369 14.28 16.22 -14.73
N LYS A 370 13.74 15.01 -14.96
CA LYS A 370 14.06 13.83 -14.13
C LYS A 370 15.52 13.37 -14.27
N LEU A 371 16.12 13.55 -15.45
CA LEU A 371 17.44 12.99 -15.76
C LEU A 371 18.54 13.50 -14.83
N ASN A 372 18.35 14.70 -14.27
CA ASN A 372 19.27 15.32 -13.34
C ASN A 372 19.51 14.51 -12.05
N ASP A 373 18.56 13.66 -11.65
CA ASP A 373 18.68 12.85 -10.42
C ASP A 373 18.28 11.37 -10.58
N LEU A 374 17.55 10.99 -11.63
CA LEU A 374 17.19 9.59 -11.90
C LEU A 374 18.43 8.77 -12.34
N CYS A 375 18.48 7.49 -11.98
CA CYS A 375 19.64 6.62 -12.22
C CYS A 375 19.29 5.38 -13.07
N PHE A 376 20.27 4.86 -13.81
CA PHE A 376 20.13 3.78 -14.79
C PHE A 376 21.32 2.82 -14.74
N THR A 377 21.17 1.55 -15.12
CA THR A 377 22.30 0.60 -15.06
C THR A 377 23.30 0.80 -16.19
N ASN A 378 22.84 1.23 -17.36
CA ASN A 378 23.66 1.64 -18.49
C ASN A 378 22.87 2.61 -19.39
N VAL A 379 23.58 3.28 -20.28
CA VAL A 379 23.04 4.26 -21.23
C VAL A 379 23.64 3.99 -22.60
N TYR A 380 22.86 4.11 -23.67
CA TYR A 380 23.38 4.06 -25.03
C TYR A 380 23.03 5.32 -25.80
N ALA A 381 24.01 5.93 -26.44
CA ALA A 381 23.87 7.03 -27.37
C ALA A 381 24.02 6.51 -28.80
N ASP A 382 22.96 6.61 -29.60
CA ASP A 382 22.91 6.10 -30.97
C ASP A 382 22.88 7.25 -31.96
N SER A 383 23.87 7.34 -32.83
CA SER A 383 24.31 8.60 -33.41
C SER A 383 24.47 8.50 -34.92
N PHE A 384 23.87 9.41 -35.69
CA PHE A 384 23.79 9.29 -37.15
C PHE A 384 23.35 10.58 -37.84
N VAL A 385 23.47 10.65 -39.17
CA VAL A 385 23.07 11.83 -39.98
C VAL A 385 21.90 11.51 -40.92
N ILE A 386 20.90 12.40 -40.98
CA ILE A 386 19.71 12.31 -41.83
C ILE A 386 19.25 13.69 -42.33
N ARG A 387 18.37 13.75 -43.32
CA ARG A 387 17.70 14.98 -43.75
C ARG A 387 16.88 15.60 -42.62
N GLY A 388 16.82 16.92 -42.55
CA GLY A 388 15.96 17.63 -41.60
C GLY A 388 14.47 17.30 -41.71
N ASP A 389 14.00 16.91 -42.90
CA ASP A 389 12.64 16.41 -43.13
C ASP A 389 12.32 15.13 -42.35
N GLU A 390 13.33 14.34 -42.01
CA GLU A 390 13.19 12.98 -41.51
C GLU A 390 13.48 12.84 -40.02
N VAL A 391 13.91 13.91 -39.34
CA VAL A 391 14.16 13.90 -37.89
C VAL A 391 12.91 13.47 -37.11
N ARG A 392 11.72 13.81 -37.59
CA ARG A 392 10.42 13.35 -37.08
C ARG A 392 10.27 11.82 -37.03
N GLN A 393 10.87 11.08 -37.97
CA GLN A 393 10.77 9.62 -38.04
C GLN A 393 11.56 8.91 -36.93
N ILE A 394 12.43 9.63 -36.22
CA ILE A 394 13.22 9.08 -35.12
C ILE A 394 12.40 9.01 -33.82
N ALA A 395 11.19 9.58 -33.77
CA ALA A 395 10.25 9.37 -32.66
C ALA A 395 9.73 7.91 -32.58
N PRO A 396 9.35 7.40 -31.41
CA PRO A 396 8.80 6.05 -31.26
C PRO A 396 7.43 5.91 -31.89
N GLY A 397 7.15 4.74 -32.46
CA GLY A 397 5.88 4.47 -33.15
C GLY A 397 5.75 5.06 -34.56
N GLN A 398 6.84 5.60 -35.13
CA GLN A 398 6.89 6.12 -36.50
C GLN A 398 7.10 5.02 -37.56
N THR A 399 6.78 5.36 -38.81
CA THR A 399 7.07 4.54 -40.01
C THR A 399 7.34 5.43 -41.22
N GLY A 400 8.14 4.93 -42.16
CA GLY A 400 8.78 5.67 -43.24
C GLY A 400 10.18 5.12 -43.49
N LYS A 401 10.84 5.44 -44.60
CA LYS A 401 12.06 4.72 -45.02
C LYS A 401 13.25 4.77 -44.05
N ILE A 402 13.33 5.74 -43.13
CA ILE A 402 14.32 5.69 -42.05
C ILE A 402 13.85 4.75 -40.94
N ALA A 403 12.64 4.97 -40.40
CA ALA A 403 12.10 4.15 -39.33
C ALA A 403 11.96 2.66 -39.70
N ASP A 404 11.56 2.35 -40.93
CA ASP A 404 11.32 0.99 -41.38
C ASP A 404 12.61 0.19 -41.62
N TYR A 405 13.63 0.80 -42.23
CA TYR A 405 14.77 0.10 -42.83
C TYR A 405 16.15 0.50 -42.29
N ASN A 406 16.26 1.54 -41.46
CA ASN A 406 17.54 2.11 -41.05
C ASN A 406 17.70 2.19 -39.54
N TYR A 407 16.74 2.80 -38.86
CA TYR A 407 16.78 3.00 -37.42
C TYR A 407 15.37 2.99 -36.83
N LYS A 408 15.00 1.86 -36.22
CA LYS A 408 13.69 1.67 -35.61
C LYS A 408 13.80 1.87 -34.10
N LEU A 409 12.98 2.75 -33.53
CA LEU A 409 12.72 2.78 -32.10
C LEU A 409 11.55 1.87 -31.72
N PRO A 410 11.54 1.31 -30.51
CA PRO A 410 10.38 0.60 -29.98
C PRO A 410 9.27 1.58 -29.60
N ASP A 411 8.02 1.12 -29.55
CA ASP A 411 6.86 1.95 -29.23
C ASP A 411 6.84 2.45 -27.78
N ASP A 412 7.54 1.76 -26.87
CA ASP A 412 7.62 2.04 -25.42
C ASP A 412 8.97 2.65 -25.02
N PHE A 413 9.62 3.35 -25.93
CA PHE A 413 10.97 3.91 -25.78
C PHE A 413 11.16 4.79 -24.54
N THR A 414 12.26 4.60 -23.82
CA THR A 414 12.55 5.33 -22.57
C THR A 414 13.24 6.67 -22.80
N GLY A 415 13.98 6.83 -23.89
CA GLY A 415 15.04 7.83 -24.01
C GLY A 415 14.66 9.21 -24.57
N CYS A 416 15.66 9.86 -25.16
CA CYS A 416 15.59 11.20 -25.75
C CYS A 416 16.23 11.23 -27.13
N VAL A 417 15.60 11.94 -28.05
CA VAL A 417 16.10 12.20 -29.39
C VAL A 417 16.52 13.66 -29.48
N ILE A 418 17.77 13.89 -29.85
CA ILE A 418 18.40 15.19 -29.93
C ILE A 418 18.91 15.36 -31.35
N ALA A 419 18.64 16.49 -32.00
CA ALA A 419 19.16 16.75 -33.33
C ALA A 419 19.52 18.21 -33.54
N TRP A 420 20.43 18.48 -34.45
CA TRP A 420 20.81 19.83 -34.85
C TRP A 420 21.19 19.89 -36.32
N ASN A 421 20.85 20.99 -36.98
CA ASN A 421 21.28 21.22 -38.35
C ASN A 421 22.80 21.32 -38.40
N SER A 422 23.39 20.54 -39.29
CA SER A 422 24.82 20.32 -39.45
C SER A 422 25.33 20.72 -40.82
N ASN A 423 24.60 21.58 -41.53
CA ASN A 423 24.94 22.08 -42.86
C ASN A 423 26.39 22.56 -42.96
N ASN A 424 26.95 23.21 -41.94
CA ASN A 424 28.33 23.69 -41.97
C ASN A 424 29.40 22.56 -41.97
N LEU A 425 29.11 21.40 -41.38
CA LEU A 425 30.02 20.24 -41.36
C LEU A 425 29.73 19.28 -42.52
N ASP A 426 28.46 18.98 -42.76
CA ASP A 426 28.03 17.82 -43.53
C ASP A 426 27.53 18.14 -44.95
N SER A 427 27.42 19.40 -45.35
CA SER A 427 27.16 19.77 -46.75
C SER A 427 28.45 20.17 -47.43
N LYS A 428 28.76 19.57 -48.59
CA LYS A 428 29.94 19.89 -49.40
C LYS A 428 29.50 20.35 -50.79
N VAL A 429 30.34 21.12 -51.48
CA VAL A 429 29.92 21.95 -52.61
C VAL A 429 29.27 21.19 -53.78
N GLY A 430 29.78 20.01 -54.12
CA GLY A 430 29.24 19.15 -55.21
C GLY A 430 28.26 18.07 -54.73
N GLY A 431 27.73 18.19 -53.52
CA GLY A 431 27.06 17.12 -52.79
C GLY A 431 28.05 16.28 -52.00
N ASN A 432 27.73 15.97 -50.74
CA ASN A 432 28.51 15.11 -49.87
C ASN A 432 28.01 13.67 -49.91
N TYR A 433 28.35 12.91 -50.95
CA TYR A 433 27.84 11.55 -51.15
C TYR A 433 28.34 10.50 -50.13
N ASN A 434 29.08 10.91 -49.10
CA ASN A 434 29.61 10.03 -48.06
C ASN A 434 28.53 9.52 -47.08
N TYR A 435 27.42 10.24 -46.93
CA TYR A 435 26.31 9.84 -46.07
C TYR A 435 25.24 9.09 -46.86
N ARG A 436 24.74 7.97 -46.33
CA ARG A 436 23.81 7.05 -47.01
C ARG A 436 22.66 6.60 -46.13
N TYR A 437 21.61 6.10 -46.76
CA TYR A 437 20.49 5.43 -46.12
C TYR A 437 20.03 4.22 -46.95
N ARG A 438 19.51 3.18 -46.28
CA ARG A 438 18.94 2.00 -46.91
C ARG A 438 17.61 2.35 -47.55
N LEU A 439 17.58 2.33 -48.87
CA LEU A 439 16.40 2.56 -49.69
C LEU A 439 15.50 1.31 -49.76
N PHE A 440 16.10 0.11 -49.88
CA PHE A 440 15.37 -1.14 -50.07
C PHE A 440 15.73 -2.25 -49.07
N ARG A 441 14.71 -3.01 -48.66
CA ARG A 441 14.74 -4.17 -47.74
C ARG A 441 13.63 -5.15 -48.13
N LYS A 442 13.82 -6.44 -47.87
CA LYS A 442 12.75 -7.46 -47.98
C LYS A 442 11.64 -7.24 -46.94
N SER A 443 12.02 -6.84 -45.72
CA SER A 443 11.12 -6.64 -44.58
C SER A 443 11.61 -5.51 -43.65
N ASN A 444 10.71 -4.86 -42.92
CA ASN A 444 11.10 -3.84 -41.94
C ASN A 444 11.97 -4.46 -40.85
N LEU A 445 12.99 -3.73 -40.37
CA LEU A 445 13.87 -4.22 -39.31
C LEU A 445 13.29 -3.97 -37.91
N LYS A 446 13.70 -4.78 -36.94
CA LYS A 446 13.20 -4.76 -35.57
C LYS A 446 13.80 -3.59 -34.77
N PRO A 447 13.20 -3.14 -33.65
CA PRO A 447 13.76 -2.09 -32.80
C PRO A 447 15.24 -2.28 -32.45
N PHE A 448 16.05 -1.24 -32.64
CA PHE A 448 17.50 -1.24 -32.48
C PHE A 448 18.27 -2.33 -33.27
N GLU A 449 17.72 -2.85 -34.36
CA GLU A 449 18.48 -3.68 -35.31
C GLU A 449 19.38 -2.83 -36.22
N ARG A 450 20.57 -3.33 -36.56
CA ARG A 450 21.56 -2.68 -37.43
C ARG A 450 21.91 -3.61 -38.59
N ASP A 451 21.80 -3.12 -39.82
CA ASP A 451 21.97 -3.92 -41.04
C ASP A 451 22.99 -3.29 -41.99
N ILE A 452 24.04 -4.04 -42.35
CA ILE A 452 25.17 -3.59 -43.20
C ILE A 452 25.17 -4.32 -44.57
N SER A 453 24.13 -5.10 -44.89
CA SER A 453 23.96 -5.75 -46.20
C SER A 453 24.02 -4.77 -47.38
N THR A 454 24.65 -5.17 -48.48
CA THR A 454 24.78 -4.35 -49.71
C THR A 454 24.40 -5.12 -51.00
N GLU A 455 24.12 -6.41 -50.88
CA GLU A 455 23.75 -7.32 -51.97
C GLU A 455 22.47 -6.85 -52.68
N ILE A 456 22.40 -7.07 -53.99
CA ILE A 456 21.40 -6.47 -54.87
C ILE A 456 19.97 -6.88 -54.47
N TYR A 457 19.14 -5.90 -54.16
CA TYR A 457 17.74 -6.12 -53.82
C TYR A 457 16.91 -6.45 -55.06
N GLN A 458 15.98 -7.39 -54.93
CA GLN A 458 15.05 -7.76 -56.00
C GLN A 458 13.66 -7.22 -55.70
N ALA A 459 13.20 -6.24 -56.49
CA ALA A 459 11.80 -5.82 -56.53
C ALA A 459 10.97 -6.65 -57.53
N GLY A 460 11.62 -7.21 -58.56
CA GLY A 460 11.06 -8.23 -59.46
C GLY A 460 11.25 -9.65 -58.94
N SER A 461 10.70 -10.64 -59.66
CA SER A 461 10.83 -12.06 -59.32
C SER A 461 12.19 -12.68 -59.72
N LYS A 462 12.90 -12.08 -60.68
CA LYS A 462 14.13 -12.65 -61.26
C LYS A 462 15.31 -12.62 -60.28
N PRO A 463 16.20 -13.63 -60.26
CA PRO A 463 17.44 -13.59 -59.50
C PRO A 463 18.38 -12.52 -60.07
N CYS A 464 18.99 -11.71 -59.21
CA CYS A 464 19.86 -10.59 -59.61
C CYS A 464 21.20 -10.57 -58.88
N ASN A 465 22.26 -10.26 -59.63
CA ASN A 465 23.65 -10.25 -59.20
C ASN A 465 24.41 -8.97 -59.60
N GLY A 466 23.88 -8.18 -60.54
CA GLY A 466 24.44 -6.90 -60.98
C GLY A 466 23.55 -5.70 -60.59
N VAL A 467 24.19 -4.56 -60.35
CA VAL A 467 23.52 -3.29 -60.00
C VAL A 467 22.55 -2.85 -61.11
N GLU A 468 21.43 -2.25 -60.72
CA GLU A 468 20.44 -1.63 -61.60
C GLU A 468 19.97 -2.51 -62.78
N GLY A 469 19.78 -3.82 -62.53
CA GLY A 469 19.09 -4.72 -63.47
C GLY A 469 17.57 -4.49 -63.53
N PHE A 470 16.87 -5.28 -64.34
CA PHE A 470 15.41 -5.26 -64.45
C PHE A 470 14.75 -5.45 -63.08
N ASN A 471 14.08 -4.41 -62.56
CA ASN A 471 13.49 -4.38 -61.22
C ASN A 471 14.44 -4.85 -60.10
N CYS A 472 15.73 -4.53 -60.22
CA CYS A 472 16.77 -4.88 -59.26
C CYS A 472 17.69 -3.70 -58.98
N TYR A 473 18.18 -3.55 -57.75
CA TYR A 473 18.84 -2.32 -57.32
C TYR A 473 19.94 -2.54 -56.29
N PHE A 474 20.97 -1.70 -56.30
CA PHE A 474 21.82 -1.54 -55.11
C PHE A 474 20.96 -0.94 -53.97
N PRO A 475 21.00 -1.49 -52.74
CA PRO A 475 19.98 -1.20 -51.74
C PRO A 475 20.24 0.05 -50.90
N LEU A 476 21.49 0.53 -50.85
CA LEU A 476 21.86 1.81 -50.23
C LEU A 476 21.78 2.96 -51.23
N GLN A 477 21.42 4.14 -50.76
CA GLN A 477 21.40 5.38 -51.54
C GLN A 477 22.08 6.51 -50.77
N SER A 478 22.87 7.34 -51.44
CA SER A 478 23.53 8.49 -50.83
C SER A 478 22.64 9.72 -50.76
N TYR A 479 22.78 10.50 -49.69
CA TYR A 479 22.17 11.81 -49.57
C TYR A 479 22.92 12.84 -50.42
N GLY A 480 22.20 13.66 -51.14
CA GLY A 480 22.76 14.79 -51.88
C GLY A 480 22.93 16.02 -50.99
N PHE A 481 23.69 15.93 -49.91
CA PHE A 481 23.87 17.08 -49.01
C PHE A 481 24.80 18.10 -49.62
N GLN A 482 24.24 19.20 -50.10
CA GLN A 482 24.97 20.36 -50.62
C GLN A 482 24.39 21.64 -50.03
N PRO A 483 25.16 22.74 -49.94
CA PRO A 483 24.56 24.05 -49.75
C PRO A 483 23.63 24.37 -50.91
N THR A 484 22.75 25.35 -50.78
CA THR A 484 21.66 25.59 -51.74
C THR A 484 20.59 24.49 -51.79
N ASN A 485 20.72 23.40 -51.01
CA ASN A 485 19.55 22.67 -50.50
C ASN A 485 18.77 23.57 -49.55
N GLY A 486 17.46 23.68 -49.75
CA GLY A 486 16.56 24.29 -48.77
C GLY A 486 16.57 23.54 -47.44
N VAL A 487 16.23 24.22 -46.35
CA VAL A 487 16.12 23.56 -45.03
C VAL A 487 15.17 22.37 -45.11
N GLY A 488 15.47 21.32 -44.35
CA GLY A 488 14.80 20.02 -44.48
C GLY A 488 15.47 19.05 -45.47
N TYR A 489 16.04 19.53 -46.57
CA TYR A 489 17.02 18.77 -47.38
C TYR A 489 18.47 18.95 -46.88
N GLN A 490 18.68 19.72 -45.81
CA GLN A 490 19.98 19.91 -45.17
C GLN A 490 20.28 18.80 -44.18
N PRO A 491 21.57 18.52 -43.87
CA PRO A 491 21.95 17.42 -43.00
C PRO A 491 21.78 17.77 -41.53
N TYR A 492 21.03 16.99 -40.78
CA TYR A 492 20.90 17.11 -39.34
C TYR A 492 21.63 15.95 -38.68
N ARG A 493 22.55 16.23 -37.76
CA ARG A 493 23.11 15.21 -36.89
C ARG A 493 22.10 14.89 -35.83
N VAL A 494 22.03 13.62 -35.47
CA VAL A 494 21.09 13.08 -34.51
C VAL A 494 21.85 12.25 -33.50
N VAL A 495 21.49 12.37 -32.24
CA VAL A 495 21.89 11.45 -31.19
C VAL A 495 20.64 11.04 -30.46
N VAL A 496 20.45 9.75 -30.29
CA VAL A 496 19.39 9.21 -29.47
C VAL A 496 20.01 8.65 -28.21
N LEU A 497 19.79 9.31 -27.09
CA LEU A 497 20.12 8.78 -25.78
C LEU A 497 19.03 7.79 -25.38
N SER A 498 19.40 6.65 -24.80
CA SER A 498 18.49 5.61 -24.33
C SER A 498 19.02 5.00 -23.06
N PHE A 499 18.14 4.55 -22.15
CA PHE A 499 18.49 4.24 -20.77
C PHE A 499 17.93 2.87 -20.35
N GLU A 500 18.71 2.03 -19.67
CA GLU A 500 18.27 0.72 -19.19
C GLU A 500 18.13 0.68 -17.67
N LEU A 501 16.97 0.25 -17.17
CA LEU A 501 16.65 0.14 -15.75
C LEU A 501 16.81 -1.31 -15.24
N LEU A 502 17.73 -2.05 -15.87
CA LEU A 502 17.90 -3.51 -15.71
C LEU A 502 18.54 -3.92 -14.39
N HIS A 503 18.57 -5.23 -14.15
CA HIS A 503 18.67 -5.88 -12.84
C HIS A 503 20.01 -5.70 -12.11
N ALA A 504 21.10 -5.53 -12.85
CA ALA A 504 22.38 -5.11 -12.29
C ALA A 504 22.25 -3.75 -11.57
N PRO A 505 23.22 -3.36 -10.74
CA PRO A 505 23.13 -2.10 -10.00
C PRO A 505 22.88 -0.88 -10.88
N ALA A 506 22.07 0.08 -10.42
CA ALA A 506 22.04 1.41 -11.02
C ALA A 506 23.44 2.04 -10.90
N THR A 507 23.90 2.68 -11.98
CA THR A 507 25.34 2.82 -12.24
C THR A 507 25.71 4.12 -12.98
N VAL A 508 24.82 4.65 -13.82
CA VAL A 508 24.88 6.00 -14.38
C VAL A 508 23.81 6.85 -13.72
N CYS A 509 24.14 8.03 -13.24
CA CYS A 509 23.15 8.92 -12.62
C CYS A 509 23.53 10.40 -12.77
N GLY A 510 22.56 11.30 -12.69
CA GLY A 510 22.82 12.74 -12.79
C GLY A 510 23.57 13.30 -11.57
N PRO A 511 24.28 14.43 -11.71
CA PRO A 511 25.17 14.98 -10.68
C PRO A 511 24.40 15.39 -9.42
N LYS A 512 24.88 14.90 -8.27
CA LYS A 512 24.22 15.10 -6.96
C LYS A 512 24.49 16.51 -6.40
N LYS A 513 23.51 17.04 -5.68
CA LYS A 513 23.56 18.35 -5.01
C LYS A 513 24.65 18.40 -3.93
N SER A 514 25.23 19.57 -3.68
CA SER A 514 26.05 19.82 -2.49
C SER A 514 25.97 21.29 -2.06
N THR A 515 26.21 21.57 -0.79
CA THR A 515 26.12 22.90 -0.16
C THR A 515 27.34 23.15 0.73
N ASN A 516 27.49 24.39 1.20
CA ASN A 516 28.40 24.68 2.30
C ASN A 516 28.05 23.83 3.56
N LEU A 517 29.02 23.67 4.45
CA LEU A 517 28.93 22.83 5.66
C LEU A 517 29.02 23.70 6.92
N VAL A 518 27.86 24.17 7.40
CA VAL A 518 27.76 24.95 8.65
C VAL A 518 27.87 24.06 9.89
N LYS A 519 28.36 24.63 10.99
CA LYS A 519 28.71 23.94 12.25
C LYS A 519 28.21 24.74 13.44
N ASN A 520 28.08 24.09 14.60
CA ASN A 520 27.66 24.68 15.87
C ASN A 520 26.23 25.29 15.87
N LYS A 521 25.37 24.85 14.95
CA LYS A 521 23.95 25.26 14.81
C LYS A 521 23.07 24.07 14.45
N CYS A 522 21.81 24.06 14.89
CA CYS A 522 20.88 22.99 14.55
C CYS A 522 20.46 23.05 13.08
N VAL A 523 20.69 21.98 12.32
CA VAL A 523 20.37 21.88 10.89
C VAL A 523 19.75 20.54 10.55
N ASN A 524 19.07 20.46 9.42
CA ASN A 524 18.91 19.17 8.74
C ASN A 524 20.16 18.90 7.92
N PHE A 525 20.48 17.64 7.71
CA PHE A 525 21.61 17.24 6.88
C PHE A 525 21.29 16.03 6.03
N ASN A 526 22.01 15.93 4.90
CA ASN A 526 22.22 14.72 4.15
C ASN A 526 23.73 14.59 3.90
N PHE A 527 24.33 13.47 4.29
CA PHE A 527 25.73 13.15 4.00
C PHE A 527 25.78 11.85 3.19
N ASN A 528 26.01 11.95 1.87
CA ASN A 528 26.15 10.78 1.00
C ASN A 528 24.95 9.79 1.09
N GLY A 529 23.74 10.30 1.36
CA GLY A 529 22.51 9.52 1.56
C GLY A 529 22.11 9.27 3.03
N LEU A 530 23.01 9.53 3.99
CA LEU A 530 22.71 9.52 5.43
C LEU A 530 21.96 10.81 5.81
N THR A 531 20.63 10.72 6.00
CA THR A 531 19.79 11.87 6.40
C THR A 531 19.64 11.97 7.92
N GLY A 532 19.40 13.18 8.42
CA GLY A 532 19.11 13.43 9.83
C GLY A 532 18.92 14.91 10.16
N THR A 533 18.82 15.19 11.45
CA THR A 533 18.69 16.53 12.02
C THR A 533 19.53 16.63 13.29
N GLY A 534 20.30 17.70 13.45
CA GLY A 534 21.21 17.82 14.60
C GLY A 534 22.12 19.04 14.54
N VAL A 535 22.82 19.28 15.65
CA VAL A 535 23.95 20.18 15.75
C VAL A 535 25.22 19.44 15.34
N LEU A 536 25.93 19.95 14.33
CA LEU A 536 27.14 19.33 13.79
C LEU A 536 28.37 20.03 14.34
N THR A 537 29.34 19.27 14.82
CA THR A 537 30.51 19.78 15.56
C THR A 537 31.76 19.03 15.15
N GLU A 538 32.94 19.66 15.19
CA GLU A 538 34.18 18.97 14.82
C GLU A 538 34.50 17.84 15.80
N SER A 539 34.67 16.62 15.31
CA SER A 539 34.85 15.45 16.16
C SER A 539 36.24 15.32 16.76
N ASN A 540 36.34 14.71 17.95
CA ASN A 540 37.59 14.15 18.47
C ASN A 540 37.85 12.70 17.96
N LYS A 541 36.88 12.04 17.33
CA LYS A 541 36.99 10.68 16.78
C LYS A 541 37.87 10.64 15.52
N LYS A 542 38.35 9.43 15.16
CA LYS A 542 39.27 9.20 14.04
C LYS A 542 38.92 7.92 13.27
N PHE A 543 37.95 8.02 12.35
CA PHE A 543 37.47 6.89 11.54
C PHE A 543 38.55 6.36 10.58
N LEU A 544 38.69 5.03 10.48
CA LEU A 544 39.47 4.34 9.44
C LEU A 544 38.96 4.75 8.03
N PRO A 545 39.80 4.73 6.97
CA PRO A 545 39.51 5.41 5.72
C PRO A 545 38.24 4.94 4.97
N PHE A 546 37.91 3.66 5.09
CA PHE A 546 36.72 3.05 4.48
C PHE A 546 35.41 3.33 5.23
N GLN A 547 35.44 3.98 6.40
CA GLN A 547 34.28 4.19 7.26
C GLN A 547 33.68 5.58 7.12
N GLN A 548 32.35 5.66 7.04
CA GLN A 548 31.62 6.89 6.75
C GLN A 548 30.71 7.36 7.91
N PHE A 549 30.21 6.45 8.72
CA PHE A 549 29.23 6.72 9.78
C PHE A 549 29.78 6.21 11.12
N GLY A 550 29.39 6.80 12.24
CA GLY A 550 29.69 6.30 13.58
C GLY A 550 28.44 6.15 14.41
N ARG A 551 28.37 5.12 15.25
CA ARG A 551 27.18 4.80 16.06
C ARG A 551 27.47 4.61 17.54
N ASP A 552 26.52 5.03 18.38
CA ASP A 552 26.53 4.86 19.83
C ASP A 552 26.07 3.44 20.24
N ILE A 553 26.09 3.13 21.54
CA ILE A 553 25.72 1.81 22.09
C ILE A 553 24.31 1.37 21.68
N ALA A 554 23.37 2.30 21.63
CA ALA A 554 21.98 2.07 21.24
C ALA A 554 21.70 2.11 19.72
N ASP A 555 22.73 2.01 18.87
CA ASP A 555 22.64 1.97 17.39
C ASP A 555 22.14 3.26 16.73
N THR A 556 22.13 4.38 17.46
CA THR A 556 21.91 5.73 16.90
C THR A 556 23.20 6.30 16.31
N THR A 557 23.10 7.03 15.19
CA THR A 557 24.26 7.64 14.54
C THR A 557 24.73 8.88 15.29
N ASP A 558 26.01 8.95 15.66
CA ASP A 558 26.54 10.02 16.52
C ASP A 558 27.81 10.71 15.98
N ALA A 559 28.33 10.24 14.85
CA ALA A 559 29.37 10.94 14.10
C ALA A 559 29.30 10.56 12.61
N VAL A 560 29.90 11.38 11.74
CA VAL A 560 29.85 11.20 10.28
C VAL A 560 31.08 11.79 9.60
N ARG A 561 31.49 11.19 8.48
CA ARG A 561 32.49 11.74 7.56
C ARG A 561 31.85 12.68 6.56
N ASP A 562 32.37 13.90 6.42
CA ASP A 562 32.01 14.76 5.30
C ASP A 562 32.58 14.16 4.00
N PRO A 563 31.76 13.75 3.01
CA PRO A 563 32.28 13.12 1.81
C PRO A 563 33.22 14.01 0.98
N GLN A 564 33.23 15.33 1.19
CA GLN A 564 34.11 16.25 0.47
C GLN A 564 35.48 16.47 1.14
N THR A 565 35.52 16.94 2.39
CA THR A 565 36.79 17.16 3.11
C THR A 565 37.33 15.90 3.77
N LEU A 566 36.52 14.84 3.87
CA LEU A 566 36.78 13.60 4.60
C LEU A 566 36.99 13.78 6.12
N GLU A 567 36.68 14.95 6.69
CA GLU A 567 36.77 15.17 8.13
C GLU A 567 35.60 14.53 8.88
N ILE A 568 35.78 14.24 10.18
CA ILE A 568 34.74 13.65 11.00
C ILE A 568 34.06 14.71 11.85
N LEU A 569 32.73 14.71 11.79
CA LEU A 569 31.83 15.54 12.56
C LEU A 569 31.15 14.68 13.62
N ASP A 570 31.06 15.18 14.84
CA ASP A 570 30.06 14.71 15.79
C ASP A 570 28.67 15.14 15.34
N ILE A 571 27.68 14.32 15.63
CA ILE A 571 26.26 14.62 15.50
C ILE A 571 25.67 14.67 16.92
N THR A 572 25.12 15.81 17.31
CA THR A 572 24.38 15.98 18.56
C THR A 572 22.92 16.29 18.23
N PRO A 573 21.91 15.68 18.87
CA PRO A 573 20.52 16.02 18.59
C PRO A 573 20.23 17.49 18.93
N CYS A 574 19.32 18.14 18.18
CA CYS A 574 18.90 19.50 18.50
C CYS A 574 18.17 19.55 19.84
N SER A 575 18.49 20.54 20.68
CA SER A 575 18.09 20.60 22.09
C SER A 575 16.57 20.59 22.29
N PHE A 576 16.09 19.83 23.26
CA PHE A 576 14.68 19.66 23.58
C PHE A 576 14.46 19.41 25.08
N GLY A 577 13.24 19.62 25.54
CA GLY A 577 12.85 19.33 26.91
C GLY A 577 11.41 19.70 27.21
N GLY A 578 10.93 19.33 28.38
CA GLY A 578 9.65 19.77 28.89
C GLY A 578 9.66 21.24 29.28
N VAL A 579 8.51 21.88 29.18
CA VAL A 579 8.29 23.21 29.71
C VAL A 579 7.31 23.06 30.85
N SER A 580 7.77 23.41 32.04
CA SER A 580 6.95 23.37 33.23
C SER A 580 6.67 24.78 33.70
N VAL A 581 5.45 25.05 34.11
CA VAL A 581 5.02 26.33 34.62
C VAL A 581 4.86 26.19 36.13
N ILE A 582 5.50 27.08 36.86
CA ILE A 582 5.55 27.17 38.31
C ILE A 582 4.56 28.24 38.71
N THR A 583 3.66 27.96 39.62
CA THR A 583 2.64 28.93 40.01
C THR A 583 2.23 28.82 41.48
N PRO A 584 1.99 29.94 42.18
CA PRO A 584 1.05 29.98 43.29
C PRO A 584 -0.36 29.62 42.80
N GLY A 585 -1.31 29.39 43.71
CA GLY A 585 -2.71 29.21 43.28
C GLY A 585 -3.25 30.46 42.58
N THR A 586 -4.14 30.30 41.60
CA THR A 586 -4.76 31.42 40.87
C THR A 586 -5.48 32.40 41.80
N ASN A 587 -6.04 31.93 42.92
CA ASN A 587 -6.62 32.78 43.96
C ASN A 587 -5.57 33.62 44.72
N THR A 588 -4.34 33.16 44.82
CA THR A 588 -3.22 33.91 45.42
C THR A 588 -2.63 34.92 44.44
N SER A 589 -2.33 34.50 43.21
CA SER A 589 -1.74 35.38 42.19
C SER A 589 -1.88 34.83 40.77
N ASN A 590 -1.77 35.72 39.79
CA ASN A 590 -1.60 35.41 38.37
C ASN A 590 -0.13 35.29 37.93
N GLN A 591 0.85 35.65 38.76
CA GLN A 591 2.28 35.54 38.41
C GLN A 591 2.73 34.09 38.29
N VAL A 592 3.57 33.76 37.29
CA VAL A 592 4.15 32.41 37.09
C VAL A 592 5.63 32.47 36.71
N ALA A 593 6.36 31.40 37.00
CA ALA A 593 7.70 31.17 36.47
C ALA A 593 7.66 29.96 35.52
N VAL A 594 8.66 29.84 34.66
CA VAL A 594 8.73 28.78 33.67
C VAL A 594 10.08 28.13 33.75
N LEU A 595 10.09 26.81 33.88
CA LEU A 595 11.28 25.99 33.78
C LEU A 595 11.31 25.32 32.40
N TYR A 596 12.40 25.50 31.68
CA TYR A 596 12.75 24.79 30.46
C TYR A 596 13.68 23.64 30.86
N GLN A 597 13.11 22.45 30.99
CA GLN A 597 13.72 21.33 31.70
C GLN A 597 14.97 20.81 31.02
N GLY A 598 16.09 20.83 31.71
CA GLY A 598 17.38 20.39 31.20
C GLY A 598 17.92 21.20 30.03
N VAL A 599 17.50 22.45 29.85
CA VAL A 599 17.90 23.35 28.75
C VAL A 599 18.87 24.43 29.27
N ASN A 600 19.93 24.76 28.53
CA ASN A 600 20.77 25.93 28.82
C ASN A 600 20.04 27.23 28.44
N CYS A 601 20.07 28.29 29.25
CA CYS A 601 19.37 29.54 28.93
C CYS A 601 19.77 30.19 27.59
N THR A 602 20.96 29.89 27.05
CA THR A 602 21.38 30.35 25.73
C THR A 602 20.55 29.77 24.58
N GLU A 603 19.95 28.60 24.77
CA GLU A 603 19.10 27.91 23.79
C GLU A 603 17.63 28.34 23.89
N VAL A 604 17.18 28.78 25.06
CA VAL A 604 15.77 29.07 25.35
C VAL A 604 15.11 30.15 24.48
N PRO A 605 15.76 31.23 24.02
CA PRO A 605 15.10 32.20 23.13
C PRO A 605 14.66 31.62 21.77
N VAL A 606 15.04 30.38 21.41
CA VAL A 606 14.46 29.66 20.27
C VAL A 606 13.01 29.18 20.52
N ALA A 607 12.55 29.17 21.78
CA ALA A 607 11.17 28.90 22.15
C ALA A 607 10.18 29.88 21.48
N TYR A 620 8.81 31.91 29.07
CA TYR A 620 8.70 33.23 28.43
C TYR A 620 9.73 33.50 27.32
N SER A 621 10.51 32.48 26.92
CA SER A 621 11.62 32.53 25.94
C SER A 621 12.86 33.32 26.40
N THR A 622 12.70 34.47 27.04
CA THR A 622 13.70 35.29 27.76
C THR A 622 12.97 36.53 28.31
N GLY A 623 13.27 36.96 29.53
CA GLY A 623 12.63 38.14 30.11
C GLY A 623 12.93 38.35 31.58
N SER A 624 11.90 38.23 32.42
CA SER A 624 11.96 38.44 33.87
C SER A 624 12.88 37.42 34.53
N ASN A 625 13.93 37.89 35.23
CA ASN A 625 14.81 37.08 36.09
C ASN A 625 15.19 35.70 35.50
N VAL A 626 15.91 35.69 34.38
CA VAL A 626 16.46 34.46 33.80
C VAL A 626 17.57 33.92 34.70
N PHE A 627 17.53 32.63 35.02
CA PHE A 627 18.48 31.95 35.89
C PHE A 627 18.70 30.51 35.42
N GLN A 628 19.87 29.94 35.64
CA GLN A 628 20.22 28.61 35.13
C GLN A 628 20.49 27.64 36.27
N THR A 629 19.62 26.65 36.43
CA THR A 629 19.68 25.60 37.48
C THR A 629 20.15 24.28 36.88
N ARG A 630 20.55 23.30 37.71
CA ARG A 630 20.79 21.92 37.24
C ARG A 630 19.52 21.19 36.76
N ALA A 631 18.32 21.68 37.12
CA ALA A 631 17.07 21.22 36.54
C ALA A 631 16.75 21.85 35.16
N GLY A 632 17.52 22.84 34.71
CA GLY A 632 17.28 23.59 33.47
C GLY A 632 17.22 25.10 33.66
N CYS A 633 16.96 25.83 32.58
CA CYS A 633 16.75 27.27 32.63
C CYS A 633 15.39 27.62 33.25
N LEU A 634 15.41 28.47 34.27
CA LEU A 634 14.25 28.99 34.95
C LEU A 634 14.09 30.48 34.60
N ILE A 635 12.89 30.90 34.22
CA ILE A 635 12.56 32.29 33.91
C ILE A 635 11.38 32.72 34.78
N GLY A 636 11.42 33.95 35.28
CA GLY A 636 10.35 34.56 36.05
C GLY A 636 10.48 34.42 37.57
N ALA A 637 11.56 33.81 38.06
CA ALA A 637 11.83 33.64 39.49
C ALA A 637 13.07 34.42 39.90
N GLU A 638 12.97 35.23 40.94
CA GLU A 638 14.14 35.84 41.58
C GLU A 638 14.96 34.76 42.30
N HIS A 639 16.22 34.58 41.93
CA HIS A 639 17.14 33.81 42.76
C HIS A 639 17.38 34.53 44.09
N VAL A 640 17.47 33.79 45.19
CA VAL A 640 17.90 34.31 46.50
C VAL A 640 18.97 33.43 47.15
N ASN A 641 19.83 34.01 47.98
CA ASN A 641 20.84 33.28 48.77
C ASN A 641 20.32 32.70 50.08
N ASN A 642 19.12 33.10 50.50
CA ASN A 642 18.41 32.51 51.64
C ASN A 642 18.09 31.02 51.39
N SER A 643 17.67 30.31 52.42
CA SER A 643 17.05 28.98 52.32
C SER A 643 15.76 28.91 53.12
N TYR A 644 14.80 28.14 52.61
CA TYR A 644 13.52 27.87 53.23
C TYR A 644 13.18 26.40 53.03
N GLU A 645 12.12 25.94 53.69
CA GLU A 645 11.47 24.66 53.36
C GLU A 645 11.03 24.62 51.89
N CYS A 646 11.04 23.45 51.25
CA CYS A 646 10.60 23.32 49.87
C CYS A 646 9.09 23.59 49.74
N ASP A 647 8.71 24.54 48.89
CA ASP A 647 7.33 24.92 48.65
C ASP A 647 6.85 24.34 47.30
N ILE A 648 7.47 24.74 46.19
CA ILE A 648 7.31 24.08 44.89
C ILE A 648 8.67 23.43 44.55
N PRO A 649 8.74 22.09 44.36
CA PRO A 649 9.98 21.41 44.04
C PRO A 649 10.36 21.61 42.57
N ILE A 650 11.54 22.18 42.29
CA ILE A 650 12.06 22.31 40.92
C ILE A 650 12.95 21.10 40.59
N GLY A 651 13.93 20.80 41.43
CA GLY A 651 14.86 19.69 41.25
C GLY A 651 16.29 20.09 41.57
N ALA A 652 17.15 19.10 41.79
CA ALA A 652 18.58 19.30 42.07
C ALA A 652 18.86 20.29 43.22
N GLY A 653 18.09 20.14 44.31
CA GLY A 653 18.15 20.96 45.51
C GLY A 653 17.37 22.27 45.44
N ILE A 654 16.85 22.66 44.28
CA ILE A 654 16.17 23.93 44.06
C ILE A 654 14.66 23.78 44.32
N CYS A 655 14.09 24.77 45.00
CA CYS A 655 12.66 24.94 45.19
C CYS A 655 12.26 26.40 44.93
N ALA A 656 10.99 26.66 44.63
CA ALA A 656 10.44 27.99 44.45
C ALA A 656 9.27 28.27 45.39
N SER A 657 9.08 29.53 45.75
CA SER A 657 7.96 30.00 46.57
C SER A 657 7.51 31.39 46.13
N TYR A 658 6.26 31.77 46.44
CA TYR A 658 5.74 33.11 46.18
C TYR A 658 5.78 33.93 47.47
N GLN A 659 6.60 34.98 47.53
CA GLN A 659 6.93 35.75 48.75
C GLN A 659 7.30 37.21 48.45
N THR A 660 7.23 38.10 49.44
CA THR A 660 7.63 39.51 49.29
C THR A 660 9.14 39.70 49.15
N SER A 673 4.57 44.12 46.12
CA SER A 673 5.89 43.75 46.63
C SER A 673 6.19 42.24 46.55
N GLN A 674 5.20 41.42 46.20
CA GLN A 674 5.32 39.98 45.97
C GLN A 674 6.12 39.63 44.70
N SER A 675 6.76 38.46 44.71
CA SER A 675 7.44 37.85 43.57
C SER A 675 7.50 36.32 43.73
N ILE A 676 7.79 35.58 42.65
CA ILE A 676 8.25 34.20 42.77
C ILE A 676 9.76 34.23 43.03
N ILE A 677 10.20 33.55 44.06
CA ILE A 677 11.60 33.37 44.44
C ILE A 677 12.01 31.92 44.25
N ALA A 678 13.28 31.68 43.94
CA ALA A 678 13.88 30.37 43.80
C ALA A 678 15.17 30.27 44.63
N TYR A 679 15.33 29.17 45.36
CA TYR A 679 16.35 28.99 46.38
C TYR A 679 16.79 27.53 46.48
N THR A 680 17.99 27.29 47.01
CA THR A 680 18.35 25.97 47.54
C THR A 680 17.58 25.73 48.83
N MET A 681 16.81 24.65 48.90
CA MET A 681 16.01 24.31 50.08
C MET A 681 16.89 24.03 51.32
N SER A 682 16.46 24.47 52.49
CA SER A 682 17.04 23.99 53.75
C SER A 682 16.43 22.65 54.14
N LEU A 683 17.24 21.78 54.75
CA LEU A 683 16.75 20.48 55.23
C LEU A 683 16.09 20.59 56.61
N GLY A 684 16.59 21.50 57.44
CA GLY A 684 16.08 21.83 58.76
C GLY A 684 16.98 22.83 59.46
N ALA A 685 16.62 23.24 60.68
CA ALA A 685 17.51 24.03 61.52
C ALA A 685 18.74 23.22 61.97
N GLU A 686 19.92 23.84 62.01
CA GLU A 686 21.17 23.23 62.47
C GLU A 686 21.25 23.22 64.01
N ASN A 687 21.66 22.10 64.61
CA ASN A 687 21.49 21.85 66.04
C ASN A 687 22.67 21.03 66.61
N SER A 688 23.67 21.69 67.16
CA SER A 688 24.73 21.03 67.91
C SER A 688 24.20 20.53 69.26
N VAL A 689 24.18 19.22 69.48
CA VAL A 689 23.68 18.61 70.71
C VAL A 689 24.70 18.81 71.83
N ALA A 690 24.27 19.23 73.02
CA ALA A 690 25.12 19.61 74.15
C ALA A 690 25.78 18.42 74.88
N TYR A 691 26.38 17.51 74.12
CA TYR A 691 26.95 16.24 74.55
C TYR A 691 28.25 16.37 75.35
N SER A 692 28.39 15.52 76.38
CA SER A 692 29.63 15.22 77.07
C SER A 692 29.56 13.82 77.69
N ASN A 693 30.70 13.30 78.16
CA ASN A 693 30.77 12.03 78.86
C ASN A 693 30.04 11.97 80.23
N ASN A 694 29.48 13.07 80.77
CA ASN A 694 28.75 13.05 82.04
C ASN A 694 27.55 14.00 82.16
N SER A 695 27.11 14.61 81.06
CA SER A 695 25.85 15.37 81.02
C SER A 695 24.68 14.51 80.56
N ILE A 696 23.53 14.67 81.18
CA ILE A 696 22.26 14.12 80.71
C ILE A 696 21.19 15.23 80.66
N ALA A 697 20.29 15.18 79.69
CA ALA A 697 19.07 15.98 79.72
C ALA A 697 17.88 15.10 80.08
N ILE A 698 17.05 15.53 81.03
CA ILE A 698 15.85 14.78 81.44
C ILE A 698 14.63 15.68 81.33
N PRO A 699 13.55 15.26 80.68
CA PRO A 699 12.30 15.98 80.63
C PRO A 699 11.67 16.12 82.01
N THR A 700 11.23 17.32 82.34
CA THR A 700 10.58 17.62 83.63
C THR A 700 9.06 17.80 83.52
N ASN A 701 8.53 17.64 82.32
CA ASN A 701 7.11 17.77 81.97
C ASN A 701 6.89 17.05 80.63
N PHE A 702 5.64 16.92 80.18
CA PHE A 702 5.27 16.29 78.92
C PHE A 702 4.09 17.02 78.27
N THR A 703 3.94 16.88 76.95
CA THR A 703 2.68 17.14 76.25
C THR A 703 2.06 15.82 75.82
N ILE A 704 0.75 15.71 76.01
CA ILE A 704 -0.05 14.77 75.23
C ILE A 704 -0.25 15.36 73.85
N SER A 705 0.02 14.57 72.82
CA SER A 705 -0.14 14.94 71.42
C SER A 705 -1.17 14.04 70.75
N VAL A 706 -1.97 14.59 69.83
CA VAL A 706 -2.83 13.82 68.95
C VAL A 706 -2.46 14.14 67.51
N THR A 707 -2.09 13.13 66.73
CA THR A 707 -1.77 13.27 65.31
C THR A 707 -2.72 12.41 64.49
N THR A 708 -3.06 12.87 63.31
CA THR A 708 -3.98 12.21 62.39
C THR A 708 -3.20 11.50 61.29
N GLU A 709 -3.49 10.23 61.03
CA GLU A 709 -2.98 9.47 59.90
C GLU A 709 -4.13 9.01 59.01
N ILE A 710 -4.07 9.35 57.73
CA ILE A 710 -5.10 9.02 56.75
C ILE A 710 -4.58 7.92 55.81
N LEU A 711 -5.35 6.85 55.61
CA LEU A 711 -4.98 5.72 54.75
C LEU A 711 -6.11 5.32 53.79
N PRO A 712 -5.82 5.15 52.49
CA PRO A 712 -6.71 4.47 51.56
C PRO A 712 -6.96 3.00 51.92
N VAL A 713 -8.22 2.60 51.92
CA VAL A 713 -8.64 1.22 52.14
C VAL A 713 -9.18 0.59 50.86
N SER A 714 -9.90 1.35 50.04
CA SER A 714 -10.53 0.82 48.83
C SER A 714 -10.60 1.84 47.70
N MET A 715 -10.76 1.36 46.48
CA MET A 715 -11.16 2.15 45.32
C MET A 715 -12.62 1.85 44.99
N THR A 716 -13.25 2.61 44.10
CA THR A 716 -14.59 2.24 43.60
C THR A 716 -14.53 0.95 42.81
N LYS A 717 -15.53 0.08 43.00
CA LYS A 717 -15.72 -1.09 42.15
C LYS A 717 -16.24 -0.64 40.79
N THR A 718 -15.53 -0.95 39.71
CA THR A 718 -16.02 -0.67 38.36
C THR A 718 -16.13 -1.94 37.54
N SER A 719 -17.18 -2.01 36.74
CA SER A 719 -17.34 -3.05 35.74
C SER A 719 -17.33 -2.43 34.35
N VAL A 720 -16.85 -3.18 33.36
CA VAL A 720 -17.06 -2.84 31.94
C VAL A 720 -17.63 -4.05 31.22
N ASP A 721 -18.78 -3.90 30.58
CA ASP A 721 -19.28 -4.86 29.59
C ASP A 721 -18.47 -4.69 28.30
N CYS A 722 -17.41 -5.47 28.16
CA CYS A 722 -16.42 -5.34 27.09
C CYS A 722 -17.03 -5.37 25.67
N THR A 723 -18.05 -6.19 25.43
CA THR A 723 -18.77 -6.19 24.15
C THR A 723 -19.53 -4.89 23.90
N MET A 724 -20.16 -4.29 24.92
CA MET A 724 -20.89 -3.03 24.74
C MET A 724 -19.97 -1.81 24.69
N TYR A 725 -18.81 -1.84 25.33
CA TYR A 725 -17.81 -0.79 25.15
C TYR A 725 -17.23 -0.82 23.72
N ILE A 726 -16.77 -1.98 23.24
CA ILE A 726 -16.14 -2.08 21.93
C ILE A 726 -17.17 -1.90 20.82
N CYS A 727 -18.34 -2.53 20.91
CA CYS A 727 -19.30 -2.65 19.82
C CYS A 727 -20.65 -1.99 20.02
N GLY A 728 -20.93 -1.37 21.17
CA GLY A 728 -22.26 -0.85 21.47
C GLY A 728 -23.30 -1.96 21.41
N ASP A 729 -24.26 -1.81 20.50
CA ASP A 729 -25.30 -2.79 20.19
C ASP A 729 -25.21 -3.37 18.76
N SER A 730 -24.08 -3.16 18.06
CA SER A 730 -23.85 -3.72 16.71
C SER A 730 -23.57 -5.22 16.74
N THR A 731 -24.41 -6.01 16.06
CA THR A 731 -24.19 -7.44 15.81
C THR A 731 -23.01 -7.66 14.87
N GLU A 732 -22.83 -6.77 13.90
CA GLU A 732 -21.74 -6.81 12.92
C GLU A 732 -20.39 -6.73 13.63
N CYS A 733 -20.23 -5.75 14.52
CA CYS A 733 -19.05 -5.61 15.35
C CYS A 733 -18.95 -6.77 16.35
N SER A 734 -20.04 -7.20 16.97
CA SER A 734 -20.00 -8.33 17.93
C SER A 734 -19.53 -9.64 17.27
N ASN A 735 -19.86 -9.87 16.01
CA ASN A 735 -19.38 -11.01 15.24
C ASN A 735 -17.90 -10.89 14.87
N LEU A 736 -17.38 -9.70 14.57
CA LEU A 736 -15.94 -9.52 14.37
C LEU A 736 -15.16 -9.67 15.69
N LEU A 737 -15.70 -9.18 16.80
CA LEU A 737 -15.07 -9.30 18.12
C LEU A 737 -14.90 -10.76 18.58
N LEU A 738 -15.69 -11.71 18.07
CA LEU A 738 -15.48 -13.16 18.26
C LEU A 738 -14.19 -13.70 17.59
N GLN A 739 -13.63 -13.03 16.58
CA GLN A 739 -12.35 -13.43 15.96
C GLN A 739 -11.18 -13.33 16.92
N TYR A 740 -11.29 -12.51 17.96
CA TYR A 740 -10.29 -12.22 18.99
C TYR A 740 -10.30 -13.20 20.17
N GLY A 741 -11.22 -14.15 20.20
CA GLY A 741 -11.29 -15.20 21.22
C GLY A 741 -11.60 -14.69 22.62
N SER A 742 -10.69 -14.92 23.56
CA SER A 742 -10.98 -14.81 25.00
C SER A 742 -10.82 -13.41 25.60
N PHE A 743 -10.34 -12.41 24.85
CA PHE A 743 -9.90 -11.13 25.43
C PHE A 743 -10.94 -10.42 26.30
N CYS A 744 -12.22 -10.42 25.94
CA CYS A 744 -13.24 -9.78 26.78
C CYS A 744 -13.50 -10.52 28.10
N THR A 745 -13.60 -11.84 28.08
CA THR A 745 -13.79 -12.65 29.29
C THR A 745 -12.63 -12.48 30.26
N GLN A 746 -11.42 -12.40 29.73
CA GLN A 746 -10.19 -12.13 30.45
C GLN A 746 -10.20 -10.75 31.13
N LEU A 747 -10.62 -9.70 30.42
CA LEU A 747 -10.73 -8.34 30.95
C LEU A 747 -11.80 -8.21 32.04
N ASN A 748 -12.93 -8.88 31.88
CA ASN A 748 -14.01 -8.91 32.87
C ASN A 748 -13.64 -9.70 34.12
N ARG A 749 -12.92 -10.82 33.99
CA ARG A 749 -12.39 -11.59 35.11
C ARG A 749 -11.44 -10.75 35.96
N ALA A 750 -10.56 -9.98 35.32
CA ALA A 750 -9.65 -9.07 35.99
C ALA A 750 -10.37 -7.97 36.78
N LEU A 751 -11.32 -7.26 36.16
CA LEU A 751 -12.12 -6.24 36.84
C LEU A 751 -13.01 -6.79 37.95
N THR A 752 -13.52 -8.01 37.80
CA THR A 752 -14.29 -8.70 38.84
C THR A 752 -13.41 -9.02 40.04
N GLY A 753 -12.17 -9.47 39.81
CA GLY A 753 -11.21 -9.74 40.87
C GLY A 753 -10.85 -8.49 41.68
N ILE A 754 -10.67 -7.34 41.02
CA ILE A 754 -10.47 -6.06 41.70
C ILE A 754 -11.68 -5.70 42.56
N ALA A 755 -12.90 -5.86 42.04
CA ALA A 755 -14.11 -5.50 42.75
C ALA A 755 -14.34 -6.34 44.01
N VAL A 756 -14.05 -7.63 43.96
CA VAL A 756 -14.10 -8.53 45.12
C VAL A 756 -13.01 -8.17 46.16
N GLU A 757 -11.82 -7.76 45.74
CA GLU A 757 -10.77 -7.30 46.65
C GLU A 757 -11.15 -6.04 47.40
N GLN A 758 -11.96 -5.13 46.87
CA GLN A 758 -12.35 -3.91 47.60
C GLN A 758 -13.16 -4.23 48.85
N ASP A 759 -14.03 -5.23 48.75
CA ASP A 759 -14.80 -5.72 49.89
C ASP A 759 -13.89 -6.42 50.90
N LYS A 760 -12.98 -7.29 50.44
CA LYS A 760 -11.99 -7.92 51.30
C LYS A 760 -11.13 -6.89 52.04
N ASN A 761 -10.62 -5.88 51.36
CA ASN A 761 -9.81 -4.83 51.95
C ASN A 761 -10.53 -4.14 53.11
N THR A 762 -11.77 -3.75 52.90
CA THR A 762 -12.62 -3.10 53.89
C THR A 762 -12.92 -4.01 55.07
N GLN A 763 -13.23 -5.28 54.80
CA GLN A 763 -13.48 -6.29 55.81
C GLN A 763 -12.25 -6.54 56.69
N GLU A 764 -11.05 -6.64 56.14
CA GLU A 764 -9.84 -6.84 56.94
C GLU A 764 -9.46 -5.62 57.79
N VAL A 765 -9.78 -4.40 57.36
CA VAL A 765 -9.55 -3.20 58.16
C VAL A 765 -10.59 -3.05 59.26
N PHE A 766 -11.89 -3.09 58.94
CA PHE A 766 -12.92 -2.67 59.88
C PHE A 766 -13.58 -3.80 60.66
N ALA A 767 -13.71 -5.00 60.09
CA ALA A 767 -14.34 -6.13 60.77
C ALA A 767 -13.37 -6.87 61.72
N GLN A 768 -12.65 -6.13 62.56
CA GLN A 768 -11.69 -6.66 63.55
C GLN A 768 -12.27 -6.96 64.94
N VAL A 769 -13.60 -6.85 65.12
CA VAL A 769 -14.33 -7.23 66.34
C VAL A 769 -15.54 -8.09 66.00
N LYS A 770 -15.76 -9.18 66.74
CA LYS A 770 -16.96 -10.05 66.60
C LYS A 770 -18.21 -9.52 67.29
N GLN A 771 -18.08 -8.48 68.12
CA GLN A 771 -19.17 -7.91 68.90
C GLN A 771 -19.25 -6.40 68.71
N ILE A 772 -20.46 -5.87 68.57
CA ILE A 772 -20.68 -4.44 68.46
C ILE A 772 -20.79 -3.86 69.87
N TYR A 773 -19.69 -3.31 70.36
CA TYR A 773 -19.61 -2.71 71.68
C TYR A 773 -20.31 -1.37 71.76
N LYS A 774 -21.23 -1.22 72.71
CA LYS A 774 -21.85 0.04 73.11
C LYS A 774 -20.99 0.74 74.16
N THR A 775 -20.84 2.05 74.02
CA THR A 775 -20.26 2.89 75.07
C THR A 775 -21.30 3.16 76.17
N PRO A 776 -20.96 3.17 77.47
CA PRO A 776 -21.92 3.35 78.55
C PRO A 776 -22.65 4.70 78.49
N PRO A 777 -23.91 4.76 78.94
CA PRO A 777 -24.69 6.00 78.98
C PRO A 777 -24.14 7.06 79.95
N ILE A 778 -23.40 6.68 80.99
CA ILE A 778 -22.63 7.59 81.85
C ILE A 778 -21.19 7.65 81.31
N LYS A 779 -20.78 8.81 80.79
CA LYS A 779 -19.46 9.01 80.14
C LYS A 779 -18.37 9.37 81.17
N ASP A 780 -18.26 8.62 82.28
CA ASP A 780 -17.35 8.94 83.40
C ASP A 780 -15.90 8.46 83.17
N PHE A 781 -15.30 8.90 82.07
CA PHE A 781 -13.94 8.55 81.64
C PHE A 781 -12.85 9.42 82.27
N GLY A 782 -12.91 9.68 83.57
CA GLY A 782 -11.83 10.33 84.32
C GLY A 782 -11.50 11.79 83.94
N GLY A 783 -12.38 12.45 83.20
CA GLY A 783 -12.18 13.80 82.65
C GLY A 783 -11.75 13.84 81.17
N PHE A 784 -11.45 12.69 80.56
CA PHE A 784 -11.19 12.59 79.13
C PHE A 784 -12.52 12.62 78.36
N ASN A 785 -12.61 13.45 77.32
CA ASN A 785 -13.84 13.72 76.59
C ASN A 785 -13.75 13.18 75.16
N PHE A 786 -14.63 12.23 74.81
CA PHE A 786 -14.66 11.57 73.51
C PHE A 786 -15.85 11.96 72.63
N SER A 787 -16.64 12.99 72.96
CA SER A 787 -17.88 13.29 72.24
C SER A 787 -17.71 13.59 70.75
N GLN A 788 -16.55 14.14 70.34
CA GLN A 788 -16.28 14.47 68.94
C GLN A 788 -15.89 13.26 68.09
N ILE A 789 -15.55 12.13 68.72
CA ILE A 789 -15.14 10.89 68.05
C ILE A 789 -16.12 9.74 68.28
N LEU A 790 -16.93 9.79 69.33
CA LEU A 790 -18.09 8.93 69.51
C LEU A 790 -19.26 9.37 68.61
N PRO A 791 -20.22 8.47 68.29
CA PRO A 791 -21.44 8.86 67.59
C PRO A 791 -22.25 9.94 68.30
N ASP A 792 -22.96 10.77 67.52
CA ASP A 792 -24.11 11.51 68.01
C ASP A 792 -25.41 10.89 67.43
N PRO A 793 -26.29 10.29 68.26
CA PRO A 793 -27.53 9.68 67.80
C PRO A 793 -28.56 10.63 67.16
N SER A 794 -28.39 11.95 67.29
CA SER A 794 -29.28 12.94 66.67
C SER A 794 -29.13 13.00 65.13
N LYS A 795 -27.98 12.55 64.59
CA LYS A 795 -27.77 12.42 63.13
C LYS A 795 -28.54 11.20 62.57
N PRO A 796 -28.88 11.20 61.26
CA PRO A 796 -29.53 10.07 60.60
C PRO A 796 -28.62 8.82 60.46
N SER A 797 -27.32 8.95 60.72
CA SER A 797 -26.39 7.84 60.91
C SER A 797 -25.46 8.11 62.10
N LYS A 798 -25.04 7.07 62.80
CA LYS A 798 -24.13 7.16 63.97
C LYS A 798 -22.66 7.43 63.58
N ARG A 799 -22.43 8.39 62.70
CA ARG A 799 -21.11 9.02 62.53
C ARG A 799 -20.79 9.90 63.73
N SER A 800 -19.53 10.00 64.07
CA SER A 800 -19.02 11.01 65.00
C SER A 800 -19.00 12.39 64.37
N PHE A 801 -18.78 13.44 65.18
CA PHE A 801 -18.61 14.78 64.66
C PHE A 801 -17.41 14.90 63.72
N ILE A 802 -16.26 14.33 64.11
CA ILE A 802 -15.07 14.29 63.27
C ILE A 802 -15.30 13.45 62.02
N GLU A 803 -16.05 12.35 62.05
CA GLU A 803 -16.46 11.64 60.83
C GLU A 803 -17.37 12.48 59.93
N ASP A 804 -18.34 13.24 60.45
CA ASP A 804 -19.11 14.19 59.63
C ASP A 804 -18.24 15.24 58.94
N LEU A 805 -17.25 15.81 59.63
CA LEU A 805 -16.23 16.65 58.98
C LEU A 805 -15.49 15.88 57.87
N LEU A 806 -14.91 14.71 58.15
CA LEU A 806 -14.15 13.92 57.19
C LEU A 806 -14.95 13.56 55.93
N PHE A 807 -16.22 13.22 56.08
CA PHE A 807 -17.11 12.95 54.95
C PHE A 807 -17.49 14.20 54.13
N ASN A 808 -17.46 15.40 54.69
CA ASN A 808 -17.62 16.64 53.92
C ASN A 808 -16.37 17.02 53.09
N LYS A 809 -15.15 16.68 53.55
CA LYS A 809 -13.90 17.05 52.85
C LYS A 809 -13.71 16.35 51.50
N VAL A 810 -14.01 15.06 51.39
CA VAL A 810 -13.72 14.22 50.21
C VAL A 810 -14.98 13.92 49.42
N PHE A 839 -22.40 4.78 31.12
CA PHE A 839 -23.46 4.60 30.12
C PHE A 839 -22.98 3.87 28.86
N ASN A 840 -21.66 3.83 28.65
CA ASN A 840 -21.00 3.20 27.49
C ASN A 840 -20.62 1.75 27.78
N GLY A 841 -21.50 1.00 28.45
CA GLY A 841 -21.17 -0.31 29.02
C GLY A 841 -20.33 -0.26 30.30
N LEU A 842 -20.20 0.90 30.96
CA LEU A 842 -19.42 1.09 32.18
C LEU A 842 -20.36 1.20 33.40
N THR A 843 -20.09 0.52 34.51
CA THR A 843 -20.90 0.64 35.74
C THR A 843 -20.06 0.73 37.01
N VAL A 844 -20.61 1.36 38.05
CA VAL A 844 -20.07 1.34 39.40
C VAL A 844 -20.91 0.38 40.22
N LEU A 845 -20.30 -0.64 40.82
CA LEU A 845 -20.97 -1.54 41.76
C LEU A 845 -20.91 -0.94 43.18
N PRO A 846 -21.94 -1.12 44.03
CA PRO A 846 -21.87 -0.66 45.42
C PRO A 846 -20.90 -1.52 46.26
N PRO A 847 -20.26 -0.95 47.29
CA PRO A 847 -19.56 -1.73 48.30
C PRO A 847 -20.52 -2.62 49.09
N LEU A 848 -20.04 -3.74 49.63
CA LEU A 848 -20.85 -4.62 50.48
C LEU A 848 -21.29 -3.93 51.76
N LEU A 849 -20.34 -3.41 52.55
CA LEU A 849 -20.62 -2.62 53.73
C LEU A 849 -20.99 -1.18 53.37
N THR A 850 -22.05 -0.65 53.97
CA THR A 850 -22.42 0.78 53.84
C THR A 850 -21.56 1.65 54.74
N ASP A 851 -21.47 2.95 54.47
CA ASP A 851 -20.75 3.88 55.36
C ASP A 851 -21.35 3.91 56.77
N GLU A 852 -22.64 3.63 56.90
CA GLU A 852 -23.28 3.39 58.19
C GLU A 852 -22.73 2.15 58.89
N MET A 853 -22.56 1.02 58.20
CA MET A 853 -21.96 -0.17 58.76
C MET A 853 -20.48 0.04 59.12
N ILE A 854 -19.72 0.80 58.32
CA ILE A 854 -18.33 1.15 58.66
C ILE A 854 -18.28 2.01 59.91
N ALA A 855 -19.21 2.95 60.05
CA ALA A 855 -19.35 3.75 61.25
C ALA A 855 -19.75 2.91 62.47
N GLN A 856 -20.58 1.87 62.32
CA GLN A 856 -20.90 0.94 63.39
C GLN A 856 -19.71 0.09 63.82
N TYR A 857 -18.90 -0.45 62.89
CA TYR A 857 -17.64 -1.10 63.25
C TYR A 857 -16.68 -0.14 63.94
N THR A 858 -16.53 1.08 63.41
CA THR A 858 -15.63 2.08 63.98
C THR A 858 -16.06 2.46 65.39
N SER A 859 -17.37 2.65 65.60
CA SER A 859 -17.98 2.90 66.90
C SER A 859 -17.72 1.77 67.92
N ALA A 860 -17.83 0.50 67.51
CA ALA A 860 -17.49 -0.64 68.35
C ALA A 860 -16.00 -0.68 68.72
N LEU A 861 -15.09 -0.36 67.79
CA LEU A 861 -13.66 -0.29 68.08
C LEU A 861 -13.31 0.82 69.08
N LEU A 862 -13.95 2.00 68.99
CA LEU A 862 -13.81 3.05 70.00
C LEU A 862 -14.32 2.62 71.37
N ALA A 863 -15.55 2.13 71.45
CA ALA A 863 -16.18 1.71 72.69
C ALA A 863 -15.38 0.58 73.37
N GLY A 864 -14.91 -0.41 72.63
CA GLY A 864 -14.02 -1.44 73.13
C GLY A 864 -12.78 -0.83 73.76
N THR A 865 -12.06 0.02 73.03
CA THR A 865 -10.84 0.63 73.55
C THR A 865 -11.08 1.51 74.76
N ILE A 866 -12.08 2.37 74.81
CA ILE A 866 -12.28 3.24 75.98
C ILE A 866 -12.90 2.52 77.18
N THR A 867 -13.56 1.38 77.02
CA THR A 867 -14.14 0.66 78.17
C THR A 867 -13.26 -0.46 78.67
N SER A 868 -12.38 -1.00 77.84
CA SER A 868 -11.71 -2.27 78.12
C SER A 868 -10.24 -2.30 77.70
N GLY A 869 -9.69 -1.17 77.25
CA GLY A 869 -8.31 -1.08 76.81
C GLY A 869 -8.00 -2.04 75.68
N TRP A 870 -6.89 -2.75 75.73
CA TRP A 870 -6.55 -3.77 74.72
C TRP A 870 -7.20 -5.15 74.94
N THR A 871 -8.00 -5.37 75.98
CA THR A 871 -8.44 -6.73 76.35
C THR A 871 -9.39 -7.33 75.32
N PHE A 872 -10.30 -6.53 74.75
CA PHE A 872 -11.18 -6.95 73.67
C PHE A 872 -10.40 -7.34 72.38
N GLY A 873 -9.16 -6.88 72.23
CA GLY A 873 -8.29 -7.28 71.12
C GLY A 873 -7.82 -8.72 71.19
N ALA A 874 -7.77 -9.33 72.39
CA ALA A 874 -7.22 -10.67 72.62
C ALA A 874 -8.24 -11.72 73.08
N GLY A 875 -9.36 -11.28 73.65
CA GLY A 875 -10.38 -12.14 74.23
C GLY A 875 -11.69 -11.39 74.45
N ALA A 876 -12.41 -11.69 75.51
CA ALA A 876 -13.53 -10.89 75.96
C ALA A 876 -13.08 -9.49 76.41
N ALA A 877 -13.91 -8.48 76.23
CA ALA A 877 -13.70 -7.15 76.76
C ALA A 877 -13.84 -7.14 78.28
N LEU A 878 -12.75 -6.88 78.99
CA LEU A 878 -12.71 -6.78 80.43
C LEU A 878 -12.78 -5.30 80.78
N GLN A 879 -13.79 -4.84 81.51
CA GLN A 879 -13.83 -3.43 81.86
C GLN A 879 -12.67 -3.08 82.79
N ILE A 880 -12.18 -1.88 82.62
CA ILE A 880 -11.18 -1.23 83.46
C ILE A 880 -11.56 0.25 83.51
N PRO A 881 -11.37 0.98 84.62
CA PRO A 881 -11.58 2.42 84.62
C PRO A 881 -10.62 3.11 83.65
N PHE A 882 -11.02 4.23 83.07
CA PHE A 882 -10.25 4.82 81.97
C PHE A 882 -8.90 5.41 82.43
N ALA A 883 -8.85 6.09 83.58
CA ALA A 883 -7.59 6.58 84.12
C ALA A 883 -6.65 5.44 84.54
N MET A 884 -7.21 4.35 85.07
CA MET A 884 -6.53 3.09 85.36
C MET A 884 -5.94 2.45 84.09
N GLN A 885 -6.62 2.54 82.96
CA GLN A 885 -6.12 2.12 81.66
C GLN A 885 -5.00 3.04 81.14
N MET A 886 -5.15 4.34 81.23
CA MET A 886 -4.08 5.29 80.94
C MET A 886 -2.83 5.13 81.81
N ALA A 887 -2.96 4.71 83.07
CA ALA A 887 -1.85 4.33 83.92
C ALA A 887 -1.11 3.09 83.40
N TYR A 888 -1.81 2.05 82.94
CA TYR A 888 -1.19 0.94 82.22
C TYR A 888 -0.48 1.42 80.94
N ARG A 889 -1.03 2.38 80.19
CA ARG A 889 -0.36 2.97 79.02
C ARG A 889 0.93 3.70 79.39
N PHE A 890 0.98 4.44 80.50
CA PHE A 890 2.18 5.12 80.97
C PHE A 890 3.25 4.12 81.39
N ASN A 891 2.90 3.01 82.05
CA ASN A 891 3.85 1.93 82.27
C ASN A 891 4.39 1.36 80.96
N GLY A 892 3.55 1.22 79.94
CA GLY A 892 3.95 0.72 78.64
C GLY A 892 4.97 1.58 77.90
N ILE A 893 5.19 2.83 78.31
CA ILE A 893 6.21 3.75 77.79
C ILE A 893 7.31 4.07 78.82
N GLY A 894 7.44 3.27 79.88
CA GLY A 894 8.46 3.44 80.91
C GLY A 894 8.26 4.64 81.83
N VAL A 895 7.05 5.17 81.91
CA VAL A 895 6.66 6.23 82.85
C VAL A 895 5.89 5.60 84.01
N THR A 896 6.18 6.01 85.23
CA THR A 896 5.58 5.38 86.41
C THR A 896 4.14 5.84 86.59
N GLN A 897 3.22 4.98 87.04
CA GLN A 897 1.79 5.29 86.96
C GLN A 897 1.33 6.39 87.89
N ASN A 898 2.05 6.65 88.98
CA ASN A 898 1.84 7.82 89.79
C ASN A 898 1.97 9.11 88.98
N VAL A 899 2.81 9.16 87.94
CA VAL A 899 2.97 10.32 87.04
C VAL A 899 1.67 10.58 86.28
N LEU A 900 0.89 9.56 85.94
CA LEU A 900 -0.47 9.81 85.48
C LEU A 900 -1.40 10.28 86.60
N TYR A 901 -1.55 9.54 87.68
CA TYR A 901 -2.55 9.86 88.70
C TYR A 901 -2.32 11.23 89.38
N GLU A 902 -1.08 11.61 89.64
CA GLU A 902 -0.72 12.91 90.18
C GLU A 902 -0.94 14.05 89.18
N ASN A 903 -0.95 13.80 87.88
CA ASN A 903 -1.16 14.79 86.82
C ASN A 903 -2.44 14.57 86.01
N GLN A 904 -3.40 13.80 86.53
CA GLN A 904 -4.54 13.28 85.75
C GLN A 904 -5.37 14.36 85.08
N LYS A 905 -5.65 15.47 85.78
CA LYS A 905 -6.46 16.58 85.26
C LYS A 905 -5.74 17.36 84.16
N LEU A 906 -4.44 17.59 84.30
CA LEU A 906 -3.60 18.14 83.25
C LEU A 906 -3.54 17.22 82.02
N ILE A 907 -3.38 15.91 82.20
CA ILE A 907 -3.31 14.94 81.10
C ILE A 907 -4.64 14.89 80.33
N ALA A 908 -5.77 14.87 81.05
CA ALA A 908 -7.11 15.00 80.47
C ALA A 908 -7.29 16.33 79.71
N ASN A 909 -6.88 17.47 80.25
CA ASN A 909 -6.93 18.75 79.55
C ASN A 909 -6.06 18.79 78.30
N GLN A 910 -4.84 18.27 78.33
CA GLN A 910 -4.00 18.22 77.15
C GLN A 910 -4.61 17.32 76.08
N PHE A 911 -5.18 16.17 76.44
CA PHE A 911 -5.91 15.33 75.51
C PHE A 911 -7.14 16.04 74.92
N ASN A 912 -7.99 16.61 75.76
CA ASN A 912 -9.19 17.33 75.33
C ASN A 912 -8.85 18.49 74.39
N SER A 913 -7.79 19.25 74.69
CA SER A 913 -7.33 20.36 73.85
C SER A 913 -6.80 19.87 72.50
N ALA A 914 -6.01 18.79 72.48
CA ALA A 914 -5.51 18.18 71.26
C ALA A 914 -6.61 17.58 70.36
N ILE A 915 -7.72 17.08 70.90
CA ILE A 915 -8.90 16.69 70.10
C ILE A 915 -9.60 17.91 69.50
N GLY A 916 -9.69 19.03 70.20
CA GLY A 916 -10.17 20.29 69.63
C GLY A 916 -9.38 20.72 68.39
N LYS A 917 -8.05 20.59 68.43
CA LYS A 917 -7.18 20.90 67.28
C LYS A 917 -7.44 20.03 66.06
N ILE A 918 -7.98 18.82 66.19
CA ILE A 918 -8.38 17.98 65.05
C ILE A 918 -9.58 18.59 64.33
N GLN A 919 -10.61 19.06 65.06
CA GLN A 919 -11.73 19.78 64.45
C GLN A 919 -11.23 21.06 63.75
N ASP A 920 -10.42 21.86 64.45
CA ASP A 920 -9.88 23.10 63.90
C ASP A 920 -9.06 22.85 62.62
N SER A 921 -8.17 21.86 62.63
CA SER A 921 -7.37 21.47 61.48
C SER A 921 -8.24 21.02 60.31
N LEU A 922 -9.11 20.02 60.49
CA LEU A 922 -9.93 19.47 59.39
C LEU A 922 -10.91 20.51 58.82
N SER A 923 -11.53 21.32 59.68
CA SER A 923 -12.44 22.38 59.25
C SER A 923 -11.70 23.51 58.49
N SER A 924 -10.43 23.79 58.81
CA SER A 924 -9.64 24.84 58.14
C SER A 924 -8.90 24.38 56.86
N THR A 925 -8.31 23.18 56.86
CA THR A 925 -7.38 22.71 55.82
C THR A 925 -8.05 22.35 54.47
N ALA A 926 -7.23 22.14 53.44
CA ALA A 926 -7.64 21.60 52.14
C ALA A 926 -6.75 20.43 51.63
N SER A 927 -5.74 19.99 52.39
CA SER A 927 -4.67 19.10 51.88
C SER A 927 -4.27 17.95 52.80
N ALA A 928 -4.94 17.75 53.94
CA ALA A 928 -4.74 16.54 54.76
C ALA A 928 -5.29 15.28 54.06
N LEU A 929 -6.56 15.33 53.62
CA LEU A 929 -7.23 14.21 52.96
C LEU A 929 -6.91 14.11 51.45
N GLY A 930 -5.86 14.77 50.99
CA GLY A 930 -5.31 14.62 49.64
C GLY A 930 -4.99 13.19 49.26
N LYS A 931 -4.58 12.35 50.21
CA LYS A 931 -4.33 10.92 50.02
C LYS A 931 -5.58 10.12 49.65
N LEU A 932 -6.76 10.54 50.11
CA LEU A 932 -8.04 9.94 49.73
C LEU A 932 -8.62 10.55 48.46
N GLN A 933 -8.54 11.87 48.33
CA GLN A 933 -9.03 12.56 47.14
C GLN A 933 -8.24 12.16 45.89
N ASN A 934 -6.94 11.87 45.98
CA ASN A 934 -6.18 11.32 44.86
C ASN A 934 -6.70 9.97 44.37
N VAL A 935 -7.12 9.06 45.25
CA VAL A 935 -7.71 7.78 44.84
C VAL A 935 -9.00 8.00 44.05
N VAL A 936 -9.87 8.89 44.53
CA VAL A 936 -11.08 9.31 43.81
C VAL A 936 -10.73 9.95 42.46
N ASN A 937 -9.80 10.90 42.43
CA ASN A 937 -9.37 11.58 41.21
C ASN A 937 -8.81 10.61 40.18
N GLN A 938 -8.00 9.63 40.56
CA GLN A 938 -7.44 8.67 39.62
C GLN A 938 -8.48 7.72 39.03
N ASN A 939 -9.43 7.22 39.81
CA ASN A 939 -10.51 6.39 39.26
C ASN A 939 -11.35 7.19 38.24
N ALA A 940 -11.67 8.45 38.53
CA ALA A 940 -12.37 9.32 37.59
C ALA A 940 -11.55 9.62 36.33
N GLN A 941 -10.30 10.03 36.48
CA GLN A 941 -9.39 10.34 35.38
C GLN A 941 -9.17 9.15 34.43
N ALA A 942 -9.07 7.94 34.98
CA ALA A 942 -8.95 6.71 34.21
C ALA A 942 -10.25 6.38 33.47
N LEU A 943 -11.42 6.42 34.10
CA LEU A 943 -12.71 6.24 33.42
C LEU A 943 -13.00 7.31 32.36
N ASN A 944 -12.68 8.57 32.60
CA ASN A 944 -12.84 9.63 31.61
C ASN A 944 -11.95 9.39 30.38
N THR A 945 -10.72 8.92 30.59
CA THR A 945 -9.83 8.55 29.48
C THR A 945 -10.40 7.37 28.70
N LEU A 946 -10.98 6.38 29.37
CA LEU A 946 -11.62 5.25 28.71
C LEU A 946 -12.83 5.71 27.88
N VAL A 947 -13.69 6.58 28.42
CA VAL A 947 -14.84 7.13 27.68
C VAL A 947 -14.41 7.96 26.48
N LYS A 948 -13.46 8.88 26.63
CA LYS A 948 -13.06 9.77 25.53
C LYS A 948 -12.23 9.05 24.45
N GLN A 949 -11.71 7.85 24.72
CA GLN A 949 -11.17 7.01 23.65
C GLN A 949 -12.23 6.47 22.69
N LEU A 950 -13.53 6.53 22.99
CA LEU A 950 -14.58 6.12 22.06
C LEU A 950 -14.79 7.11 20.90
N SER A 951 -14.37 8.36 21.03
CA SER A 951 -14.45 9.36 19.95
C SER A 951 -13.17 9.45 19.10
N SER A 952 -12.17 8.60 19.34
CA SER A 952 -10.98 8.42 18.50
C SER A 952 -11.30 7.61 17.24
N ASN A 953 -10.79 8.01 16.07
CA ASN A 953 -11.01 7.30 14.81
C ASN A 953 -10.25 5.98 14.70
N PHE A 954 -9.04 5.90 15.24
CA PHE A 954 -8.12 4.77 15.06
C PHE A 954 -7.84 4.44 13.58
N GLY A 955 -7.97 5.43 12.69
CA GLY A 955 -7.83 5.29 11.24
C GLY A 955 -9.09 4.86 10.48
N ALA A 956 -10.25 4.72 11.13
CA ALA A 956 -11.53 4.50 10.45
C ALA A 956 -12.11 5.80 9.83
N ILE A 957 -13.09 5.68 8.94
CA ILE A 957 -13.82 6.83 8.36
C ILE A 957 -14.64 7.65 9.38
N SER A 958 -14.99 7.06 10.52
CA SER A 958 -15.65 7.72 11.64
C SER A 958 -15.35 6.97 12.93
N SER A 959 -15.39 7.63 14.09
CA SER A 959 -15.43 6.96 15.39
C SER A 959 -16.80 6.39 15.72
N VAL A 960 -17.88 6.90 15.12
CA VAL A 960 -19.27 6.48 15.38
C VAL A 960 -19.59 5.20 14.61
N LEU A 961 -19.83 4.10 15.30
CA LEU A 961 -20.00 2.79 14.69
C LEU A 961 -21.24 2.70 13.78
N ASN A 962 -22.30 3.44 14.10
CA ASN A 962 -23.49 3.61 13.27
C ASN A 962 -23.25 4.43 11.99
N ASP A 963 -22.25 5.31 11.90
CA ASP A 963 -21.90 5.92 10.62
C ASP A 963 -21.42 4.87 9.66
N ILE A 964 -20.47 4.04 10.07
CA ILE A 964 -19.91 3.01 9.20
C ILE A 964 -21.01 2.10 8.67
N LEU A 965 -21.91 1.66 9.55
CA LEU A 965 -22.99 0.74 9.21
C LEU A 965 -24.15 1.38 8.46
N SER A 966 -24.33 2.69 8.53
CA SER A 966 -25.32 3.40 7.72
C SER A 966 -24.76 3.87 6.38
N ARG A 967 -23.44 4.06 6.26
CA ARG A 967 -22.75 4.48 5.03
C ARG A 967 -22.30 3.35 4.12
N LEU A 968 -21.85 2.22 4.64
CA LEU A 968 -21.06 1.23 3.90
C LEU A 968 -21.72 -0.14 3.85
N ASP A 969 -21.41 -0.92 2.82
CA ASP A 969 -21.90 -2.29 2.64
C ASP A 969 -21.13 -3.35 3.46
N LYS A 970 -21.60 -4.61 3.38
CA LYS A 970 -21.00 -5.81 3.99
C LYS A 970 -19.47 -5.82 3.98
N VAL A 971 -18.83 -5.53 2.84
CA VAL A 971 -17.40 -5.71 2.65
C VAL A 971 -16.63 -4.44 2.98
N GLU A 972 -17.16 -3.27 2.63
CA GLU A 972 -16.52 -1.98 2.94
C GLU A 972 -16.54 -1.69 4.45
N ALA A 973 -17.66 -1.93 5.13
CA ALA A 973 -17.82 -1.62 6.53
C ALA A 973 -16.83 -2.39 7.42
N GLU A 974 -16.70 -3.70 7.29
CA GLU A 974 -15.95 -4.54 8.24
C GLU A 974 -14.47 -4.17 8.38
N VAL A 975 -13.83 -3.65 7.33
CA VAL A 975 -12.45 -3.17 7.41
C VAL A 975 -12.35 -1.94 8.31
N GLN A 976 -13.35 -1.07 8.31
CA GLN A 976 -13.47 0.07 9.21
C GLN A 976 -13.83 -0.37 10.64
N ILE A 977 -14.72 -1.36 10.79
CA ILE A 977 -15.08 -1.91 12.08
C ILE A 977 -13.85 -2.52 12.77
N ASP A 978 -13.00 -3.26 12.06
CA ASP A 978 -11.78 -3.88 12.58
C ASP A 978 -10.76 -2.86 13.14
N ARG A 979 -10.73 -1.64 12.58
CA ARG A 979 -9.89 -0.54 13.06
C ARG A 979 -10.40 0.01 14.38
N LEU A 980 -11.70 0.25 14.50
CA LEU A 980 -12.32 0.63 15.76
C LEU A 980 -12.19 -0.46 16.81
N ILE A 981 -12.47 -1.72 16.49
CA ILE A 981 -12.29 -2.85 17.40
C ILE A 981 -10.88 -2.85 17.95
N THR A 982 -9.87 -2.76 17.10
CA THR A 982 -8.47 -2.82 17.54
C THR A 982 -8.12 -1.69 18.50
N GLY A 983 -8.50 -0.45 18.20
CA GLY A 983 -8.18 0.69 19.05
C GLY A 983 -8.96 0.71 20.36
N ARG A 984 -10.24 0.31 20.33
CA ARG A 984 -11.09 0.21 21.53
C ARG A 984 -10.62 -0.91 22.44
N LEU A 985 -10.27 -2.05 21.89
CA LEU A 985 -9.67 -3.14 22.63
C LEU A 985 -8.33 -2.73 23.24
N GLN A 986 -7.48 -2.02 22.52
CA GLN A 986 -6.21 -1.53 23.04
C GLN A 986 -6.44 -0.56 24.19
N SER A 987 -7.44 0.31 24.09
CA SER A 987 -7.82 1.25 25.13
C SER A 987 -8.29 0.53 26.39
N LEU A 988 -9.13 -0.47 26.22
CA LEU A 988 -9.68 -1.25 27.31
C LEU A 988 -8.63 -2.13 27.99
N GLN A 989 -7.71 -2.77 27.26
CA GLN A 989 -6.59 -3.49 27.86
C GLN A 989 -5.72 -2.56 28.70
N THR A 990 -5.50 -1.35 28.23
CA THR A 990 -4.70 -0.35 28.93
C THR A 990 -5.35 0.07 30.23
N TYR A 991 -6.66 0.32 30.21
CA TYR A 991 -7.43 0.65 31.40
C TYR A 991 -7.36 -0.46 32.46
N VAL A 992 -7.65 -1.70 32.08
CA VAL A 992 -7.62 -2.83 33.01
C VAL A 992 -6.23 -3.08 33.58
N THR A 993 -5.17 -2.81 32.83
CA THR A 993 -3.80 -2.95 33.32
C THR A 993 -3.43 -1.86 34.31
N GLN A 994 -3.79 -0.59 34.06
CA GLN A 994 -3.64 0.46 35.07
C GLN A 994 -4.45 0.13 36.34
N GLN A 995 -5.66 -0.41 36.22
CA GLN A 995 -6.48 -0.76 37.37
C GLN A 995 -5.90 -1.87 38.21
N LEU A 996 -5.31 -2.91 37.62
CA LEU A 996 -4.64 -3.95 38.38
C LEU A 996 -3.44 -3.43 39.16
N ILE A 997 -2.61 -2.60 38.53
CA ILE A 997 -1.44 -2.00 39.16
C ILE A 997 -1.87 -1.07 40.29
N ARG A 998 -2.91 -0.26 40.07
CA ARG A 998 -3.51 0.63 41.06
C ARG A 998 -4.19 -0.11 42.21
N ALA A 999 -4.85 -1.24 41.97
CA ALA A 999 -5.45 -2.06 42.99
C ALA A 999 -4.40 -2.69 43.93
N ALA A 1000 -3.23 -3.06 43.43
CA ALA A 1000 -2.11 -3.53 44.23
C ALA A 1000 -1.55 -2.48 45.20
N GLU A 1001 -1.58 -1.19 44.84
CA GLU A 1001 -1.26 -0.09 45.75
C GLU A 1001 -2.30 0.05 46.87
N ILE A 1002 -3.58 -0.03 46.54
CA ILE A 1002 -4.68 0.01 47.50
C ILE A 1002 -4.66 -1.22 48.42
N ARG A 1003 -4.33 -2.41 47.94
CA ARG A 1003 -4.18 -3.60 48.78
C ARG A 1003 -3.02 -3.43 49.76
N ALA A 1004 -1.88 -2.93 49.31
CA ALA A 1004 -0.75 -2.64 50.18
C ALA A 1004 -1.11 -1.60 51.26
N SER A 1005 -1.88 -0.58 50.90
CA SER A 1005 -2.38 0.43 51.83
C SER A 1005 -3.37 -0.13 52.85
N ALA A 1006 -4.31 -0.96 52.41
CA ALA A 1006 -5.30 -1.59 53.27
C ALA A 1006 -4.68 -2.61 54.24
N ASN A 1007 -3.64 -3.34 53.82
CA ASN A 1007 -2.87 -4.23 54.68
C ASN A 1007 -2.18 -3.47 55.80
N LEU A 1008 -1.60 -2.31 55.49
CA LEU A 1008 -1.01 -1.43 56.46
C LEU A 1008 -2.05 -0.85 57.41
N ALA A 1009 -3.19 -0.39 56.91
CA ALA A 1009 -4.32 0.05 57.71
C ALA A 1009 -4.82 -1.04 58.66
N ALA A 1010 -5.02 -2.26 58.18
CA ALA A 1010 -5.44 -3.38 59.01
C ALA A 1010 -4.42 -3.71 60.11
N THR A 1011 -3.13 -3.55 59.81
CA THR A 1011 -2.05 -3.76 60.77
C THR A 1011 -2.00 -2.65 61.82
N LYS A 1012 -2.26 -1.40 61.45
CA LYS A 1012 -2.43 -0.29 62.39
C LYS A 1012 -3.71 -0.42 63.19
N MET A 1013 -4.76 -1.03 62.66
CA MET A 1013 -5.95 -1.33 63.43
C MET A 1013 -5.66 -2.35 64.53
N SER A 1014 -4.93 -3.42 64.23
CA SER A 1014 -4.49 -4.36 65.24
C SER A 1014 -3.49 -3.75 66.21
N GLU A 1015 -2.41 -3.15 65.71
CA GLU A 1015 -1.27 -2.81 66.55
C GLU A 1015 -1.40 -1.45 67.22
N CYS A 1016 -2.17 -0.52 66.67
CA CYS A 1016 -2.31 0.83 67.23
C CYS A 1016 -3.63 1.04 67.95
N VAL A 1017 -4.72 0.43 67.52
CA VAL A 1017 -6.06 0.61 68.12
C VAL A 1017 -6.40 -0.50 69.10
N LEU A 1018 -6.11 -1.74 68.76
CA LEU A 1018 -6.31 -2.95 69.57
C LEU A 1018 -5.14 -3.28 70.48
N GLY A 1019 -4.08 -2.48 70.48
CA GLY A 1019 -2.91 -2.67 71.33
C GLY A 1019 -2.23 -1.36 71.67
N GLN A 1020 -1.14 -1.45 72.42
CA GLN A 1020 -0.15 -0.39 72.52
C GLN A 1020 1.14 -0.82 71.81
N SER A 1021 1.43 -0.26 70.65
CA SER A 1021 2.70 -0.54 69.95
C SER A 1021 3.92 0.13 70.58
N LYS A 1022 5.02 -0.64 70.72
CA LYS A 1022 6.36 -0.15 71.02
C LYS A 1022 7.22 0.12 69.77
N ARG A 1023 6.72 -0.17 68.58
CA ARG A 1023 7.40 0.08 67.29
C ARG A 1023 7.47 1.59 67.01
N VAL A 1024 8.67 2.13 66.90
CA VAL A 1024 8.90 3.57 66.76
C VAL A 1024 8.31 4.13 65.47
N ASP A 1025 7.51 5.19 65.62
CA ASP A 1025 6.80 5.93 64.57
C ASP A 1025 5.76 5.14 63.76
N PHE A 1026 5.34 3.96 64.21
CA PHE A 1026 4.27 3.19 63.58
C PHE A 1026 2.88 3.77 63.86
N CYS A 1027 2.69 4.36 65.03
CA CYS A 1027 1.44 4.90 65.55
C CYS A 1027 1.61 6.36 66.00
N GLY A 1028 2.09 7.24 65.13
CA GLY A 1028 2.38 8.64 65.45
C GLY A 1028 3.75 8.87 66.07
N LYS A 1029 4.11 10.14 66.29
CA LYS A 1029 5.44 10.57 66.74
C LYS A 1029 5.43 10.93 68.22
N GLY A 1030 6.43 10.49 68.96
CA GLY A 1030 6.36 10.37 70.42
C GLY A 1030 6.12 8.92 70.83
N TYR A 1031 6.04 8.65 72.12
CA TYR A 1031 5.73 7.32 72.62
C TYR A 1031 4.23 7.08 72.54
N HIS A 1032 3.81 6.04 71.84
CA HIS A 1032 2.40 5.77 71.60
C HIS A 1032 1.66 5.34 72.87
N LEU A 1033 0.56 6.00 73.18
CA LEU A 1033 -0.36 5.60 74.23
C LEU A 1033 -1.47 4.72 73.68
N MET A 1034 -2.29 5.26 72.79
CA MET A 1034 -3.45 4.59 72.19
C MET A 1034 -3.83 5.28 70.90
N SER A 1035 -4.58 4.61 70.04
CA SER A 1035 -5.12 5.19 68.82
C SER A 1035 -6.62 4.97 68.75
N PHE A 1036 -7.29 5.88 68.07
CA PHE A 1036 -8.73 5.84 67.80
C PHE A 1036 -8.96 5.83 66.29
N PRO A 1037 -9.72 4.88 65.74
CA PRO A 1037 -10.09 4.90 64.33
C PRO A 1037 -11.29 5.83 64.09
N GLN A 1038 -11.31 6.50 62.96
CA GLN A 1038 -12.45 7.20 62.39
C GLN A 1038 -12.59 6.75 60.95
N SER A 1039 -13.80 6.47 60.52
CA SER A 1039 -14.08 6.10 59.14
C SER A 1039 -14.04 7.33 58.21
N ALA A 1040 -13.60 7.14 56.97
CA ALA A 1040 -13.48 8.19 55.97
C ALA A 1040 -13.88 7.66 54.59
N PRO A 1041 -14.24 8.49 53.60
CA PRO A 1041 -14.62 8.00 52.27
C PRO A 1041 -13.48 7.18 51.66
N HIS A 1042 -13.72 5.89 51.39
CA HIS A 1042 -12.72 4.93 50.90
C HIS A 1042 -11.48 4.72 51.79
N GLY A 1043 -11.51 5.11 53.05
CA GLY A 1043 -10.34 5.07 53.90
C GLY A 1043 -10.63 4.99 55.37
N VAL A 1044 -9.57 5.12 56.14
CA VAL A 1044 -9.58 5.23 57.60
C VAL A 1044 -8.74 6.43 57.99
N VAL A 1045 -9.12 7.09 59.07
CA VAL A 1045 -8.28 8.03 59.80
C VAL A 1045 -7.96 7.44 61.17
N PHE A 1046 -6.68 7.37 61.53
CA PHE A 1046 -6.27 7.04 62.88
C PHE A 1046 -5.88 8.31 63.60
N LEU A 1047 -6.51 8.56 64.75
CA LEU A 1047 -6.07 9.57 65.71
C LEU A 1047 -5.15 8.91 66.72
N HIS A 1048 -3.86 9.15 66.56
CA HIS A 1048 -2.81 8.57 67.39
C HIS A 1048 -2.53 9.48 68.56
N VAL A 1049 -2.66 8.98 69.78
CA VAL A 1049 -2.34 9.71 71.00
C VAL A 1049 -0.94 9.31 71.46
N THR A 1050 -0.06 10.27 71.64
CA THR A 1050 1.32 10.03 72.04
C THR A 1050 1.72 10.90 73.21
N TYR A 1051 2.68 10.41 73.97
CA TYR A 1051 3.38 11.12 75.02
C TYR A 1051 4.65 11.72 74.41
N VAL A 1052 4.80 13.03 74.49
CA VAL A 1052 6.00 13.74 74.03
C VAL A 1052 6.65 14.41 75.24
N PRO A 1053 7.89 14.07 75.61
CA PRO A 1053 8.57 14.76 76.70
C PRO A 1053 8.90 16.22 76.33
N ALA A 1054 8.74 17.17 77.25
CA ALA A 1054 8.54 18.59 76.89
C ALA A 1054 9.57 19.61 77.43
N GLN A 1055 9.96 19.56 78.71
CA GLN A 1055 10.73 20.63 79.36
C GLN A 1055 12.02 20.10 79.97
N GLU A 1056 13.00 19.77 79.13
CA GLU A 1056 14.22 19.13 79.59
C GLU A 1056 15.16 20.04 80.39
N LYS A 1057 15.72 19.50 81.47
CA LYS A 1057 16.76 20.13 82.27
C LYS A 1057 18.01 19.29 82.20
N ASN A 1058 19.16 19.96 82.14
CA ASN A 1058 20.47 19.33 82.23
C ASN A 1058 20.76 18.92 83.67
N PHE A 1059 21.38 17.76 83.81
CA PHE A 1059 21.93 17.22 85.04
C PHE A 1059 23.30 16.65 84.78
N THR A 1060 24.12 16.57 85.82
CA THR A 1060 25.29 15.70 85.82
C THR A 1060 24.82 14.28 86.07
N THR A 1061 25.56 13.28 85.61
CA THR A 1061 25.17 11.88 85.70
C THR A 1061 26.39 10.98 85.80
N ALA A 1062 26.21 9.77 86.32
CA ALA A 1062 27.25 8.77 86.40
C ALA A 1062 26.68 7.38 86.11
N PRO A 1063 27.46 6.45 85.55
CA PRO A 1063 27.03 5.06 85.33
C PRO A 1063 26.76 4.30 86.63
N ALA A 1064 27.50 4.63 87.69
CA ALA A 1064 27.48 3.94 88.96
C ALA A 1064 27.83 4.88 90.12
N ILE A 1065 27.46 4.49 91.34
CA ILE A 1065 27.90 5.09 92.59
C ILE A 1065 28.87 4.13 93.28
N CYS A 1066 30.05 4.59 93.68
CA CYS A 1066 30.89 3.88 94.62
C CYS A 1066 30.54 4.26 96.06
N HIS A 1067 30.32 3.29 96.92
CA HIS A 1067 30.00 3.51 98.33
C HIS A 1067 30.98 2.76 99.25
N ASP A 1068 30.62 1.60 99.78
CA ASP A 1068 31.43 0.86 100.77
C ASP A 1068 32.50 -0.02 100.09
N GLY A 1069 33.18 0.53 99.09
CA GLY A 1069 34.00 -0.19 98.11
C GLY A 1069 33.21 -0.93 97.03
N LYS A 1070 31.88 -0.96 97.13
CA LYS A 1070 30.92 -1.57 96.20
C LYS A 1070 30.53 -0.61 95.07
N ALA A 1071 30.32 -1.10 93.85
CA ALA A 1071 29.67 -0.35 92.79
C ALA A 1071 28.14 -0.60 92.81
N HIS A 1072 27.36 0.47 92.90
CA HIS A 1072 25.90 0.44 92.80
C HIS A 1072 25.41 0.97 91.46
N PHE A 1073 24.37 0.35 90.92
CA PHE A 1073 23.72 0.69 89.67
C PHE A 1073 22.22 0.88 89.90
N PRO A 1074 21.50 1.71 89.13
CA PRO A 1074 20.05 1.85 89.27
C PRO A 1074 19.32 0.57 88.86
N ARG A 1075 18.35 0.09 89.65
CA ARG A 1075 17.52 -1.06 89.22
C ARG A 1075 16.68 -0.73 87.98
N GLU A 1076 16.09 0.45 88.01
CA GLU A 1076 15.50 1.17 86.89
C GLU A 1076 15.87 2.64 87.08
N GLY A 1077 15.80 3.43 86.01
CA GLY A 1077 16.22 4.83 86.09
C GLY A 1077 17.72 5.05 85.94
N VAL A 1078 18.14 6.27 86.26
CA VAL A 1078 19.51 6.78 86.06
C VAL A 1078 19.93 7.66 87.22
N PHE A 1079 21.20 7.62 87.60
CA PHE A 1079 21.76 8.52 88.61
C PHE A 1079 21.97 9.92 88.05
N VAL A 1080 21.47 10.92 88.75
CA VAL A 1080 21.58 12.33 88.40
C VAL A 1080 22.06 13.15 89.58
N SER A 1081 22.75 14.24 89.29
CA SER A 1081 23.19 15.20 90.28
C SER A 1081 22.73 16.60 89.91
N ASN A 1082 22.21 17.30 90.90
CA ASN A 1082 21.83 18.71 90.80
C ASN A 1082 23.01 19.68 91.01
N GLY A 1083 24.25 19.16 91.10
CA GLY A 1083 25.48 19.91 91.34
C GLY A 1083 26.15 19.58 92.68
N THR A 1084 25.39 19.08 93.67
CA THR A 1084 25.95 18.62 94.95
C THR A 1084 25.31 17.32 95.46
N HIS A 1085 24.02 17.12 95.23
CA HIS A 1085 23.26 15.99 95.73
C HIS A 1085 22.95 15.01 94.62
N TRP A 1086 23.23 13.73 94.86
CA TRP A 1086 22.93 12.64 93.95
C TRP A 1086 21.56 12.02 94.24
N PHE A 1087 20.83 11.76 93.17
CA PHE A 1087 19.51 11.13 93.17
C PHE A 1087 19.48 10.05 92.11
N VAL A 1088 18.47 9.18 92.20
CA VAL A 1088 18.05 8.32 91.10
C VAL A 1088 16.69 8.80 90.61
N THR A 1089 16.50 8.86 89.30
CA THR A 1089 15.23 9.23 88.67
C THR A 1089 14.85 8.19 87.62
N GLN A 1090 13.56 8.00 87.34
CA GLN A 1090 13.10 7.37 86.11
C GLN A 1090 13.55 8.20 84.89
N ARG A 1091 13.76 7.57 83.73
CA ARG A 1091 14.48 8.18 82.60
C ARG A 1091 13.65 9.20 81.82
N ASN A 1092 12.36 8.96 81.66
CA ASN A 1092 11.47 9.71 80.77
C ASN A 1092 10.73 10.86 81.47
N PHE A 1093 10.92 11.04 82.77
CA PHE A 1093 10.25 12.06 83.57
C PHE A 1093 11.04 12.32 84.84
N TYR A 1094 11.44 13.56 85.11
CA TYR A 1094 12.26 13.87 86.27
C TYR A 1094 11.47 13.78 87.57
N GLU A 1095 11.84 12.81 88.38
CA GLU A 1095 11.28 12.51 89.68
C GLU A 1095 12.41 11.99 90.59
N PRO A 1096 13.25 12.90 91.13
CA PRO A 1096 14.46 12.54 91.84
C PRO A 1096 14.15 11.91 93.20
N GLN A 1097 14.78 10.77 93.48
CA GLN A 1097 14.66 10.02 94.71
C GLN A 1097 16.02 9.81 95.37
N ILE A 1098 16.02 9.71 96.69
CA ILE A 1098 17.20 9.34 97.48
C ILE A 1098 17.71 7.97 97.01
N ILE A 1099 19.01 7.86 96.79
CA ILE A 1099 19.64 6.62 96.36
C ILE A 1099 19.72 5.65 97.55
N THR A 1100 19.10 4.49 97.47
CA THR A 1100 19.06 3.51 98.55
C THR A 1100 19.38 2.11 98.07
N THR A 1101 19.63 1.18 98.99
CA THR A 1101 19.80 -0.24 98.67
C THR A 1101 18.56 -0.88 98.00
N ASP A 1102 17.40 -0.22 97.99
CA ASP A 1102 16.19 -0.73 97.34
C ASP A 1102 16.07 -0.33 95.86
N ASN A 1103 16.43 0.89 95.49
CA ASN A 1103 16.37 1.42 94.12
C ASN A 1103 17.69 1.25 93.35
N THR A 1104 18.64 0.54 93.92
CA THR A 1104 19.91 0.17 93.31
C THR A 1104 20.21 -1.32 93.49
N PHE A 1105 21.12 -1.85 92.68
CA PHE A 1105 21.72 -3.16 92.86
C PHE A 1105 23.25 -3.05 92.86
N VAL A 1106 23.94 -3.96 93.54
CA VAL A 1106 25.41 -4.03 93.56
C VAL A 1106 25.95 -4.99 92.51
N SER A 1107 27.09 -4.66 91.91
CA SER A 1107 27.92 -5.65 91.21
C SER A 1107 29.40 -5.29 91.26
N GLY A 1108 30.16 -6.04 92.04
CA GLY A 1108 31.61 -5.94 92.09
C GLY A 1108 32.15 -4.71 92.83
N ASN A 1109 33.47 -4.62 92.90
CA ASN A 1109 34.17 -3.54 93.56
C ASN A 1109 34.26 -2.31 92.64
N CYS A 1110 34.38 -1.13 93.22
CA CYS A 1110 34.18 0.13 92.51
C CYS A 1110 35.38 0.68 91.72
N ASP A 1111 36.27 -0.18 91.20
CA ASP A 1111 37.41 0.24 90.36
C ASP A 1111 37.45 -0.33 88.92
N VAL A 1112 36.47 -1.14 88.52
CA VAL A 1112 36.29 -1.56 87.11
C VAL A 1112 35.53 -0.55 86.25
N VAL A 1113 34.49 0.10 86.78
CA VAL A 1113 33.58 0.98 86.00
C VAL A 1113 34.24 2.32 85.66
N ILE A 1114 34.29 2.68 84.37
CA ILE A 1114 34.81 3.97 83.90
C ILE A 1114 33.78 5.08 84.21
N GLY A 1115 34.18 6.10 84.95
CA GLY A 1115 33.32 7.26 85.24
C GLY A 1115 32.43 7.14 86.48
N ILE A 1116 32.66 6.13 87.32
CA ILE A 1116 31.99 5.97 88.64
C ILE A 1116 32.27 7.15 89.58
N VAL A 1117 31.34 7.48 90.46
CA VAL A 1117 31.47 8.60 91.41
C VAL A 1117 31.23 8.18 92.85
N ASN A 1118 31.97 8.77 93.79
CA ASN A 1118 31.75 8.53 95.21
C ASN A 1118 30.47 9.23 95.69
N ASN A 1119 29.59 8.51 96.37
CA ASN A 1119 28.49 9.07 97.14
C ASN A 1119 28.02 8.04 98.18
N THR A 1120 27.26 8.47 99.19
CA THR A 1120 26.52 7.55 100.05
C THR A 1120 25.44 6.81 99.24
N VAL A 1121 25.16 5.56 99.62
CA VAL A 1121 23.90 4.88 99.31
C VAL A 1121 23.21 4.64 100.64
N TYR A 1122 22.00 5.16 100.80
CA TYR A 1122 21.24 5.03 102.04
C TYR A 1122 20.77 3.59 102.27
N ASP A 1123 20.83 3.12 103.50
CA ASP A 1123 20.25 1.84 103.93
C ASP A 1123 19.02 2.10 104.81
N PRO A 1124 17.81 1.63 104.43
CA PRO A 1124 16.58 1.86 105.20
C PRO A 1124 16.39 0.88 106.37
N LEU A 1125 17.06 -0.28 106.36
CA LEU A 1125 16.98 -1.28 107.43
C LEU A 1125 17.91 -0.91 108.59
N GLN A 1126 19.11 -0.39 108.29
CA GLN A 1126 20.09 0.03 109.30
C GLN A 1126 19.50 0.95 110.40
N PRO A 1127 18.82 2.08 110.10
CA PRO A 1127 18.28 2.97 111.13
C PRO A 1127 17.07 2.40 111.89
N GLU A 1128 16.47 1.30 111.44
CA GLU A 1128 15.45 0.59 112.24
C GLU A 1128 16.12 -0.28 113.32
N LEU A 1129 17.20 -0.98 112.99
CA LEU A 1129 17.90 -1.88 113.91
C LEU A 1129 18.95 -1.16 114.78
N ASP A 1130 19.52 -0.04 114.33
CA ASP A 1130 20.47 0.78 115.09
C ASP A 1130 19.81 1.48 116.28
N CYS B 1 48.94 -18.63 -25.47
CA CYS B 1 48.55 -19.42 -24.28
C CYS B 1 49.65 -20.42 -23.89
N VAL B 2 49.77 -20.73 -22.59
CA VAL B 2 50.63 -21.82 -22.08
C VAL B 2 49.93 -23.18 -22.29
N ASN B 3 50.70 -24.23 -22.57
CA ASN B 3 50.21 -25.62 -22.70
C ASN B 3 51.11 -26.57 -21.88
N LEU B 4 50.75 -26.80 -20.62
CA LEU B 4 51.44 -27.73 -19.73
C LEU B 4 51.00 -29.18 -20.00
N ARG B 5 51.89 -29.99 -20.58
CA ARG B 5 51.61 -31.38 -20.98
C ARG B 5 51.72 -32.41 -19.84
N THR B 6 52.33 -32.06 -18.71
CA THR B 6 52.83 -33.02 -17.70
C THR B 6 52.37 -32.74 -16.26
N ARG B 7 51.29 -31.99 -16.06
CA ARG B 7 50.71 -31.65 -14.74
C ARG B 7 50.30 -32.90 -13.95
N THR B 8 50.70 -32.94 -12.67
CA THR B 8 50.23 -33.92 -11.68
C THR B 8 49.32 -33.22 -10.65
N GLN B 9 48.10 -33.70 -10.47
CA GLN B 9 47.15 -33.17 -9.48
C GLN B 9 47.17 -34.03 -8.23
N LEU B 10 47.44 -33.42 -7.07
CA LEU B 10 47.30 -34.08 -5.77
C LEU B 10 45.86 -33.95 -5.20
N PRO B 11 45.41 -34.89 -4.35
CA PRO B 11 44.14 -34.76 -3.63
C PRO B 11 44.11 -33.52 -2.72
N PRO B 12 42.93 -33.00 -2.37
CA PRO B 12 42.78 -31.81 -1.54
C PRO B 12 43.28 -32.05 -0.11
N ALA B 13 44.38 -31.40 0.29
CA ALA B 13 44.79 -31.33 1.68
C ALA B 13 43.90 -30.34 2.47
N TYR B 14 43.91 -30.44 3.80
CA TYR B 14 43.15 -29.57 4.68
C TYR B 14 44.01 -29.01 5.81
N THR B 15 43.71 -27.80 6.26
CA THR B 15 44.25 -27.25 7.51
C THR B 15 43.18 -26.47 8.28
N ASN B 16 43.41 -26.22 9.56
CA ASN B 16 42.45 -25.56 10.44
C ASN B 16 42.45 -24.03 10.24
N SER B 17 41.28 -23.41 10.10
CA SER B 17 41.13 -21.96 9.94
C SER B 17 41.46 -21.13 11.19
N PHE B 18 41.58 -21.76 12.36
CA PHE B 18 41.67 -21.12 13.67
C PHE B 18 40.60 -20.03 13.82
N THR B 19 40.98 -18.77 13.99
CA THR B 19 40.04 -17.64 14.14
C THR B 19 40.13 -16.64 12.98
N ARG B 20 40.49 -17.11 11.77
CA ARG B 20 40.62 -16.28 10.55
C ARG B 20 39.35 -16.15 9.71
N GLY B 21 39.38 -15.21 8.77
CA GLY B 21 38.30 -14.93 7.81
C GLY B 21 37.21 -13.97 8.32
N VAL B 22 37.45 -13.29 9.44
CA VAL B 22 36.65 -12.14 9.89
C VAL B 22 37.09 -10.87 9.15
N TYR B 23 36.14 -10.00 8.85
CA TYR B 23 36.32 -8.74 8.14
C TYR B 23 35.34 -7.69 8.70
N TYR B 24 35.63 -6.40 8.51
CA TYR B 24 34.69 -5.34 8.93
C TYR B 24 33.37 -5.47 8.15
N PRO B 25 32.22 -5.76 8.79
CA PRO B 25 31.00 -6.14 8.08
C PRO B 25 30.32 -4.98 7.34
N ASP B 26 30.60 -3.75 7.73
CA ASP B 26 29.97 -2.52 7.25
C ASP B 26 30.90 -1.31 7.43
N LYS B 27 30.60 -0.19 6.75
CA LYS B 27 31.42 1.04 6.73
C LYS B 27 31.22 1.91 7.98
N VAL B 28 30.96 1.30 9.13
CA VAL B 28 30.52 1.96 10.37
C VAL B 28 31.59 1.89 11.45
N PHE B 29 31.98 3.04 11.98
CA PHE B 29 32.80 3.17 13.18
C PHE B 29 32.01 2.81 14.44
N ARG B 30 32.62 1.99 15.30
CA ARG B 30 32.12 1.65 16.63
C ARG B 30 33.32 1.65 17.57
N SER B 31 33.19 2.10 18.81
CA SER B 31 34.33 2.29 19.72
C SER B 31 34.07 1.75 21.11
N SER B 32 35.03 1.02 21.68
CA SER B 32 34.96 0.40 23.01
C SER B 32 33.68 -0.40 23.24
N VAL B 33 33.22 -1.17 22.26
CA VAL B 33 31.88 -1.79 22.27
C VAL B 33 31.88 -3.16 21.59
N LEU B 34 30.96 -4.01 22.01
CA LEU B 34 30.75 -5.35 21.49
C LEU B 34 29.50 -5.34 20.62
N HIS B 35 29.62 -5.77 19.37
CA HIS B 35 28.55 -5.69 18.38
C HIS B 35 28.27 -7.07 17.78
N SER B 36 27.00 -7.47 17.73
CA SER B 36 26.57 -8.74 17.17
C SER B 36 26.08 -8.55 15.74
N THR B 37 26.57 -9.37 14.81
CA THR B 37 26.34 -9.23 13.37
C THR B 37 26.05 -10.59 12.70
N GLN B 38 25.13 -10.59 11.73
CA GLN B 38 24.82 -11.76 10.92
C GLN B 38 25.24 -11.52 9.47
N ASP B 39 26.14 -12.36 8.95
CA ASP B 39 26.67 -12.24 7.59
C ASP B 39 27.36 -13.54 7.15
N LEU B 40 27.82 -13.60 5.91
CA LEU B 40 28.66 -14.68 5.40
C LEU B 40 30.07 -14.58 6.00
N PHE B 41 30.45 -15.52 6.86
CA PHE B 41 31.78 -15.60 7.47
C PHE B 41 32.38 -17.00 7.34
N LEU B 42 33.71 -17.11 7.38
CA LEU B 42 34.39 -18.39 7.53
C LEU B 42 34.22 -18.89 8.98
N PRO B 43 33.59 -20.05 9.24
CA PRO B 43 33.40 -20.52 10.62
C PRO B 43 34.73 -20.77 11.33
N PHE B 44 34.82 -20.39 12.61
CA PHE B 44 36.01 -20.65 13.40
C PHE B 44 36.32 -22.16 13.46
N PHE B 45 37.61 -22.48 13.42
CA PHE B 45 38.16 -23.83 13.43
C PHE B 45 37.65 -24.76 12.31
N SER B 46 37.00 -24.24 11.27
CA SER B 46 36.62 -25.02 10.08
C SER B 46 37.86 -25.47 9.28
N ASN B 47 37.74 -26.58 8.54
CA ASN B 47 38.76 -27.03 7.61
C ASN B 47 38.77 -26.15 6.35
N VAL B 48 39.93 -25.60 5.99
CA VAL B 48 40.17 -24.91 4.70
C VAL B 48 41.01 -25.80 3.80
N THR B 49 40.62 -25.90 2.53
CA THR B 49 41.33 -26.70 1.53
C THR B 49 42.65 -26.04 1.18
N TRP B 50 43.74 -26.80 1.21
CA TRP B 50 45.11 -26.33 1.00
C TRP B 50 45.65 -26.81 -0.36
N PHE B 51 46.19 -25.89 -1.14
CA PHE B 51 46.75 -26.08 -2.47
C PHE B 51 48.21 -25.59 -2.54
N HIS B 52 49.04 -26.16 -3.42
CA HIS B 52 50.45 -25.79 -3.53
C HIS B 52 50.95 -25.63 -4.98
N ALA B 53 51.90 -24.72 -5.15
CA ALA B 53 52.73 -24.57 -6.34
C ALA B 53 54.20 -24.72 -5.93
N ILE B 54 54.89 -25.74 -6.46
CA ILE B 54 56.29 -26.05 -6.11
C ILE B 54 57.08 -26.63 -7.29
N HIS B 55 58.40 -26.38 -7.29
CA HIS B 55 59.37 -27.09 -8.12
C HIS B 55 60.34 -27.86 -7.21
N VAL B 56 60.46 -29.17 -7.44
CA VAL B 56 61.43 -30.03 -6.73
C VAL B 56 62.52 -30.44 -7.72
N SER B 57 63.75 -30.02 -7.46
CA SER B 57 64.92 -30.36 -8.28
C SER B 57 65.45 -31.77 -7.96
N GLY B 58 66.01 -32.44 -8.97
CA GLY B 58 66.52 -33.81 -8.87
C GLY B 58 66.77 -34.46 -10.23
N THR B 59 67.15 -35.74 -10.22
CA THR B 59 67.35 -36.56 -11.44
C THR B 59 66.05 -36.90 -12.18
N ASN B 60 64.90 -36.87 -11.49
CA ASN B 60 63.56 -36.71 -12.06
C ASN B 60 62.92 -35.48 -11.39
N GLY B 61 63.21 -34.29 -11.90
CA GLY B 61 62.66 -33.02 -11.40
C GLY B 61 61.14 -32.97 -11.55
N THR B 62 60.44 -32.65 -10.46
CA THR B 62 58.97 -32.68 -10.41
C THR B 62 58.42 -31.25 -10.30
N LYS B 63 57.52 -30.91 -11.21
CA LYS B 63 56.86 -29.59 -11.29
C LYS B 63 55.40 -29.76 -10.92
N ARG B 64 54.94 -29.04 -9.88
CA ARG B 64 53.56 -29.13 -9.36
C ARG B 64 52.89 -27.77 -9.37
N PHE B 65 51.70 -27.70 -9.97
CA PHE B 65 50.89 -26.48 -10.07
C PHE B 65 49.43 -26.84 -9.80
N ASP B 66 48.97 -26.64 -8.56
CA ASP B 66 47.55 -26.74 -8.24
C ASP B 66 46.85 -25.42 -8.62
N ASN B 67 46.08 -25.42 -9.72
CA ASN B 67 45.21 -24.31 -10.12
C ASN B 67 43.82 -24.77 -10.63
N PRO B 68 43.10 -25.65 -9.91
CA PRO B 68 41.77 -26.13 -10.34
C PRO B 68 40.71 -25.02 -10.40
N VAL B 69 39.68 -25.21 -11.23
CA VAL B 69 38.40 -24.47 -11.10
C VAL B 69 37.66 -24.96 -9.85
N LEU B 70 37.15 -24.04 -9.04
CA LEU B 70 36.48 -24.30 -7.76
C LEU B 70 35.11 -23.62 -7.74
N PRO B 71 34.10 -24.19 -7.04
CA PRO B 71 32.82 -23.52 -6.85
C PRO B 71 32.99 -22.26 -5.99
N PHE B 72 32.21 -21.23 -6.28
CA PHE B 72 32.19 -19.99 -5.49
C PHE B 72 31.18 -20.01 -4.34
N ASN B 73 30.10 -20.80 -4.47
CA ASN B 73 28.94 -20.79 -3.56
C ASN B 73 28.42 -19.34 -3.35
N ASP B 74 28.22 -18.90 -2.10
CA ASP B 74 27.86 -17.52 -1.79
C ASP B 74 29.08 -16.61 -1.50
N GLY B 75 30.28 -17.17 -1.38
CA GLY B 75 31.50 -16.42 -1.18
C GLY B 75 32.68 -17.26 -0.70
N VAL B 76 33.88 -16.70 -0.79
CA VAL B 76 35.14 -17.42 -0.56
C VAL B 76 36.09 -16.60 0.30
N TYR B 77 36.61 -17.20 1.36
CA TYR B 77 37.86 -16.81 1.98
C TYR B 77 39.01 -17.41 1.19
N PHE B 78 40.01 -16.60 0.87
CA PHE B 78 41.23 -17.01 0.22
C PHE B 78 42.43 -16.50 1.02
N ALA B 79 43.46 -17.31 1.20
CA ALA B 79 44.75 -16.86 1.72
C ALA B 79 45.91 -17.48 0.96
N SER B 80 47.06 -16.82 0.96
CA SER B 80 48.30 -17.36 0.42
C SER B 80 49.46 -17.09 1.36
N THR B 81 50.30 -18.10 1.53
CA THR B 81 51.60 -18.01 2.19
C THR B 81 52.65 -18.21 1.14
N GLU B 82 53.56 -17.25 1.01
CA GLU B 82 54.44 -17.12 -0.15
C GLU B 82 55.84 -16.59 0.24
N LYS B 83 56.85 -16.96 -0.56
CA LYS B 83 58.25 -16.45 -0.47
C LYS B 83 58.55 -15.35 -1.50
N SER B 84 57.80 -15.40 -2.60
CA SER B 84 57.90 -14.56 -3.81
C SER B 84 56.47 -14.29 -4.30
N ASN B 85 56.22 -13.29 -5.15
CA ASN B 85 54.86 -13.03 -5.65
C ASN B 85 54.46 -14.02 -6.76
N ILE B 86 53.94 -15.20 -6.38
CA ILE B 86 53.62 -16.30 -7.31
C ILE B 86 52.12 -16.37 -7.62
N ILE B 87 51.26 -16.11 -6.65
CA ILE B 87 49.82 -15.92 -6.90
C ILE B 87 49.59 -14.49 -7.39
N ARG B 88 48.98 -14.35 -8.57
CA ARG B 88 48.90 -13.05 -9.27
C ARG B 88 47.46 -12.55 -9.45
N GLY B 89 46.47 -13.42 -9.41
CA GLY B 89 45.10 -13.00 -9.73
C GLY B 89 44.10 -14.14 -9.71
N TRP B 90 42.89 -13.84 -10.18
CA TRP B 90 41.76 -14.75 -10.13
C TRP B 90 40.83 -14.53 -11.32
N ILE B 91 40.15 -15.59 -11.72
CA ILE B 91 39.03 -15.58 -12.67
C ILE B 91 37.78 -15.95 -11.90
N PHE B 92 36.64 -15.32 -12.20
CA PHE B 92 35.33 -15.68 -11.65
C PHE B 92 34.26 -15.61 -12.73
N GLY B 93 33.27 -16.49 -12.66
CA GLY B 93 32.13 -16.45 -13.58
C GLY B 93 31.20 -17.64 -13.37
N THR B 94 30.52 -18.08 -14.43
CA THR B 94 29.76 -19.34 -14.44
C THR B 94 30.29 -20.35 -15.47
N THR B 95 30.28 -20.03 -16.77
CA THR B 95 30.78 -20.96 -17.81
C THR B 95 32.30 -20.90 -18.01
N LEU B 96 32.93 -19.79 -17.60
CA LEU B 96 34.35 -19.48 -17.84
C LEU B 96 34.73 -19.63 -19.32
N ASP B 97 33.82 -19.21 -20.22
CA ASP B 97 34.00 -19.21 -21.66
C ASP B 97 33.35 -17.98 -22.30
N SER B 98 33.57 -17.78 -23.60
CA SER B 98 33.08 -16.63 -24.36
C SER B 98 31.55 -16.54 -24.47
N LYS B 99 30.76 -17.49 -23.96
CA LYS B 99 29.28 -17.43 -24.00
C LYS B 99 28.67 -16.61 -22.85
N THR B 100 29.42 -16.31 -21.79
CA THR B 100 28.95 -15.51 -20.64
C THR B 100 30.01 -14.53 -20.13
N GLN B 101 29.61 -13.43 -19.48
CA GLN B 101 30.59 -12.52 -18.89
C GLN B 101 31.27 -13.14 -17.65
N SER B 102 32.60 -13.09 -17.64
CA SER B 102 33.44 -13.48 -16.51
C SER B 102 34.24 -12.28 -16.03
N LEU B 103 34.41 -12.20 -14.72
CA LEU B 103 35.31 -11.27 -14.07
C LEU B 103 36.73 -11.82 -14.11
N LEU B 104 37.68 -10.95 -14.47
CA LEU B 104 39.10 -11.18 -14.38
C LEU B 104 39.70 -10.14 -13.42
N ILE B 105 40.44 -10.61 -12.42
CA ILE B 105 41.22 -9.77 -11.53
C ILE B 105 42.67 -10.19 -11.65
N VAL B 106 43.57 -9.26 -11.98
CA VAL B 106 44.98 -9.60 -12.18
C VAL B 106 45.91 -8.49 -11.72
N ASN B 107 46.77 -8.80 -10.75
CA ASN B 107 47.99 -8.03 -10.51
C ASN B 107 48.94 -8.34 -11.66
N ASN B 108 49.01 -7.45 -12.65
CA ASN B 108 50.26 -7.33 -13.38
C ASN B 108 51.21 -6.53 -12.46
N ALA B 109 52.52 -6.73 -12.61
CA ALA B 109 53.51 -6.25 -11.67
C ALA B 109 53.65 -4.71 -11.58
N THR B 110 52.85 -3.94 -12.33
CA THR B 110 52.69 -2.49 -12.21
C THR B 110 51.32 -2.05 -11.70
N ASN B 111 50.24 -2.80 -12.00
CA ASN B 111 48.87 -2.43 -11.65
C ASN B 111 47.98 -3.66 -11.40
N VAL B 112 47.00 -3.51 -10.51
CA VAL B 112 45.85 -4.41 -10.44
C VAL B 112 44.85 -4.00 -11.50
N VAL B 113 44.62 -4.88 -12.46
CA VAL B 113 43.67 -4.71 -13.56
C VAL B 113 42.44 -5.56 -13.26
N ILE B 114 41.26 -4.99 -13.48
CA ILE B 114 40.00 -5.68 -13.26
C ILE B 114 39.11 -5.46 -14.48
N LYS B 115 38.49 -6.51 -15.00
CA LYS B 115 37.69 -6.47 -16.22
C LYS B 115 36.52 -7.44 -16.12
N VAL B 116 35.39 -7.10 -16.73
CA VAL B 116 34.22 -8.00 -16.83
C VAL B 116 33.78 -8.11 -18.29
N CYS B 117 34.11 -9.23 -18.91
CA CYS B 117 34.04 -9.43 -20.36
C CYS B 117 33.63 -10.87 -20.69
N GLU B 118 33.17 -11.12 -21.92
CA GLU B 118 33.04 -12.45 -22.51
C GLU B 118 34.42 -13.02 -22.93
N PHE B 119 35.30 -13.23 -21.95
CA PHE B 119 36.66 -13.76 -22.16
C PHE B 119 36.69 -15.15 -22.81
N GLN B 120 37.60 -15.32 -23.76
CA GLN B 120 38.08 -16.61 -24.23
C GLN B 120 39.38 -16.96 -23.50
N PHE B 121 39.26 -17.52 -22.29
CA PHE B 121 40.43 -17.90 -21.48
C PHE B 121 41.24 -19.03 -22.13
N CYS B 122 42.53 -19.12 -21.79
CA CYS B 122 43.37 -20.25 -22.18
C CYS B 122 42.89 -21.57 -21.55
N ASN B 123 43.21 -22.71 -22.16
CA ASN B 123 42.79 -24.04 -21.68
C ASN B 123 43.36 -24.39 -20.29
N ASP B 124 44.54 -23.84 -19.97
CA ASP B 124 45.07 -23.71 -18.61
C ASP B 124 45.50 -22.24 -18.40
N PRO B 125 44.73 -21.40 -17.69
CA PRO B 125 45.07 -19.99 -17.51
C PRO B 125 46.19 -19.80 -16.47
N PHE B 126 47.26 -19.13 -16.90
CA PHE B 126 48.44 -18.81 -16.10
C PHE B 126 48.97 -17.44 -16.52
N LEU B 127 49.71 -16.76 -15.65
CA LEU B 127 50.59 -15.67 -16.09
C LEU B 127 51.95 -16.25 -16.48
N ASP B 128 52.24 -16.20 -17.77
CA ASP B 128 53.56 -16.42 -18.36
C ASP B 128 54.48 -15.25 -17.97
N VAL B 129 55.45 -15.52 -17.10
CA VAL B 129 56.47 -14.56 -16.62
C VAL B 129 57.83 -14.92 -17.24
N TYR B 130 58.56 -13.93 -17.75
CA TYR B 130 59.91 -14.15 -18.29
C TYR B 130 60.81 -12.91 -18.12
N TYR B 131 62.12 -13.15 -18.08
CA TYR B 131 63.14 -12.10 -18.00
C TYR B 131 63.65 -11.77 -19.41
N HIS B 132 63.45 -10.52 -19.84
CA HIS B 132 63.92 -10.01 -21.12
C HIS B 132 65.37 -9.52 -20.97
N LYS B 133 66.34 -10.32 -21.43
CA LYS B 133 67.78 -10.11 -21.18
C LYS B 133 68.32 -8.80 -21.76
N ASN B 134 67.80 -8.36 -22.91
CA ASN B 134 68.25 -7.13 -23.58
C ASN B 134 67.70 -5.85 -22.91
N ASN B 135 66.46 -5.87 -22.41
CA ASN B 135 65.89 -4.76 -21.63
C ASN B 135 66.25 -4.83 -20.13
N LYS B 136 66.74 -5.98 -19.64
CA LYS B 136 67.05 -6.29 -18.24
C LYS B 136 65.82 -6.08 -17.33
N SER B 137 64.68 -6.63 -17.74
CA SER B 137 63.38 -6.45 -17.08
C SER B 137 62.50 -7.70 -17.16
N TRP B 138 61.58 -7.88 -16.20
CA TRP B 138 60.56 -8.92 -16.26
C TRP B 138 59.35 -8.48 -17.10
N MET B 139 58.69 -9.45 -17.73
CA MET B 139 57.48 -9.26 -18.54
C MET B 139 56.40 -10.32 -18.21
N GLU B 140 55.12 -10.00 -18.46
CA GLU B 140 53.96 -10.82 -18.10
C GLU B 140 52.95 -10.99 -19.25
N SER B 141 52.33 -12.18 -19.41
CA SER B 141 51.49 -12.54 -20.57
C SER B 141 50.53 -13.73 -20.30
N GLY B 142 49.53 -13.95 -21.17
CA GLY B 142 48.98 -15.30 -21.42
C GLY B 142 47.75 -15.85 -20.67
N VAL B 143 46.89 -15.02 -20.06
CA VAL B 143 45.68 -15.52 -19.35
C VAL B 143 44.51 -15.86 -20.29
N TYR B 144 44.32 -15.11 -21.39
CA TYR B 144 43.22 -15.26 -22.34
C TYR B 144 43.68 -14.98 -23.78
N SER B 145 43.01 -15.59 -24.76
CA SER B 145 43.29 -15.40 -26.19
C SER B 145 42.45 -14.26 -26.80
N SER B 146 41.24 -14.00 -26.32
CA SER B 146 40.43 -12.85 -26.72
C SER B 146 39.48 -12.37 -25.61
N ALA B 147 39.04 -11.12 -25.70
CA ALA B 147 38.04 -10.51 -24.81
C ALA B 147 37.03 -9.67 -25.63
N ASN B 148 35.75 -9.79 -25.31
CA ASN B 148 34.64 -9.15 -26.05
C ASN B 148 33.54 -8.67 -25.10
N ASN B 149 32.69 -7.74 -25.55
CA ASN B 149 31.51 -7.25 -24.82
C ASN B 149 31.81 -6.85 -23.35
N CYS B 150 32.90 -6.12 -23.13
CA CYS B 150 33.32 -5.72 -21.80
C CYS B 150 32.44 -4.60 -21.23
N THR B 151 31.77 -4.85 -20.10
CA THR B 151 30.80 -3.90 -19.50
C THR B 151 31.28 -3.29 -18.17
N PHE B 152 32.43 -3.70 -17.66
CA PHE B 152 33.15 -2.99 -16.60
C PHE B 152 34.65 -3.16 -16.78
N GLU B 153 35.43 -2.15 -16.38
CA GLU B 153 36.88 -2.18 -16.31
C GLU B 153 37.37 -1.22 -15.23
N TYR B 154 38.49 -1.56 -14.59
CA TYR B 154 39.23 -0.72 -13.63
C TYR B 154 40.73 -1.04 -13.72
N VAL B 155 41.57 -0.03 -13.46
CA VAL B 155 43.01 -0.21 -13.26
C VAL B 155 43.44 0.58 -12.02
N SER B 156 44.21 -0.04 -11.12
CA SER B 156 44.71 0.62 -9.90
C SER B 156 45.72 1.73 -10.20
N GLN B 157 46.00 2.58 -9.21
CA GLN B 157 47.22 3.39 -9.20
C GLN B 157 48.46 2.47 -9.31
N PRO B 158 49.57 2.94 -9.92
CA PRO B 158 50.74 2.12 -10.16
C PRO B 158 51.51 1.78 -8.87
N PHE B 159 52.28 0.71 -8.93
CA PHE B 159 53.20 0.22 -7.90
C PHE B 159 54.35 -0.55 -8.57
N LEU B 160 55.39 -0.92 -7.81
CA LEU B 160 56.47 -1.81 -8.26
C LEU B 160 56.44 -3.12 -7.46
N MET B 161 56.68 -4.25 -8.13
CA MET B 161 56.64 -5.59 -7.52
C MET B 161 57.83 -6.47 -7.95
N ASP B 162 58.44 -7.17 -6.99
CA ASP B 162 59.54 -8.11 -7.21
C ASP B 162 59.01 -9.49 -7.66
N LEU B 163 59.54 -10.02 -8.77
CA LEU B 163 59.17 -11.30 -9.36
C LEU B 163 60.30 -12.35 -9.35
N GLU B 164 61.45 -12.06 -8.73
CA GLU B 164 62.55 -13.01 -8.53
C GLU B 164 62.16 -14.13 -7.54
N GLY B 165 62.59 -15.37 -7.78
CA GLY B 165 62.28 -16.51 -6.89
C GLY B 165 63.21 -16.60 -5.67
N LYS B 166 62.64 -16.58 -4.47
CA LYS B 166 63.36 -16.51 -3.18
C LYS B 166 63.28 -17.82 -2.39
N GLN B 167 64.41 -18.24 -1.83
CA GLN B 167 64.53 -19.41 -0.95
C GLN B 167 64.21 -19.07 0.53
N GLY B 168 64.12 -20.08 1.39
CA GLY B 168 63.86 -19.95 2.84
C GLY B 168 62.43 -20.32 3.25
N ASN B 169 61.96 -19.79 4.38
CA ASN B 169 60.56 -19.93 4.86
C ASN B 169 59.60 -18.99 4.10
N PHE B 170 58.29 -19.23 4.19
CA PHE B 170 57.27 -18.25 3.75
C PHE B 170 57.41 -16.96 4.57
N LYS B 171 57.52 -15.82 3.87
CA LYS B 171 57.72 -14.48 4.46
C LYS B 171 56.45 -13.62 4.42
N ASN B 172 55.56 -13.87 3.46
CA ASN B 172 54.33 -13.11 3.26
C ASN B 172 53.10 -13.99 3.48
N LEU B 173 52.15 -13.50 4.28
CA LEU B 173 50.75 -13.94 4.30
C LEU B 173 49.91 -12.87 3.63
N ARG B 174 49.10 -13.24 2.64
CA ARG B 174 48.06 -12.39 2.05
C ARG B 174 46.71 -13.06 2.26
N GLU B 175 45.73 -12.28 2.67
CA GLU B 175 44.39 -12.77 3.01
C GLU B 175 43.34 -11.94 2.25
N PHE B 176 42.30 -12.61 1.76
CA PHE B 176 41.23 -12.02 0.99
C PHE B 176 39.89 -12.68 1.30
N VAL B 177 38.80 -11.92 1.12
CA VAL B 177 37.44 -12.42 1.07
C VAL B 177 36.76 -11.88 -0.17
N PHE B 178 36.04 -12.74 -0.88
CA PHE B 178 35.29 -12.42 -2.09
C PHE B 178 33.81 -12.76 -1.92
N LYS B 179 32.90 -11.80 -2.16
CA LYS B 179 31.43 -11.96 -2.05
C LYS B 179 30.71 -11.40 -3.28
N ASN B 180 29.56 -11.96 -3.66
CA ASN B 180 28.76 -11.48 -4.78
C ASN B 180 27.27 -11.38 -4.38
N ILE B 181 26.88 -10.22 -3.85
CA ILE B 181 25.58 -10.00 -3.19
C ILE B 181 24.90 -8.73 -3.74
N ASP B 182 23.59 -8.80 -4.01
CA ASP B 182 22.79 -7.69 -4.57
C ASP B 182 23.32 -7.16 -5.93
N GLY B 183 24.02 -7.99 -6.68
CA GLY B 183 24.72 -7.57 -7.92
C GLY B 183 26.00 -6.76 -7.69
N TYR B 184 26.49 -6.65 -6.44
CA TYR B 184 27.77 -6.04 -6.11
C TYR B 184 28.81 -7.11 -5.76
N PHE B 185 29.98 -7.04 -6.40
CA PHE B 185 31.10 -7.90 -6.09
C PHE B 185 32.03 -7.17 -5.11
N LYS B 186 32.14 -7.68 -3.89
CA LYS B 186 32.83 -7.05 -2.77
C LYS B 186 34.11 -7.82 -2.45
N ILE B 187 35.19 -7.09 -2.21
CA ILE B 187 36.51 -7.64 -1.90
C ILE B 187 37.03 -7.03 -0.60
N TYR B 188 37.54 -7.86 0.29
CA TYR B 188 38.18 -7.46 1.54
C TYR B 188 39.57 -8.08 1.59
N SER B 189 40.53 -7.44 2.24
CA SER B 189 41.91 -7.92 2.24
C SER B 189 42.71 -7.55 3.48
N LYS B 190 43.80 -8.28 3.71
CA LYS B 190 44.92 -7.85 4.58
C LYS B 190 46.24 -8.51 4.15
N HIS B 191 47.35 -7.87 4.45
CA HIS B 191 48.70 -8.44 4.37
C HIS B 191 49.31 -8.56 5.78
N THR B 192 50.00 -9.67 6.06
CA THR B 192 50.73 -9.89 7.30
C THR B 192 52.13 -10.47 7.03
N PRO B 193 53.21 -9.92 7.61
CA PRO B 193 54.53 -10.54 7.62
C PRO B 193 54.56 -11.79 8.51
N ILE B 194 55.23 -12.85 8.05
CA ILE B 194 55.31 -14.16 8.72
C ILE B 194 56.73 -14.78 8.58
N ASN B 195 56.98 -15.88 9.29
CA ASN B 195 58.19 -16.69 9.15
C ASN B 195 57.87 -18.18 9.41
N LEU B 196 57.24 -18.85 8.44
CA LEU B 196 56.71 -20.21 8.59
C LEU B 196 57.16 -21.16 7.47
N VAL B 197 57.38 -22.43 7.80
CA VAL B 197 57.62 -23.48 6.80
C VAL B 197 56.33 -23.82 6.03
N ARG B 198 55.20 -23.89 6.75
CA ARG B 198 53.87 -24.28 6.24
C ARG B 198 52.74 -23.82 7.18
N ASP B 199 51.50 -23.95 6.71
CA ASP B 199 50.25 -23.68 7.44
C ASP B 199 49.95 -22.19 7.72
N LEU B 200 48.68 -21.92 8.06
CA LEU B 200 48.22 -20.61 8.52
C LEU B 200 48.65 -20.34 9.99
N PRO B 201 49.03 -19.09 10.36
CA PRO B 201 49.47 -18.78 11.72
C PRO B 201 48.28 -18.72 12.69
N GLN B 202 48.41 -19.25 13.91
CA GLN B 202 47.40 -19.08 14.95
C GLN B 202 47.32 -17.62 15.39
N GLY B 203 46.12 -17.05 15.30
CA GLY B 203 45.84 -15.67 15.73
C GLY B 203 44.64 -15.05 15.02
N PHE B 204 44.14 -13.97 15.58
CA PHE B 204 43.00 -13.22 15.08
C PHE B 204 43.46 -12.03 14.23
N SER B 205 42.82 -11.80 13.08
CA SER B 205 43.11 -10.70 12.17
C SER B 205 41.87 -10.34 11.35
N ALA B 206 41.40 -9.09 11.44
CA ALA B 206 40.24 -8.62 10.70
C ALA B 206 40.65 -7.99 9.37
N LEU B 207 40.16 -8.54 8.25
CA LEU B 207 40.40 -8.02 6.90
C LEU B 207 39.61 -6.72 6.68
N GLU B 208 40.24 -5.72 6.09
CA GLU B 208 39.62 -4.43 5.76
C GLU B 208 38.94 -4.44 4.39
N PRO B 209 37.92 -3.60 4.10
CA PRO B 209 37.36 -3.50 2.75
C PRO B 209 38.40 -2.99 1.75
N LEU B 210 38.49 -3.64 0.59
CA LEU B 210 39.42 -3.28 -0.50
C LEU B 210 38.71 -2.52 -1.62
N VAL B 211 37.68 -3.12 -2.23
CA VAL B 211 36.89 -2.51 -3.30
C VAL B 211 35.52 -3.18 -3.42
N ASP B 212 34.58 -2.50 -4.09
CA ASP B 212 33.20 -2.93 -4.27
C ASP B 212 32.74 -2.51 -5.67
N LEU B 213 32.46 -3.51 -6.53
CA LEU B 213 32.27 -3.36 -7.97
C LEU B 213 30.79 -3.65 -8.35
N PRO B 214 30.09 -2.73 -9.03
CA PRO B 214 28.64 -2.83 -9.33
C PRO B 214 28.32 -3.75 -10.53
N ILE B 215 29.04 -4.87 -10.67
CA ILE B 215 29.20 -5.58 -11.95
C ILE B 215 28.04 -6.49 -12.38
N GLY B 216 27.13 -6.87 -11.46
CA GLY B 216 25.86 -7.56 -11.76
C GLY B 216 25.92 -9.01 -12.25
N ILE B 217 27.10 -9.56 -12.56
CA ILE B 217 27.24 -10.92 -13.10
C ILE B 217 26.93 -12.02 -12.06
N ASN B 218 26.35 -13.13 -12.53
CA ASN B 218 26.07 -14.31 -11.72
C ASN B 218 27.31 -15.24 -11.64
N ILE B 219 28.14 -15.08 -10.61
CA ILE B 219 29.28 -15.98 -10.35
C ILE B 219 28.81 -17.26 -9.64
N THR B 220 29.31 -18.41 -10.10
CA THR B 220 29.14 -19.74 -9.50
C THR B 220 30.46 -20.53 -9.44
N ARG B 221 31.52 -20.09 -10.14
CA ARG B 221 32.84 -20.73 -10.16
C ARG B 221 33.97 -19.70 -10.16
N PHE B 222 35.15 -20.11 -9.71
CA PHE B 222 36.37 -19.30 -9.74
C PHE B 222 37.63 -20.13 -9.97
N GLN B 223 38.73 -19.46 -10.32
CA GLN B 223 40.04 -20.09 -10.49
C GLN B 223 41.17 -19.14 -10.12
N THR B 224 42.23 -19.66 -9.51
CA THR B 224 43.45 -18.89 -9.19
C THR B 224 44.37 -18.76 -10.41
N LEU B 225 45.03 -17.61 -10.56
CA LEU B 225 46.08 -17.35 -11.55
C LEU B 225 47.48 -17.36 -10.90
N LEU B 226 48.32 -18.28 -11.38
CA LEU B 226 49.70 -18.46 -10.92
C LEU B 226 50.69 -17.95 -11.96
N ALA B 227 51.80 -17.40 -11.49
CA ALA B 227 52.96 -17.12 -12.31
C ALA B 227 53.71 -18.42 -12.68
N LEU B 228 53.98 -18.61 -13.96
CA LEU B 228 54.94 -19.59 -14.48
C LEU B 228 56.14 -18.86 -15.08
N HIS B 229 57.33 -19.10 -14.56
CA HIS B 229 58.58 -18.57 -15.10
C HIS B 229 59.01 -19.43 -16.30
N ARG B 230 59.23 -18.84 -17.49
CA ARG B 230 59.78 -19.57 -18.67
C ARG B 230 61.19 -20.14 -18.43
N SER B 231 61.91 -19.55 -17.48
CA SER B 231 63.32 -19.80 -17.18
C SER B 231 63.56 -19.93 -15.67
N TYR B 232 64.80 -19.71 -15.22
CA TYR B 232 65.28 -19.93 -13.87
C TYR B 232 64.59 -19.05 -12.81
N LEU B 233 64.47 -19.56 -11.57
CA LEU B 233 64.08 -18.76 -10.41
C LEU B 233 65.19 -17.77 -9.99
N THR B 234 66.44 -18.10 -10.30
CA THR B 234 67.67 -17.33 -10.02
C THR B 234 68.52 -17.19 -11.30
N PRO B 235 69.07 -16.01 -11.61
CA PRO B 235 69.93 -15.84 -12.79
C PRO B 235 71.14 -16.80 -12.75
N GLY B 236 71.39 -17.49 -13.87
CA GLY B 236 72.55 -18.38 -14.04
C GLY B 236 72.33 -19.89 -13.85
N ASP B 237 71.09 -20.38 -13.70
CA ASP B 237 70.80 -21.81 -13.88
C ASP B 237 70.86 -22.22 -15.38
N SER B 238 70.50 -23.46 -15.76
CA SER B 238 70.60 -24.00 -17.14
C SER B 238 69.49 -25.00 -17.50
N SER B 239 68.55 -25.28 -16.58
CA SER B 239 67.42 -26.19 -16.78
C SER B 239 66.36 -25.64 -17.75
N SER B 240 65.73 -26.51 -18.53
CA SER B 240 64.74 -26.14 -19.56
C SER B 240 63.29 -26.01 -19.04
N GLY B 241 62.50 -25.18 -19.74
CA GLY B 241 61.05 -25.06 -19.57
C GLY B 241 60.57 -24.41 -18.26
N TRP B 242 59.26 -24.47 -18.04
CA TRP B 242 58.54 -23.75 -16.98
C TRP B 242 59.00 -24.10 -15.56
N THR B 243 58.97 -23.13 -14.65
CA THR B 243 59.10 -23.33 -13.19
C THR B 243 58.15 -22.40 -12.42
N ALA B 244 57.85 -22.72 -11.16
CA ALA B 244 57.19 -21.81 -10.20
C ALA B 244 57.96 -21.78 -8.87
N GLY B 245 58.05 -20.59 -8.26
CA GLY B 245 58.53 -20.45 -6.90
C GLY B 245 57.57 -21.06 -5.87
N ALA B 246 58.08 -21.43 -4.71
CA ALA B 246 57.27 -22.13 -3.71
C ALA B 246 56.16 -21.22 -3.12
N ALA B 247 54.91 -21.67 -3.25
CA ALA B 247 53.73 -20.99 -2.75
C ALA B 247 52.68 -22.00 -2.27
N ALA B 248 51.93 -21.61 -1.24
CA ALA B 248 50.76 -22.33 -0.76
C ALA B 248 49.57 -21.38 -0.66
N TYR B 249 48.38 -21.88 -0.98
CA TYR B 249 47.14 -21.14 -0.81
C TYR B 249 46.01 -21.99 -0.24
N TYR B 250 45.08 -21.30 0.41
CA TYR B 250 44.05 -21.89 1.26
C TYR B 250 42.70 -21.32 0.84
N VAL B 251 41.69 -22.17 0.71
CA VAL B 251 40.34 -21.81 0.29
C VAL B 251 39.33 -22.23 1.35
N GLY B 252 38.44 -21.34 1.74
CA GLY B 252 37.35 -21.64 2.67
C GLY B 252 36.04 -21.03 2.22
N TYR B 253 34.98 -21.82 2.11
CA TYR B 253 33.68 -21.28 1.78
C TYR B 253 33.08 -20.52 2.97
N LEU B 254 32.44 -19.39 2.71
CA LEU B 254 31.74 -18.61 3.74
C LEU B 254 30.38 -19.23 4.03
N GLN B 255 29.86 -19.07 5.25
CA GLN B 255 28.54 -19.54 5.67
C GLN B 255 27.76 -18.42 6.37
N PRO B 256 26.42 -18.39 6.28
CA PRO B 256 25.58 -17.52 7.10
C PRO B 256 25.78 -17.82 8.60
N ARG B 257 26.43 -16.90 9.31
CA ARG B 257 26.81 -17.05 10.72
C ARG B 257 26.47 -15.81 11.53
N THR B 258 26.25 -15.98 12.83
CA THR B 258 26.22 -14.88 13.79
C THR B 258 27.58 -14.80 14.48
N PHE B 259 28.17 -13.61 14.49
CA PHE B 259 29.40 -13.30 15.20
C PHE B 259 29.18 -12.16 16.18
N LEU B 260 29.85 -12.21 17.32
CA LEU B 260 30.02 -11.06 18.22
C LEU B 260 31.43 -10.53 18.02
N LEU B 261 31.57 -9.23 17.75
CA LEU B 261 32.81 -8.55 17.40
C LEU B 261 33.16 -7.50 18.45
N LYS B 262 34.44 -7.43 18.84
CA LYS B 262 34.94 -6.47 19.82
C LYS B 262 35.68 -5.33 19.13
N TYR B 263 35.25 -4.10 19.34
CA TYR B 263 35.89 -2.90 18.84
C TYR B 263 36.64 -2.17 19.96
N ASN B 264 37.91 -1.82 19.77
CA ASN B 264 38.67 -1.03 20.75
C ASN B 264 38.35 0.48 20.71
N GLU B 265 39.07 1.29 21.47
CA GLU B 265 38.87 2.75 21.51
C GLU B 265 39.01 3.42 20.13
N ASN B 266 39.98 2.98 19.33
CA ASN B 266 40.22 3.46 17.96
C ASN B 266 39.25 2.90 16.92
N GLY B 267 38.37 1.98 17.32
CA GLY B 267 37.40 1.32 16.44
C GLY B 267 37.98 0.24 15.54
N THR B 268 39.16 -0.29 15.88
CA THR B 268 39.70 -1.51 15.29
C THR B 268 39.01 -2.73 15.91
N ILE B 269 38.56 -3.69 15.10
CA ILE B 269 38.08 -4.98 15.62
C ILE B 269 39.27 -5.77 16.17
N THR B 270 39.29 -6.06 17.47
CA THR B 270 40.42 -6.73 18.14
C THR B 270 40.13 -8.18 18.53
N ASP B 271 38.87 -8.61 18.53
CA ASP B 271 38.49 -9.99 18.87
C ASP B 271 37.11 -10.36 18.34
N ALA B 272 36.78 -11.65 18.29
CA ALA B 272 35.48 -12.14 17.87
C ALA B 272 35.07 -13.46 18.53
N VAL B 273 33.76 -13.72 18.59
CA VAL B 273 33.17 -15.01 18.95
C VAL B 273 32.28 -15.51 17.81
N ASP B 274 32.53 -16.71 17.30
CA ASP B 274 31.61 -17.42 16.41
C ASP B 274 30.51 -18.06 17.26
N CYS B 275 29.31 -17.46 17.28
CA CYS B 275 28.28 -17.82 18.25
C CYS B 275 27.82 -19.28 18.17
N ALA B 276 27.95 -19.93 17.00
CA ALA B 276 27.52 -21.31 16.78
C ALA B 276 28.61 -22.36 17.06
N LEU B 277 29.84 -21.95 17.40
CA LEU B 277 30.98 -22.85 17.61
C LEU B 277 30.74 -23.90 18.71
N ASP B 278 30.32 -23.48 19.89
CA ASP B 278 30.15 -24.31 21.08
C ASP B 278 29.25 -23.61 22.12
N PRO B 279 28.85 -24.28 23.21
CA PRO B 279 27.93 -23.69 24.19
C PRO B 279 28.49 -22.46 24.89
N LEU B 280 29.80 -22.40 25.17
CA LEU B 280 30.43 -21.24 25.80
C LEU B 280 30.42 -20.00 24.88
N SER B 281 30.67 -20.18 23.59
CA SER B 281 30.55 -19.13 22.58
C SER B 281 29.10 -18.65 22.46
N GLU B 282 28.15 -19.58 22.45
CA GLU B 282 26.73 -19.26 22.45
C GLU B 282 26.29 -18.52 23.72
N THR B 283 26.89 -18.82 24.87
CA THR B 283 26.69 -18.09 26.12
C THR B 283 27.21 -16.66 26.02
N LYS B 284 28.45 -16.49 25.56
CA LYS B 284 29.06 -15.17 25.33
C LYS B 284 28.19 -14.28 24.44
N CYS B 285 27.65 -14.82 23.35
CA CYS B 285 26.75 -14.10 22.47
C CYS B 285 25.36 -13.84 23.08
N THR B 286 24.85 -14.78 23.88
CA THR B 286 23.59 -14.61 24.62
C THR B 286 23.67 -13.41 25.57
N LEU B 287 24.77 -13.28 26.30
CA LEU B 287 25.01 -12.19 27.25
C LEU B 287 25.60 -10.91 26.62
N LYS B 288 26.02 -10.97 25.35
CA LYS B 288 26.79 -9.94 24.62
C LYS B 288 28.00 -9.45 25.42
N SER B 289 28.79 -10.40 25.92
CA SER B 289 30.01 -10.17 26.70
C SER B 289 31.07 -11.22 26.38
N PHE B 290 32.36 -10.84 26.38
CA PHE B 290 33.46 -11.79 26.23
C PHE B 290 33.80 -12.52 27.55
N THR B 291 33.47 -11.93 28.70
CA THR B 291 33.68 -12.54 30.03
C THR B 291 32.33 -12.90 30.63
N VAL B 292 32.16 -14.18 30.98
CA VAL B 292 30.97 -14.75 31.59
C VAL B 292 31.24 -15.02 33.06
N GLU B 293 30.37 -14.59 33.96
CA GLU B 293 30.45 -14.89 35.38
C GLU B 293 29.87 -16.27 35.73
N LYS B 294 30.26 -16.83 36.87
CA LYS B 294 29.81 -18.15 37.34
C LYS B 294 28.28 -18.22 37.44
N GLY B 295 27.67 -19.25 36.87
CA GLY B 295 26.22 -19.35 36.82
C GLY B 295 25.68 -20.34 35.80
N ILE B 296 24.37 -20.37 35.68
CA ILE B 296 23.61 -21.08 34.65
C ILE B 296 22.85 -20.06 33.78
N TYR B 297 22.85 -20.23 32.47
CA TYR B 297 22.24 -19.31 31.51
C TYR B 297 21.47 -20.07 30.44
N GLN B 298 20.22 -19.74 30.17
CA GLN B 298 19.53 -20.22 28.97
C GLN B 298 20.09 -19.54 27.72
N THR B 299 20.54 -20.30 26.73
CA THR B 299 21.17 -19.76 25.51
C THR B 299 20.48 -20.15 24.22
N SER B 300 19.60 -21.16 24.26
CA SER B 300 18.88 -21.73 23.12
C SER B 300 17.66 -22.52 23.58
N ASN B 301 16.82 -22.92 22.62
CA ASN B 301 15.87 -24.01 22.78
C ASN B 301 16.29 -25.21 21.94
N PHE B 302 16.34 -26.38 22.55
CA PHE B 302 16.41 -27.67 21.88
C PHE B 302 15.02 -28.03 21.36
N ARG B 303 14.95 -28.68 20.19
CA ARG B 303 13.70 -29.16 19.59
C ARG B 303 14.01 -30.31 18.65
N VAL B 304 13.49 -31.51 18.94
CA VAL B 304 13.73 -32.73 18.15
C VAL B 304 13.21 -32.53 16.73
N GLN B 305 13.97 -33.01 15.74
CA GLN B 305 13.67 -32.85 14.32
C GLN B 305 13.11 -34.16 13.72
N PRO B 306 12.09 -34.10 12.86
CA PRO B 306 11.46 -35.29 12.30
C PRO B 306 12.41 -36.09 11.39
N THR B 307 12.45 -37.41 11.58
CA THR B 307 13.37 -38.31 10.86
C THR B 307 12.96 -38.55 9.41
N GLU B 308 11.66 -38.49 9.13
CA GLU B 308 11.05 -38.58 7.81
C GLU B 308 9.61 -38.03 7.85
N SER B 309 8.99 -37.88 6.68
CA SER B 309 7.61 -37.41 6.53
C SER B 309 6.71 -38.53 6.03
N ILE B 310 5.71 -38.93 6.82
CA ILE B 310 4.72 -39.95 6.42
C ILE B 310 3.48 -39.32 5.77
N VAL B 311 2.79 -40.11 4.94
CA VAL B 311 1.52 -39.75 4.30
C VAL B 311 0.55 -40.92 4.39
N ARG B 312 -0.71 -40.66 4.74
CA ARG B 312 -1.80 -41.65 4.70
C ARG B 312 -3.07 -41.03 4.11
N PHE B 313 -3.65 -41.76 3.16
CA PHE B 313 -4.97 -41.59 2.57
C PHE B 313 -5.62 -43.00 2.46
N PRO B 314 -6.95 -43.13 2.27
CA PRO B 314 -7.58 -44.42 2.04
C PRO B 314 -7.05 -45.08 0.75
N ASN B 315 -7.24 -46.39 0.61
CA ASN B 315 -6.80 -47.17 -0.57
C ASN B 315 -7.66 -46.97 -1.83
N ILE B 316 -8.06 -45.72 -2.08
CA ILE B 316 -8.73 -45.24 -3.30
C ILE B 316 -7.79 -45.39 -4.50
N THR B 317 -8.31 -45.86 -5.63
CA THR B 317 -7.56 -46.03 -6.89
C THR B 317 -8.22 -45.34 -8.08
N ASN B 318 -9.51 -45.03 -7.98
CA ASN B 318 -10.31 -44.35 -9.01
C ASN B 318 -9.99 -42.84 -9.08
N LEU B 319 -9.66 -42.36 -10.29
CA LEU B 319 -9.54 -40.92 -10.54
C LEU B 319 -10.92 -40.26 -10.65
N CYS B 320 -11.01 -39.01 -10.24
CA CYS B 320 -12.24 -38.23 -10.29
C CYS B 320 -12.75 -38.00 -11.73
N PRO B 321 -14.06 -37.80 -11.94
CA PRO B 321 -14.70 -37.72 -13.24
C PRO B 321 -14.49 -36.37 -13.95
N PHE B 322 -13.32 -35.75 -13.85
CA PHE B 322 -13.02 -34.52 -14.59
C PHE B 322 -13.07 -34.73 -16.11
N GLY B 323 -12.87 -35.94 -16.61
CA GLY B 323 -13.15 -36.26 -18.01
C GLY B 323 -14.61 -35.98 -18.40
N GLU B 324 -15.59 -36.30 -17.55
CA GLU B 324 -16.97 -35.88 -17.76
C GLU B 324 -17.16 -34.37 -17.58
N VAL B 325 -16.57 -33.76 -16.56
CA VAL B 325 -16.79 -32.34 -16.27
C VAL B 325 -16.33 -31.46 -17.43
N PHE B 326 -15.13 -31.71 -17.98
CA PHE B 326 -14.57 -30.89 -19.06
C PHE B 326 -14.95 -31.40 -20.45
N ASN B 327 -15.04 -32.72 -20.69
CA ASN B 327 -15.24 -33.29 -22.02
C ASN B 327 -16.63 -33.95 -22.25
N ALA B 328 -17.64 -33.70 -21.42
CA ALA B 328 -19.03 -34.04 -21.80
C ALA B 328 -19.52 -33.18 -22.97
N THR B 329 -20.26 -33.77 -23.90
CA THR B 329 -20.54 -33.14 -25.21
C THR B 329 -21.40 -31.88 -25.08
N ARG B 330 -22.50 -31.97 -24.34
CA ARG B 330 -23.39 -30.83 -24.04
C ARG B 330 -22.95 -30.11 -22.77
N PHE B 331 -23.06 -28.78 -22.79
CA PHE B 331 -22.95 -27.91 -21.61
C PHE B 331 -24.28 -27.19 -21.39
N ALA B 332 -24.59 -26.84 -20.16
CA ALA B 332 -25.80 -26.09 -19.85
C ALA B 332 -25.77 -24.67 -20.42
N SER B 333 -26.95 -24.12 -20.71
CA SER B 333 -27.14 -22.67 -20.77
C SER B 333 -26.89 -22.06 -19.39
N VAL B 334 -26.31 -20.86 -19.33
CA VAL B 334 -25.86 -20.28 -18.07
C VAL B 334 -27.00 -20.06 -17.05
N TYR B 335 -28.21 -19.70 -17.47
CA TYR B 335 -29.34 -19.56 -16.55
C TYR B 335 -29.74 -20.87 -15.84
N ALA B 336 -29.27 -22.02 -16.34
CA ALA B 336 -29.62 -23.37 -15.90
C ALA B 336 -28.37 -24.21 -15.61
N TRP B 337 -27.28 -23.55 -15.18
CA TRP B 337 -25.94 -24.11 -15.00
C TRP B 337 -25.91 -25.49 -14.35
N ASN B 338 -25.18 -26.42 -14.95
CA ASN B 338 -25.05 -27.79 -14.45
C ASN B 338 -24.26 -27.79 -13.14
N ARG B 339 -24.56 -28.71 -12.22
CA ARG B 339 -23.73 -29.00 -11.04
C ARG B 339 -23.44 -30.50 -10.94
N LYS B 340 -22.18 -30.86 -10.78
CA LYS B 340 -21.73 -32.20 -10.44
C LYS B 340 -20.95 -32.16 -9.13
N ARG B 341 -21.33 -32.96 -8.14
CA ARG B 341 -20.45 -33.24 -7.01
C ARG B 341 -19.38 -34.25 -7.42
N ILE B 342 -18.13 -33.92 -7.18
CA ILE B 342 -16.99 -34.82 -7.36
C ILE B 342 -16.61 -35.35 -5.97
N SER B 343 -16.41 -36.67 -5.85
CA SER B 343 -16.28 -37.33 -4.55
C SER B 343 -15.60 -38.71 -4.58
N ASN B 344 -15.01 -39.08 -3.44
CA ASN B 344 -14.47 -40.40 -3.10
C ASN B 344 -13.45 -40.92 -4.14
N CYS B 345 -12.53 -40.03 -4.57
CA CYS B 345 -11.71 -40.22 -5.76
C CYS B 345 -10.43 -39.36 -5.74
N VAL B 346 -9.46 -39.71 -6.59
CA VAL B 346 -8.22 -38.95 -6.80
C VAL B 346 -8.43 -37.85 -7.85
N ALA B 347 -8.37 -36.59 -7.42
CA ALA B 347 -8.39 -35.42 -8.30
C ALA B 347 -6.97 -34.97 -8.62
N ASP B 348 -6.42 -35.40 -9.76
CA ASP B 348 -5.13 -34.90 -10.23
C ASP B 348 -5.29 -33.60 -11.02
N TYR B 349 -5.34 -32.49 -10.30
CA TYR B 349 -5.44 -31.15 -10.89
C TYR B 349 -4.25 -30.79 -11.77
N SER B 350 -3.10 -31.47 -11.70
CA SER B 350 -1.99 -31.19 -12.62
C SER B 350 -2.39 -31.47 -14.07
N VAL B 351 -3.26 -32.46 -14.29
CA VAL B 351 -3.80 -32.81 -15.61
C VAL B 351 -4.62 -31.67 -16.19
N LEU B 352 -5.31 -30.89 -15.34
CA LEU B 352 -5.96 -29.67 -15.75
C LEU B 352 -4.93 -28.55 -15.96
N TYR B 353 -4.17 -28.20 -14.91
CA TYR B 353 -3.38 -26.98 -14.89
C TYR B 353 -2.25 -26.95 -15.92
N ASN B 354 -1.66 -28.11 -16.24
CA ASN B 354 -0.62 -28.23 -17.27
C ASN B 354 -1.17 -28.35 -18.70
N SER B 355 -2.49 -28.41 -18.90
CA SER B 355 -3.10 -28.44 -20.23
C SER B 355 -2.97 -27.08 -20.95
N ALA B 356 -2.65 -27.09 -22.24
CA ALA B 356 -2.63 -25.89 -23.07
C ALA B 356 -4.03 -25.33 -23.39
N SER B 357 -5.09 -26.12 -23.15
CA SER B 357 -6.46 -25.81 -23.57
C SER B 357 -7.09 -24.57 -22.95
N PHE B 358 -6.78 -24.27 -21.69
CA PHE B 358 -7.56 -23.30 -20.90
C PHE B 358 -7.07 -21.87 -21.07
N SER B 359 -7.95 -20.98 -21.50
CA SER B 359 -7.67 -19.54 -21.58
C SER B 359 -7.64 -18.89 -20.21
N THR B 360 -8.36 -19.47 -19.25
CA THR B 360 -8.55 -18.93 -17.90
C THR B 360 -8.35 -20.04 -16.89
N PHE B 361 -7.64 -19.76 -15.80
CA PHE B 361 -7.46 -20.69 -14.69
C PHE B 361 -7.15 -19.89 -13.42
N LYS B 362 -8.19 -19.40 -12.76
CA LYS B 362 -8.09 -18.48 -11.62
C LYS B 362 -8.55 -19.16 -10.34
N CYS B 363 -7.80 -19.07 -9.25
CA CYS B 363 -8.15 -19.72 -7.98
C CYS B 363 -8.13 -18.71 -6.83
N TYR B 364 -9.07 -18.82 -5.89
CA TYR B 364 -9.46 -17.69 -5.04
C TYR B 364 -9.32 -17.88 -3.52
N GLY B 365 -9.07 -19.11 -3.06
CA GLY B 365 -8.71 -19.38 -1.66
C GLY B 365 -7.52 -20.35 -1.53
N VAL B 366 -6.89 -20.70 -2.65
CA VAL B 366 -5.79 -21.63 -2.79
C VAL B 366 -4.94 -21.25 -4.00
N SER B 367 -3.70 -21.69 -4.04
CA SER B 367 -2.81 -21.49 -5.19
C SER B 367 -2.80 -22.73 -6.09
N PRO B 368 -2.94 -22.59 -7.43
CA PRO B 368 -3.22 -23.72 -8.33
C PRO B 368 -2.14 -24.81 -8.32
N THR B 369 -0.88 -24.45 -8.06
CA THR B 369 0.22 -25.40 -7.90
C THR B 369 0.03 -26.35 -6.72
N LYS B 370 -0.63 -25.91 -5.64
CA LYS B 370 -0.81 -26.68 -4.40
C LYS B 370 -2.03 -27.61 -4.42
N LEU B 371 -2.92 -27.50 -5.41
CA LEU B 371 -4.13 -28.34 -5.52
C LEU B 371 -3.89 -29.86 -5.49
N ASN B 372 -2.68 -30.30 -5.85
CA ASN B 372 -2.28 -31.72 -5.80
C ASN B 372 -1.78 -32.17 -4.42
N ASP B 373 -1.64 -31.26 -3.45
CA ASP B 373 -1.34 -31.57 -2.05
C ASP B 373 -2.60 -31.58 -1.16
N LEU B 374 -3.58 -30.73 -1.45
CA LEU B 374 -4.79 -30.56 -0.64
C LEU B 374 -5.71 -31.80 -0.64
N CYS B 375 -6.61 -31.81 0.33
CA CYS B 375 -7.79 -32.68 0.38
C CYS B 375 -9.03 -31.85 0.72
N PHE B 376 -10.16 -32.20 0.11
CA PHE B 376 -11.42 -31.48 0.15
C PHE B 376 -12.53 -32.37 0.69
N THR B 377 -13.40 -31.82 1.54
CA THR B 377 -14.55 -32.55 2.09
C THR B 377 -15.59 -32.83 1.02
N ASN B 378 -15.70 -31.96 0.02
CA ASN B 378 -16.51 -32.11 -1.18
C ASN B 378 -16.07 -31.06 -2.22
N VAL B 379 -16.38 -31.31 -3.48
CA VAL B 379 -16.06 -30.43 -4.63
C VAL B 379 -17.31 -30.35 -5.49
N TYR B 380 -17.75 -29.17 -5.88
CA TYR B 380 -18.81 -29.04 -6.89
C TYR B 380 -18.22 -28.38 -8.11
N ALA B 381 -18.28 -29.09 -9.24
CA ALA B 381 -18.03 -28.49 -10.52
C ALA B 381 -19.34 -27.96 -11.08
N ASP B 382 -19.38 -26.66 -11.30
CA ASP B 382 -20.52 -25.99 -11.92
C ASP B 382 -20.16 -25.60 -13.34
N SER B 383 -21.00 -25.87 -14.33
CA SER B 383 -20.59 -25.85 -15.73
C SER B 383 -21.64 -25.32 -16.67
N PHE B 384 -21.21 -24.49 -17.62
CA PHE B 384 -22.09 -23.75 -18.52
C PHE B 384 -21.30 -23.09 -19.65
N VAL B 385 -22.00 -22.60 -20.68
CA VAL B 385 -21.42 -21.80 -21.77
C VAL B 385 -21.86 -20.34 -21.66
N ILE B 386 -20.91 -19.42 -21.86
CA ILE B 386 -21.12 -17.97 -21.92
C ILE B 386 -20.29 -17.33 -23.05
N ARG B 387 -20.63 -16.10 -23.39
CA ARG B 387 -19.93 -15.23 -24.36
C ARG B 387 -18.58 -14.78 -23.82
N GLY B 388 -17.53 -14.74 -24.64
CA GLY B 388 -16.15 -14.55 -24.17
C GLY B 388 -15.82 -13.27 -23.38
N ASP B 389 -16.53 -12.18 -23.62
CA ASP B 389 -16.44 -10.97 -22.78
C ASP B 389 -16.80 -11.24 -21.31
N GLU B 390 -17.77 -12.12 -21.09
CA GLU B 390 -18.47 -12.29 -19.83
C GLU B 390 -17.76 -13.28 -18.89
N VAL B 391 -16.72 -13.98 -19.34
CA VAL B 391 -15.87 -14.84 -18.51
C VAL B 391 -15.27 -14.06 -17.34
N ARG B 392 -14.97 -12.78 -17.53
CA ARG B 392 -14.49 -11.90 -16.46
C ARG B 392 -15.52 -11.62 -15.36
N GLN B 393 -16.81 -11.91 -15.56
CA GLN B 393 -17.85 -11.82 -14.54
C GLN B 393 -17.94 -13.05 -13.65
N ILE B 394 -17.24 -14.15 -13.97
CA ILE B 394 -17.34 -15.38 -13.19
C ILE B 394 -16.46 -15.37 -11.93
N ALA B 395 -15.48 -14.46 -11.83
CA ALA B 395 -14.75 -14.19 -10.59
C ALA B 395 -15.67 -13.69 -9.44
N PRO B 396 -15.32 -13.91 -8.17
CA PRO B 396 -16.13 -13.48 -7.02
C PRO B 396 -16.23 -11.96 -6.89
N GLY B 397 -17.39 -11.49 -6.45
CA GLY B 397 -17.68 -10.06 -6.23
C GLY B 397 -17.93 -9.24 -7.51
N GLN B 398 -18.00 -9.88 -8.67
CA GLN B 398 -18.29 -9.25 -9.96
C GLN B 398 -19.77 -8.82 -10.13
N THR B 399 -20.02 -7.99 -11.13
CA THR B 399 -21.31 -7.36 -11.43
C THR B 399 -21.57 -7.33 -12.94
N GLY B 400 -22.82 -7.19 -13.37
CA GLY B 400 -23.26 -7.33 -14.75
C GLY B 400 -24.21 -8.52 -14.93
N LYS B 401 -24.89 -8.64 -16.06
CA LYS B 401 -26.06 -9.53 -16.18
C LYS B 401 -25.77 -11.02 -15.95
N ILE B 402 -24.56 -11.51 -16.17
CA ILE B 402 -24.23 -12.90 -15.82
C ILE B 402 -24.11 -13.05 -14.31
N ALA B 403 -23.28 -12.23 -13.67
CA ALA B 403 -23.10 -12.25 -12.23
C ALA B 403 -24.40 -11.95 -11.46
N ASP B 404 -25.16 -10.96 -11.88
CA ASP B 404 -26.35 -10.48 -11.20
C ASP B 404 -27.55 -11.42 -11.30
N TYR B 405 -27.79 -11.99 -12.48
CA TYR B 405 -29.04 -12.67 -12.79
C TYR B 405 -28.89 -14.16 -13.10
N ASN B 406 -27.69 -14.65 -13.43
CA ASN B 406 -27.51 -15.99 -13.98
C ASN B 406 -26.70 -16.91 -13.07
N TYR B 407 -25.52 -16.49 -12.65
CA TYR B 407 -24.64 -17.29 -11.79
C TYR B 407 -23.75 -16.37 -10.96
N LYS B 408 -23.82 -16.49 -9.64
CA LYS B 408 -23.06 -15.65 -8.71
C LYS B 408 -22.21 -16.46 -7.77
N LEU B 409 -20.93 -16.16 -7.70
CA LEU B 409 -20.02 -16.65 -6.66
C LEU B 409 -20.02 -15.72 -5.43
N PRO B 410 -19.89 -16.25 -4.21
CA PRO B 410 -19.79 -15.46 -3.00
C PRO B 410 -18.45 -14.71 -2.92
N ASP B 411 -18.42 -13.61 -2.17
CA ASP B 411 -17.24 -12.73 -2.09
C ASP B 411 -15.98 -13.42 -1.52
N ASP B 412 -16.16 -14.49 -0.75
CA ASP B 412 -15.13 -15.31 -0.10
C ASP B 412 -15.04 -16.72 -0.71
N PHE B 413 -15.39 -16.86 -1.99
CA PHE B 413 -15.33 -18.11 -2.74
C PHE B 413 -13.97 -18.81 -2.63
N THR B 414 -13.99 -20.10 -2.32
CA THR B 414 -12.82 -20.98 -2.41
C THR B 414 -13.08 -22.05 -3.45
N GLY B 415 -12.20 -22.11 -4.45
CA GLY B 415 -12.41 -22.85 -5.68
C GLY B 415 -11.59 -22.26 -6.81
N CYS B 416 -11.71 -22.84 -8.01
CA CYS B 416 -11.08 -22.33 -9.23
C CYS B 416 -12.12 -22.13 -10.33
N VAL B 417 -11.93 -21.11 -11.17
CA VAL B 417 -12.73 -20.82 -12.35
C VAL B 417 -11.88 -21.09 -13.57
N ILE B 418 -12.38 -21.90 -14.47
CA ILE B 418 -11.66 -22.38 -15.64
C ILE B 418 -12.54 -22.14 -16.86
N ALA B 419 -11.95 -21.71 -17.96
CA ALA B 419 -12.66 -21.42 -19.19
C ALA B 419 -11.80 -21.70 -20.41
N TRP B 420 -12.43 -22.01 -21.53
CA TRP B 420 -11.77 -22.13 -22.83
C TRP B 420 -12.72 -21.75 -23.94
N ASN B 421 -12.18 -21.25 -25.04
CA ASN B 421 -12.96 -20.94 -26.24
C ASN B 421 -13.49 -22.25 -26.84
N SER B 422 -14.79 -22.33 -27.10
CA SER B 422 -15.45 -23.51 -27.63
C SER B 422 -16.08 -23.29 -29.00
N ASN B 423 -15.65 -22.27 -29.75
CA ASN B 423 -16.18 -21.89 -31.05
C ASN B 423 -16.35 -23.06 -32.03
N ASN B 424 -15.42 -24.01 -32.07
CA ASN B 424 -15.50 -25.18 -32.93
C ASN B 424 -16.66 -26.14 -32.57
N LEU B 425 -17.08 -26.19 -31.30
CA LEU B 425 -18.20 -27.01 -30.83
C LEU B 425 -19.53 -26.25 -30.83
N ASP B 426 -19.51 -25.02 -30.33
CA ASP B 426 -20.73 -24.31 -29.93
C ASP B 426 -21.20 -23.24 -30.92
N SER B 427 -20.41 -22.84 -31.91
CA SER B 427 -20.84 -21.88 -32.93
C SER B 427 -21.39 -22.58 -34.16
N LYS B 428 -22.58 -22.20 -34.61
CA LYS B 428 -23.32 -22.82 -35.73
C LYS B 428 -23.58 -21.80 -36.83
N VAL B 429 -23.66 -22.23 -38.10
CA VAL B 429 -23.75 -21.34 -39.28
C VAL B 429 -24.87 -20.28 -39.20
N GLY B 430 -26.07 -20.65 -38.74
CA GLY B 430 -27.18 -19.69 -38.60
C GLY B 430 -27.25 -18.95 -37.25
N GLY B 431 -26.27 -19.13 -36.37
CA GLY B 431 -26.36 -18.81 -34.94
C GLY B 431 -26.89 -19.98 -34.12
N ASN B 432 -26.18 -20.41 -33.08
CA ASN B 432 -26.61 -21.51 -32.21
C ASN B 432 -27.57 -21.01 -31.12
N TYR B 433 -28.88 -21.12 -31.35
CA TYR B 433 -29.90 -20.65 -30.40
C TYR B 433 -30.15 -21.58 -29.20
N ASN B 434 -29.45 -22.73 -29.10
CA ASN B 434 -29.54 -23.59 -27.92
C ASN B 434 -29.05 -22.93 -26.63
N TYR B 435 -28.11 -21.98 -26.71
CA TYR B 435 -27.48 -21.35 -25.55
C TYR B 435 -28.12 -20.00 -25.23
N ARG B 436 -28.64 -19.87 -24.01
CA ARG B 436 -29.48 -18.76 -23.55
C ARG B 436 -29.05 -18.25 -22.19
N TYR B 437 -29.44 -17.03 -21.85
CA TYR B 437 -29.16 -16.40 -20.57
C TYR B 437 -30.33 -15.51 -20.13
N ARG B 438 -30.47 -15.36 -18.82
CA ARG B 438 -31.49 -14.55 -18.16
C ARG B 438 -31.16 -13.08 -18.32
N LEU B 439 -31.97 -12.40 -19.10
CA LEU B 439 -31.82 -11.00 -19.46
C LEU B 439 -32.36 -10.07 -18.35
N PHE B 440 -33.38 -10.51 -17.58
CA PHE B 440 -34.04 -9.71 -16.56
C PHE B 440 -34.37 -10.49 -15.27
N ARG B 441 -34.35 -9.81 -14.12
CA ARG B 441 -34.74 -10.31 -12.79
C ARG B 441 -35.43 -9.22 -11.96
N LYS B 442 -36.32 -9.61 -11.06
CA LYS B 442 -36.93 -8.70 -10.07
C LYS B 442 -35.91 -8.18 -9.05
N SER B 443 -34.95 -9.02 -8.66
CA SER B 443 -33.81 -8.68 -7.80
C SER B 443 -32.63 -9.63 -8.07
N ASN B 444 -31.40 -9.18 -7.81
CA ASN B 444 -30.20 -9.99 -8.03
C ASN B 444 -30.25 -11.28 -7.21
N LEU B 445 -29.81 -12.39 -7.78
CA LEU B 445 -29.89 -13.69 -7.11
C LEU B 445 -28.78 -13.87 -6.05
N LYS B 446 -29.03 -14.74 -5.06
CA LYS B 446 -28.07 -15.08 -3.99
C LYS B 446 -26.93 -15.95 -4.52
N PRO B 447 -25.74 -15.98 -3.90
CA PRO B 447 -24.65 -16.84 -4.36
C PRO B 447 -25.06 -18.31 -4.43
N PHE B 448 -24.74 -18.97 -5.55
CA PHE B 448 -25.20 -20.33 -5.91
C PHE B 448 -26.73 -20.57 -5.96
N GLU B 449 -27.56 -19.53 -6.06
CA GLU B 449 -28.97 -19.69 -6.48
C GLU B 449 -29.04 -20.04 -7.98
N ARG B 450 -29.86 -21.03 -8.36
CA ARG B 450 -30.23 -21.31 -9.76
C ARG B 450 -31.68 -20.92 -9.98
N ASP B 451 -31.97 -20.14 -11.01
CA ASP B 451 -33.34 -19.75 -11.36
C ASP B 451 -33.72 -20.24 -12.76
N ILE B 452 -34.62 -21.21 -12.83
CA ILE B 452 -35.12 -21.81 -14.08
C ILE B 452 -36.37 -21.11 -14.64
N SER B 453 -37.00 -20.19 -13.88
CA SER B 453 -38.32 -19.64 -14.24
C SER B 453 -38.36 -18.91 -15.59
N THR B 454 -39.38 -19.22 -16.39
CA THR B 454 -39.65 -18.54 -17.68
C THR B 454 -40.84 -17.57 -17.60
N GLU B 455 -41.35 -17.29 -16.40
CA GLU B 455 -42.48 -16.35 -16.24
C GLU B 455 -42.13 -14.93 -16.71
N ILE B 456 -43.08 -14.27 -17.39
CA ILE B 456 -42.86 -13.00 -18.08
C ILE B 456 -42.49 -11.87 -17.12
N TYR B 457 -41.33 -11.26 -17.34
CA TYR B 457 -40.85 -10.13 -16.55
C TYR B 457 -41.67 -8.87 -16.82
N GLN B 458 -41.89 -8.05 -15.79
CA GLN B 458 -42.58 -6.77 -15.91
C GLN B 458 -41.64 -5.61 -15.58
N ALA B 459 -41.34 -4.76 -16.57
CA ALA B 459 -40.71 -3.46 -16.35
C ALA B 459 -41.78 -2.35 -16.22
N GLY B 460 -42.88 -2.45 -16.96
CA GLY B 460 -44.02 -1.54 -16.85
C GLY B 460 -44.81 -1.69 -15.56
N SER B 461 -45.64 -0.70 -15.24
CA SER B 461 -46.58 -0.75 -14.10
C SER B 461 -47.75 -1.70 -14.34
N LYS B 462 -48.13 -1.93 -15.61
CA LYS B 462 -49.23 -2.81 -16.01
C LYS B 462 -48.92 -4.30 -15.72
N PRO B 463 -49.91 -5.10 -15.27
CA PRO B 463 -49.78 -6.55 -15.19
C PRO B 463 -49.70 -7.18 -16.59
N CYS B 464 -49.11 -8.37 -16.70
CA CYS B 464 -48.77 -9.01 -17.98
C CYS B 464 -49.00 -10.52 -17.95
N ASN B 465 -49.29 -11.12 -19.12
CA ASN B 465 -49.79 -12.50 -19.24
C ASN B 465 -49.25 -13.21 -20.50
N GLY B 466 -49.27 -14.55 -20.47
CA GLY B 466 -48.91 -15.39 -21.62
C GLY B 466 -47.43 -15.24 -22.00
N VAL B 467 -47.16 -14.47 -23.05
CA VAL B 467 -45.80 -14.10 -23.52
C VAL B 467 -45.66 -12.59 -23.81
N GLU B 468 -46.60 -11.76 -23.37
CA GLU B 468 -46.75 -10.39 -23.91
C GLU B 468 -47.21 -9.33 -22.88
N GLY B 469 -46.95 -8.07 -23.25
CA GLY B 469 -47.41 -6.87 -22.55
C GLY B 469 -46.52 -5.65 -22.81
N PHE B 470 -47.08 -4.45 -22.66
CA PHE B 470 -46.32 -3.20 -22.76
C PHE B 470 -45.22 -3.17 -21.69
N ASN B 471 -43.96 -3.01 -22.12
CA ASN B 471 -42.78 -3.12 -21.26
C ASN B 471 -42.74 -4.40 -20.40
N CYS B 472 -43.17 -5.52 -20.99
CA CYS B 472 -43.08 -6.86 -20.39
C CYS B 472 -42.47 -7.85 -21.40
N TYR B 473 -41.63 -8.76 -20.92
CA TYR B 473 -40.73 -9.52 -21.77
C TYR B 473 -40.53 -10.96 -21.28
N PHE B 474 -40.28 -11.89 -22.20
CA PHE B 474 -39.77 -13.21 -21.83
C PHE B 474 -38.40 -13.03 -21.17
N PRO B 475 -38.12 -13.66 -20.02
CA PRO B 475 -36.97 -13.29 -19.19
C PRO B 475 -35.63 -13.79 -19.74
N LEU B 476 -35.61 -14.64 -20.77
CA LEU B 476 -34.41 -15.24 -21.35
C LEU B 476 -34.14 -14.76 -22.78
N GLN B 477 -32.88 -14.64 -23.16
CA GLN B 477 -32.41 -14.29 -24.49
C GLN B 477 -31.38 -15.31 -24.97
N SER B 478 -31.33 -15.61 -26.27
CA SER B 478 -30.30 -16.47 -26.85
C SER B 478 -29.03 -15.70 -27.22
N TYR B 479 -27.88 -16.33 -27.00
CA TYR B 479 -26.61 -15.88 -27.56
C TYR B 479 -26.55 -16.22 -29.05
N GLY B 480 -26.31 -15.26 -29.91
CA GLY B 480 -26.24 -15.47 -31.36
C GLY B 480 -24.89 -16.05 -31.81
N PHE B 481 -24.47 -17.22 -31.32
CA PHE B 481 -23.16 -17.82 -31.62
C PHE B 481 -23.07 -18.32 -33.07
N GLN B 482 -22.77 -17.39 -33.98
CA GLN B 482 -22.29 -17.67 -35.33
C GLN B 482 -20.77 -17.89 -35.27
N PRO B 483 -20.16 -18.68 -36.17
CA PRO B 483 -18.76 -18.44 -36.53
C PRO B 483 -18.67 -17.05 -37.18
N THR B 484 -17.48 -16.51 -37.37
CA THR B 484 -17.25 -15.12 -37.82
C THR B 484 -17.60 -14.02 -36.81
N ASN B 485 -18.20 -14.35 -35.67
CA ASN B 485 -18.23 -13.48 -34.49
C ASN B 485 -16.80 -13.27 -33.98
N GLY B 486 -16.50 -12.07 -33.48
CA GLY B 486 -15.19 -11.74 -32.93
C GLY B 486 -14.90 -12.49 -31.63
N VAL B 487 -13.63 -12.71 -31.31
CA VAL B 487 -13.23 -13.15 -29.97
C VAL B 487 -13.73 -12.12 -28.96
N GLY B 488 -14.35 -12.58 -27.88
CA GLY B 488 -15.16 -11.73 -26.98
C GLY B 488 -16.67 -11.82 -27.24
N TYR B 489 -17.10 -12.18 -28.45
CA TYR B 489 -18.46 -12.62 -28.76
C TYR B 489 -18.57 -14.13 -29.05
N GLN B 490 -17.46 -14.82 -29.29
CA GLN B 490 -17.44 -16.28 -29.43
C GLN B 490 -17.82 -17.00 -28.13
N PRO B 491 -18.34 -18.24 -28.19
CA PRO B 491 -18.67 -19.02 -27.01
C PRO B 491 -17.43 -19.51 -26.27
N TYR B 492 -17.51 -19.52 -24.94
CA TYR B 492 -16.54 -20.13 -24.05
C TYR B 492 -17.26 -21.13 -23.16
N ARG B 493 -16.71 -22.32 -23.04
CA ARG B 493 -17.12 -23.28 -22.03
C ARG B 493 -16.43 -22.94 -20.73
N VAL B 494 -17.17 -22.98 -19.63
CA VAL B 494 -16.71 -22.63 -18.30
C VAL B 494 -16.99 -23.77 -17.35
N VAL B 495 -16.06 -24.01 -16.45
CA VAL B 495 -16.18 -24.93 -15.33
C VAL B 495 -15.70 -24.23 -14.09
N VAL B 496 -16.44 -24.32 -13.00
CA VAL B 496 -16.11 -23.68 -11.75
C VAL B 496 -16.04 -24.74 -10.68
N LEU B 497 -14.82 -25.11 -10.31
CA LEU B 497 -14.55 -26.09 -9.28
C LEU B 497 -14.59 -25.40 -7.92
N SER B 498 -15.78 -25.28 -7.34
CA SER B 498 -15.87 -24.90 -5.94
C SER B 498 -15.41 -26.07 -5.08
N PHE B 499 -14.78 -25.82 -3.94
CA PHE B 499 -14.45 -26.89 -3.00
C PHE B 499 -14.35 -26.45 -1.54
N GLU B 500 -14.57 -27.40 -0.64
CA GLU B 500 -14.72 -27.22 0.81
C GLU B 500 -13.70 -28.10 1.56
N LEU B 501 -13.27 -27.69 2.76
CA LEU B 501 -11.93 -28.06 3.26
C LEU B 501 -11.84 -28.68 4.67
N LEU B 502 -12.43 -28.06 5.69
CA LEU B 502 -12.09 -28.33 7.10
C LEU B 502 -13.14 -29.21 7.83
N HIS B 503 -14.38 -29.12 7.37
CA HIS B 503 -15.63 -29.37 8.10
C HIS B 503 -15.92 -30.84 8.48
N ALA B 504 -15.21 -31.79 7.86
CA ALA B 504 -15.56 -33.21 7.75
C ALA B 504 -14.32 -34.04 7.37
N PRO B 505 -14.37 -35.38 7.37
CA PRO B 505 -13.40 -36.22 6.65
C PRO B 505 -13.20 -35.79 5.20
N ALA B 506 -11.98 -35.96 4.69
CA ALA B 506 -11.67 -35.75 3.28
C ALA B 506 -12.42 -36.73 2.39
N THR B 507 -12.74 -36.27 1.19
CA THR B 507 -13.51 -37.02 0.19
C THR B 507 -12.86 -36.96 -1.18
N VAL B 508 -12.14 -35.87 -1.50
CA VAL B 508 -11.36 -35.73 -2.74
C VAL B 508 -9.94 -35.31 -2.40
N CYS B 509 -8.94 -36.00 -2.92
CA CYS B 509 -7.53 -35.76 -2.59
C CYS B 509 -6.61 -35.84 -3.83
N GLY B 510 -5.42 -35.27 -3.72
CA GLY B 510 -4.36 -35.39 -4.74
C GLY B 510 -3.80 -36.82 -4.91
N PRO B 511 -3.03 -37.07 -5.98
CA PRO B 511 -2.60 -38.41 -6.38
C PRO B 511 -1.45 -39.03 -5.55
N LYS B 512 -0.84 -38.25 -4.65
CA LYS B 512 0.44 -38.57 -4.02
C LYS B 512 0.36 -39.78 -3.08
N LYS B 513 1.28 -40.72 -3.22
CA LYS B 513 1.20 -42.08 -2.66
C LYS B 513 1.32 -42.08 -1.13
N SER B 514 0.50 -42.89 -0.45
CA SER B 514 0.65 -43.14 0.99
C SER B 514 1.94 -43.91 1.30
N THR B 515 2.61 -43.55 2.38
CA THR B 515 3.81 -44.24 2.88
C THR B 515 3.44 -45.44 3.76
N ASN B 516 4.43 -46.25 4.09
CA ASN B 516 4.39 -47.07 5.30
C ASN B 516 4.19 -46.17 6.54
N LEU B 517 3.60 -46.71 7.61
CA LEU B 517 3.32 -45.97 8.85
C LEU B 517 4.48 -46.12 9.84
N VAL B 518 5.06 -44.99 10.25
CA VAL B 518 6.15 -44.93 11.24
C VAL B 518 5.58 -44.63 12.62
N LYS B 519 6.00 -45.39 13.63
CA LYS B 519 5.59 -45.28 15.03
C LYS B 519 6.79 -45.11 15.94
N ASN B 520 6.58 -44.44 17.07
CA ASN B 520 7.56 -44.23 18.15
C ASN B 520 8.87 -43.54 17.70
N LYS B 521 8.77 -42.67 16.69
CA LYS B 521 9.79 -41.72 16.21
C LYS B 521 9.12 -40.39 15.91
N CYS B 522 9.83 -39.28 16.08
CA CYS B 522 9.37 -37.97 15.64
C CYS B 522 9.34 -37.92 14.10
N VAL B 523 8.19 -37.63 13.50
CA VAL B 523 7.98 -37.58 12.04
C VAL B 523 7.05 -36.44 11.69
N ASN B 524 7.17 -35.91 10.47
CA ASN B 524 6.04 -35.16 9.91
C ASN B 524 4.96 -36.15 9.49
N PHE B 525 3.70 -35.74 9.47
CA PHE B 525 2.60 -36.60 9.08
C PHE B 525 1.53 -35.87 8.28
N ASN B 526 0.74 -36.65 7.56
CA ASN B 526 -0.47 -36.26 6.87
C ASN B 526 -1.45 -37.43 6.94
N PHE B 527 -2.60 -37.25 7.57
CA PHE B 527 -3.71 -38.18 7.52
C PHE B 527 -4.92 -37.44 6.94
N ASN B 528 -5.33 -37.75 5.71
CA ASN B 528 -6.50 -37.09 5.08
C ASN B 528 -6.45 -35.54 5.11
N GLY B 529 -5.25 -34.94 5.04
CA GLY B 529 -5.07 -33.49 5.11
C GLY B 529 -5.01 -32.89 6.53
N LEU B 530 -5.17 -33.69 7.60
CA LEU B 530 -4.65 -33.32 8.92
C LEU B 530 -3.13 -33.50 8.90
N THR B 531 -2.38 -32.42 9.11
CA THR B 531 -0.91 -32.43 9.03
C THR B 531 -0.25 -31.85 10.27
N GLY B 532 1.00 -32.24 10.52
CA GLY B 532 1.78 -31.76 11.65
C GLY B 532 3.14 -32.43 11.75
N THR B 533 3.79 -32.24 12.89
CA THR B 533 5.00 -32.99 13.29
C THR B 533 4.79 -33.54 14.69
N GLY B 534 5.14 -34.80 14.92
CA GLY B 534 4.94 -35.44 16.22
C GLY B 534 5.50 -36.85 16.27
N VAL B 535 5.55 -37.42 17.46
CA VAL B 535 5.67 -38.86 17.67
C VAL B 535 4.29 -39.48 17.53
N LEU B 536 4.16 -40.56 16.75
CA LEU B 536 2.93 -41.34 16.61
C LEU B 536 3.05 -42.64 17.40
N THR B 537 2.03 -43.02 18.15
CA THR B 537 2.09 -44.17 19.06
C THR B 537 0.79 -44.97 19.03
N GLU B 538 0.86 -46.26 19.33
CA GLU B 538 -0.29 -47.15 19.38
C GLU B 538 -1.27 -46.72 20.48
N SER B 539 -2.47 -46.25 20.10
CA SER B 539 -3.46 -45.79 21.07
C SER B 539 -4.22 -46.92 21.77
N ASN B 540 -4.88 -46.59 22.87
CA ASN B 540 -5.95 -47.37 23.49
C ASN B 540 -7.27 -46.58 23.64
N LYS B 541 -7.40 -45.40 23.00
CA LYS B 541 -8.62 -44.56 23.04
C LYS B 541 -9.78 -45.21 22.29
N LYS B 542 -10.95 -45.26 22.92
CA LYS B 542 -12.15 -45.98 22.50
C LYS B 542 -13.01 -45.21 21.48
N PHE B 543 -12.43 -44.84 20.34
CA PHE B 543 -13.15 -44.11 19.28
C PHE B 543 -14.40 -44.88 18.81
N LEU B 544 -15.50 -44.16 18.63
CA LEU B 544 -16.76 -44.66 18.08
C LEU B 544 -16.59 -45.09 16.60
N PRO B 545 -17.55 -45.81 15.98
CA PRO B 545 -17.37 -46.44 14.67
C PRO B 545 -16.93 -45.51 13.52
N PHE B 546 -17.28 -44.21 13.55
CA PHE B 546 -16.70 -43.23 12.64
C PHE B 546 -16.42 -41.85 13.25
N GLN B 547 -15.86 -41.84 14.47
CA GLN B 547 -14.99 -40.73 14.88
C GLN B 547 -13.64 -40.83 14.13
N GLN B 548 -13.09 -39.71 13.68
CA GLN B 548 -11.86 -39.66 12.88
C GLN B 548 -10.65 -39.17 13.68
N PHE B 549 -10.85 -38.17 14.55
CA PHE B 549 -9.82 -37.50 15.34
C PHE B 549 -10.19 -37.48 16.83
N GLY B 550 -9.21 -37.35 17.70
CA GLY B 550 -9.37 -36.89 19.08
C GLY B 550 -8.81 -35.47 19.22
N ARG B 551 -9.40 -34.62 20.08
CA ARG B 551 -9.00 -33.21 20.21
C ARG B 551 -8.66 -32.78 21.63
N ASP B 552 -7.85 -31.73 21.68
CA ASP B 552 -7.34 -31.09 22.90
C ASP B 552 -7.42 -29.55 22.79
N ILE B 553 -7.31 -28.87 23.93
CA ILE B 553 -7.64 -27.46 24.19
C ILE B 553 -7.05 -26.45 23.18
N ALA B 554 -5.84 -26.72 22.65
CA ALA B 554 -5.06 -25.81 21.82
C ALA B 554 -5.54 -25.65 20.35
N ASP B 555 -6.68 -26.24 19.96
CA ASP B 555 -7.03 -26.51 18.54
C ASP B 555 -6.00 -27.45 17.90
N THR B 556 -5.78 -28.60 18.55
CA THR B 556 -4.84 -29.64 18.12
C THR B 556 -5.40 -31.03 18.33
N THR B 557 -4.94 -31.96 17.52
CA THR B 557 -5.30 -33.39 17.59
C THR B 557 -4.46 -34.10 18.64
N ASP B 558 -5.07 -34.93 19.50
CA ASP B 558 -4.33 -35.80 20.42
C ASP B 558 -4.29 -37.28 19.98
N ALA B 559 -5.18 -37.70 19.07
CA ALA B 559 -5.17 -39.01 18.47
C ALA B 559 -5.85 -39.02 17.10
N VAL B 560 -5.54 -39.98 16.23
CA VAL B 560 -6.07 -40.04 14.87
C VAL B 560 -6.31 -41.48 14.43
N ARG B 561 -7.40 -41.69 13.70
CA ARG B 561 -7.68 -42.94 12.99
C ARG B 561 -6.87 -43.01 11.69
N ASP B 562 -6.01 -44.01 11.52
CA ASP B 562 -5.32 -44.27 10.25
C ASP B 562 -6.35 -44.58 9.15
N PRO B 563 -6.40 -43.87 8.02
CA PRO B 563 -7.40 -44.14 6.98
C PRO B 563 -7.25 -45.53 6.34
N GLN B 564 -6.08 -46.16 6.41
CA GLN B 564 -5.88 -47.47 5.79
C GLN B 564 -6.28 -48.63 6.70
N THR B 565 -5.71 -48.71 7.91
CA THR B 565 -6.03 -49.79 8.87
C THR B 565 -7.22 -49.49 9.76
N LEU B 566 -7.67 -48.23 9.82
CA LEU B 566 -8.67 -47.73 10.77
C LEU B 566 -8.29 -47.86 12.25
N GLU B 567 -7.04 -48.21 12.58
CA GLU B 567 -6.56 -48.20 13.97
C GLU B 567 -6.37 -46.77 14.49
N ILE B 568 -6.36 -46.61 15.81
CA ILE B 568 -6.19 -45.30 16.45
C ILE B 568 -4.75 -45.13 16.93
N LEU B 569 -4.16 -44.00 16.57
CA LEU B 569 -2.83 -43.59 16.92
C LEU B 569 -2.91 -42.43 17.89
N ASP B 570 -2.22 -42.50 19.01
CA ASP B 570 -1.91 -41.31 19.80
C ASP B 570 -0.93 -40.43 19.02
N ILE B 571 -1.09 -39.11 19.13
CA ILE B 571 -0.12 -38.12 18.67
C ILE B 571 0.48 -37.43 19.89
N THR B 572 1.79 -37.30 19.94
CA THR B 572 2.51 -36.56 21.00
C THR B 572 3.46 -35.56 20.34
N PRO B 573 3.59 -34.32 20.82
CA PRO B 573 4.56 -33.37 20.26
C PRO B 573 5.99 -33.91 20.36
N CYS B 574 6.84 -33.61 19.38
CA CYS B 574 8.27 -33.93 19.48
C CYS B 574 8.91 -33.15 20.64
N SER B 575 9.89 -33.74 21.33
CA SER B 575 10.49 -33.18 22.54
C SER B 575 11.14 -31.82 22.27
N PHE B 576 10.99 -30.87 23.19
CA PHE B 576 11.61 -29.53 23.12
C PHE B 576 11.85 -28.99 24.52
N GLY B 577 12.71 -27.99 24.65
CA GLY B 577 12.94 -27.32 25.93
C GLY B 577 14.13 -26.38 25.90
N GLY B 578 14.33 -25.59 26.95
CA GLY B 578 15.50 -24.73 27.04
C GLY B 578 16.81 -25.51 27.11
N VAL B 579 17.87 -24.93 26.58
CA VAL B 579 19.23 -25.40 26.73
C VAL B 579 19.97 -24.38 27.55
N SER B 580 20.47 -24.82 28.68
CA SER B 580 21.12 -23.97 29.66
C SER B 580 22.57 -24.34 29.80
N VAL B 581 23.44 -23.35 29.78
CA VAL B 581 24.88 -23.54 29.86
C VAL B 581 25.31 -23.17 31.26
N ILE B 582 26.02 -24.08 31.91
CA ILE B 582 26.50 -24.00 33.28
C ILE B 582 28.01 -23.75 33.23
N THR B 583 28.48 -22.68 33.85
CA THR B 583 29.88 -22.28 33.77
C THR B 583 30.46 -22.00 35.16
N PRO B 584 31.71 -22.41 35.43
CA PRO B 584 32.54 -21.89 36.52
C PRO B 584 32.87 -20.40 36.41
N GLY B 585 32.48 -19.75 35.33
CA GLY B 585 32.88 -18.40 34.93
C GLY B 585 34.17 -18.41 34.12
N THR B 586 34.26 -17.56 33.11
CA THR B 586 35.40 -17.49 32.16
C THR B 586 36.73 -17.25 32.87
N ASN B 587 36.70 -16.47 33.96
CA ASN B 587 37.87 -16.19 34.79
C ASN B 587 38.41 -17.45 35.52
N THR B 588 37.57 -18.47 35.71
CA THR B 588 37.92 -19.74 36.36
C THR B 588 38.28 -20.83 35.34
N SER B 589 37.48 -21.01 34.29
CA SER B 589 37.62 -22.13 33.34
C SER B 589 36.93 -21.87 32.00
N ASN B 590 37.31 -22.60 30.96
CA ASN B 590 36.56 -22.72 29.71
C ASN B 590 35.63 -23.95 29.68
N GLN B 591 35.66 -24.83 30.67
CA GLN B 591 34.70 -25.93 30.80
C GLN B 591 33.28 -25.41 31.00
N VAL B 592 32.31 -26.08 30.37
CA VAL B 592 30.88 -25.86 30.61
C VAL B 592 30.15 -27.19 30.63
N ALA B 593 29.17 -27.32 31.51
CA ALA B 593 28.16 -28.36 31.44
C ALA B 593 26.91 -27.77 30.78
N VAL B 594 26.07 -28.62 30.21
CA VAL B 594 24.89 -28.19 29.47
C VAL B 594 23.69 -28.98 29.94
N LEU B 595 22.63 -28.29 30.30
CA LEU B 595 21.36 -28.88 30.71
C LEU B 595 20.34 -28.71 29.58
N TYR B 596 19.72 -29.82 29.20
CA TYR B 596 18.59 -29.88 28.29
C TYR B 596 17.33 -30.04 29.13
N GLN B 597 16.63 -28.92 29.35
CA GLN B 597 15.61 -28.77 30.38
C GLN B 597 14.35 -29.60 30.08
N GLY B 598 13.97 -30.49 30.98
CA GLY B 598 12.84 -31.41 30.84
C GLY B 598 12.98 -32.49 29.76
N VAL B 599 14.08 -32.52 29.01
CA VAL B 599 14.37 -33.51 27.95
C VAL B 599 14.86 -34.81 28.58
N ASN B 600 14.51 -35.97 28.00
CA ASN B 600 15.08 -37.25 28.42
C ASN B 600 16.42 -37.52 27.69
N CYS B 601 17.37 -38.20 28.34
CA CYS B 601 18.71 -38.39 27.80
C CYS B 601 18.75 -39.25 26.53
N THR B 602 17.73 -40.04 26.25
CA THR B 602 17.60 -40.77 24.98
C THR B 602 17.30 -39.85 23.80
N GLU B 603 16.78 -38.65 24.04
CA GLU B 603 16.36 -37.67 23.02
C GLU B 603 17.49 -36.69 22.65
N VAL B 604 18.33 -36.34 23.62
CA VAL B 604 19.39 -35.32 23.46
C VAL B 604 20.40 -35.60 22.33
N PRO B 605 20.78 -36.85 22.02
CA PRO B 605 21.69 -37.15 20.89
C PRO B 605 21.23 -36.65 19.51
N VAL B 606 19.99 -36.17 19.35
CA VAL B 606 19.55 -35.42 18.16
C VAL B 606 20.36 -34.12 17.97
N ALA B 607 20.79 -33.48 19.07
CA ALA B 607 21.64 -32.31 19.08
C ALA B 607 22.45 -32.23 20.39
N SER B 624 32.25 -34.59 29.02
CA SER B 624 31.53 -35.39 28.01
C SER B 624 30.59 -36.45 28.62
N ASN B 625 30.50 -36.52 29.95
CA ASN B 625 29.59 -37.42 30.66
C ASN B 625 28.12 -36.99 30.50
N VAL B 626 27.17 -37.89 30.75
CA VAL B 626 25.72 -37.66 30.59
C VAL B 626 24.93 -38.23 31.77
N PHE B 627 24.08 -37.41 32.39
CA PHE B 627 23.34 -37.71 33.61
C PHE B 627 21.90 -37.21 33.50
N GLN B 628 20.92 -38.00 33.96
CA GLN B 628 19.50 -37.63 33.98
C GLN B 628 19.12 -37.06 35.35
N THR B 629 18.38 -35.96 35.35
CA THR B 629 17.86 -35.25 36.52
C THR B 629 16.37 -34.97 36.32
N ARG B 630 15.60 -34.70 37.37
CA ARG B 630 14.19 -34.26 37.24
C ARG B 630 14.03 -32.90 36.56
N ALA B 631 15.09 -32.10 36.51
CA ALA B 631 15.21 -30.87 35.72
C ALA B 631 15.53 -31.09 34.23
N GLY B 632 15.84 -32.32 33.79
CA GLY B 632 16.31 -32.62 32.44
C GLY B 632 17.65 -33.36 32.40
N CYS B 633 18.31 -33.34 31.26
CA CYS B 633 19.58 -34.04 31.08
C CYS B 633 20.77 -33.12 31.09
N LEU B 634 21.73 -33.48 31.92
CA LEU B 634 22.94 -32.74 32.17
C LEU B 634 24.09 -33.44 31.46
N ILE B 635 24.84 -32.69 30.65
CA ILE B 635 25.96 -33.16 29.87
C ILE B 635 27.19 -32.40 30.30
N GLY B 636 28.33 -33.07 30.44
CA GLY B 636 29.61 -32.46 30.77
C GLY B 636 29.87 -32.27 32.26
N ALA B 637 29.03 -32.81 33.15
CA ALA B 637 29.20 -32.78 34.59
C ALA B 637 29.29 -34.20 35.18
N GLU B 638 30.16 -34.37 36.17
CA GLU B 638 30.36 -35.59 36.94
C GLU B 638 29.37 -35.66 38.12
N HIS B 639 28.47 -36.64 38.16
CA HIS B 639 27.65 -36.83 39.35
C HIS B 639 28.46 -37.40 40.52
N VAL B 640 28.30 -36.83 41.71
CA VAL B 640 28.94 -37.30 42.95
C VAL B 640 27.89 -37.61 44.03
N ASN B 641 28.12 -38.65 44.82
CA ASN B 641 27.24 -39.05 45.94
C ASN B 641 27.36 -38.15 47.18
N ASN B 642 28.38 -37.30 47.25
CA ASN B 642 28.54 -36.28 48.30
C ASN B 642 27.46 -35.17 48.21
N SER B 643 27.37 -34.31 49.23
CA SER B 643 26.52 -33.11 49.23
C SER B 643 27.25 -31.87 49.75
N TYR B 644 26.98 -30.74 49.12
CA TYR B 644 27.55 -29.43 49.43
C TYR B 644 26.44 -28.37 49.44
N GLU B 645 26.73 -27.19 49.96
CA GLU B 645 25.88 -26.02 49.75
C GLU B 645 25.62 -25.79 48.25
N CYS B 646 24.48 -25.21 47.89
CA CYS B 646 24.25 -24.86 46.50
C CYS B 646 25.23 -23.79 46.02
N ASP B 647 26.04 -24.12 45.02
CA ASP B 647 26.98 -23.21 44.40
C ASP B 647 26.36 -22.60 43.12
N ILE B 648 26.03 -23.42 42.12
CA ILE B 648 25.19 -23.06 40.97
C ILE B 648 23.91 -23.92 41.02
N PRO B 649 22.70 -23.35 41.08
CA PRO B 649 21.47 -24.15 41.05
C PRO B 649 21.20 -24.79 39.69
N ILE B 650 20.70 -26.02 39.69
CA ILE B 650 20.19 -26.70 38.49
C ILE B 650 18.68 -26.85 38.58
N GLY B 651 18.16 -27.28 39.73
CA GLY B 651 16.73 -27.51 39.96
C GLY B 651 16.47 -28.89 40.55
N ALA B 652 15.28 -29.11 41.10
CA ALA B 652 14.85 -30.40 41.68
C ALA B 652 15.84 -30.99 42.69
N GLY B 653 16.43 -30.14 43.53
CA GLY B 653 17.40 -30.51 44.55
C GLY B 653 18.85 -30.65 44.11
N ILE B 654 19.15 -30.41 42.83
CA ILE B 654 20.51 -30.54 42.28
C ILE B 654 21.16 -29.17 42.16
N CYS B 655 22.43 -29.10 42.55
CA CYS B 655 23.33 -27.98 42.30
C CYS B 655 24.63 -28.49 41.67
N ALA B 656 25.40 -27.61 41.07
CA ALA B 656 26.69 -27.90 40.45
C ALA B 656 27.81 -26.96 40.90
N SER B 657 29.05 -27.41 40.78
CA SER B 657 30.25 -26.70 41.25
C SER B 657 31.48 -27.17 40.47
N TYR B 658 32.62 -26.49 40.58
CA TYR B 658 33.87 -26.85 39.93
C TYR B 658 34.90 -27.33 40.97
N GLN B 659 35.37 -28.58 40.88
CA GLN B 659 36.25 -29.20 41.90
C GLN B 659 37.25 -30.20 41.30
N THR B 660 38.39 -30.41 41.98
CA THR B 660 39.43 -31.36 41.58
C THR B 660 39.02 -32.82 41.77
N SER B 673 42.64 -32.22 36.24
CA SER B 673 41.91 -32.93 37.30
C SER B 673 40.65 -32.21 37.78
N GLN B 674 40.45 -30.95 37.38
CA GLN B 674 39.22 -30.20 37.62
C GLN B 674 38.06 -30.72 36.76
N SER B 675 36.90 -30.92 37.37
CA SER B 675 35.65 -31.24 36.70
C SER B 675 34.52 -30.35 37.24
N ILE B 676 33.53 -30.05 36.40
CA ILE B 676 32.22 -29.64 36.89
C ILE B 676 31.58 -30.89 37.52
N ILE B 677 31.15 -30.79 38.76
CA ILE B 677 30.43 -31.84 39.48
C ILE B 677 28.97 -31.43 39.66
N ALA B 678 28.10 -32.44 39.71
CA ALA B 678 26.69 -32.32 40.02
C ALA B 678 26.36 -33.14 41.27
N TYR B 679 25.55 -32.61 42.17
CA TYR B 679 25.24 -33.23 43.46
C TYR B 679 23.86 -32.80 43.98
N THR B 680 23.25 -33.64 44.82
CA THR B 680 22.13 -33.20 45.67
C THR B 680 22.63 -32.26 46.75
N MET B 681 22.04 -31.07 46.86
CA MET B 681 22.48 -30.04 47.81
C MET B 681 22.25 -30.42 49.28
N SER B 682 23.17 -30.07 50.16
CA SER B 682 22.95 -30.08 51.61
C SER B 682 22.32 -28.76 52.06
N LEU B 683 21.41 -28.86 53.02
CA LEU B 683 20.73 -27.70 53.60
C LEU B 683 21.51 -27.06 54.74
N GLY B 684 22.41 -27.82 55.35
CA GLY B 684 23.29 -27.42 56.45
C GLY B 684 23.86 -28.64 57.16
N ALA B 685 24.78 -28.43 58.10
CA ALA B 685 25.24 -29.50 58.98
C ALA B 685 24.13 -29.94 59.94
N GLU B 686 23.95 -31.24 60.12
CA GLU B 686 22.97 -31.77 61.08
C GLU B 686 23.42 -31.53 62.54
N ASN B 687 22.50 -31.21 63.44
CA ASN B 687 22.80 -30.89 64.84
C ASN B 687 21.75 -31.47 65.79
N SER B 688 22.05 -32.60 66.41
CA SER B 688 21.25 -33.13 67.52
C SER B 688 21.51 -32.29 68.77
N VAL B 689 20.53 -31.47 69.17
CA VAL B 689 20.64 -30.56 70.31
C VAL B 689 20.68 -31.35 71.61
N ALA B 690 21.53 -30.96 72.57
CA ALA B 690 21.75 -31.70 73.82
C ALA B 690 20.59 -31.59 74.84
N TYR B 691 19.34 -31.64 74.39
CA TYR B 691 18.13 -31.46 75.20
C TYR B 691 17.96 -32.53 76.28
N SER B 692 17.53 -32.10 77.46
CA SER B 692 17.19 -32.91 78.62
C SER B 692 16.17 -32.15 79.47
N ASN B 693 15.38 -32.84 80.30
CA ASN B 693 14.39 -32.22 81.19
C ASN B 693 14.97 -31.33 82.30
N ASN B 694 16.30 -31.31 82.51
CA ASN B 694 16.96 -30.53 83.56
C ASN B 694 18.26 -29.85 83.14
N SER B 695 18.62 -29.84 81.85
CA SER B 695 19.84 -29.21 81.36
C SER B 695 19.54 -27.87 80.67
N ILE B 696 20.33 -26.86 80.97
CA ILE B 696 20.32 -25.57 80.28
C ILE B 696 21.73 -25.23 79.78
N ALA B 697 21.85 -24.57 78.64
CA ALA B 697 23.10 -23.96 78.22
C ALA B 697 23.01 -22.45 78.42
N ILE B 698 24.01 -21.84 79.06
CA ILE B 698 24.03 -20.39 79.28
C ILE B 698 25.35 -19.81 78.74
N PRO B 699 25.31 -18.73 77.95
CA PRO B 699 26.49 -18.10 77.37
C PRO B 699 27.32 -17.38 78.43
N THR B 700 28.61 -17.69 78.50
CA THR B 700 29.55 -17.07 79.45
C THR B 700 30.25 -15.85 78.90
N ASN B 701 29.97 -15.49 77.64
CA ASN B 701 30.59 -14.41 76.89
C ASN B 701 29.67 -14.00 75.73
N PHE B 702 29.98 -12.91 75.04
CA PHE B 702 29.26 -12.42 73.87
C PHE B 702 30.22 -11.91 72.80
N THR B 703 29.74 -11.76 71.57
CA THR B 703 30.34 -10.91 70.56
C THR B 703 29.39 -9.79 70.15
N ILE B 704 29.94 -8.58 70.02
CA ILE B 704 29.33 -7.51 69.27
C ILE B 704 29.59 -7.78 67.79
N SER B 705 28.55 -7.84 66.98
CA SER B 705 28.70 -7.93 65.53
C SER B 705 27.99 -6.79 64.83
N VAL B 706 28.56 -6.38 63.70
CA VAL B 706 28.01 -5.35 62.83
C VAL B 706 27.75 -6.01 61.50
N THR B 707 26.51 -5.99 61.04
CA THR B 707 26.09 -6.62 59.80
C THR B 707 25.43 -5.59 58.91
N THR B 708 25.55 -5.77 57.61
CA THR B 708 25.12 -4.78 56.63
C THR B 708 23.82 -5.20 55.96
N GLU B 709 22.91 -4.27 55.73
CA GLU B 709 21.71 -4.46 54.92
C GLU B 709 21.59 -3.32 53.92
N ILE B 710 21.38 -3.64 52.66
CA ILE B 710 21.26 -2.68 51.55
C ILE B 710 19.83 -2.70 51.02
N LEU B 711 19.21 -1.54 50.84
CA LEU B 711 17.86 -1.41 50.27
C LEU B 711 17.81 -0.36 49.16
N PRO B 712 17.22 -0.70 48.00
CA PRO B 712 16.80 0.29 47.02
C PRO B 712 15.74 1.22 47.58
N VAL B 713 15.96 2.51 47.41
CA VAL B 713 15.04 3.58 47.84
C VAL B 713 14.37 4.18 46.63
N SER B 714 15.08 4.37 45.53
CA SER B 714 14.53 5.00 44.33
C SER B 714 15.10 4.39 43.06
N MET B 715 14.60 4.83 41.93
CA MET B 715 15.14 4.52 40.62
C MET B 715 15.24 5.82 39.80
N THR B 716 15.96 5.83 38.67
CA THR B 716 16.11 7.06 37.90
C THR B 716 14.76 7.55 37.38
N LYS B 717 14.49 8.85 37.54
CA LYS B 717 13.30 9.47 36.97
C LYS B 717 13.47 9.61 35.48
N THR B 718 12.43 9.34 34.72
CA THR B 718 12.45 9.53 33.28
C THR B 718 11.17 10.15 32.78
N SER B 719 11.23 10.69 31.58
CA SER B 719 10.06 11.01 30.79
C SER B 719 10.36 10.72 29.32
N VAL B 720 9.30 10.57 28.53
CA VAL B 720 9.38 10.42 27.08
C VAL B 720 8.46 11.42 26.41
N ASP B 721 8.98 12.28 25.54
CA ASP B 721 8.17 13.01 24.58
C ASP B 721 7.64 12.00 23.54
N CYS B 722 6.40 11.56 23.73
CA CYS B 722 5.79 10.45 23.02
C CYS B 722 5.72 10.67 21.51
N THR B 723 5.35 11.87 21.08
CA THR B 723 5.38 12.25 19.67
C THR B 723 6.80 12.31 19.10
N MET B 724 7.80 12.78 19.87
CA MET B 724 9.19 12.72 19.38
C MET B 724 9.70 11.28 19.25
N TYR B 725 9.39 10.39 20.20
CA TYR B 725 9.73 8.98 20.08
C TYR B 725 9.03 8.28 18.91
N ILE B 726 7.71 8.40 18.76
CA ILE B 726 6.97 7.69 17.72
C ILE B 726 7.26 8.26 16.33
N CYS B 727 7.25 9.59 16.19
CA CYS B 727 7.26 10.26 14.89
C CYS B 727 8.55 10.97 14.48
N GLY B 728 9.48 11.26 15.39
CA GLY B 728 10.76 11.88 15.06
C GLY B 728 10.63 13.16 14.21
N ASP B 729 9.66 14.02 14.52
CA ASP B 729 9.31 15.27 13.82
C ASP B 729 8.73 15.18 12.38
N SER B 730 8.37 13.99 11.88
CA SER B 730 7.49 13.86 10.71
C SER B 730 6.10 14.39 11.03
N THR B 731 5.68 15.44 10.32
CA THR B 731 4.33 16.03 10.45
C THR B 731 3.27 15.06 9.96
N GLU B 732 3.61 14.25 8.96
CA GLU B 732 2.76 13.22 8.37
C GLU B 732 2.43 12.15 9.41
N CYS B 733 3.45 11.71 10.16
CA CYS B 733 3.27 10.82 11.29
C CYS B 733 2.50 11.49 12.43
N SER B 734 2.80 12.75 12.79
CA SER B 734 2.06 13.44 13.85
C SER B 734 0.56 13.56 13.55
N ASN B 735 0.18 13.77 12.28
CA ASN B 735 -1.21 13.81 11.85
C ASN B 735 -1.90 12.45 11.94
N LEU B 736 -1.20 11.36 11.61
CA LEU B 736 -1.70 10.00 11.81
C LEU B 736 -1.83 9.65 13.30
N LEU B 737 -0.86 10.05 14.12
CA LEU B 737 -0.82 9.78 15.55
C LEU B 737 -1.95 10.48 16.32
N LEU B 738 -2.46 11.60 15.83
CA LEU B 738 -3.67 12.25 16.35
C LEU B 738 -4.91 11.31 16.29
N GLN B 739 -4.98 10.35 15.37
CA GLN B 739 -6.13 9.45 15.25
C GLN B 739 -6.22 8.41 16.40
N TYR B 740 -5.18 8.29 17.22
CA TYR B 740 -5.13 7.43 18.41
C TYR B 740 -5.64 8.09 19.69
N GLY B 741 -5.93 9.38 19.68
CA GLY B 741 -6.56 10.09 20.80
C GLY B 741 -5.65 10.24 22.02
N SER B 742 -6.12 9.79 23.17
CA SER B 742 -5.51 10.03 24.49
C SER B 742 -4.17 9.31 24.76
N PHE B 743 -3.78 8.34 23.92
CA PHE B 743 -2.74 7.36 24.28
C PHE B 743 -1.40 7.97 24.71
N CYS B 744 -0.88 9.00 24.05
CA CYS B 744 0.38 9.62 24.49
C CYS B 744 0.26 10.34 25.83
N THR B 745 -0.81 11.12 26.06
CA THR B 745 -1.05 11.77 27.37
C THR B 745 -1.15 10.75 28.50
N GLN B 746 -1.83 9.62 28.27
CA GLN B 746 -1.98 8.53 29.23
C GLN B 746 -0.61 7.93 29.62
N LEU B 747 0.31 7.74 28.66
CA LEU B 747 1.68 7.29 28.90
C LEU B 747 2.54 8.34 29.63
N ASN B 748 2.37 9.62 29.34
CA ASN B 748 3.06 10.69 30.04
C ASN B 748 2.61 10.84 31.49
N ARG B 749 1.30 10.85 31.78
CA ARG B 749 0.78 10.89 33.15
C ARG B 749 1.31 9.73 34.00
N ALA B 750 1.46 8.55 33.41
CA ALA B 750 1.99 7.38 34.10
C ALA B 750 3.46 7.55 34.50
N LEU B 751 4.33 8.00 33.59
CA LEU B 751 5.73 8.27 33.89
C LEU B 751 5.91 9.44 34.87
N THR B 752 5.07 10.48 34.80
CA THR B 752 5.13 11.59 35.75
C THR B 752 4.81 11.11 37.17
N GLY B 753 3.83 10.23 37.33
CA GLY B 753 3.50 9.62 38.60
C GLY B 753 4.65 8.81 39.19
N ILE B 754 5.37 8.04 38.38
CA ILE B 754 6.59 7.34 38.82
C ILE B 754 7.65 8.34 39.29
N ALA B 755 7.90 9.40 38.53
CA ALA B 755 8.93 10.38 38.85
C ALA B 755 8.67 11.08 40.18
N VAL B 756 7.41 11.42 40.46
CA VAL B 756 7.00 11.99 41.75
C VAL B 756 7.15 10.98 42.90
N GLU B 757 6.91 9.69 42.70
CA GLU B 757 7.17 8.68 43.72
C GLU B 757 8.64 8.54 44.09
N GLN B 758 9.61 8.82 43.22
CA GLN B 758 11.01 8.67 43.58
C GLN B 758 11.45 9.67 44.64
N ASP B 759 10.91 10.88 44.56
CA ASP B 759 11.14 11.91 45.55
C ASP B 759 10.41 11.60 46.85
N LYS B 760 9.16 11.16 46.77
CA LYS B 760 8.39 10.69 47.93
C LYS B 760 9.12 9.58 48.67
N ASN B 761 9.57 8.55 47.95
CA ASN B 761 10.31 7.43 48.49
C ASN B 761 11.56 7.88 49.23
N THR B 762 12.34 8.76 48.62
CA THR B 762 13.55 9.30 49.25
C THR B 762 13.24 10.16 50.46
N GLN B 763 12.20 10.99 50.41
CA GLN B 763 11.76 11.80 51.53
C GLN B 763 11.32 10.94 52.73
N GLU B 764 10.53 9.89 52.53
CA GLU B 764 10.07 9.03 53.63
C GLU B 764 11.18 8.19 54.28
N VAL B 765 12.27 7.88 53.58
CA VAL B 765 13.43 7.20 54.17
C VAL B 765 14.33 8.18 54.90
N PHE B 766 14.70 9.29 54.28
CA PHE B 766 15.80 10.12 54.76
C PHE B 766 15.38 11.34 55.58
N ALA B 767 14.26 11.98 55.24
CA ALA B 767 13.80 13.17 55.93
C ALA B 767 12.99 12.85 57.21
N GLN B 768 13.48 11.90 58.01
CA GLN B 768 12.88 11.50 59.29
C GLN B 768 13.32 12.37 60.48
N VAL B 769 14.49 13.03 60.43
CA VAL B 769 14.93 14.01 61.43
C VAL B 769 14.21 15.36 61.29
N LYS B 770 13.91 16.00 62.42
CA LYS B 770 13.37 17.37 62.49
C LYS B 770 14.43 18.44 62.28
N GLN B 771 15.61 18.25 62.88
CA GLN B 771 16.71 19.20 62.92
C GLN B 771 17.96 18.52 62.39
N ILE B 772 18.82 19.27 61.71
CA ILE B 772 20.14 18.79 61.33
C ILE B 772 21.03 18.77 62.57
N TYR B 773 21.07 17.62 63.23
CA TYR B 773 21.91 17.43 64.40
C TYR B 773 23.38 17.39 64.01
N LYS B 774 24.20 18.15 64.71
CA LYS B 774 25.66 18.18 64.53
C LYS B 774 26.33 17.47 65.70
N THR B 775 27.26 16.58 65.39
CA THR B 775 28.12 15.91 66.39
C THR B 775 29.13 16.90 67.01
N PRO B 776 29.47 16.79 68.31
CA PRO B 776 30.45 17.66 68.96
C PRO B 776 31.85 17.56 68.34
N PRO B 777 32.70 18.59 68.53
CA PRO B 777 34.09 18.57 68.04
C PRO B 777 34.95 17.55 68.79
N ILE B 778 34.81 17.47 70.12
CA ILE B 778 35.38 16.40 70.95
C ILE B 778 34.54 15.12 70.83
N LYS B 779 35.19 13.98 70.65
CA LYS B 779 34.56 12.69 70.33
C LYS B 779 34.57 11.74 71.53
N ASP B 780 34.15 12.21 72.70
CA ASP B 780 34.21 11.50 73.98
C ASP B 780 33.14 10.39 74.15
N PHE B 781 33.10 9.42 73.22
CA PHE B 781 32.11 8.33 73.17
C PHE B 781 32.47 7.08 73.98
N GLY B 782 33.41 7.15 74.92
CA GLY B 782 33.73 6.02 75.81
C GLY B 782 34.46 4.86 75.15
N GLY B 783 35.21 5.11 74.08
CA GLY B 783 36.07 4.16 73.38
C GLY B 783 35.52 3.62 72.06
N PHE B 784 34.24 3.84 71.78
CA PHE B 784 33.61 3.53 70.50
C PHE B 784 34.04 4.55 69.44
N ASN B 785 34.44 4.11 68.26
CA ASN B 785 34.98 4.95 67.19
C ASN B 785 34.02 4.99 66.00
N PHE B 786 33.53 6.17 65.66
CA PHE B 786 32.57 6.38 64.58
C PHE B 786 33.18 7.09 63.37
N SER B 787 34.49 7.33 63.35
CA SER B 787 35.15 8.14 62.33
C SER B 787 34.99 7.64 60.90
N GLN B 788 34.76 6.34 60.69
CA GLN B 788 34.54 5.74 59.36
C GLN B 788 33.13 5.95 58.80
N ILE B 789 32.15 6.28 59.65
CA ILE B 789 30.74 6.44 59.30
C ILE B 789 30.21 7.84 59.56
N LEU B 790 30.92 8.64 60.34
CA LEU B 790 30.77 10.09 60.41
C LEU B 790 31.39 10.75 59.17
N PRO B 791 30.96 11.97 58.79
CA PRO B 791 31.48 12.67 57.62
C PRO B 791 33.00 12.89 57.67
N ASP B 792 33.65 12.96 56.51
CA ASP B 792 34.94 13.63 56.37
C ASP B 792 34.73 15.06 55.81
N PRO B 793 34.82 16.12 56.64
CA PRO B 793 34.58 17.50 56.20
C PRO B 793 35.55 18.01 55.13
N SER B 794 36.70 17.34 54.94
CA SER B 794 37.71 17.76 53.96
C SER B 794 37.29 17.50 52.52
N LYS B 795 36.38 16.53 52.30
CA LYS B 795 35.98 16.07 50.96
C LYS B 795 34.94 16.99 50.31
N PRO B 796 34.89 17.09 48.96
CA PRO B 796 34.00 18.04 48.26
C PRO B 796 32.52 17.85 48.58
N SER B 797 32.08 16.59 48.65
CA SER B 797 30.82 16.17 49.27
C SER B 797 31.14 15.49 50.60
N LYS B 798 30.47 15.92 51.68
CA LYS B 798 30.79 15.54 53.07
C LYS B 798 30.19 14.18 53.45
N ARG B 799 30.49 13.16 52.63
CA ARG B 799 30.20 11.76 52.91
C ARG B 799 31.15 11.19 53.96
N SER B 800 30.75 10.12 54.61
CA SER B 800 31.66 9.29 55.40
C SER B 800 32.64 8.52 54.50
N PHE B 801 33.65 7.90 55.12
CA PHE B 801 34.53 6.98 54.44
C PHE B 801 33.76 5.78 53.84
N ILE B 802 32.82 5.21 54.59
CA ILE B 802 32.02 4.08 54.12
C ILE B 802 31.03 4.53 53.04
N GLU B 803 30.45 5.71 53.13
CA GLU B 803 29.62 6.28 52.07
C GLU B 803 30.39 6.50 50.76
N ASP B 804 31.65 6.94 50.80
CA ASP B 804 32.49 6.99 49.59
C ASP B 804 32.74 5.63 48.95
N LEU B 805 33.05 4.60 49.72
CA LEU B 805 33.15 3.23 49.20
C LEU B 805 31.87 2.83 48.48
N LEU B 806 30.69 3.02 49.09
CA LEU B 806 29.41 2.67 48.47
C LEU B 806 29.19 3.42 47.16
N PHE B 807 29.45 4.71 47.14
CA PHE B 807 29.34 5.54 45.93
C PHE B 807 30.37 5.19 44.84
N ASN B 808 31.47 4.49 45.13
CA ASN B 808 32.40 3.97 44.12
C ASN B 808 32.04 2.55 43.64
N LYS B 809 31.51 1.67 44.50
CA LYS B 809 31.20 0.28 44.12
C LYS B 809 30.01 0.15 43.17
N VAL B 810 28.93 0.92 43.36
CA VAL B 810 27.85 1.00 42.35
C VAL B 810 28.32 1.88 41.19
N THR B 811 28.24 1.40 39.96
CA THR B 811 28.62 2.12 38.74
C THR B 811 27.40 2.42 37.88
N LEU B 812 27.30 3.65 37.36
CA LEU B 812 26.07 4.18 36.75
C LEU B 812 26.34 4.77 35.36
N LYS B 838 20.21 12.39 26.53
CA LYS B 838 19.03 12.65 25.72
C LYS B 838 19.12 12.03 24.33
N PHE B 839 18.06 11.36 23.87
CA PHE B 839 17.80 11.04 22.46
C PHE B 839 16.31 10.73 22.28
N ASN B 840 15.75 10.82 21.06
CA ASN B 840 14.44 10.27 20.71
C ASN B 840 13.29 10.59 21.70
N GLY B 841 13.19 11.84 22.17
CA GLY B 841 12.21 12.24 23.18
C GLY B 841 12.46 11.76 24.62
N LEU B 842 13.40 10.86 24.85
CA LEU B 842 13.75 10.32 26.18
C LEU B 842 14.54 11.34 27.00
N THR B 843 14.19 11.55 28.27
CA THR B 843 14.97 12.35 29.22
C THR B 843 15.11 11.66 30.58
N VAL B 844 16.19 11.97 31.28
CA VAL B 844 16.37 11.68 32.70
C VAL B 844 16.19 12.98 33.46
N LEU B 845 15.29 13.00 34.43
CA LEU B 845 15.06 14.16 35.30
C LEU B 845 15.91 14.01 36.57
N PRO B 846 16.57 15.06 37.07
CA PRO B 846 17.34 14.94 38.31
C PRO B 846 16.41 14.73 39.53
N PRO B 847 16.85 14.00 40.56
CA PRO B 847 16.15 13.93 41.86
C PRO B 847 16.03 15.30 42.54
N LEU B 848 15.05 15.47 43.43
CA LEU B 848 14.87 16.73 44.16
C LEU B 848 15.98 16.95 45.19
N LEU B 849 16.24 15.97 46.04
CA LEU B 849 17.36 16.00 46.97
C LEU B 849 18.64 15.63 46.24
N THR B 850 19.70 16.42 46.39
CA THR B 850 21.04 16.06 45.91
C THR B 850 21.69 15.01 46.80
N ASP B 851 22.68 14.29 46.31
CA ASP B 851 23.45 13.33 47.13
C ASP B 851 24.15 13.98 48.33
N GLU B 852 24.52 15.25 48.25
CA GLU B 852 24.96 16.02 49.42
C GLU B 852 23.84 16.22 50.44
N MET B 853 22.59 16.42 50.01
CA MET B 853 21.46 16.51 50.93
C MET B 853 21.15 15.14 51.58
N ILE B 854 21.25 14.03 50.84
CA ILE B 854 21.08 12.70 51.43
C ILE B 854 22.20 12.42 52.45
N ALA B 855 23.43 12.84 52.15
CA ALA B 855 24.53 12.75 53.10
C ALA B 855 24.33 13.65 54.33
N GLN B 856 23.80 14.87 54.18
CA GLN B 856 23.44 15.72 55.31
C GLN B 856 22.36 15.09 56.18
N TYR B 857 21.28 14.53 55.62
CA TYR B 857 20.27 13.82 56.40
C TYR B 857 20.85 12.64 57.15
N THR B 858 21.66 11.83 56.47
CA THR B 858 22.31 10.68 57.07
C THR B 858 23.23 11.08 58.23
N SER B 859 24.00 12.14 58.06
CA SER B 859 24.86 12.71 59.10
C SER B 859 24.07 13.15 60.34
N ALA B 860 22.94 13.85 60.16
CA ALA B 860 22.04 14.23 61.22
C ALA B 860 21.36 13.05 61.93
N LEU B 861 20.96 12.01 61.20
CA LEU B 861 20.43 10.78 61.81
C LEU B 861 21.45 10.15 62.73
N LEU B 862 22.68 10.01 62.24
CA LEU B 862 23.76 9.33 62.90
C LEU B 862 24.27 10.12 64.11
N ALA B 863 24.35 11.44 64.00
CA ALA B 863 24.65 12.33 65.12
C ALA B 863 23.59 12.27 66.21
N GLY B 864 22.29 12.29 65.86
CA GLY B 864 21.21 12.11 66.83
C GLY B 864 21.30 10.78 67.57
N THR B 865 21.53 9.68 66.87
CA THR B 865 21.67 8.38 67.53
C THR B 865 22.86 8.35 68.48
N ILE B 866 24.06 8.78 68.09
CA ILE B 866 25.22 8.68 69.00
C ILE B 866 25.21 9.71 70.13
N THR B 867 24.57 10.86 69.98
CA THR B 867 24.58 11.88 71.05
C THR B 867 23.39 11.77 71.99
N SER B 868 22.34 11.10 71.57
CA SER B 868 21.03 11.28 72.17
C SER B 868 20.20 10.00 72.21
N GLY B 869 20.70 8.89 71.66
CA GLY B 869 20.03 7.60 71.68
C GLY B 869 18.76 7.59 70.84
N TRP B 870 17.64 7.08 71.35
CA TRP B 870 16.34 7.12 70.65
C TRP B 870 15.53 8.40 70.90
N THR B 871 15.95 9.28 71.80
CA THR B 871 15.15 10.43 72.24
C THR B 871 14.86 11.46 71.14
N PHE B 872 15.76 11.63 70.17
CA PHE B 872 15.55 12.49 69.01
C PHE B 872 14.42 11.99 68.08
N GLY B 873 14.07 10.70 68.13
CA GLY B 873 12.92 10.16 67.41
C GLY B 873 11.59 10.50 68.08
N ALA B 874 11.53 10.54 69.41
CA ALA B 874 10.31 10.79 70.15
C ALA B 874 9.97 12.29 70.27
N GLY B 875 10.98 13.14 70.38
CA GLY B 875 10.82 14.55 70.70
C GLY B 875 12.15 15.28 70.64
N ALA B 876 12.44 16.14 71.62
CA ALA B 876 13.74 16.79 71.72
C ALA B 876 14.89 15.77 71.85
N ALA B 877 15.99 15.98 71.14
CA ALA B 877 17.22 15.24 71.35
C ALA B 877 17.77 15.53 72.74
N LEU B 878 17.65 14.58 73.66
CA LEU B 878 18.19 14.67 75.00
C LEU B 878 19.59 14.09 74.98
N GLN B 879 20.63 14.85 75.32
CA GLN B 879 21.94 14.24 75.40
C GLN B 879 21.98 13.24 76.55
N ILE B 880 22.73 12.17 76.33
CA ILE B 880 23.05 11.12 77.27
C ILE B 880 24.47 10.68 76.93
N PRO B 881 25.32 10.26 77.88
CA PRO B 881 26.63 9.74 77.52
C PRO B 881 26.51 8.46 76.69
N PHE B 882 27.51 8.15 75.86
CA PHE B 882 27.37 7.05 74.92
C PHE B 882 27.41 5.67 75.59
N ALA B 883 28.30 5.44 76.56
CA ALA B 883 28.31 4.19 77.33
C ALA B 883 27.03 4.03 78.15
N MET B 884 26.54 5.12 78.72
CA MET B 884 25.27 5.20 79.44
C MET B 884 24.10 4.84 78.52
N GLN B 885 24.11 5.27 77.27
CA GLN B 885 23.16 4.86 76.26
C GLN B 885 23.30 3.37 75.89
N MET B 886 24.50 2.87 75.65
CA MET B 886 24.78 1.44 75.43
C MET B 886 24.30 0.55 76.58
N ALA B 887 24.40 0.99 77.83
CA ALA B 887 23.84 0.30 78.98
C ALA B 887 22.31 0.16 78.92
N TYR B 888 21.58 1.17 78.47
CA TYR B 888 20.15 1.03 78.20
C TYR B 888 19.88 0.04 77.08
N ARG B 889 20.65 0.03 75.98
CA ARG B 889 20.48 -0.93 74.91
C ARG B 889 20.68 -2.37 75.42
N PHE B 890 21.62 -2.59 76.31
CA PHE B 890 21.83 -3.85 77.00
C PHE B 890 20.63 -4.25 77.87
N ASN B 891 20.05 -3.35 78.67
CA ASN B 891 18.81 -3.65 79.37
C ASN B 891 17.66 -3.96 78.40
N GLY B 892 17.62 -3.31 77.25
CA GLY B 892 16.67 -3.55 76.18
C GLY B 892 16.76 -4.94 75.53
N ILE B 893 17.90 -5.63 75.63
CA ILE B 893 18.05 -7.02 75.18
C ILE B 893 18.01 -8.02 76.34
N GLY B 894 17.70 -7.57 77.56
CA GLY B 894 17.61 -8.40 78.74
C GLY B 894 18.94 -8.66 79.45
N VAL B 895 20.01 -7.94 79.13
CA VAL B 895 21.32 -8.08 79.77
C VAL B 895 21.50 -6.98 80.81
N THR B 896 21.78 -7.31 82.06
CA THR B 896 21.84 -6.33 83.15
C THR B 896 23.05 -5.41 83.03
N GLN B 897 22.86 -4.09 83.10
CA GLN B 897 23.82 -3.12 82.60
C GLN B 897 25.22 -3.10 83.22
N ASN B 898 25.40 -3.65 84.41
CA ASN B 898 26.73 -3.85 84.97
C ASN B 898 27.61 -4.69 84.04
N VAL B 899 27.03 -5.60 83.26
CA VAL B 899 27.72 -6.37 82.22
C VAL B 899 28.31 -5.46 81.15
N LEU B 900 27.64 -4.37 80.75
CA LEU B 900 28.25 -3.41 79.84
C LEU B 900 29.42 -2.67 80.49
N TYR B 901 29.24 -2.08 81.67
CA TYR B 901 30.32 -1.31 82.30
C TYR B 901 31.52 -2.15 82.73
N GLU B 902 31.33 -3.39 83.16
CA GLU B 902 32.41 -4.31 83.51
C GLU B 902 33.27 -4.72 82.31
N ASN B 903 32.69 -4.68 81.10
CA ASN B 903 33.29 -5.13 79.85
C ASN B 903 33.40 -4.01 78.81
N GLN B 904 33.35 -2.74 79.21
CA GLN B 904 33.18 -1.62 78.29
C GLN B 904 34.30 -1.53 77.25
N LYS B 905 35.56 -1.74 77.64
CA LYS B 905 36.70 -1.77 76.71
C LYS B 905 36.60 -2.91 75.71
N LEU B 906 36.29 -4.13 76.15
CA LEU B 906 36.05 -5.28 75.28
C LEU B 906 34.93 -5.01 74.28
N ILE B 907 33.77 -4.51 74.72
CA ILE B 907 32.64 -4.17 73.86
C ILE B 907 33.01 -3.10 72.82
N ALA B 908 33.70 -2.04 73.24
CA ALA B 908 34.16 -0.99 72.33
C ALA B 908 35.19 -1.52 71.33
N ASN B 909 36.13 -2.37 71.74
CA ASN B 909 37.10 -3.01 70.86
C ASN B 909 36.45 -3.99 69.86
N GLN B 910 35.48 -4.79 70.30
CA GLN B 910 34.69 -5.63 69.41
C GLN B 910 33.88 -4.79 68.40
N PHE B 911 33.27 -3.69 68.81
CA PHE B 911 32.62 -2.77 67.89
C PHE B 911 33.57 -2.15 66.86
N ASN B 912 34.71 -1.62 67.30
CA ASN B 912 35.68 -0.97 66.42
C ASN B 912 36.25 -1.96 65.41
N SER B 913 36.53 -3.19 65.86
CA SER B 913 36.98 -4.28 65.02
C SER B 913 35.93 -4.67 63.97
N ALA B 914 34.66 -4.78 64.36
CA ALA B 914 33.56 -5.12 63.45
C ALA B 914 33.26 -4.03 62.42
N ILE B 915 33.32 -2.74 62.76
CA ILE B 915 33.27 -1.65 61.78
C ILE B 915 34.48 -1.67 60.84
N GLY B 916 35.67 -2.01 61.33
CA GLY B 916 36.84 -2.25 60.48
C GLY B 916 36.62 -3.35 59.45
N LYS B 917 35.96 -4.47 59.83
CA LYS B 917 35.58 -5.53 58.89
C LYS B 917 34.61 -5.06 57.81
N ILE B 918 33.66 -4.16 58.09
CA ILE B 918 32.76 -3.59 57.08
C ILE B 918 33.58 -2.90 55.98
N GLN B 919 34.56 -2.07 56.37
CA GLN B 919 35.43 -1.38 55.42
C GLN B 919 36.20 -2.34 54.52
N ASP B 920 36.84 -3.36 55.10
CA ASP B 920 37.55 -4.38 54.33
C ASP B 920 36.62 -5.18 53.42
N SER B 921 35.44 -5.54 53.92
CA SER B 921 34.43 -6.27 53.17
C SER B 921 33.96 -5.48 51.95
N LEU B 922 33.56 -4.20 52.12
CA LEU B 922 33.08 -3.38 51.02
C LEU B 922 34.17 -3.05 49.99
N SER B 923 35.43 -2.99 50.40
CA SER B 923 36.55 -2.91 49.46
C SER B 923 36.78 -4.24 48.70
N SER B 924 36.70 -5.39 49.38
CA SER B 924 37.11 -6.70 48.85
C SER B 924 36.02 -7.48 48.10
N THR B 925 34.75 -7.30 48.44
CA THR B 925 33.62 -8.13 47.98
C THR B 925 33.31 -7.95 46.48
N ALA B 926 32.87 -9.01 45.81
CA ALA B 926 32.48 -8.97 44.40
C ALA B 926 31.02 -8.54 44.15
N SER B 927 30.11 -8.72 45.11
CA SER B 927 28.67 -8.85 44.82
C SER B 927 27.68 -8.29 45.87
N ALA B 928 28.14 -7.68 46.97
CA ALA B 928 27.24 -7.24 48.05
C ALA B 928 26.25 -6.14 47.63
N LEU B 929 26.69 -5.16 46.82
CA LEU B 929 25.86 -4.07 46.30
C LEU B 929 24.99 -4.48 45.10
N GLY B 930 24.80 -5.78 44.86
CA GLY B 930 24.02 -6.31 43.77
C GLY B 930 22.58 -5.81 43.72
N LYS B 931 21.95 -5.54 44.86
CA LYS B 931 20.60 -4.94 44.90
C LYS B 931 20.55 -3.55 44.25
N LEU B 932 21.53 -2.70 44.50
CA LEU B 932 21.56 -1.36 43.91
C LEU B 932 21.96 -1.40 42.44
N GLN B 933 22.96 -2.22 42.09
CA GLN B 933 23.40 -2.36 40.71
C GLN B 933 22.32 -2.98 39.83
N ASN B 934 21.56 -3.96 40.31
CA ASN B 934 20.44 -4.58 39.62
C ASN B 934 19.38 -3.54 39.18
N VAL B 935 18.98 -2.61 40.05
CA VAL B 935 18.08 -1.52 39.70
C VAL B 935 18.66 -0.64 38.59
N VAL B 936 19.91 -0.22 38.71
CA VAL B 936 20.59 0.59 37.70
C VAL B 936 20.65 -0.14 36.35
N ASN B 937 21.00 -1.42 36.36
CA ASN B 937 21.08 -2.24 35.17
C ASN B 937 19.71 -2.46 34.51
N GLN B 938 18.65 -2.69 35.28
CA GLN B 938 17.29 -2.82 34.75
C GLN B 938 16.78 -1.51 34.13
N ASN B 939 17.02 -0.35 34.75
CA ASN B 939 16.67 0.93 34.14
C ASN B 939 17.41 1.11 32.79
N ALA B 940 18.71 0.84 32.76
CA ALA B 940 19.51 0.99 31.54
C ALA B 940 19.04 0.05 30.43
N GLN B 941 18.79 -1.22 30.73
CA GLN B 941 18.34 -2.20 29.74
C GLN B 941 16.95 -1.88 29.17
N ALA B 942 16.04 -1.37 29.98
CA ALA B 942 14.71 -0.98 29.53
C ALA B 942 14.77 0.20 28.54
N LEU B 943 15.60 1.21 28.80
CA LEU B 943 15.83 2.31 27.87
C LEU B 943 16.63 1.89 26.64
N ASN B 944 17.64 1.02 26.77
CA ASN B 944 18.37 0.49 25.61
C ASN B 944 17.43 -0.28 24.68
N THR B 945 16.52 -1.10 25.23
CA THR B 945 15.53 -1.85 24.47
C THR B 945 14.51 -0.93 23.80
N LEU B 946 14.09 0.13 24.49
CA LEU B 946 13.16 1.12 23.94
C LEU B 946 13.77 1.85 22.74
N VAL B 947 15.01 2.33 22.84
CA VAL B 947 15.73 2.92 21.70
C VAL B 947 15.91 1.92 20.56
N LYS B 948 16.38 0.70 20.82
CA LYS B 948 16.62 -0.29 19.77
C LYS B 948 15.34 -0.79 19.09
N GLN B 949 14.15 -0.64 19.67
CA GLN B 949 12.91 -0.88 18.94
C GLN B 949 12.64 0.13 17.83
N LEU B 950 13.33 1.28 17.76
CA LEU B 950 13.15 2.24 16.67
C LEU B 950 13.65 1.73 15.31
N SER B 951 14.61 0.80 15.30
CA SER B 951 15.12 0.16 14.09
C SER B 951 14.32 -1.08 13.65
N SER B 952 13.21 -1.43 14.31
CA SER B 952 12.27 -2.46 13.85
C SER B 952 11.29 -1.95 12.78
N ASN B 953 10.96 -2.78 11.79
CA ASN B 953 9.99 -2.48 10.74
C ASN B 953 8.54 -2.70 11.15
N PHE B 954 8.26 -3.70 12.00
CA PHE B 954 6.92 -4.18 12.31
C PHE B 954 6.07 -4.52 11.05
N GLY B 955 6.72 -4.93 9.96
CA GLY B 955 6.12 -5.21 8.66
C GLY B 955 6.06 -4.04 7.66
N ALA B 956 6.46 -2.82 8.04
CA ALA B 956 6.67 -1.72 7.10
C ALA B 956 7.86 -1.97 6.16
N ILE B 957 7.98 -1.25 5.05
CA ILE B 957 9.10 -1.41 4.08
C ILE B 957 10.46 -0.97 4.64
N SER B 958 10.47 -0.08 5.63
CA SER B 958 11.66 0.38 6.34
C SER B 958 11.27 0.81 7.75
N SER B 959 12.23 0.84 8.65
CA SER B 959 12.10 1.41 9.98
C SER B 959 12.28 2.93 9.99
N VAL B 960 12.76 3.53 8.90
CA VAL B 960 13.08 4.97 8.83
C VAL B 960 11.98 5.71 8.08
N LEU B 961 11.35 6.71 8.69
CA LEU B 961 10.19 7.38 8.10
C LEU B 961 10.54 8.09 6.79
N ASN B 962 11.73 8.66 6.68
CA ASN B 962 12.20 9.24 5.42
C ASN B 962 12.26 8.20 4.28
N ASP B 963 12.68 6.95 4.52
CA ASP B 963 12.64 5.91 3.48
C ASP B 963 11.23 5.62 2.97
N ILE B 964 10.21 5.86 3.79
CA ILE B 964 8.80 5.72 3.38
C ILE B 964 8.38 6.98 2.63
N LEU B 965 8.52 8.14 3.26
CA LEU B 965 8.02 9.43 2.79
C LEU B 965 8.72 9.93 1.51
N SER B 966 9.93 9.43 1.23
CA SER B 966 10.66 9.70 -0.02
C SER B 966 10.43 8.65 -1.13
N ARG B 967 9.77 7.52 -0.86
CA ARG B 967 9.62 6.42 -1.82
C ARG B 967 8.18 5.98 -2.08
N LEU B 968 7.22 6.43 -1.29
CA LEU B 968 5.79 6.20 -1.49
C LEU B 968 5.02 7.52 -1.54
N ASP B 969 3.93 7.53 -2.30
CA ASP B 969 3.03 8.68 -2.45
C ASP B 969 2.16 8.88 -1.21
N LYS B 970 1.58 10.08 -1.06
CA LYS B 970 0.82 10.53 0.11
C LYS B 970 -0.32 9.59 0.55
N VAL B 971 -0.86 8.76 -0.35
CA VAL B 971 -1.85 7.73 -0.01
C VAL B 971 -1.24 6.39 0.44
N GLU B 972 -0.10 5.99 -0.13
CA GLU B 972 0.55 4.69 0.12
C GLU B 972 1.50 4.73 1.32
N ALA B 973 2.19 5.86 1.52
CA ALA B 973 3.06 6.10 2.65
C ALA B 973 2.33 5.86 3.98
N GLU B 974 1.09 6.37 4.12
CA GLU B 974 0.31 6.23 5.36
C GLU B 974 0.12 4.78 5.82
N VAL B 975 0.09 3.80 4.93
CA VAL B 975 -0.04 2.38 5.32
C VAL B 975 1.20 1.91 6.08
N GLN B 976 2.37 2.31 5.63
CA GLN B 976 3.65 1.94 6.22
C GLN B 976 3.92 2.76 7.48
N ILE B 977 3.57 4.04 7.48
CA ILE B 977 3.65 4.87 8.68
C ILE B 977 2.72 4.32 9.77
N ASP B 978 1.51 3.88 9.44
CA ASP B 978 0.59 3.29 10.42
C ASP B 978 1.13 2.00 11.05
N ARG B 979 1.90 1.19 10.30
CA ARG B 979 2.64 0.05 10.84
C ARG B 979 3.70 0.47 11.84
N LEU B 980 4.58 1.42 11.49
CA LEU B 980 5.58 1.94 12.41
C LEU B 980 4.98 2.58 13.65
N ILE B 981 3.91 3.39 13.52
CA ILE B 981 3.23 3.98 14.67
C ILE B 981 2.75 2.88 15.59
N THR B 982 2.03 1.90 15.07
CA THR B 982 1.47 0.81 15.87
C THR B 982 2.55 0.05 16.63
N GLY B 983 3.68 -0.26 15.99
CA GLY B 983 4.78 -0.97 16.62
C GLY B 983 5.55 -0.15 17.65
N ARG B 984 5.76 1.15 17.39
CA ARG B 984 6.40 2.08 18.31
C ARG B 984 5.54 2.39 19.51
N LEU B 985 4.24 2.60 19.33
CA LEU B 985 3.31 2.84 20.43
C LEU B 985 3.17 1.61 21.34
N GLN B 986 3.27 0.40 20.79
CA GLN B 986 3.34 -0.83 21.56
C GLN B 986 4.66 -0.91 22.34
N SER B 987 5.78 -0.57 21.71
CA SER B 987 7.08 -0.50 22.38
C SER B 987 7.09 0.46 23.57
N LEU B 988 6.41 1.59 23.45
CA LEU B 988 6.17 2.51 24.57
C LEU B 988 5.30 1.89 25.67
N GLN B 989 4.16 1.31 25.34
CA GLN B 989 3.26 0.71 26.34
C GLN B 989 3.93 -0.43 27.11
N THR B 990 4.74 -1.27 26.45
CA THR B 990 5.53 -2.29 27.11
C THR B 990 6.53 -1.68 28.09
N TYR B 991 7.23 -0.63 27.68
CA TYR B 991 8.16 0.07 28.55
C TYR B 991 7.46 0.67 29.77
N VAL B 992 6.41 1.47 29.58
CA VAL B 992 5.70 2.10 30.68
C VAL B 992 5.07 1.06 31.63
N THR B 993 4.55 -0.05 31.12
CA THR B 993 4.00 -1.10 31.98
C THR B 993 5.09 -1.76 32.84
N GLN B 994 6.25 -2.10 32.28
CA GLN B 994 7.38 -2.59 33.05
C GLN B 994 7.86 -1.58 34.09
N GLN B 995 7.89 -0.29 33.76
CA GLN B 995 8.31 0.75 34.68
C GLN B 995 7.34 0.92 35.83
N LEU B 996 6.04 0.83 35.61
CA LEU B 996 5.05 0.85 36.66
C LEU B 996 5.19 -0.31 37.64
N ILE B 997 5.51 -1.49 37.15
CA ILE B 997 5.71 -2.69 37.97
C ILE B 997 7.04 -2.62 38.75
N ARG B 998 8.11 -2.11 38.15
CA ARG B 998 9.33 -1.76 38.86
C ARG B 998 9.13 -0.70 39.91
N ALA B 999 8.38 0.36 39.62
CA ALA B 999 8.11 1.42 40.57
C ALA B 999 7.39 0.88 41.80
N ALA B 1000 6.50 -0.08 41.64
CA ALA B 1000 5.86 -0.76 42.75
C ALA B 1000 6.82 -1.57 43.64
N GLU B 1001 7.81 -2.22 43.05
CA GLU B 1001 8.83 -2.98 43.79
C GLU B 1001 9.76 -2.05 44.57
N ILE B 1002 10.15 -0.93 43.98
CA ILE B 1002 10.93 0.12 44.62
C ILE B 1002 10.14 0.79 45.74
N ARG B 1003 8.84 1.04 45.59
CA ARG B 1003 8.01 1.62 46.65
C ARG B 1003 7.92 0.68 47.87
N ALA B 1004 7.73 -0.61 47.64
CA ALA B 1004 7.71 -1.61 48.70
C ALA B 1004 9.05 -1.67 49.43
N SER B 1005 10.15 -1.54 48.70
CA SER B 1005 11.50 -1.48 49.24
C SER B 1005 11.76 -0.20 50.04
N ALA B 1006 11.32 0.96 49.54
CA ALA B 1006 11.44 2.23 50.22
C ALA B 1006 10.58 2.34 51.47
N ASN B 1007 9.39 1.74 51.47
CA ASN B 1007 8.55 1.63 52.66
C ASN B 1007 9.20 0.81 53.76
N LEU B 1008 9.83 -0.31 53.40
CA LEU B 1008 10.64 -1.12 54.29
C LEU B 1008 11.84 -0.35 54.82
N ALA B 1009 12.56 0.38 53.97
CA ALA B 1009 13.68 1.19 54.39
C ALA B 1009 13.27 2.31 55.35
N ALA B 1010 12.14 2.97 55.13
CA ALA B 1010 11.60 3.96 56.04
C ALA B 1010 11.22 3.34 57.38
N THR B 1011 10.75 2.09 57.37
CA THR B 1011 10.36 1.37 58.58
C THR B 1011 11.59 0.97 59.41
N LYS B 1012 12.66 0.53 58.76
CA LYS B 1012 13.96 0.26 59.40
C LYS B 1012 14.63 1.54 59.89
N MET B 1013 14.51 2.64 59.19
CA MET B 1013 15.01 3.91 59.69
C MET B 1013 14.31 4.27 61.01
N SER B 1014 12.98 4.21 61.06
CA SER B 1014 12.26 4.47 62.30
C SER B 1014 12.52 3.44 63.40
N GLU B 1015 12.48 2.15 63.09
CA GLU B 1015 12.53 1.11 64.11
C GLU B 1015 13.93 0.63 64.50
N CYS B 1016 14.95 0.82 63.67
CA CYS B 1016 16.31 0.34 63.93
C CYS B 1016 17.31 1.48 64.15
N VAL B 1017 17.09 2.67 63.57
CA VAL B 1017 17.96 3.84 63.75
C VAL B 1017 17.40 4.81 64.78
N LEU B 1018 16.09 5.03 64.79
CA LEU B 1018 15.39 5.90 65.73
C LEU B 1018 14.85 5.13 66.94
N GLY B 1019 15.09 3.83 67.02
CA GLY B 1019 14.65 2.98 68.11
C GLY B 1019 15.57 1.81 68.36
N GLN B 1020 15.19 0.97 69.31
CA GLN B 1020 15.71 -0.39 69.45
C GLN B 1020 14.57 -1.38 69.21
N SER B 1021 14.59 -2.11 68.10
CA SER B 1021 13.56 -3.10 67.82
C SER B 1021 13.72 -4.38 68.63
N LYS B 1022 12.60 -4.93 69.12
CA LYS B 1022 12.52 -6.32 69.63
C LYS B 1022 11.96 -7.31 68.61
N ARG B 1023 11.60 -6.86 67.40
CA ARG B 1023 11.17 -7.71 66.28
C ARG B 1023 12.33 -8.55 65.77
N VAL B 1024 12.27 -9.86 65.96
CA VAL B 1024 13.36 -10.78 65.67
C VAL B 1024 13.78 -10.69 64.20
N ASP B 1025 15.08 -10.51 63.98
CA ASP B 1025 15.77 -10.39 62.71
C ASP B 1025 15.35 -9.23 61.80
N PHE B 1026 14.60 -8.25 62.29
CA PHE B 1026 14.25 -7.06 61.51
C PHE B 1026 15.43 -6.09 61.32
N CYS B 1027 16.37 -6.09 62.26
CA CYS B 1027 17.52 -5.19 62.33
C CYS B 1027 18.81 -5.99 62.47
N GLY B 1028 19.10 -6.89 61.53
CA GLY B 1028 20.27 -7.78 61.62
C GLY B 1028 20.05 -8.98 62.52
N LYS B 1029 21.04 -9.88 62.60
CA LYS B 1029 20.92 -11.18 63.31
C LYS B 1029 21.67 -11.15 64.63
N GLY B 1030 21.06 -11.69 65.67
CA GLY B 1030 21.43 -11.44 67.06
C GLY B 1030 20.44 -10.49 67.73
N TYR B 1031 20.62 -10.21 69.01
CA TYR B 1031 19.77 -9.24 69.71
C TYR B 1031 20.17 -7.83 69.35
N HIS B 1032 19.26 -7.07 68.75
CA HIS B 1032 19.57 -5.77 68.19
C HIS B 1032 19.93 -4.73 69.24
N LEU B 1033 21.06 -4.05 69.05
CA LEU B 1033 21.48 -2.92 69.86
C LEU B 1033 21.08 -1.62 69.19
N MET B 1034 21.62 -1.31 68.02
CA MET B 1034 21.34 -0.09 67.28
C MET B 1034 21.72 -0.24 65.82
N SER B 1035 21.21 0.63 64.95
CA SER B 1035 21.64 0.71 63.57
C SER B 1035 22.12 2.08 63.20
N PHE B 1036 23.05 2.13 62.26
CA PHE B 1036 23.56 3.34 61.64
C PHE B 1036 23.22 3.32 60.15
N PRO B 1037 22.54 4.34 59.63
CA PRO B 1037 22.32 4.50 58.20
C PRO B 1037 23.55 5.11 57.51
N GLN B 1038 23.82 4.67 56.31
CA GLN B 1038 24.76 5.28 55.37
C GLN B 1038 24.04 5.46 54.05
N SER B 1039 24.22 6.59 53.39
CA SER B 1039 23.61 6.87 52.09
C SER B 1039 24.34 6.12 50.97
N ALA B 1040 23.61 5.65 49.97
CA ALA B 1040 24.13 4.91 48.82
C ALA B 1040 23.43 5.34 47.52
N PRO B 1041 24.00 5.10 46.33
CA PRO B 1041 23.35 5.45 45.06
C PRO B 1041 21.96 4.82 44.92
N HIS B 1042 20.91 5.64 44.94
CA HIS B 1042 19.49 5.22 44.93
C HIS B 1042 19.08 4.29 46.07
N GLY B 1043 19.82 4.28 47.17
CA GLY B 1043 19.66 3.30 48.23
C GLY B 1043 20.05 3.79 49.60
N VAL B 1044 19.90 2.91 50.58
CA VAL B 1044 20.40 3.09 51.94
C VAL B 1044 21.14 1.83 52.34
N VAL B 1045 22.19 1.99 53.13
CA VAL B 1045 22.83 0.88 53.82
C VAL B 1045 22.67 1.05 55.33
N PHE B 1046 22.08 0.07 56.01
CA PHE B 1046 22.06 0.02 57.44
C PHE B 1046 23.16 -0.91 57.93
N LEU B 1047 24.02 -0.36 58.75
CA LEU B 1047 24.94 -1.08 59.62
C LEU B 1047 24.19 -1.40 60.90
N HIS B 1048 23.77 -2.63 61.07
CA HIS B 1048 23.05 -3.11 62.24
C HIS B 1048 24.02 -3.67 63.26
N VAL B 1049 23.98 -3.18 64.49
CA VAL B 1049 24.80 -3.65 65.60
C VAL B 1049 23.98 -4.57 66.46
N THR B 1050 24.48 -5.77 66.71
CA THR B 1050 23.79 -6.75 67.53
C THR B 1050 24.72 -7.35 68.56
N TYR B 1051 24.09 -7.91 69.58
CA TYR B 1051 24.69 -8.73 70.60
C TYR B 1051 24.44 -10.18 70.21
N VAL B 1052 25.49 -10.97 70.11
CA VAL B 1052 25.39 -12.41 69.88
C VAL B 1052 26.02 -13.12 71.07
N PRO B 1053 25.31 -14.00 71.80
CA PRO B 1053 25.94 -14.78 72.85
C PRO B 1053 26.91 -15.83 72.29
N ALA B 1054 28.04 -16.09 72.96
CA ALA B 1054 29.24 -16.60 72.28
C ALA B 1054 29.89 -17.89 72.82
N GLN B 1055 29.86 -18.17 74.13
CA GLN B 1055 30.63 -19.28 74.72
C GLN B 1055 29.82 -19.98 75.81
N GLU B 1056 28.91 -20.84 75.44
CA GLU B 1056 27.98 -21.46 76.38
C GLU B 1056 28.57 -22.63 77.17
N LYS B 1057 28.05 -22.82 78.37
CA LYS B 1057 28.32 -23.97 79.25
C LYS B 1057 27.02 -24.65 79.60
N ASN B 1058 27.04 -25.97 79.76
CA ASN B 1058 25.92 -26.72 80.31
C ASN B 1058 25.82 -26.55 81.83
N PHE B 1059 24.61 -26.40 82.34
CA PHE B 1059 24.27 -26.37 83.75
C PHE B 1059 23.06 -27.24 84.03
N THR B 1060 23.00 -27.80 85.22
CA THR B 1060 21.75 -28.36 85.74
C THR B 1060 20.82 -27.21 86.14
N THR B 1061 19.52 -27.36 85.99
CA THR B 1061 18.54 -26.31 86.26
C THR B 1061 17.28 -26.86 86.89
N ALA B 1062 16.55 -26.02 87.61
CA ALA B 1062 15.29 -26.34 88.25
C ALA B 1062 14.29 -25.21 88.01
N PRO B 1063 13.00 -25.50 87.79
CA PRO B 1063 11.98 -24.48 87.68
C PRO B 1063 11.73 -23.73 89.00
N ALA B 1064 11.85 -24.43 90.13
CA ALA B 1064 11.60 -23.92 91.46
C ALA B 1064 12.55 -24.55 92.47
N ILE B 1065 12.68 -23.92 93.63
CA ILE B 1065 13.41 -24.44 94.79
C ILE B 1065 12.49 -24.57 96.01
N CYS B 1066 12.50 -25.75 96.62
CA CYS B 1066 11.92 -26.02 97.92
C CYS B 1066 12.81 -25.51 99.05
N HIS B 1067 12.23 -24.77 99.99
CA HIS B 1067 12.92 -24.33 101.20
C HIS B 1067 12.15 -24.78 102.46
N ASP B 1068 11.55 -23.87 103.21
CA ASP B 1068 10.75 -24.15 104.42
C ASP B 1068 9.35 -24.68 104.05
N GLY B 1069 9.30 -25.73 103.24
CA GLY B 1069 8.11 -26.21 102.53
C GLY B 1069 7.61 -25.30 101.41
N LYS B 1070 8.03 -24.03 101.37
CA LYS B 1070 7.76 -23.04 100.32
C LYS B 1070 8.40 -23.42 98.98
N ALA B 1071 7.73 -23.12 97.87
CA ALA B 1071 8.32 -23.11 96.53
C ALA B 1071 8.76 -21.70 96.14
N HIS B 1072 10.04 -21.52 95.82
CA HIS B 1072 10.65 -20.28 95.35
C HIS B 1072 10.89 -20.32 93.84
N PHE B 1073 10.61 -19.22 93.16
CA PHE B 1073 10.83 -18.99 91.74
C PHE B 1073 11.74 -17.76 91.56
N PRO B 1074 12.56 -17.64 90.52
CA PRO B 1074 13.37 -16.44 90.30
C PRO B 1074 12.50 -15.20 90.00
N ARG B 1075 12.84 -14.02 90.53
CA ARG B 1075 12.13 -12.78 90.11
C ARG B 1075 12.45 -12.43 88.65
N GLU B 1076 13.72 -12.54 88.28
CA GLU B 1076 14.18 -12.63 86.91
C GLU B 1076 15.29 -13.71 86.80
N GLY B 1077 15.54 -14.19 85.59
CA GLY B 1077 16.55 -15.22 85.36
C GLY B 1077 16.13 -16.63 85.76
N VAL B 1078 17.10 -17.48 86.06
CA VAL B 1078 16.95 -18.93 86.14
C VAL B 1078 17.85 -19.53 87.22
N PHE B 1079 17.38 -20.60 87.87
CA PHE B 1079 18.20 -21.38 88.80
C PHE B 1079 19.12 -22.34 88.07
N VAL B 1080 20.40 -22.28 88.39
CA VAL B 1080 21.44 -23.12 87.82
C VAL B 1080 22.29 -23.77 88.91
N SER B 1081 22.74 -24.97 88.66
CA SER B 1081 23.68 -25.69 89.52
C SER B 1081 24.98 -25.91 88.80
N ASN B 1082 26.09 -25.59 89.46
CA ASN B 1082 27.44 -25.92 89.00
C ASN B 1082 27.78 -27.42 89.13
N GLY B 1083 26.90 -28.19 89.78
CA GLY B 1083 27.06 -29.61 90.10
C GLY B 1083 26.83 -29.90 91.59
N THR B 1084 27.21 -28.96 92.46
CA THR B 1084 27.14 -29.11 93.93
C THR B 1084 26.48 -27.93 94.64
N HIS B 1085 26.44 -26.76 94.01
CA HIS B 1085 25.88 -25.53 94.55
C HIS B 1085 24.86 -24.91 93.58
N TRP B 1086 23.80 -24.33 94.12
CA TRP B 1086 22.73 -23.68 93.36
C TRP B 1086 22.84 -22.16 93.39
N PHE B 1087 22.64 -21.55 92.23
CA PHE B 1087 22.69 -20.11 91.99
C PHE B 1087 21.49 -19.70 91.16
N VAL B 1088 21.23 -18.40 91.14
CA VAL B 1088 20.29 -17.76 90.21
C VAL B 1088 21.09 -16.84 89.30
N THR B 1089 20.78 -16.83 88.01
CA THR B 1089 21.52 -16.04 87.03
C THR B 1089 20.59 -15.43 85.99
N GLN B 1090 20.92 -14.25 85.47
CA GLN B 1090 20.22 -13.67 84.31
C GLN B 1090 20.37 -14.60 83.09
N ARG B 1091 19.33 -14.80 82.28
CA ARG B 1091 19.34 -15.90 81.29
C ARG B 1091 20.29 -15.73 80.10
N ASN B 1092 20.62 -14.50 79.73
CA ASN B 1092 21.34 -14.17 78.49
C ASN B 1092 22.86 -14.08 78.62
N PHE B 1093 23.40 -14.18 79.83
CA PHE B 1093 24.82 -13.99 80.15
C PHE B 1093 25.10 -14.55 81.54
N TYR B 1094 26.02 -15.51 81.67
CA TYR B 1094 26.25 -16.18 82.94
C TYR B 1094 26.89 -15.26 83.98
N GLU B 1095 26.16 -15.01 85.05
CA GLU B 1095 26.58 -14.24 86.22
C GLU B 1095 25.86 -14.84 87.44
N PRO B 1096 26.40 -15.88 88.09
CA PRO B 1096 25.72 -16.60 89.14
C PRO B 1096 25.69 -15.81 90.44
N GLN B 1097 24.53 -15.76 91.08
CA GLN B 1097 24.32 -15.12 92.38
C GLN B 1097 23.75 -16.10 93.40
N ILE B 1098 24.03 -15.85 94.68
CA ILE B 1098 23.40 -16.53 95.80
C ILE B 1098 21.88 -16.34 95.75
N ILE B 1099 21.15 -17.42 95.99
CA ILE B 1099 19.68 -17.45 95.96
C ILE B 1099 19.15 -16.90 97.28
N THR B 1100 18.34 -15.86 97.21
CA THR B 1100 17.85 -15.12 98.37
C THR B 1100 16.35 -14.81 98.28
N THR B 1101 15.77 -14.34 99.39
CA THR B 1101 14.44 -13.72 99.39
C THR B 1101 14.36 -12.44 98.53
N ASP B 1102 15.49 -11.82 98.16
CA ASP B 1102 15.50 -10.63 97.31
C ASP B 1102 15.36 -10.97 95.83
N ASN B 1103 16.09 -11.99 95.33
CA ASN B 1103 16.08 -12.38 93.91
C ASN B 1103 15.13 -13.55 93.59
N THR B 1104 14.30 -13.99 94.54
CA THR B 1104 13.24 -14.98 94.33
C THR B 1104 11.91 -14.50 94.90
N PHE B 1105 10.79 -15.03 94.40
CA PHE B 1105 9.47 -14.87 95.00
C PHE B 1105 8.90 -16.25 95.35
N VAL B 1106 8.02 -16.30 96.34
CA VAL B 1106 7.36 -17.52 96.80
C VAL B 1106 5.97 -17.64 96.17
N SER B 1107 5.57 -18.85 95.76
CA SER B 1107 4.17 -19.16 95.48
C SER B 1107 3.81 -20.61 95.79
N GLY B 1108 3.00 -20.81 96.83
CA GLY B 1108 2.54 -22.12 97.28
C GLY B 1108 3.63 -22.96 97.94
N ASN B 1109 3.29 -24.18 98.30
CA ASN B 1109 4.21 -25.15 98.88
C ASN B 1109 4.84 -26.04 97.78
N CYS B 1110 5.78 -26.90 98.17
CA CYS B 1110 6.53 -27.79 97.28
C CYS B 1110 5.69 -28.77 96.43
N ASP B 1111 4.45 -29.11 96.81
CA ASP B 1111 3.83 -30.34 96.31
C ASP B 1111 3.29 -30.30 94.87
N VAL B 1112 3.05 -29.13 94.27
CA VAL B 1112 2.44 -29.03 92.92
C VAL B 1112 3.46 -28.94 91.79
N VAL B 1113 4.60 -28.29 91.98
CA VAL B 1113 5.61 -28.06 90.93
C VAL B 1113 6.37 -29.34 90.57
N ILE B 1114 6.70 -29.50 89.30
CA ILE B 1114 7.35 -30.68 88.72
C ILE B 1114 8.83 -30.38 88.52
N GLY B 1115 9.73 -31.21 89.03
CA GLY B 1115 11.17 -31.01 88.92
C GLY B 1115 11.76 -29.98 89.88
N ILE B 1116 10.98 -29.53 90.87
CA ILE B 1116 11.40 -28.67 91.99
C ILE B 1116 12.49 -29.35 92.84
N VAL B 1117 13.51 -28.60 93.29
CA VAL B 1117 14.65 -29.16 94.03
C VAL B 1117 14.79 -28.60 95.43
N ASN B 1118 15.21 -29.40 96.40
CA ASN B 1118 15.51 -28.94 97.76
C ASN B 1118 16.84 -28.15 97.78
N ASN B 1119 16.81 -26.91 98.26
CA ASN B 1119 18.03 -26.13 98.57
C ASN B 1119 17.71 -25.05 99.62
N THR B 1120 18.72 -24.51 100.29
CA THR B 1120 18.51 -23.31 101.11
C THR B 1120 18.18 -22.11 100.23
N VAL B 1121 17.32 -21.21 100.72
CA VAL B 1121 17.18 -19.85 100.22
C VAL B 1121 17.60 -18.90 101.34
N TYR B 1122 18.55 -18.01 101.07
CA TYR B 1122 19.13 -17.13 102.08
C TYR B 1122 18.27 -15.90 102.39
N ASP B 1123 18.01 -15.62 103.67
CA ASP B 1123 17.40 -14.34 104.09
C ASP B 1123 18.48 -13.38 104.61
N PRO B 1124 18.80 -12.29 103.90
CA PRO B 1124 19.84 -11.34 104.31
C PRO B 1124 19.45 -10.48 105.54
N LEU B 1125 18.19 -10.48 105.99
CA LEU B 1125 17.80 -9.85 107.25
C LEU B 1125 18.22 -10.71 108.45
N GLN B 1126 18.08 -12.03 108.36
CA GLN B 1126 18.30 -12.96 109.47
C GLN B 1126 19.67 -12.80 110.16
N PRO B 1127 20.82 -12.78 109.47
CA PRO B 1127 22.12 -12.62 110.11
C PRO B 1127 22.39 -11.19 110.63
N GLU B 1128 21.70 -10.17 110.12
CA GLU B 1128 21.77 -8.81 110.66
C GLU B 1128 20.94 -8.67 111.95
N LEU B 1129 19.76 -9.30 111.99
CA LEU B 1129 18.91 -9.37 113.19
C LEU B 1129 19.57 -10.22 114.29
N ASP B 1130 20.19 -11.34 113.92
CA ASP B 1130 21.00 -12.21 114.80
C ASP B 1130 22.38 -11.61 115.08
N CYS C 1 -51.54 -48.10 -5.56
CA CYS C 1 -51.67 -47.20 -4.40
C CYS C 1 -52.80 -47.67 -3.46
N VAL C 2 -52.65 -47.40 -2.15
CA VAL C 2 -53.74 -47.57 -1.17
C VAL C 2 -54.80 -46.46 -1.33
N ASN C 3 -56.07 -46.77 -1.10
CA ASN C 3 -57.18 -45.81 -1.08
C ASN C 3 -58.04 -46.03 0.17
N LEU C 4 -57.72 -45.33 1.26
CA LEU C 4 -58.52 -45.34 2.49
C LEU C 4 -59.80 -44.50 2.31
N ARG C 5 -60.96 -45.17 2.19
CA ARG C 5 -62.25 -44.51 1.99
C ARG C 5 -62.76 -43.76 3.23
N THR C 6 -62.31 -44.15 4.42
CA THR C 6 -62.60 -43.46 5.70
C THR C 6 -61.33 -43.28 6.53
N ARG C 7 -61.19 -42.10 7.14
CA ARG C 7 -60.13 -41.72 8.10
C ARG C 7 -60.66 -40.65 9.06
N THR C 8 -60.22 -40.70 10.31
CA THR C 8 -60.51 -39.67 11.32
C THR C 8 -59.20 -39.06 11.80
N GLN C 9 -59.02 -37.75 11.59
CA GLN C 9 -57.86 -37.00 12.08
C GLN C 9 -58.17 -36.43 13.47
N LEU C 10 -57.43 -36.83 14.50
CA LEU C 10 -57.50 -36.18 15.81
C LEU C 10 -56.63 -34.91 15.85
N PRO C 11 -57.00 -33.90 16.67
CA PRO C 11 -56.15 -32.74 16.91
C PRO C 11 -54.80 -33.13 17.53
N PRO C 12 -53.74 -32.33 17.35
CA PRO C 12 -52.41 -32.62 17.89
C PRO C 12 -52.41 -32.63 19.43
N ALA C 13 -51.97 -33.75 20.02
CA ALA C 13 -51.64 -33.84 21.43
C ALA C 13 -50.18 -33.40 21.66
N TYR C 14 -49.80 -33.10 22.91
CA TYR C 14 -48.45 -32.66 23.27
C TYR C 14 -47.91 -33.38 24.50
N THR C 15 -46.61 -33.63 24.52
CA THR C 15 -45.89 -34.18 25.67
C THR C 15 -44.54 -33.48 25.86
N ASN C 16 -43.91 -33.63 27.02
CA ASN C 16 -42.64 -32.97 27.34
C ASN C 16 -41.43 -33.70 26.72
N SER C 17 -40.47 -32.96 26.15
CA SER C 17 -39.23 -33.54 25.60
C SER C 17 -38.23 -34.04 26.66
N PHE C 18 -38.37 -33.61 27.92
CA PHE C 18 -37.36 -33.80 28.97
C PHE C 18 -35.98 -33.35 28.48
N THR C 19 -34.96 -34.22 28.55
CA THR C 19 -33.59 -33.92 28.11
C THR C 19 -33.22 -34.61 26.77
N ARG C 20 -34.21 -35.01 25.97
CA ARG C 20 -34.02 -35.77 24.72
C ARG C 20 -33.63 -34.93 23.50
N GLY C 21 -33.13 -35.60 22.48
CA GLY C 21 -32.75 -35.02 21.18
C GLY C 21 -31.32 -34.47 21.09
N VAL C 22 -30.45 -34.75 22.07
CA VAL C 22 -29.01 -34.49 21.93
C VAL C 22 -28.38 -35.55 21.04
N TYR C 23 -27.41 -35.13 20.23
CA TYR C 23 -26.66 -35.99 19.32
C TYR C 23 -25.18 -35.53 19.30
N TYR C 24 -24.27 -36.42 18.89
CA TYR C 24 -22.84 -36.08 18.82
C TYR C 24 -22.60 -34.97 17.76
N PRO C 25 -22.06 -33.80 18.15
CA PRO C 25 -22.08 -32.62 17.28
C PRO C 25 -21.09 -32.67 16.12
N ASP C 26 -20.06 -33.52 16.20
CA ASP C 26 -18.96 -33.64 15.25
C ASP C 26 -18.33 -35.04 15.30
N LYS C 27 -17.52 -35.37 14.29
CA LYS C 27 -16.87 -36.69 14.14
C LYS C 27 -15.57 -36.78 14.95
N VAL C 28 -15.57 -36.22 16.16
CA VAL C 28 -14.41 -36.02 17.03
C VAL C 28 -14.59 -36.71 18.38
N PHE C 29 -13.57 -37.44 18.82
CA PHE C 29 -13.45 -38.03 20.15
C PHE C 29 -13.01 -36.97 21.17
N ARG C 30 -13.62 -37.00 22.36
CA ARG C 30 -13.25 -36.21 23.55
C ARG C 30 -13.51 -37.06 24.80
N SER C 31 -12.76 -36.85 25.89
CA SER C 31 -12.81 -37.70 27.09
C SER C 31 -12.63 -36.92 28.39
N SER C 32 -13.36 -37.29 29.44
CA SER C 32 -13.39 -36.65 30.77
C SER C 32 -13.38 -35.12 30.72
N VAL C 33 -14.23 -34.53 29.88
CA VAL C 33 -14.21 -33.09 29.59
C VAL C 33 -15.63 -32.57 29.33
N LEU C 34 -15.82 -31.29 29.63
CA LEU C 34 -17.06 -30.57 29.37
C LEU C 34 -16.83 -29.66 28.17
N HIS C 35 -17.58 -29.87 27.09
CA HIS C 35 -17.38 -29.19 25.82
C HIS C 35 -18.59 -28.33 25.47
N SER C 36 -18.38 -27.06 25.13
CA SER C 36 -19.47 -26.16 24.75
C SER C 36 -19.54 -26.03 23.23
N THR C 37 -20.75 -26.17 22.69
CA THR C 37 -21.00 -26.17 21.24
C THR C 37 -22.31 -25.47 20.91
N GLN C 38 -22.37 -24.85 19.73
CA GLN C 38 -23.56 -24.19 19.19
C GLN C 38 -24.07 -24.93 17.96
N ASP C 39 -25.32 -25.36 17.98
CA ASP C 39 -25.92 -26.08 16.86
C ASP C 39 -27.45 -26.07 16.96
N LEU C 40 -28.13 -26.60 15.95
CA LEU C 40 -29.54 -26.96 16.08
C LEU C 40 -29.69 -28.12 17.08
N PHE C 41 -30.49 -27.94 18.13
CA PHE C 41 -30.84 -28.97 19.10
C PHE C 41 -32.32 -28.88 19.45
N LEU C 42 -32.93 -29.98 19.89
CA LEU C 42 -34.25 -29.93 20.52
C LEU C 42 -34.10 -29.29 21.92
N PRO C 43 -34.76 -28.16 22.23
CA PRO C 43 -34.63 -27.54 23.54
C PRO C 43 -35.11 -28.45 24.67
N PHE C 44 -34.42 -28.41 25.82
CA PHE C 44 -34.87 -29.17 26.98
C PHE C 44 -36.26 -28.71 27.44
N PHE C 45 -37.04 -29.66 27.94
CA PHE C 45 -38.39 -29.50 28.47
C PHE C 45 -39.39 -28.78 27.54
N SER C 46 -39.14 -28.78 26.23
CA SER C 46 -40.06 -28.25 25.21
C SER C 46 -41.25 -29.19 24.95
N ASN C 47 -42.33 -28.69 24.36
CA ASN C 47 -43.45 -29.53 23.93
C ASN C 47 -43.16 -30.21 22.58
N VAL C 48 -43.17 -31.54 22.54
CA VAL C 48 -43.18 -32.33 21.30
C VAL C 48 -44.59 -32.80 20.97
N THR C 49 -44.98 -32.66 19.71
CA THR C 49 -46.32 -33.04 19.22
C THR C 49 -46.41 -34.56 19.14
N TRP C 50 -47.52 -35.13 19.59
CA TRP C 50 -47.76 -36.58 19.67
C TRP C 50 -48.83 -37.01 18.67
N PHE C 51 -48.59 -38.12 17.98
CA PHE C 51 -49.43 -38.74 16.95
C PHE C 51 -49.56 -40.25 17.16
N HIS C 52 -50.65 -40.88 16.68
CA HIS C 52 -50.89 -42.32 16.85
C HIS C 52 -51.41 -43.06 15.62
N ALA C 53 -51.06 -44.35 15.52
CA ALA C 53 -51.67 -45.34 14.64
C ALA C 53 -52.23 -46.48 15.49
N ILE C 54 -53.54 -46.72 15.41
CA ILE C 54 -54.23 -47.76 16.19
C ILE C 54 -55.42 -48.37 15.44
N HIS C 55 -55.75 -49.62 15.76
CA HIS C 55 -57.02 -50.26 15.42
C HIS C 55 -57.75 -50.63 16.72
N VAL C 56 -58.96 -50.09 16.91
CA VAL C 56 -59.84 -50.41 18.04
C VAL C 56 -60.93 -51.36 17.54
N SER C 57 -60.89 -52.61 17.98
CA SER C 57 -61.91 -53.62 17.64
C SER C 57 -63.22 -53.39 18.39
N GLY C 58 -64.34 -53.73 17.76
CA GLY C 58 -65.69 -53.59 18.31
C GLY C 58 -66.78 -53.59 17.23
N THR C 59 -68.04 -53.42 17.66
CA THR C 59 -69.21 -53.32 16.75
C THR C 59 -69.25 -52.02 15.92
N ASN C 60 -68.49 -50.99 16.32
CA ASN C 60 -68.11 -49.82 15.51
C ASN C 60 -66.57 -49.73 15.43
N GLY C 61 -65.93 -50.79 14.92
CA GLY C 61 -64.47 -50.90 14.80
C GLY C 61 -63.84 -49.68 14.15
N THR C 62 -62.94 -49.00 14.87
CA THR C 62 -62.39 -47.70 14.48
C THR C 62 -60.92 -47.85 14.11
N LYS C 63 -60.57 -47.40 12.91
CA LYS C 63 -59.21 -47.45 12.36
C LYS C 63 -58.66 -46.03 12.32
N ARG C 64 -57.50 -45.82 12.96
CA ARG C 64 -56.87 -44.50 13.08
C ARG C 64 -55.43 -44.53 12.57
N PHE C 65 -55.11 -43.60 11.68
CA PHE C 65 -53.79 -43.44 11.08
C PHE C 65 -53.43 -41.95 11.03
N ASP C 66 -52.67 -41.46 12.00
CA ASP C 66 -52.11 -40.10 11.95
C ASP C 66 -50.80 -40.11 11.15
N ASN C 67 -50.88 -39.78 9.86
CA ASN C 67 -49.73 -39.57 8.96
C ASN C 67 -49.75 -38.20 8.24
N PRO C 68 -50.02 -37.08 8.92
CA PRO C 68 -50.13 -35.77 8.26
C PRO C 68 -48.81 -35.32 7.62
N VAL C 69 -48.91 -34.46 6.60
CA VAL C 69 -47.77 -33.65 6.16
C VAL C 69 -47.48 -32.58 7.21
N LEU C 70 -46.22 -32.45 7.59
CA LEU C 70 -45.74 -31.55 8.64
C LEU C 70 -44.65 -30.62 8.09
N PRO C 71 -44.49 -29.40 8.63
CA PRO C 71 -43.34 -28.57 8.31
C PRO C 71 -42.04 -29.25 8.78
N PHE C 72 -40.94 -28.99 8.09
CA PHE C 72 -39.60 -29.43 8.51
C PHE C 72 -38.86 -28.34 9.31
N ASN C 73 -39.14 -27.06 9.05
CA ASN C 73 -38.37 -25.92 9.55
C ASN C 73 -36.86 -26.08 9.23
N ASP C 74 -35.95 -25.84 10.19
CA ASP C 74 -34.50 -26.09 10.02
C ASP C 74 -34.09 -27.54 10.32
N GLY C 75 -34.97 -28.35 10.90
CA GLY C 75 -34.70 -29.74 11.24
C GLY C 75 -35.69 -30.32 12.24
N VAL C 76 -35.67 -31.64 12.39
CA VAL C 76 -36.66 -32.38 13.16
C VAL C 76 -35.98 -33.38 14.07
N TYR C 77 -36.49 -33.48 15.29
CA TYR C 77 -36.36 -34.64 16.15
C TYR C 77 -37.62 -35.49 16.00
N PHE C 78 -37.45 -36.77 15.72
CA PHE C 78 -38.54 -37.74 15.60
C PHE C 78 -38.30 -38.89 16.56
N ALA C 79 -39.32 -39.31 17.28
CA ALA C 79 -39.24 -40.51 18.11
C ALA C 79 -40.50 -41.35 17.98
N SER C 80 -40.37 -42.67 18.06
CA SER C 80 -41.49 -43.59 18.04
C SER C 80 -41.42 -44.58 19.18
N THR C 81 -42.55 -44.81 19.82
CA THR C 81 -42.75 -45.88 20.79
C THR C 81 -43.69 -46.88 20.17
N GLU C 82 -43.23 -48.12 20.05
CA GLU C 82 -43.84 -49.14 19.20
C GLU C 82 -43.78 -50.54 19.84
N LYS C 83 -44.75 -51.40 19.51
CA LYS C 83 -44.79 -52.83 19.86
C LYS C 83 -44.26 -53.73 18.73
N SER C 84 -44.38 -53.23 17.50
CA SER C 84 -44.08 -53.88 16.22
C SER C 84 -43.47 -52.85 15.28
N ASN C 85 -42.79 -53.23 14.20
CA ASN C 85 -42.22 -52.27 13.25
C ASN C 85 -43.30 -51.66 12.32
N ILE C 86 -44.02 -50.64 12.80
CA ILE C 86 -45.14 -50.01 12.07
C ILE C 86 -44.70 -48.75 11.32
N ILE C 87 -43.84 -47.93 11.93
CA ILE C 87 -43.23 -46.80 11.22
C ILE C 87 -42.10 -47.33 10.34
N ARG C 88 -42.19 -47.10 9.02
CA ARG C 88 -41.31 -47.70 8.01
C ARG C 88 -40.40 -46.72 7.29
N GLY C 89 -40.66 -45.42 7.36
CA GLY C 89 -39.87 -44.45 6.60
C GLY C 89 -40.47 -43.07 6.58
N TRP C 90 -39.92 -42.22 5.73
CA TRP C 90 -40.30 -40.82 5.62
C TRP C 90 -40.13 -40.29 4.19
N ILE C 91 -40.97 -39.33 3.85
CA ILE C 91 -40.92 -38.52 2.64
C ILE C 91 -40.50 -37.11 3.04
N PHE C 92 -39.57 -36.49 2.34
CA PHE C 92 -39.15 -35.10 2.57
C PHE C 92 -39.08 -34.33 1.26
N GLY C 93 -39.54 -33.08 1.26
CA GLY C 93 -39.47 -32.24 0.07
C GLY C 93 -40.13 -30.88 0.29
N THR C 94 -40.62 -30.27 -0.79
CA THR C 94 -41.38 -29.01 -0.74
C THR C 94 -42.81 -29.18 -1.23
N THR C 95 -43.02 -29.54 -2.50
CA THR C 95 -44.38 -29.77 -3.05
C THR C 95 -44.94 -31.15 -2.75
N LEU C 96 -44.06 -32.14 -2.52
CA LEU C 96 -44.38 -33.56 -2.35
C LEU C 96 -45.19 -34.13 -3.54
N ASP C 97 -44.89 -33.65 -4.75
CA ASP C 97 -45.47 -34.10 -6.01
C ASP C 97 -44.40 -34.16 -7.11
N SER C 98 -44.78 -34.67 -8.29
CA SER C 98 -43.88 -34.85 -9.43
C SER C 98 -43.28 -33.55 -10.00
N LYS C 99 -43.70 -32.35 -9.55
CA LYS C 99 -43.18 -31.08 -10.06
C LYS C 99 -41.83 -30.68 -9.46
N THR C 100 -41.41 -31.31 -8.35
CA THR C 100 -40.12 -31.05 -7.70
C THR C 100 -39.47 -32.35 -7.22
N GLN C 101 -38.15 -32.35 -7.00
CA GLN C 101 -37.49 -33.49 -6.35
C GLN C 101 -37.88 -33.61 -4.88
N SER C 102 -38.12 -34.84 -4.43
CA SER C 102 -38.32 -35.21 -3.03
C SER C 102 -37.37 -36.34 -2.65
N LEU C 103 -36.88 -36.30 -1.43
CA LEU C 103 -36.19 -37.40 -0.79
C LEU C 103 -37.21 -38.41 -0.27
N LEU C 104 -36.99 -39.68 -0.59
CA LEU C 104 -37.64 -40.82 0.04
C LEU C 104 -36.59 -41.58 0.86
N ILE C 105 -36.92 -41.86 2.12
CA ILE C 105 -36.19 -42.80 2.96
C ILE C 105 -37.15 -43.90 3.39
N VAL C 106 -36.85 -45.16 3.08
CA VAL C 106 -37.76 -46.27 3.42
C VAL C 106 -37.03 -47.54 3.84
N ASN C 107 -37.38 -48.07 5.00
CA ASN C 107 -37.10 -49.43 5.41
C ASN C 107 -38.07 -50.35 4.69
N ASN C 108 -37.64 -50.98 3.60
CA ASN C 108 -38.23 -52.27 3.27
C ASN C 108 -37.61 -53.28 4.25
N ALA C 109 -38.31 -54.37 4.54
CA ALA C 109 -37.96 -55.28 5.61
C ALA C 109 -36.63 -56.04 5.43
N THR C 110 -35.92 -55.84 4.31
CA THR C 110 -34.56 -56.36 4.08
C THR C 110 -33.48 -55.27 4.04
N ASN C 111 -33.81 -54.06 3.61
CA ASN C 111 -32.86 -52.95 3.50
C ASN C 111 -33.54 -51.59 3.70
N VAL C 112 -32.79 -50.61 4.22
CA VAL C 112 -33.12 -49.19 4.06
C VAL C 112 -32.73 -48.75 2.65
N VAL C 113 -33.68 -48.21 1.91
CA VAL C 113 -33.54 -47.63 0.58
C VAL C 113 -33.69 -46.12 0.68
N ILE C 114 -32.79 -45.38 0.03
CA ILE C 114 -32.78 -43.92 0.01
C ILE C 114 -32.74 -43.47 -1.44
N LYS C 115 -33.63 -42.53 -1.83
CA LYS C 115 -33.76 -42.07 -3.21
C LYS C 115 -34.14 -40.59 -3.26
N VAL C 116 -33.71 -39.89 -4.30
CA VAL C 116 -34.05 -38.48 -4.55
C VAL C 116 -34.54 -38.32 -5.98
N CYS C 117 -35.83 -38.14 -6.16
CA CYS C 117 -36.52 -38.20 -7.46
C CYS C 117 -37.71 -37.24 -7.51
N GLU C 118 -38.19 -36.91 -8.71
CA GLU C 118 -39.52 -36.30 -8.93
C GLU C 118 -40.63 -37.35 -8.78
N PHE C 119 -40.86 -37.81 -7.55
CA PHE C 119 -41.85 -38.84 -7.23
C PHE C 119 -43.29 -38.40 -7.50
N GLN C 120 -44.05 -39.28 -8.15
CA GLN C 120 -45.50 -39.26 -8.13
C GLN C 120 -45.99 -40.11 -6.94
N PHE C 121 -45.90 -39.57 -5.73
CA PHE C 121 -46.41 -40.23 -4.52
C PHE C 121 -47.92 -40.48 -4.62
N CYS C 122 -48.41 -41.54 -3.96
CA CYS C 122 -49.84 -41.83 -3.86
C CYS C 122 -50.61 -40.71 -3.14
N ASN C 123 -51.93 -40.63 -3.34
CA ASN C 123 -52.78 -39.61 -2.70
C ASN C 123 -52.76 -39.69 -1.15
N ASP C 124 -52.66 -40.91 -0.61
CA ASP C 124 -52.28 -41.20 0.78
C ASP C 124 -51.12 -42.21 0.78
N PRO C 125 -49.85 -41.78 0.95
CA PRO C 125 -48.71 -42.68 0.88
C PRO C 125 -48.58 -43.53 2.16
N PHE C 126 -48.49 -44.84 1.97
CA PHE C 126 -48.33 -45.87 2.99
C PHE C 126 -47.46 -47.01 2.42
N LEU C 127 -46.89 -47.86 3.28
CA LEU C 127 -46.44 -49.18 2.83
C LEU C 127 -47.57 -50.18 3.00
N ASP C 128 -48.07 -50.67 1.87
CA ASP C 128 -48.96 -51.83 1.76
C ASP C 128 -48.15 -53.09 2.11
N VAL C 129 -48.48 -53.71 3.25
CA VAL C 129 -47.87 -54.94 3.77
C VAL C 129 -48.90 -56.08 3.72
N TYR C 130 -48.53 -57.25 3.19
CA TYR C 130 -49.41 -58.42 3.19
C TYR C 130 -48.65 -59.75 3.30
N TYR C 131 -49.33 -60.77 3.83
CA TYR C 131 -48.78 -62.13 3.95
C TYR C 131 -49.19 -62.96 2.72
N HIS C 132 -48.20 -63.37 1.93
CA HIS C 132 -48.38 -64.19 0.74
C HIS C 132 -48.51 -65.67 1.13
N LYS C 133 -49.73 -66.20 1.16
CA LYS C 133 -50.03 -67.51 1.75
C LYS C 133 -49.32 -68.69 1.06
N ASN C 134 -49.04 -68.60 -0.24
CA ASN C 134 -48.35 -69.66 -0.98
C ASN C 134 -46.83 -69.65 -0.74
N ASN C 135 -46.19 -68.46 -0.70
CA ASN C 135 -44.77 -68.31 -0.38
C ASN C 135 -44.47 -68.35 1.14
N LYS C 136 -45.51 -68.20 1.98
CA LYS C 136 -45.43 -68.09 3.45
C LYS C 136 -44.50 -66.95 3.91
N SER C 137 -44.64 -65.78 3.28
CA SER C 137 -43.76 -64.63 3.47
C SER C 137 -44.51 -63.29 3.38
N TRP C 138 -43.98 -62.27 4.06
CA TRP C 138 -44.49 -60.90 3.95
C TRP C 138 -43.98 -60.19 2.70
N MET C 139 -44.81 -59.34 2.08
CA MET C 139 -44.47 -58.51 0.92
C MET C 139 -44.87 -57.05 1.14
N GLU C 140 -44.09 -56.12 0.58
CA GLU C 140 -44.22 -54.66 0.79
C GLU C 140 -44.37 -53.90 -0.55
N SER C 141 -45.23 -52.86 -0.60
CA SER C 141 -45.59 -52.15 -1.85
C SER C 141 -46.19 -50.74 -1.62
N GLY C 142 -46.29 -49.92 -2.68
CA GLY C 142 -47.34 -48.89 -2.79
C GLY C 142 -47.12 -47.46 -2.28
N VAL C 143 -45.89 -46.98 -2.07
CA VAL C 143 -45.64 -45.58 -1.64
C VAL C 143 -45.87 -44.55 -2.77
N TYR C 144 -45.56 -44.91 -4.02
CA TYR C 144 -45.65 -44.04 -5.20
C TYR C 144 -46.08 -44.83 -6.44
N SER C 145 -46.69 -44.13 -7.41
CA SER C 145 -47.10 -44.72 -8.70
C SER C 145 -46.02 -44.60 -9.78
N SER C 146 -45.16 -43.58 -9.71
CA SER C 146 -43.98 -43.45 -10.57
C SER C 146 -42.87 -42.60 -9.94
N ALA C 147 -41.66 -42.72 -10.47
CA ALA C 147 -40.49 -41.91 -10.12
C ALA C 147 -39.72 -41.50 -11.38
N ASN C 148 -39.22 -40.26 -11.43
CA ASN C 148 -38.51 -39.68 -12.58
C ASN C 148 -37.35 -38.80 -12.12
N ASN C 149 -36.39 -38.53 -13.01
CA ASN C 149 -35.26 -37.62 -12.79
C ASN C 149 -34.52 -37.88 -11.45
N CYS C 150 -34.18 -39.15 -11.18
CA CYS C 150 -33.52 -39.53 -9.94
C CYS C 150 -32.04 -39.11 -9.94
N THR C 151 -31.64 -38.22 -9.03
CA THR C 151 -30.25 -37.72 -8.93
C THR C 151 -29.40 -38.44 -7.87
N PHE C 152 -30.03 -39.15 -6.92
CA PHE C 152 -29.32 -39.94 -5.92
C PHE C 152 -30.09 -41.23 -5.59
N GLU C 153 -29.34 -42.29 -5.32
CA GLU C 153 -29.85 -43.54 -4.76
C GLU C 153 -28.79 -44.20 -3.85
N TYR C 154 -29.25 -44.85 -2.79
CA TYR C 154 -28.46 -45.72 -1.91
C TYR C 154 -29.31 -46.84 -1.33
N VAL C 155 -28.68 -47.97 -1.01
CA VAL C 155 -29.29 -49.11 -0.33
C VAL C 155 -28.37 -49.60 0.78
N SER C 156 -28.89 -49.81 2.00
CA SER C 156 -28.12 -50.22 3.18
C SER C 156 -27.57 -51.64 3.11
N GLN C 157 -26.68 -51.98 4.06
CA GLN C 157 -26.39 -53.37 4.40
C GLN C 157 -27.70 -54.12 4.73
N PRO C 158 -27.84 -55.40 4.34
CA PRO C 158 -29.08 -56.16 4.53
C PRO C 158 -29.29 -56.60 5.98
N PHE C 159 -30.55 -56.79 6.34
CA PHE C 159 -31.02 -57.26 7.64
C PHE C 159 -32.32 -58.08 7.49
N LEU C 160 -32.79 -58.69 8.57
CA LEU C 160 -34.11 -59.30 8.68
C LEU C 160 -34.95 -58.53 9.72
N MET C 161 -36.21 -58.26 9.41
CA MET C 161 -37.14 -57.51 10.27
C MET C 161 -38.48 -58.22 10.43
N ASP C 162 -38.98 -58.31 11.67
CA ASP C 162 -40.28 -58.88 11.99
C ASP C 162 -41.42 -57.88 11.71
N LEU C 163 -42.44 -58.32 10.96
CA LEU C 163 -43.61 -57.53 10.57
C LEU C 163 -44.94 -58.05 11.19
N GLU C 164 -44.89 -59.10 12.01
CA GLU C 164 -46.06 -59.61 12.73
C GLU C 164 -46.48 -58.63 13.83
N GLY C 165 -47.78 -58.39 14.00
CA GLY C 165 -48.30 -57.45 15.01
C GLY C 165 -48.30 -58.04 16.42
N LYS C 166 -47.89 -57.25 17.42
CA LYS C 166 -47.68 -57.70 18.80
C LYS C 166 -48.52 -56.92 19.83
N GLN C 167 -48.96 -57.61 20.88
CA GLN C 167 -49.76 -57.09 21.99
C GLN C 167 -48.90 -56.62 23.18
N GLY C 168 -49.52 -56.06 24.22
CA GLY C 168 -48.86 -55.59 25.45
C GLY C 168 -48.48 -54.11 25.44
N ASN C 169 -47.50 -53.70 26.26
CA ASN C 169 -46.95 -52.33 26.29
C ASN C 169 -46.02 -52.05 25.08
N PHE C 170 -45.69 -50.79 24.81
CA PHE C 170 -44.61 -50.43 23.88
C PHE C 170 -43.28 -50.97 24.38
N LYS C 171 -42.58 -51.73 23.52
CA LYS C 171 -41.30 -52.40 23.83
C LYS C 171 -40.09 -51.68 23.25
N ASN C 172 -40.28 -50.98 22.12
CA ASN C 172 -39.23 -50.29 21.40
C ASN C 172 -39.45 -48.78 21.47
N LEU C 173 -38.41 -48.03 21.84
CA LEU C 173 -38.25 -46.63 21.55
C LEU C 173 -37.22 -46.48 20.43
N ARG C 174 -37.57 -45.76 19.38
CA ARG C 174 -36.62 -45.32 18.33
C ARG C 174 -36.59 -43.81 18.35
N GLU C 175 -35.40 -43.24 18.15
CA GLU C 175 -35.15 -41.81 18.13
C GLU C 175 -34.30 -41.47 16.92
N PHE C 176 -34.66 -40.41 16.21
CA PHE C 176 -34.00 -39.90 15.02
C PHE C 176 -33.91 -38.39 15.04
N VAL C 177 -32.83 -37.85 14.48
CA VAL C 177 -32.68 -36.42 14.21
C VAL C 177 -32.36 -36.27 12.74
N PHE C 178 -33.05 -35.32 12.10
CA PHE C 178 -32.91 -34.97 10.69
C PHE C 178 -32.53 -33.51 10.56
N LYS C 179 -31.48 -33.20 9.81
CA LYS C 179 -31.03 -31.85 9.50
C LYS C 179 -30.74 -31.70 8.01
N ASN C 180 -31.14 -30.60 7.38
CA ASN C 180 -30.82 -30.26 6.00
C ASN C 180 -29.99 -28.97 5.99
N ILE C 181 -28.66 -29.07 6.00
CA ILE C 181 -27.72 -27.94 6.14
C ILE C 181 -26.60 -28.06 5.09
N ASP C 182 -26.29 -26.96 4.39
CA ASP C 182 -25.23 -26.87 3.37
C ASP C 182 -25.28 -28.00 2.32
N GLY C 183 -26.51 -28.38 1.93
CA GLY C 183 -26.78 -29.44 0.97
C GLY C 183 -26.58 -30.87 1.48
N TYR C 184 -26.04 -31.07 2.68
CA TYR C 184 -26.04 -32.36 3.38
C TYR C 184 -27.33 -32.57 4.15
N PHE C 185 -27.92 -33.75 3.97
CA PHE C 185 -29.00 -34.26 4.81
C PHE C 185 -28.41 -35.22 5.85
N LYS C 186 -28.27 -34.73 7.08
CA LYS C 186 -27.66 -35.47 8.17
C LYS C 186 -28.72 -36.17 8.98
N ILE C 187 -28.47 -37.44 9.26
CA ILE C 187 -29.33 -38.29 10.09
C ILE C 187 -28.53 -38.78 11.29
N TYR C 188 -29.11 -38.69 12.48
CA TYR C 188 -28.62 -39.28 13.71
C TYR C 188 -29.70 -40.17 14.29
N SER C 189 -29.33 -41.23 15.02
CA SER C 189 -30.31 -42.18 15.54
C SER C 189 -29.91 -42.81 16.86
N LYS C 190 -30.89 -43.36 17.58
CA LYS C 190 -30.69 -44.39 18.61
C LYS C 190 -31.94 -45.25 18.79
N HIS C 191 -31.73 -46.50 19.20
CA HIS C 191 -32.76 -47.42 19.67
C HIS C 191 -32.59 -47.65 21.18
N THR C 192 -33.70 -47.67 21.92
CA THR C 192 -33.73 -48.00 23.35
C THR C 192 -34.86 -48.98 23.66
N PRO C 193 -34.58 -50.07 24.39
CA PRO C 193 -35.63 -50.93 24.95
C PRO C 193 -36.39 -50.23 26.06
N ILE C 194 -37.72 -50.35 26.06
CA ILE C 194 -38.65 -49.72 27.02
C ILE C 194 -39.77 -50.70 27.40
N ASN C 195 -40.60 -50.34 28.38
CA ASN C 195 -41.80 -51.09 28.74
C ASN C 195 -42.93 -50.14 29.21
N LEU C 196 -43.45 -49.31 28.30
CA LEU C 196 -44.36 -48.19 28.62
C LEU C 196 -45.73 -48.29 27.94
N VAL C 197 -46.79 -47.86 28.63
CA VAL C 197 -48.15 -47.76 28.06
C VAL C 197 -48.25 -46.61 27.05
N ARG C 198 -47.62 -45.46 27.37
CA ARG C 198 -47.66 -44.20 26.62
C ARG C 198 -46.50 -43.28 26.98
N ASP C 199 -46.31 -42.22 26.20
CA ASP C 199 -45.32 -41.13 26.38
C ASP C 199 -43.85 -41.54 26.21
N LEU C 200 -42.97 -40.53 26.16
CA LEU C 200 -41.51 -40.69 26.20
C LEU C 200 -41.00 -40.98 27.62
N PRO C 201 -39.92 -41.76 27.80
CA PRO C 201 -39.30 -41.98 29.10
C PRO C 201 -38.51 -40.76 29.55
N GLN C 202 -38.49 -40.47 30.84
CA GLN C 202 -37.51 -39.54 31.42
C GLN C 202 -36.08 -40.08 31.26
N GLY C 203 -35.09 -39.20 31.39
CA GLY C 203 -33.67 -39.55 31.32
C GLY C 203 -32.99 -39.14 30.02
N PHE C 204 -31.66 -39.04 30.09
CA PHE C 204 -30.79 -38.58 29.01
C PHE C 204 -30.33 -39.72 28.08
N SER C 205 -30.12 -39.41 26.79
CA SER C 205 -29.61 -40.33 25.77
C SER C 205 -29.09 -39.55 24.55
N ALA C 206 -27.81 -39.72 24.19
CA ALA C 206 -27.22 -39.05 23.02
C ALA C 206 -27.29 -39.92 21.75
N LEU C 207 -27.94 -39.41 20.70
CA LEU C 207 -28.08 -40.06 19.39
C LEU C 207 -26.77 -40.05 18.61
N GLU C 208 -26.37 -41.21 18.10
CA GLU C 208 -25.14 -41.35 17.32
C GLU C 208 -25.39 -40.99 15.85
N PRO C 209 -24.37 -40.56 15.09
CA PRO C 209 -24.51 -40.33 13.66
C PRO C 209 -24.86 -41.61 12.90
N LEU C 210 -25.73 -41.50 11.90
CA LEU C 210 -26.20 -42.64 11.09
C LEU C 210 -25.70 -42.55 9.64
N VAL C 211 -26.04 -41.46 8.95
CA VAL C 211 -25.67 -41.23 7.54
C VAL C 211 -25.75 -39.74 7.20
N ASP C 212 -25.10 -39.33 6.12
CA ASP C 212 -24.73 -37.93 5.85
C ASP C 212 -24.73 -37.66 4.32
N LEU C 213 -25.89 -37.31 3.77
CA LEU C 213 -26.23 -37.52 2.36
C LEU C 213 -26.16 -36.21 1.55
N PRO C 214 -25.36 -36.10 0.49
CA PRO C 214 -25.01 -34.83 -0.17
C PRO C 214 -26.06 -34.33 -1.19
N ILE C 215 -27.35 -34.52 -0.89
CA ILE C 215 -28.45 -34.47 -1.86
C ILE C 215 -28.79 -33.10 -2.45
N GLY C 216 -28.44 -31.99 -1.80
CA GLY C 216 -28.62 -30.63 -2.31
C GLY C 216 -30.06 -30.08 -2.39
N ILE C 217 -31.11 -30.90 -2.29
CA ILE C 217 -32.50 -30.45 -2.43
C ILE C 217 -32.95 -29.52 -1.30
N ASN C 218 -33.88 -28.62 -1.62
CA ASN C 218 -34.66 -27.88 -0.63
C ASN C 218 -35.69 -28.83 0.02
N ILE C 219 -35.83 -28.77 1.35
CA ILE C 219 -36.87 -29.46 2.12
C ILE C 219 -37.55 -28.43 3.01
N THR C 220 -38.87 -28.35 2.94
CA THR C 220 -39.70 -27.49 3.80
C THR C 220 -40.82 -28.27 4.49
N ARG C 221 -41.12 -29.48 4.02
CA ARG C 221 -42.15 -30.36 4.57
C ARG C 221 -41.70 -31.82 4.59
N PHE C 222 -42.31 -32.61 5.45
CA PHE C 222 -42.07 -34.05 5.53
C PHE C 222 -43.33 -34.82 5.92
N GLN C 223 -43.32 -36.13 5.69
CA GLN C 223 -44.41 -37.02 6.06
C GLN C 223 -43.87 -38.39 6.51
N THR C 224 -44.48 -38.97 7.54
CA THR C 224 -44.16 -40.33 8.02
C THR C 224 -44.82 -41.39 7.14
N LEU C 225 -44.13 -42.51 6.92
CA LEU C 225 -44.66 -43.70 6.25
C LEU C 225 -44.98 -44.78 7.29
N LEU C 226 -46.24 -45.22 7.28
CA LEU C 226 -46.76 -46.27 8.14
C LEU C 226 -47.07 -47.52 7.32
N ALA C 227 -46.82 -48.68 7.90
CA ALA C 227 -47.27 -49.95 7.36
C ALA C 227 -48.78 -50.13 7.56
N LEU C 228 -49.52 -50.41 6.48
CA LEU C 228 -50.89 -50.90 6.52
C LEU C 228 -50.91 -52.38 6.12
N HIS C 229 -51.35 -53.24 7.03
CA HIS C 229 -51.54 -54.67 6.77
C HIS C 229 -52.86 -54.85 6.01
N ARG C 230 -52.86 -55.53 4.84
CA ARG C 230 -54.10 -55.86 4.10
C ARG C 230 -55.05 -56.79 4.87
N SER C 231 -54.51 -57.51 5.85
CA SER C 231 -55.17 -58.57 6.59
C SER C 231 -54.83 -58.46 8.10
N TYR C 232 -54.95 -59.57 8.83
CA TYR C 232 -54.84 -59.63 10.28
C TYR C 232 -53.45 -59.27 10.82
N LEU C 233 -53.37 -58.74 12.04
CA LEU C 233 -52.11 -58.50 12.75
C LEU C 233 -51.42 -59.81 13.18
N THR C 234 -52.20 -60.85 13.48
CA THR C 234 -51.77 -62.24 13.70
C THR C 234 -52.82 -63.21 13.12
N PRO C 235 -52.46 -64.44 12.72
CA PRO C 235 -53.41 -65.39 12.11
C PRO C 235 -54.58 -65.79 13.02
N GLY C 236 -55.73 -66.12 12.42
CA GLY C 236 -56.91 -66.67 13.10
C GLY C 236 -58.10 -65.70 13.29
N ASP C 237 -57.96 -64.42 12.95
CA ASP C 237 -59.07 -63.44 12.90
C ASP C 237 -59.88 -63.56 11.59
N SER C 238 -60.94 -62.74 11.45
CA SER C 238 -61.84 -62.74 10.28
C SER C 238 -62.35 -61.33 9.88
N SER C 239 -61.69 -60.27 10.35
CA SER C 239 -61.95 -58.88 9.95
C SER C 239 -61.63 -58.60 8.47
N SER C 240 -62.10 -57.48 7.93
CA SER C 240 -61.94 -57.09 6.51
C SER C 240 -61.21 -55.76 6.34
N GLY C 241 -60.50 -55.62 5.22
CA GLY C 241 -59.73 -54.43 4.85
C GLY C 241 -58.48 -54.19 5.70
N TRP C 242 -57.90 -53.01 5.55
CA TRP C 242 -56.62 -52.61 6.17
C TRP C 242 -56.63 -52.62 7.70
N THR C 243 -55.47 -52.86 8.31
CA THR C 243 -55.22 -52.68 9.75
C THR C 243 -53.80 -52.11 9.99
N ALA C 244 -53.57 -51.48 11.15
CA ALA C 244 -52.23 -51.13 11.63
C ALA C 244 -52.05 -51.61 13.09
N GLY C 245 -50.85 -52.08 13.42
CA GLY C 245 -50.46 -52.34 14.79
C GLY C 245 -50.32 -51.06 15.60
N ALA C 246 -50.46 -51.16 16.93
CA ALA C 246 -50.42 -49.98 17.78
C ALA C 246 -49.03 -49.33 17.80
N ALA C 247 -48.99 -48.05 17.45
CA ALA C 247 -47.78 -47.23 17.42
C ALA C 247 -48.07 -45.78 17.81
N ALA C 248 -47.09 -45.15 18.46
CA ALA C 248 -47.10 -43.72 18.73
C ALA C 248 -45.81 -43.09 18.23
N TYR C 249 -45.91 -41.85 17.74
CA TYR C 249 -44.74 -41.06 17.42
C TYR C 249 -44.85 -39.61 17.87
N TYR C 250 -43.68 -39.02 18.06
CA TYR C 250 -43.46 -37.71 18.65
C TYR C 250 -42.59 -36.89 17.71
N VAL C 251 -42.92 -35.63 17.51
CA VAL C 251 -42.20 -34.70 16.64
C VAL C 251 -41.81 -33.45 17.40
N GLY C 252 -40.54 -33.07 17.33
CA GLY C 252 -40.00 -31.85 17.92
C GLY C 252 -39.14 -31.12 16.92
N TYR C 253 -39.12 -29.79 16.97
CA TYR C 253 -38.37 -28.97 16.02
C TYR C 253 -37.06 -28.48 16.64
N LEU C 254 -35.96 -28.61 15.90
CA LEU C 254 -34.65 -28.19 16.35
C LEU C 254 -34.50 -26.66 16.28
N GLN C 255 -33.88 -26.05 17.29
CA GLN C 255 -33.61 -24.61 17.38
C GLN C 255 -32.12 -24.34 17.56
N PRO C 256 -31.57 -23.19 17.10
CA PRO C 256 -30.22 -22.76 17.44
C PRO C 256 -30.04 -22.63 18.95
N ARG C 257 -29.18 -23.46 19.54
CA ARG C 257 -28.92 -23.51 20.99
C ARG C 257 -27.44 -23.71 21.30
N THR C 258 -27.00 -23.19 22.43
CA THR C 258 -25.68 -23.48 23.01
C THR C 258 -25.84 -24.58 24.05
N PHE C 259 -25.08 -25.65 23.91
CA PHE C 259 -25.12 -26.80 24.82
C PHE C 259 -23.73 -27.04 25.43
N LEU C 260 -23.70 -27.34 26.72
CA LEU C 260 -22.51 -27.85 27.39
C LEU C 260 -22.66 -29.37 27.53
N LEU C 261 -21.78 -30.14 26.91
CA LEU C 261 -21.86 -31.59 26.79
C LEU C 261 -20.79 -32.22 27.68
N LYS C 262 -21.15 -33.22 28.48
CA LYS C 262 -20.21 -33.98 29.32
C LYS C 262 -19.82 -35.28 28.62
N TYR C 263 -18.53 -35.45 28.35
CA TYR C 263 -17.95 -36.69 27.84
C TYR C 263 -17.27 -37.44 28.98
N ASN C 264 -17.57 -38.74 29.16
CA ASN C 264 -16.90 -39.56 30.17
C ASN C 264 -15.52 -40.08 29.71
N GLU C 265 -14.87 -40.92 30.52
CA GLU C 265 -13.57 -41.53 30.19
C GLU C 265 -13.61 -42.28 28.85
N ASN C 266 -14.65 -43.08 28.62
CA ASN C 266 -14.87 -43.85 27.38
C ASN C 266 -15.22 -42.98 26.16
N GLY C 267 -15.38 -41.67 26.31
CA GLY C 267 -15.73 -40.75 25.23
C GLY C 267 -17.19 -40.77 24.78
N THR C 268 -18.08 -41.27 25.63
CA THR C 268 -19.53 -41.19 25.47
C THR C 268 -20.06 -39.89 26.07
N ILE C 269 -20.97 -39.20 25.39
CA ILE C 269 -21.71 -38.09 25.99
C ILE C 269 -22.67 -38.66 27.04
N THR C 270 -22.41 -38.41 28.32
CA THR C 270 -23.23 -38.91 29.43
C THR C 270 -24.21 -37.87 29.99
N ASP C 271 -24.03 -36.58 29.73
CA ASP C 271 -24.92 -35.53 30.22
C ASP C 271 -24.81 -34.26 29.37
N ALA C 272 -25.77 -33.35 29.50
CA ALA C 272 -25.78 -32.07 28.80
C ALA C 272 -26.52 -30.96 29.56
N VAL C 273 -26.16 -29.70 29.30
CA VAL C 273 -26.88 -28.50 29.76
C VAL C 273 -27.33 -27.67 28.57
N ASP C 274 -28.63 -27.38 28.45
CA ASP C 274 -29.16 -26.36 27.56
C ASP C 274 -28.94 -24.97 28.18
N CYS C 275 -27.96 -24.22 27.68
CA CYS C 275 -27.50 -23.00 28.34
C CYS C 275 -28.54 -21.88 28.38
N ALA C 276 -29.58 -21.94 27.55
CA ALA C 276 -30.63 -20.95 27.44
C ALA C 276 -31.90 -21.30 28.25
N LEU C 277 -31.94 -22.44 28.93
CA LEU C 277 -33.13 -22.95 29.61
C LEU C 277 -33.56 -22.06 30.79
N ASP C 278 -32.66 -21.83 31.74
CA ASP C 278 -32.94 -21.15 33.00
C ASP C 278 -31.64 -20.55 33.58
N PRO C 279 -31.72 -19.68 34.61
CA PRO C 279 -30.54 -18.99 35.14
C PRO C 279 -29.49 -19.94 35.72
N LEU C 280 -29.90 -21.08 36.28
CA LEU C 280 -28.95 -22.07 36.78
C LEU C 280 -28.19 -22.75 35.63
N SER C 281 -28.84 -23.09 34.53
CA SER C 281 -28.19 -23.65 33.35
C SER C 281 -27.24 -22.64 32.71
N GLU C 282 -27.63 -21.36 32.64
CA GLU C 282 -26.74 -20.30 32.21
C GLU C 282 -25.53 -20.17 33.13
N THR C 283 -25.69 -20.33 34.44
CA THR C 283 -24.60 -20.37 35.41
C THR C 283 -23.68 -21.57 35.15
N LYS C 284 -24.20 -22.79 35.05
CA LYS C 284 -23.43 -24.00 34.71
C LYS C 284 -22.61 -23.84 33.43
N CYS C 285 -23.18 -23.24 32.39
CA CYS C 285 -22.45 -22.93 31.16
C CYS C 285 -21.44 -21.79 31.33
N THR C 286 -21.74 -20.74 32.09
CA THR C 286 -20.80 -19.66 32.39
C THR C 286 -19.54 -20.18 33.07
N LEU C 287 -19.71 -21.06 34.08
CA LEU C 287 -18.61 -21.65 34.84
C LEU C 287 -17.99 -22.88 34.17
N LYS C 288 -18.55 -23.36 33.05
CA LYS C 288 -18.23 -24.62 32.37
C LYS C 288 -18.10 -25.78 33.36
N SER C 289 -19.18 -26.02 34.10
CA SER C 289 -19.27 -27.04 35.15
C SER C 289 -20.72 -27.53 35.33
N PHE C 290 -20.90 -28.81 35.63
CA PHE C 290 -22.21 -29.36 36.02
C PHE C 290 -22.55 -29.16 37.50
N THR C 291 -21.59 -28.71 38.31
CA THR C 291 -21.75 -28.33 39.72
C THR C 291 -21.48 -26.85 39.90
N VAL C 292 -22.35 -26.14 40.61
CA VAL C 292 -22.14 -24.74 41.04
C VAL C 292 -22.03 -24.71 42.56
N GLU C 293 -21.07 -23.99 43.14
CA GLU C 293 -20.94 -23.81 44.59
C GLU C 293 -21.80 -22.65 45.12
N LYS C 294 -21.85 -22.44 46.45
CA LYS C 294 -22.34 -21.19 47.07
C LYS C 294 -21.78 -19.95 46.37
N GLY C 295 -22.62 -19.02 45.95
CA GLY C 295 -22.14 -17.75 45.44
C GLY C 295 -23.12 -16.94 44.63
N ILE C 296 -22.63 -15.81 44.15
CA ILE C 296 -23.27 -14.94 43.17
C ILE C 296 -22.37 -14.84 41.95
N TYR C 297 -22.90 -15.24 40.79
CA TYR C 297 -22.15 -15.41 39.55
C TYR C 297 -22.72 -14.51 38.47
N GLN C 298 -21.90 -13.64 37.89
CA GLN C 298 -22.26 -12.80 36.75
C GLN C 298 -22.36 -13.65 35.48
N THR C 299 -23.57 -14.03 35.07
CA THR C 299 -23.76 -14.99 33.95
C THR C 299 -23.95 -14.32 32.59
N SER C 300 -24.48 -13.10 32.54
CA SER C 300 -24.76 -12.38 31.29
C SER C 300 -25.01 -10.89 31.55
N ASN C 301 -25.40 -10.15 30.53
CA ASN C 301 -25.90 -8.79 30.65
C ASN C 301 -27.35 -8.71 30.18
N PHE C 302 -28.11 -7.84 30.82
CA PHE C 302 -29.45 -7.42 30.43
C PHE C 302 -29.39 -6.22 29.48
N ARG C 303 -30.37 -6.11 28.58
CA ARG C 303 -30.57 -4.99 27.64
C ARG C 303 -32.05 -4.75 27.42
N VAL C 304 -32.55 -3.53 27.63
CA VAL C 304 -33.90 -3.17 27.16
C VAL C 304 -33.83 -2.92 25.65
N GLN C 305 -34.36 -3.85 24.85
CA GLN C 305 -34.34 -3.75 23.39
C GLN C 305 -35.42 -2.78 22.88
N PRO C 306 -35.19 -2.06 21.76
CA PRO C 306 -36.14 -1.08 21.22
C PRO C 306 -37.39 -1.75 20.66
N THR C 307 -38.55 -1.15 20.91
CA THR C 307 -39.85 -1.68 20.46
C THR C 307 -40.22 -1.29 19.04
N GLU C 308 -39.78 -0.11 18.59
CA GLU C 308 -40.05 0.43 17.25
C GLU C 308 -38.98 1.45 16.82
N SER C 309 -38.96 1.76 15.53
CA SER C 309 -37.99 2.66 14.89
C SER C 309 -38.66 3.94 14.38
N ILE C 310 -38.18 5.09 14.83
CA ILE C 310 -38.62 6.42 14.40
C ILE C 310 -37.78 6.90 13.21
N VAL C 311 -38.39 7.65 12.28
CA VAL C 311 -37.70 8.43 11.23
C VAL C 311 -38.17 9.87 11.28
N ARG C 312 -37.29 10.86 11.30
CA ARG C 312 -37.64 12.29 11.18
C ARG C 312 -36.72 13.01 10.19
N PHE C 313 -37.33 13.66 9.20
CA PHE C 313 -36.69 14.53 8.22
C PHE C 313 -37.56 15.79 7.99
N PRO C 314 -37.04 16.89 7.41
CA PRO C 314 -37.82 18.10 7.20
C PRO C 314 -38.98 17.90 6.21
N ASN C 315 -40.01 18.74 6.30
CA ASN C 315 -41.21 18.67 5.46
C ASN C 315 -41.03 19.27 4.05
N ILE C 316 -39.81 19.23 3.51
CA ILE C 316 -39.43 19.60 2.13
C ILE C 316 -39.83 18.48 1.16
N THR C 317 -40.20 18.83 -0.08
CA THR C 317 -40.73 17.88 -1.09
C THR C 317 -40.12 18.02 -2.48
N ASN C 318 -39.43 19.12 -2.80
CA ASN C 318 -38.79 19.32 -4.10
C ASN C 318 -37.58 18.41 -4.29
N LEU C 319 -37.49 17.73 -5.44
CA LEU C 319 -36.31 16.93 -5.79
C LEU C 319 -35.12 17.84 -6.13
N CYS C 320 -33.89 17.35 -5.93
CA CYS C 320 -32.69 18.06 -6.35
C CYS C 320 -32.52 18.09 -7.88
N PRO C 321 -31.96 19.16 -8.46
CA PRO C 321 -31.95 19.42 -9.90
C PRO C 321 -30.84 18.67 -10.64
N PHE C 322 -30.65 17.36 -10.40
CA PHE C 322 -29.62 16.57 -11.07
C PHE C 322 -29.76 16.55 -12.60
N GLY C 323 -30.96 16.70 -13.16
CA GLY C 323 -31.10 16.84 -14.61
C GLY C 323 -30.30 18.01 -15.17
N GLU C 324 -30.22 19.12 -14.43
CA GLU C 324 -29.45 20.31 -14.77
C GLU C 324 -27.93 20.15 -14.57
N VAL C 325 -27.48 18.94 -14.27
CA VAL C 325 -26.08 18.50 -14.23
C VAL C 325 -25.87 17.38 -15.25
N PHE C 326 -26.51 16.22 -15.09
CA PHE C 326 -26.28 15.07 -15.94
C PHE C 326 -26.85 15.23 -17.35
N ASN C 327 -27.92 16.01 -17.52
CA ASN C 327 -28.50 16.34 -18.83
C ASN C 327 -28.28 17.83 -19.20
N ALA C 328 -27.31 18.52 -18.60
CA ALA C 328 -26.90 19.83 -19.09
C ALA C 328 -26.33 19.76 -20.52
N THR C 329 -26.51 20.82 -21.30
CA THR C 329 -26.21 20.83 -22.74
C THR C 329 -24.72 20.63 -23.03
N ARG C 330 -23.87 21.49 -22.46
CA ARG C 330 -22.42 21.45 -22.62
C ARG C 330 -21.69 21.56 -21.29
N PHE C 331 -20.62 20.79 -21.17
CA PHE C 331 -19.78 20.68 -19.97
C PHE C 331 -18.54 21.56 -20.11
N ALA C 332 -17.80 21.75 -19.03
CA ALA C 332 -16.57 22.51 -19.04
C ALA C 332 -15.37 21.73 -19.61
N SER C 333 -14.39 22.46 -20.14
CA SER C 333 -13.01 22.00 -20.21
C SER C 333 -12.52 21.71 -18.80
N VAL C 334 -11.74 20.65 -18.59
CA VAL C 334 -11.39 20.19 -17.24
C VAL C 334 -10.58 21.20 -16.43
N TYR C 335 -9.73 22.05 -17.03
CA TYR C 335 -8.96 23.04 -16.25
C TYR C 335 -9.86 24.08 -15.57
N ALA C 336 -11.05 24.33 -16.12
CA ALA C 336 -12.05 25.24 -15.62
C ALA C 336 -13.31 24.48 -15.15
N TRP C 337 -13.13 23.30 -14.57
CA TRP C 337 -14.17 22.36 -14.14
C TRP C 337 -15.29 23.04 -13.39
N ASN C 338 -16.54 22.77 -13.79
CA ASN C 338 -17.66 23.59 -13.39
C ASN C 338 -18.34 22.99 -12.16
N ARG C 339 -18.45 23.76 -11.09
CA ARG C 339 -19.03 23.34 -9.82
C ARG C 339 -20.46 23.84 -9.68
N LYS C 340 -21.38 22.97 -9.29
CA LYS C 340 -22.71 23.35 -8.81
C LYS C 340 -22.88 22.88 -7.37
N ARG C 341 -23.12 23.79 -6.44
CA ARG C 341 -23.59 23.43 -5.09
C ARG C 341 -25.07 23.08 -5.17
N ILE C 342 -25.46 21.98 -4.54
CA ILE C 342 -26.84 21.50 -4.42
C ILE C 342 -27.24 21.51 -2.94
N SER C 343 -28.43 22.01 -2.63
CA SER C 343 -28.91 22.22 -1.25
C SER C 343 -30.43 22.25 -1.14
N ASN C 344 -30.94 22.00 0.07
CA ASN C 344 -32.34 22.16 0.46
C ASN C 344 -33.33 21.43 -0.48
N CYS C 345 -33.10 20.13 -0.71
CA CYS C 345 -33.87 19.32 -1.66
C CYS C 345 -33.72 17.82 -1.37
N VAL C 346 -34.57 17.01 -1.98
CA VAL C 346 -34.55 15.55 -1.87
C VAL C 346 -33.76 14.93 -3.01
N ALA C 347 -32.69 14.22 -2.68
CA ALA C 347 -31.80 13.61 -3.66
C ALA C 347 -32.14 12.13 -3.86
N ASP C 348 -32.93 11.79 -4.87
CA ASP C 348 -33.18 10.40 -5.20
C ASP C 348 -32.04 9.79 -6.02
N TYR C 349 -30.93 9.45 -5.36
CA TYR C 349 -29.80 8.80 -5.98
C TYR C 349 -30.12 7.43 -6.60
N SER C 350 -31.26 6.82 -6.31
CA SER C 350 -31.65 5.58 -7.00
C SER C 350 -31.94 5.85 -8.48
N VAL C 351 -32.33 7.07 -8.86
CA VAL C 351 -32.44 7.48 -10.26
C VAL C 351 -31.08 7.36 -10.95
N LEU C 352 -30.05 7.98 -10.39
CA LEU C 352 -28.71 7.92 -10.96
C LEU C 352 -28.19 6.48 -11.01
N TYR C 353 -28.25 5.74 -9.91
CA TYR C 353 -27.60 4.43 -9.86
C TYR C 353 -28.25 3.38 -10.77
N ASN C 354 -29.56 3.48 -11.02
CA ASN C 354 -30.28 2.63 -11.98
C ASN C 354 -30.22 3.10 -13.45
N SER C 355 -29.63 4.26 -13.75
CA SER C 355 -29.36 4.66 -15.14
C SER C 355 -28.32 3.74 -15.79
N ALA C 356 -28.68 3.04 -16.86
CA ALA C 356 -27.79 2.09 -17.54
C ALA C 356 -26.63 2.75 -18.31
N SER C 357 -26.72 4.05 -18.58
CA SER C 357 -25.79 4.80 -19.43
C SER C 357 -24.39 5.02 -18.84
N PHE C 358 -24.26 5.09 -17.52
CA PHE C 358 -22.99 5.41 -16.86
C PHE C 358 -22.00 4.24 -16.89
N SER C 359 -20.83 4.44 -17.48
CA SER C 359 -19.78 3.42 -17.59
C SER C 359 -18.90 3.33 -16.34
N THR C 360 -18.91 4.38 -15.52
CA THR C 360 -18.30 4.45 -14.20
C THR C 360 -19.34 4.98 -13.25
N PHE C 361 -19.50 4.35 -12.09
CA PHE C 361 -20.26 4.87 -10.98
C PHE C 361 -19.59 4.36 -9.72
N LYS C 362 -18.82 5.23 -9.04
CA LYS C 362 -17.75 4.80 -8.15
C LYS C 362 -17.74 5.68 -6.91
N CYS C 363 -18.30 5.19 -5.82
CA CYS C 363 -18.37 5.90 -4.55
C CYS C 363 -17.21 5.56 -3.63
N TYR C 364 -16.73 6.51 -2.84
CA TYR C 364 -15.49 6.35 -2.07
C TYR C 364 -15.66 6.29 -0.55
N GLY C 365 -16.60 7.04 0.02
CA GLY C 365 -16.84 7.08 1.48
C GLY C 365 -18.21 6.58 1.90
N VAL C 366 -18.98 6.04 0.97
CA VAL C 366 -20.36 5.53 1.05
C VAL C 366 -20.50 4.43 0.00
N SER C 367 -21.44 3.51 0.18
CA SER C 367 -21.81 2.55 -0.87
C SER C 367 -22.98 3.11 -1.68
N PRO C 368 -23.01 2.98 -3.02
CA PRO C 368 -24.00 3.65 -3.86
C PRO C 368 -25.45 3.25 -3.55
N THR C 369 -25.68 2.03 -3.07
CA THR C 369 -26.99 1.56 -2.62
C THR C 369 -27.49 2.24 -1.33
N LYS C 370 -26.60 2.76 -0.47
CA LYS C 370 -26.93 3.42 0.80
C LYS C 370 -27.31 4.90 0.67
N LEU C 371 -27.08 5.52 -0.48
CA LEU C 371 -27.23 6.97 -0.67
C LEU C 371 -28.66 7.47 -0.37
N ASN C 372 -29.70 6.72 -0.72
CA ASN C 372 -31.08 7.11 -0.42
C ASN C 372 -31.41 7.04 1.08
N ASP C 373 -30.59 6.36 1.90
CA ASP C 373 -30.81 6.16 3.33
C ASP C 373 -30.14 7.24 4.19
N LEU C 374 -29.58 8.27 3.59
CA LEU C 374 -28.50 9.09 4.16
C LEU C 374 -28.74 10.60 3.93
N CYS C 375 -28.01 11.46 4.64
CA CYS C 375 -28.19 12.91 4.63
C CYS C 375 -26.87 13.68 4.70
N PHE C 376 -26.88 14.89 4.14
CA PHE C 376 -25.69 15.71 3.88
C PHE C 376 -25.98 17.19 4.14
N THR C 377 -25.02 17.94 4.65
CA THR C 377 -25.16 19.40 4.84
C THR C 377 -25.18 20.10 3.49
N ASN C 378 -24.20 19.79 2.65
CA ASN C 378 -24.07 20.30 1.29
C ASN C 378 -23.51 19.22 0.37
N VAL C 379 -23.76 19.37 -0.93
CA VAL C 379 -23.20 18.54 -1.99
C VAL C 379 -22.67 19.45 -3.08
N TYR C 380 -21.47 19.22 -3.61
CA TYR C 380 -21.03 19.89 -4.83
C TYR C 380 -20.91 18.88 -5.96
N ALA C 381 -21.64 19.10 -7.04
CA ALA C 381 -21.54 18.36 -8.27
C ALA C 381 -20.59 19.09 -9.23
N ASP C 382 -19.44 18.49 -9.52
CA ASP C 382 -18.41 19.10 -10.35
C ASP C 382 -18.32 18.38 -11.70
N SER C 383 -18.51 19.13 -12.79
CA SER C 383 -18.71 18.63 -14.15
C SER C 383 -17.60 19.06 -15.10
N PHE C 384 -17.14 18.14 -15.93
CA PHE C 384 -16.11 18.39 -16.92
C PHE C 384 -16.04 17.26 -17.95
N VAL C 385 -15.34 17.49 -19.05
CA VAL C 385 -15.05 16.48 -20.07
C VAL C 385 -13.58 16.13 -20.06
N ILE C 386 -13.25 14.84 -20.07
CA ILE C 386 -11.88 14.32 -20.20
C ILE C 386 -11.87 13.12 -21.12
N ARG C 387 -10.70 12.78 -21.63
CA ARG C 387 -10.44 11.59 -22.42
C ARG C 387 -10.74 10.32 -21.62
N GLY C 388 -11.39 9.34 -22.21
CA GLY C 388 -11.81 8.12 -21.51
C GLY C 388 -10.71 7.34 -20.81
N ASP C 389 -9.50 7.32 -21.36
CA ASP C 389 -8.34 6.61 -20.79
C ASP C 389 -7.80 7.31 -19.53
N GLU C 390 -8.14 8.57 -19.31
CA GLU C 390 -7.77 9.37 -18.16
C GLU C 390 -8.79 9.30 -17.02
N VAL C 391 -9.98 8.71 -17.24
CA VAL C 391 -11.05 8.67 -16.22
C VAL C 391 -10.62 7.98 -14.93
N ARG C 392 -9.65 7.05 -14.98
CA ARG C 392 -9.05 6.44 -13.79
C ARG C 392 -8.38 7.43 -12.83
N GLN C 393 -7.94 8.59 -13.32
CA GLN C 393 -7.24 9.60 -12.51
C GLN C 393 -8.20 10.36 -11.59
N ILE C 394 -9.51 10.33 -11.85
CA ILE C 394 -10.52 10.95 -11.01
C ILE C 394 -10.85 10.00 -9.84
N ALA C 395 -9.88 9.83 -8.95
CA ALA C 395 -10.00 9.02 -7.73
C ALA C 395 -9.04 9.58 -6.67
N PRO C 396 -9.36 9.48 -5.37
CA PRO C 396 -8.52 10.01 -4.30
C PRO C 396 -7.15 9.30 -4.29
N GLY C 397 -6.10 10.07 -4.02
CA GLY C 397 -4.73 9.57 -3.98
C GLY C 397 -4.07 9.30 -5.33
N GLN C 398 -4.77 9.47 -6.46
CA GLN C 398 -4.18 9.30 -7.80
C GLN C 398 -3.32 10.49 -8.25
N THR C 399 -2.49 10.25 -9.25
CA THR C 399 -1.60 11.23 -9.89
C THR C 399 -1.50 10.98 -11.40
N GLY C 400 -1.09 11.99 -12.15
CA GLY C 400 -1.06 12.05 -13.61
C GLY C 400 -1.49 13.45 -14.06
N LYS C 401 -1.28 13.84 -15.32
CA LYS C 401 -1.46 15.27 -15.71
C LYS C 401 -2.86 15.84 -15.47
N ILE C 402 -3.92 15.02 -15.39
CA ILE C 402 -5.24 15.50 -14.97
C ILE C 402 -5.28 15.68 -13.45
N ALA C 403 -4.94 14.65 -12.68
CA ALA C 403 -4.95 14.75 -11.22
C ALA C 403 -4.00 15.82 -10.69
N ASP C 404 -2.83 15.98 -11.29
CA ASP C 404 -1.78 16.87 -10.81
C ASP C 404 -2.04 18.34 -11.15
N TYR C 405 -2.59 18.62 -12.33
CA TYR C 405 -2.65 19.98 -12.89
C TYR C 405 -4.04 20.49 -13.20
N ASN C 406 -5.07 19.62 -13.23
CA ASN C 406 -6.41 20.01 -13.67
C ASN C 406 -7.48 19.86 -12.60
N TYR C 407 -7.54 18.71 -11.93
CA TYR C 407 -8.59 18.42 -10.96
C TYR C 407 -8.17 17.35 -9.94
N LYS C 408 -7.99 17.74 -8.68
CA LYS C 408 -7.48 16.87 -7.62
C LYS C 408 -8.57 16.54 -6.60
N LEU C 409 -8.83 15.25 -6.37
CA LEU C 409 -9.67 14.77 -5.26
C LEU C 409 -8.84 14.65 -3.97
N PRO C 410 -9.37 15.08 -2.82
CA PRO C 410 -8.65 14.97 -1.55
C PRO C 410 -8.44 13.51 -1.17
N ASP C 411 -7.38 13.21 -0.44
CA ASP C 411 -7.02 11.83 -0.12
C ASP C 411 -8.09 11.06 0.67
N ASP C 412 -9.06 11.73 1.32
CA ASP C 412 -10.19 11.07 1.96
C ASP C 412 -11.53 11.56 1.38
N PHE C 413 -11.61 11.67 0.06
CA PHE C 413 -12.82 12.04 -0.67
C PHE C 413 -14.06 11.24 -0.23
N THR C 414 -15.13 11.95 0.16
CA THR C 414 -16.45 11.36 0.39
C THR C 414 -17.40 11.89 -0.68
N GLY C 415 -17.95 10.98 -1.48
CA GLY C 415 -18.59 11.33 -2.73
C GLY C 415 -18.57 10.18 -3.72
N CYS C 416 -19.14 10.39 -4.90
CA CYS C 416 -19.22 9.43 -5.99
C CYS C 416 -18.77 10.07 -7.29
N VAL C 417 -18.02 9.33 -8.09
CA VAL C 417 -17.54 9.73 -9.41
C VAL C 417 -18.35 8.99 -10.45
N ILE C 418 -18.92 9.71 -11.41
CA ILE C 418 -19.88 9.18 -12.37
C ILE C 418 -19.41 9.60 -13.74
N ALA C 419 -19.35 8.72 -14.72
CA ALA C 419 -18.88 9.08 -16.06
C ALA C 419 -19.58 8.28 -17.16
N TRP C 420 -19.65 8.88 -18.35
CA TRP C 420 -20.20 8.23 -19.53
C TRP C 420 -19.53 8.72 -20.81
N ASN C 421 -19.34 7.81 -21.76
CA ASN C 421 -18.83 8.19 -23.07
C ASN C 421 -19.79 9.16 -23.74
N SER C 422 -19.26 10.25 -24.25
CA SER C 422 -19.97 11.38 -24.85
C SER C 422 -19.58 11.60 -26.30
N ASN C 423 -19.00 10.59 -26.95
CA ASN C 423 -18.56 10.63 -28.34
C ASN C 423 -19.55 11.28 -29.31
N ASN C 424 -20.84 10.99 -29.23
CA ASN C 424 -21.84 11.62 -30.09
C ASN C 424 -22.02 13.13 -29.84
N LEU C 425 -21.92 13.57 -28.59
CA LEU C 425 -22.11 14.97 -28.19
C LEU C 425 -20.85 15.79 -28.38
N ASP C 426 -19.68 15.18 -28.22
CA ASP C 426 -18.43 15.90 -28.01
C ASP C 426 -17.32 15.57 -29.01
N SER C 427 -17.38 14.50 -29.80
CA SER C 427 -16.44 14.30 -30.90
C SER C 427 -16.95 15.01 -32.15
N LYS C 428 -16.07 15.76 -32.83
CA LYS C 428 -16.38 16.50 -34.07
C LYS C 428 -15.53 15.97 -35.21
N VAL C 429 -16.02 16.09 -36.44
CA VAL C 429 -15.44 15.42 -37.62
C VAL C 429 -13.96 15.71 -37.86
N GLY C 430 -13.50 16.93 -37.60
CA GLY C 430 -12.09 17.35 -37.72
C GLY C 430 -11.33 17.43 -36.38
N GLY C 431 -11.93 16.97 -35.29
CA GLY C 431 -11.47 17.16 -33.91
C GLY C 431 -12.25 18.26 -33.21
N ASN C 432 -12.68 18.04 -31.96
CA ASN C 432 -13.37 19.06 -31.17
C ASN C 432 -12.41 19.88 -30.29
N TYR C 433 -11.97 21.03 -30.78
CA TYR C 433 -11.04 21.90 -30.04
C TYR C 433 -11.71 22.78 -28.98
N ASN C 434 -13.02 22.65 -28.74
CA ASN C 434 -13.70 23.31 -27.62
C ASN C 434 -13.21 22.83 -26.24
N TYR C 435 -12.64 21.63 -26.14
CA TYR C 435 -12.14 21.03 -24.90
C TYR C 435 -10.62 20.98 -24.86
N ARG C 436 -10.05 21.52 -23.78
CA ARG C 436 -8.60 21.54 -23.54
C ARG C 436 -8.27 21.28 -22.08
N TYR C 437 -7.03 20.92 -21.81
CA TYR C 437 -6.55 20.57 -20.49
C TYR C 437 -5.20 21.23 -20.23
N ARG C 438 -4.89 21.50 -18.97
CA ARG C 438 -3.60 22.04 -18.58
C ARG C 438 -2.54 20.96 -18.70
N LEU C 439 -1.53 21.24 -19.49
CA LEU C 439 -0.40 20.39 -19.80
C LEU C 439 0.78 20.59 -18.83
N PHE C 440 0.94 21.79 -18.26
CA PHE C 440 2.04 22.16 -17.37
C PHE C 440 1.59 23.03 -16.18
N ARG C 441 2.28 22.94 -15.05
CA ARG C 441 2.11 23.74 -13.83
C ARG C 441 3.48 23.97 -13.17
N LYS C 442 3.61 25.02 -12.37
CA LYS C 442 4.78 25.20 -11.50
C LYS C 442 4.88 24.10 -10.43
N SER C 443 3.75 23.74 -9.82
CA SER C 443 3.61 22.63 -8.86
C SER C 443 2.19 22.08 -8.87
N ASN C 444 2.00 20.83 -8.42
CA ASN C 444 0.68 20.18 -8.43
C ASN C 444 -0.34 20.99 -7.61
N LEU C 445 -1.58 21.06 -8.09
CA LEU C 445 -2.62 21.81 -7.39
C LEU C 445 -3.15 21.06 -6.16
N LYS C 446 -3.72 21.79 -5.21
CA LYS C 446 -4.34 21.22 -4.00
C LYS C 446 -5.72 20.63 -4.30
N PRO C 447 -6.29 19.79 -3.42
CA PRO C 447 -7.63 19.26 -3.60
C PRO C 447 -8.69 20.35 -3.83
N PHE C 448 -9.50 20.19 -4.87
CA PHE C 448 -10.52 21.16 -5.31
C PHE C 448 -10.01 22.59 -5.58
N GLU C 449 -8.72 22.80 -5.82
CA GLU C 449 -8.22 24.01 -6.49
C GLU C 449 -8.64 24.00 -7.96
N ARG C 450 -8.96 25.18 -8.51
CA ARG C 450 -9.23 25.43 -9.94
C ARG C 450 -8.18 26.39 -10.47
N ASP C 451 -7.77 26.26 -11.72
CA ASP C 451 -6.74 27.12 -12.28
C ASP C 451 -7.04 27.58 -13.72
N ILE C 452 -7.41 28.83 -13.87
CA ILE C 452 -7.74 29.50 -15.13
C ILE C 452 -6.48 30.06 -15.84
N SER C 453 -5.30 30.05 -15.21
CA SER C 453 -4.07 30.68 -15.72
C SER C 453 -3.73 30.30 -17.16
N THR C 454 -3.36 31.27 -17.99
CA THR C 454 -3.00 31.06 -19.41
C THR C 454 -1.59 31.57 -19.73
N GLU C 455 -0.92 32.16 -18.75
CA GLU C 455 0.44 32.69 -18.82
C GLU C 455 1.49 31.59 -19.08
N ILE C 456 2.51 31.91 -19.88
CA ILE C 456 3.46 30.97 -20.46
C ILE C 456 4.30 30.26 -19.38
N TYR C 457 4.40 28.94 -19.50
CA TYR C 457 5.19 28.08 -18.62
C TYR C 457 6.66 28.05 -19.05
N GLN C 458 7.59 28.00 -18.11
CA GLN C 458 9.03 27.86 -18.36
C GLN C 458 9.56 26.48 -17.96
N ALA C 459 10.25 25.81 -18.88
CA ALA C 459 10.70 24.41 -18.78
C ALA C 459 12.24 24.24 -18.81
N GLY C 460 12.99 25.28 -18.48
CA GLY C 460 14.47 25.27 -18.45
C GLY C 460 15.05 26.33 -17.52
N SER C 461 16.37 26.41 -17.40
CA SER C 461 17.03 27.36 -16.48
C SER C 461 16.96 28.81 -16.96
N LYS C 462 16.96 29.04 -18.27
CA LYS C 462 16.98 30.37 -18.90
C LYS C 462 15.59 31.03 -18.93
N PRO C 463 15.50 32.37 -18.83
CA PRO C 463 14.23 33.08 -18.80
C PRO C 463 13.49 33.03 -20.15
N CYS C 464 12.19 33.30 -20.10
CA CYS C 464 11.29 33.40 -21.24
C CYS C 464 10.33 34.59 -21.04
N ASN C 465 10.90 35.80 -21.09
CA ASN C 465 10.22 37.08 -20.89
C ASN C 465 9.39 37.49 -22.13
N GLY C 466 8.50 36.61 -22.59
CA GLY C 466 7.77 36.74 -23.85
C GLY C 466 6.79 35.60 -24.10
N VAL C 467 6.17 35.59 -25.27
CA VAL C 467 5.02 34.74 -25.60
C VAL C 467 5.36 33.32 -26.06
N GLU C 468 6.62 33.05 -26.44
CA GLU C 468 7.02 31.81 -27.14
C GLU C 468 8.52 31.50 -26.96
N GLY C 469 8.92 30.24 -27.14
CA GLY C 469 10.33 29.82 -27.17
C GLY C 469 10.55 28.32 -27.33
N PHE C 470 11.80 27.88 -27.25
CA PHE C 470 12.19 26.47 -27.31
C PHE C 470 11.93 25.73 -25.98
N ASN C 471 12.17 26.39 -24.86
CA ASN C 471 12.06 25.86 -23.50
C ASN C 471 10.89 26.48 -22.71
N CYS C 472 9.87 27.01 -23.39
CA CYS C 472 8.70 27.58 -22.74
C CYS C 472 7.46 27.55 -23.64
N TYR C 473 6.27 27.38 -23.05
CA TYR C 473 5.08 26.89 -23.75
C TYR C 473 3.78 27.52 -23.25
N PHE C 474 2.76 27.62 -24.11
CA PHE C 474 1.40 27.92 -23.66
C PHE C 474 0.85 26.73 -22.87
N PRO C 475 0.27 26.91 -21.66
CA PRO C 475 0.09 25.82 -20.72
C PRO C 475 -1.14 24.93 -20.98
N LEU C 476 -2.09 25.33 -21.83
CA LEU C 476 -3.28 24.54 -22.14
C LEU C 476 -3.16 23.88 -23.52
N GLN C 477 -3.49 22.60 -23.64
CA GLN C 477 -3.48 21.86 -24.90
C GLN C 477 -4.85 21.26 -25.20
N SER C 478 -5.33 21.33 -26.44
CA SER C 478 -6.65 20.78 -26.80
C SER C 478 -6.66 19.27 -27.01
N TYR C 479 -7.79 18.65 -26.72
CA TYR C 479 -8.04 17.24 -27.02
C TYR C 479 -8.51 17.10 -28.47
N GLY C 480 -7.86 16.27 -29.28
CA GLY C 480 -8.26 16.06 -30.67
C GLY C 480 -9.42 15.08 -30.81
N PHE C 481 -10.59 15.38 -30.24
CA PHE C 481 -11.71 14.44 -30.20
C PHE C 481 -12.39 14.26 -31.57
N GLN C 482 -11.84 13.38 -32.40
CA GLN C 482 -12.40 12.92 -33.66
C GLN C 482 -13.21 11.65 -33.46
N PRO C 483 -14.30 11.41 -34.20
CA PRO C 483 -15.06 10.17 -34.09
C PRO C 483 -14.26 8.92 -34.52
N THR C 484 -13.25 9.05 -35.40
CA THR C 484 -12.35 7.94 -35.75
C THR C 484 -11.37 7.53 -34.63
N ASN C 485 -11.29 8.26 -33.51
CA ASN C 485 -10.52 7.83 -32.34
C ASN C 485 -11.07 6.53 -31.75
N GLY C 486 -10.17 5.64 -31.32
CA GLY C 486 -10.55 4.46 -30.54
C GLY C 486 -11.10 4.84 -29.16
N VAL C 487 -11.84 3.94 -28.54
CA VAL C 487 -12.28 4.11 -27.15
C VAL C 487 -11.05 4.29 -26.24
N GLY C 488 -11.21 5.01 -25.14
CA GLY C 488 -10.08 5.52 -24.37
C GLY C 488 -9.57 6.84 -24.91
N TYR C 489 -9.56 7.09 -26.22
CA TYR C 489 -9.26 8.41 -26.80
C TYR C 489 -10.51 9.23 -27.14
N GLN C 490 -11.70 8.76 -26.75
CA GLN C 490 -12.98 9.44 -26.93
C GLN C 490 -13.34 10.32 -25.71
N PRO C 491 -14.20 11.34 -25.86
CA PRO C 491 -14.61 12.21 -24.76
C PRO C 491 -15.54 11.52 -23.78
N TYR C 492 -15.28 11.62 -22.49
CA TYR C 492 -16.16 11.18 -21.42
C TYR C 492 -16.56 12.39 -20.59
N ARG C 493 -17.86 12.67 -20.49
CA ARG C 493 -18.39 13.57 -19.48
C ARG C 493 -18.31 12.89 -18.11
N VAL C 494 -17.93 13.67 -17.11
CA VAL C 494 -17.72 13.21 -15.74
C VAL C 494 -18.44 14.16 -14.81
N VAL C 495 -19.15 13.61 -13.83
CA VAL C 495 -19.73 14.35 -12.72
C VAL C 495 -19.18 13.77 -11.44
N VAL C 496 -18.55 14.61 -10.63
CA VAL C 496 -18.11 14.23 -9.30
C VAL C 496 -19.09 14.80 -8.30
N LEU C 497 -19.91 13.94 -7.70
CA LEU C 497 -20.74 14.33 -6.57
C LEU C 497 -19.88 14.24 -5.31
N SER C 498 -19.62 15.35 -4.66
CA SER C 498 -18.83 15.42 -3.46
C SER C 498 -19.71 15.83 -2.30
N PHE C 499 -19.60 15.15 -1.16
CA PHE C 499 -20.53 15.27 -0.03
C PHE C 499 -19.87 15.88 1.20
N GLU C 500 -20.64 16.59 2.01
CA GLU C 500 -20.32 16.89 3.40
C GLU C 500 -21.42 16.31 4.31
N LEU C 501 -21.03 15.49 5.28
CA LEU C 501 -21.96 14.95 6.27
C LEU C 501 -22.37 16.00 7.32
N LEU C 502 -23.16 15.58 8.32
CA LEU C 502 -23.68 16.39 9.40
C LEU C 502 -22.57 17.15 10.15
N HIS C 503 -22.81 18.44 10.35
CA HIS C 503 -22.04 19.38 11.17
C HIS C 503 -23.08 20.37 11.72
N ALA C 504 -23.65 21.16 10.80
CA ALA C 504 -24.99 21.72 10.89
C ALA C 504 -26.04 20.60 10.61
N PRO C 505 -27.34 20.82 10.83
CA PRO C 505 -28.37 19.96 10.25
C PRO C 505 -28.22 19.80 8.73
N ALA C 506 -28.55 18.62 8.22
CA ALA C 506 -28.53 18.34 6.80
C ALA C 506 -29.51 19.22 6.01
N THR C 507 -29.18 19.51 4.74
CA THR C 507 -30.11 20.17 3.81
C THR C 507 -30.44 19.29 2.60
N VAL C 508 -29.60 18.30 2.29
CA VAL C 508 -29.86 17.30 1.25
C VAL C 508 -30.05 15.95 1.92
N CYS C 509 -31.16 15.28 1.66
CA CYS C 509 -31.47 13.95 2.20
C CYS C 509 -32.13 13.08 1.12
N GLY C 510 -32.07 11.77 1.29
CA GLY C 510 -32.77 10.85 0.39
C GLY C 510 -34.30 10.91 0.49
N PRO C 511 -35.02 10.24 -0.41
CA PRO C 511 -36.49 10.30 -0.55
C PRO C 511 -37.30 9.50 0.49
N LYS C 512 -36.79 9.34 1.72
CA LYS C 512 -37.53 8.72 2.84
C LYS C 512 -38.65 9.62 3.39
N LYS C 513 -39.58 9.04 4.13
CA LYS C 513 -40.69 9.73 4.82
C LYS C 513 -40.62 9.53 6.34
N SER C 514 -40.94 10.59 7.09
CA SER C 514 -40.96 10.57 8.55
C SER C 514 -42.06 9.68 9.13
N THR C 515 -41.81 9.03 10.26
CA THR C 515 -42.82 8.47 11.14
C THR C 515 -43.37 9.54 12.10
N ASN C 516 -44.47 9.23 12.78
CA ASN C 516 -44.86 9.92 14.00
C ASN C 516 -43.78 9.75 15.11
N LEU C 517 -43.82 10.62 16.11
CA LEU C 517 -42.88 10.67 17.24
C LEU C 517 -43.51 10.06 18.49
N VAL C 518 -42.81 9.13 19.15
CA VAL C 518 -43.21 8.51 20.43
C VAL C 518 -42.17 8.78 21.51
N LYS C 519 -42.63 8.88 22.75
CA LYS C 519 -41.88 9.35 23.93
C LYS C 519 -42.03 8.38 25.10
N ASN C 520 -41.07 8.41 26.03
CA ASN C 520 -41.01 7.56 27.23
C ASN C 520 -40.98 6.04 26.92
N LYS C 521 -40.48 5.65 25.74
CA LYS C 521 -40.29 4.27 25.27
C LYS C 521 -38.88 4.10 24.68
N CYS C 522 -38.26 2.93 24.84
CA CYS C 522 -37.03 2.60 24.13
C CYS C 522 -37.29 2.35 22.65
N VAL C 523 -36.64 3.12 21.79
CA VAL C 523 -36.83 3.10 20.33
C VAL C 523 -35.51 3.26 19.61
N ASN C 524 -35.45 2.81 18.37
CA ASN C 524 -34.47 3.36 17.43
C ASN C 524 -34.98 4.70 16.92
N PHE C 525 -34.07 5.60 16.54
CA PHE C 525 -34.44 6.85 15.89
C PHE C 525 -33.45 7.21 14.78
N ASN C 526 -33.88 8.11 13.90
CA ASN C 526 -33.06 8.72 12.88
C ASN C 526 -33.57 10.14 12.64
N PHE C 527 -32.89 11.15 13.17
CA PHE C 527 -33.21 12.55 12.94
C PHE C 527 -32.21 13.12 11.94
N ASN C 528 -32.63 13.53 10.75
CA ASN C 528 -31.73 14.14 9.74
C ASN C 528 -30.49 13.29 9.38
N GLY C 529 -30.54 11.97 9.55
CA GLY C 529 -29.39 11.07 9.36
C GLY C 529 -28.63 10.73 10.65
N LEU C 530 -28.85 11.45 11.76
CA LEU C 530 -28.30 11.13 13.07
C LEU C 530 -29.09 9.95 13.69
N THR C 531 -28.65 8.73 13.40
CA THR C 531 -29.23 7.50 13.94
C THR C 531 -28.85 7.26 15.40
N GLY C 532 -29.66 6.46 16.09
CA GLY C 532 -29.38 6.02 17.46
C GLY C 532 -30.46 5.11 18.01
N THR C 533 -30.29 4.69 19.27
CA THR C 533 -31.30 3.95 20.03
C THR C 533 -31.34 4.49 21.44
N GLY C 534 -32.52 4.75 21.99
CA GLY C 534 -32.67 5.39 23.29
C GLY C 534 -34.12 5.66 23.66
N VAL C 535 -34.30 6.26 24.83
CA VAL C 535 -35.58 6.74 25.35
C VAL C 535 -35.65 8.25 25.14
N LEU C 536 -36.73 8.72 24.52
CA LEU C 536 -36.94 10.14 24.21
C LEU C 536 -37.88 10.80 25.23
N THR C 537 -37.48 11.94 25.78
CA THR C 537 -38.23 12.69 26.80
C THR C 537 -38.25 14.17 26.44
N GLU C 538 -39.33 14.90 26.76
CA GLU C 538 -39.38 16.34 26.50
C GLU C 538 -38.34 17.09 27.34
N SER C 539 -37.43 17.80 26.69
CA SER C 539 -36.30 18.44 27.36
C SER C 539 -36.65 19.75 28.06
N ASN C 540 -35.96 20.06 29.14
CA ASN C 540 -35.89 21.40 29.75
C ASN C 540 -34.56 22.13 29.45
N LYS C 541 -33.71 21.59 28.56
CA LYS C 541 -32.46 22.24 28.12
C LYS C 541 -32.75 23.44 27.23
N LYS C 542 -32.20 24.60 27.58
CA LYS C 542 -32.42 25.90 26.92
C LYS C 542 -31.55 26.08 25.67
N PHE C 543 -31.77 25.28 24.63
CA PHE C 543 -31.07 25.47 23.34
C PHE C 543 -31.29 26.90 22.83
N LEU C 544 -30.23 27.57 22.39
CA LEU C 544 -30.33 28.85 21.68
C LEU C 544 -30.92 28.60 20.27
N PRO C 545 -31.57 29.58 19.63
CA PRO C 545 -32.36 29.33 18.41
C PRO C 545 -31.62 28.65 17.24
N PHE C 546 -30.33 28.92 17.08
CA PHE C 546 -29.49 28.31 16.04
C PHE C 546 -29.04 26.86 16.34
N GLN C 547 -29.14 26.38 17.59
CA GLN C 547 -28.59 25.09 18.01
C GLN C 547 -29.51 23.91 17.68
N GLN C 548 -28.93 22.81 17.20
CA GLN C 548 -29.65 21.64 16.69
C GLN C 548 -29.56 20.39 17.58
N PHE C 549 -28.43 20.17 18.26
CA PHE C 549 -28.10 18.97 19.03
C PHE C 549 -27.49 19.37 20.37
N GLY C 550 -27.54 18.52 21.38
CA GLY C 550 -26.94 18.79 22.69
C GLY C 550 -26.06 17.64 23.16
N ARG C 551 -24.95 17.95 23.83
CA ARG C 551 -23.94 16.95 24.22
C ARG C 551 -23.54 17.00 25.69
N ASP C 552 -23.30 15.82 26.24
CA ASP C 552 -22.81 15.57 27.59
C ASP C 552 -21.28 15.84 27.72
N ILE C 553 -20.74 15.79 28.94
CA ILE C 553 -19.32 15.98 29.25
C ILE C 553 -18.41 15.01 28.46
N ALA C 554 -18.91 13.82 28.18
CA ALA C 554 -18.26 12.78 27.40
C ALA C 554 -18.10 13.09 25.89
N ASP C 555 -18.65 14.20 25.39
CA ASP C 555 -18.80 14.55 23.97
C ASP C 555 -19.65 13.50 23.21
N THR C 556 -20.80 13.17 23.81
CA THR C 556 -21.84 12.29 23.27
C THR C 556 -23.18 13.02 23.26
N THR C 557 -24.03 12.74 22.26
CA THR C 557 -25.36 13.34 22.16
C THR C 557 -26.24 12.93 23.33
N ASP C 558 -26.89 13.89 23.97
CA ASP C 558 -27.92 13.63 24.99
C ASP C 558 -29.17 14.51 24.82
N ALA C 559 -29.24 15.33 23.77
CA ALA C 559 -30.48 15.96 23.34
C ALA C 559 -30.47 16.28 21.84
N VAL C 560 -31.65 16.45 21.26
CA VAL C 560 -31.87 16.66 19.82
C VAL C 560 -33.05 17.60 19.60
N ARG C 561 -33.07 18.30 18.46
CA ARG C 561 -34.21 19.03 17.92
C ARG C 561 -34.88 18.21 16.83
N ASP C 562 -36.19 17.98 16.91
CA ASP C 562 -36.94 17.36 15.82
C ASP C 562 -37.01 18.32 14.60
N PRO C 563 -36.71 17.87 13.36
CA PRO C 563 -36.81 18.73 12.19
C PRO C 563 -38.22 19.26 11.91
N GLN C 564 -39.28 18.51 12.28
CA GLN C 564 -40.64 18.89 11.93
C GLN C 564 -41.26 19.85 12.96
N THR C 565 -41.21 19.52 14.24
CA THR C 565 -41.58 20.43 15.33
C THR C 565 -40.33 20.78 16.12
N LEU C 566 -40.01 22.07 16.23
CA LEU C 566 -38.69 22.54 16.69
C LEU C 566 -38.49 22.45 18.22
N GLU C 567 -39.15 21.49 18.87
CA GLU C 567 -38.99 21.16 20.29
C GLU C 567 -37.75 20.28 20.54
N ILE C 568 -37.24 20.33 21.77
CA ILE C 568 -36.01 19.63 22.16
C ILE C 568 -36.34 18.37 22.95
N LEU C 569 -35.72 17.26 22.59
CA LEU C 569 -35.90 15.96 23.22
C LEU C 569 -34.60 15.56 23.92
N ASP C 570 -34.68 15.27 25.22
CA ASP C 570 -33.61 14.58 25.95
C ASP C 570 -33.50 13.14 25.46
N ILE C 571 -32.28 12.68 25.20
CA ILE C 571 -31.98 11.31 24.80
C ILE C 571 -31.29 10.61 25.97
N THR C 572 -31.88 9.51 26.44
CA THR C 572 -31.34 8.66 27.51
C THR C 572 -31.08 7.27 26.92
N PRO C 573 -29.95 6.61 27.18
CA PRO C 573 -29.69 5.28 26.64
C PRO C 573 -30.68 4.26 27.22
N CYS C 574 -31.15 3.32 26.41
CA CYS C 574 -31.99 2.22 26.92
C CYS C 574 -31.19 1.38 27.91
N SER C 575 -31.80 1.01 29.04
CA SER C 575 -31.04 0.51 30.19
C SER C 575 -30.42 -0.87 29.99
N PHE C 576 -29.32 -1.07 30.71
CA PHE C 576 -28.49 -2.26 30.69
C PHE C 576 -27.96 -2.54 32.10
N GLY C 577 -27.52 -3.76 32.34
CA GLY C 577 -26.84 -4.11 33.58
C GLY C 577 -26.29 -5.52 33.56
N GLY C 578 -25.44 -5.85 34.51
CA GLY C 578 -25.06 -7.24 34.76
C GLY C 578 -26.26 -8.04 35.27
N VAL C 579 -26.36 -9.28 34.84
CA VAL C 579 -27.25 -10.27 35.42
C VAL C 579 -26.40 -11.23 36.21
N SER C 580 -26.68 -11.37 37.50
CA SER C 580 -26.01 -12.37 38.31
C SER C 580 -26.98 -13.28 39.02
N VAL C 581 -26.59 -14.54 39.06
CA VAL C 581 -27.39 -15.62 39.60
C VAL C 581 -26.81 -15.98 40.95
N ILE C 582 -27.68 -16.04 41.94
CA ILE C 582 -27.38 -16.26 43.35
C ILE C 582 -27.84 -17.67 43.67
N THR C 583 -27.00 -18.49 44.27
CA THR C 583 -27.36 -19.86 44.60
C THR C 583 -26.69 -20.38 45.86
N PRO C 584 -27.36 -21.25 46.65
CA PRO C 584 -26.71 -22.04 47.69
C PRO C 584 -25.82 -23.17 47.15
N GLY C 585 -25.75 -23.35 45.84
CA GLY C 585 -24.93 -24.36 45.18
C GLY C 585 -25.64 -25.69 45.00
N THR C 586 -25.34 -26.36 43.90
CA THR C 586 -26.11 -27.48 43.33
C THR C 586 -26.23 -28.67 44.29
N ASN C 587 -25.18 -28.93 45.07
CA ASN C 587 -25.18 -29.97 46.11
C ASN C 587 -26.19 -29.70 47.23
N THR C 588 -26.53 -28.44 47.51
CA THR C 588 -27.62 -28.05 48.42
C THR C 588 -28.97 -27.96 47.71
N SER C 589 -29.08 -27.20 46.61
CA SER C 589 -30.34 -27.00 45.89
C SER C 589 -30.16 -26.54 44.45
N ASN C 590 -31.16 -26.76 43.60
CA ASN C 590 -31.30 -26.13 42.28
C ASN C 590 -32.10 -24.80 42.34
N GLN C 591 -32.48 -24.32 43.52
CA GLN C 591 -32.99 -22.97 43.73
C GLN C 591 -31.96 -21.91 43.35
N VAL C 592 -32.44 -20.80 42.77
CA VAL C 592 -31.65 -19.60 42.48
C VAL C 592 -32.48 -18.33 42.68
N ALA C 593 -31.81 -17.24 42.95
CA ALA C 593 -32.35 -15.88 42.85
C ALA C 593 -31.51 -15.12 41.83
N VAL C 594 -32.04 -14.05 41.25
CA VAL C 594 -31.39 -13.33 40.15
C VAL C 594 -31.39 -11.86 40.45
N LEU C 595 -30.23 -11.24 40.26
CA LEU C 595 -30.04 -9.82 40.45
C LEU C 595 -29.81 -9.15 39.10
N TYR C 596 -30.65 -8.17 38.80
CA TYR C 596 -30.51 -7.23 37.69
C TYR C 596 -29.81 -5.98 38.21
N GLN C 597 -28.49 -5.96 38.08
CA GLN C 597 -27.61 -5.02 38.77
C GLN C 597 -27.82 -3.59 38.28
N GLY C 598 -28.12 -2.67 39.20
CA GLY C 598 -28.38 -1.27 38.88
C GLY C 598 -29.66 -1.00 38.08
N VAL C 599 -30.54 -2.00 37.96
CA VAL C 599 -31.80 -1.93 37.21
C VAL C 599 -32.97 -1.69 38.18
N ASN C 600 -33.90 -0.81 37.81
CA ASN C 600 -35.14 -0.64 38.57
C ASN C 600 -36.13 -1.76 38.21
N CYS C 601 -36.84 -2.33 39.18
CA CYS C 601 -37.72 -3.47 38.95
C CYS C 601 -38.82 -3.27 37.90
N THR C 602 -39.21 -2.02 37.60
CA THR C 602 -40.17 -1.72 36.53
C THR C 602 -39.61 -1.98 35.12
N GLU C 603 -38.29 -2.00 34.95
CA GLU C 603 -37.61 -2.20 33.68
C GLU C 603 -37.50 -3.68 33.28
N VAL C 604 -37.57 -4.60 34.25
CA VAL C 604 -37.33 -6.03 34.06
C VAL C 604 -38.58 -6.71 33.47
N SER C 624 -41.00 -15.75 42.08
CA SER C 624 -42.10 -14.78 41.98
C SER C 624 -41.93 -13.58 42.91
N ASN C 625 -41.03 -13.66 43.89
CA ASN C 625 -40.65 -12.53 44.75
C ASN C 625 -39.86 -11.49 43.97
N VAL C 626 -40.12 -10.20 44.20
CA VAL C 626 -39.40 -9.07 43.59
C VAL C 626 -39.06 -8.04 44.67
N PHE C 627 -37.84 -7.52 44.67
CA PHE C 627 -37.32 -6.67 45.75
C PHE C 627 -36.28 -5.68 45.20
N GLN C 628 -36.59 -4.39 45.32
CA GLN C 628 -35.66 -3.33 44.98
C GLN C 628 -34.61 -3.11 46.08
N THR C 629 -33.50 -3.83 46.01
CA THR C 629 -32.26 -3.43 46.70
C THR C 629 -31.63 -2.21 46.01
N ARG C 630 -30.64 -1.58 46.65
CA ARG C 630 -29.77 -0.57 46.01
C ARG C 630 -28.74 -1.18 45.03
N ALA C 631 -28.39 -2.45 45.19
CA ALA C 631 -27.54 -3.17 44.25
C ALA C 631 -28.21 -3.46 42.89
N GLY C 632 -29.54 -3.45 42.85
CA GLY C 632 -30.36 -3.70 41.68
C GLY C 632 -31.68 -4.36 42.03
N CYS C 633 -32.50 -4.66 41.04
CA CYS C 633 -33.69 -5.46 41.25
C CYS C 633 -33.32 -6.92 41.50
N LEU C 634 -33.70 -7.44 42.67
CA LEU C 634 -33.49 -8.82 43.06
C LEU C 634 -34.82 -9.57 42.91
N ILE C 635 -34.76 -10.73 42.27
CA ILE C 635 -35.92 -11.53 41.93
C ILE C 635 -35.70 -12.96 42.39
N GLY C 636 -36.71 -13.58 42.99
CA GLY C 636 -36.65 -14.96 43.48
C GLY C 636 -36.10 -15.13 44.91
N ALA C 637 -35.88 -14.04 45.65
CA ALA C 637 -35.49 -14.07 47.07
C ALA C 637 -36.56 -13.42 47.97
N GLU C 638 -36.92 -14.11 49.05
CA GLU C 638 -37.83 -13.63 50.08
C GLU C 638 -37.14 -12.60 50.98
N HIS C 639 -37.55 -11.34 50.95
CA HIS C 639 -37.03 -10.34 51.88
C HIS C 639 -37.51 -10.63 53.32
N VAL C 640 -36.60 -10.62 54.29
CA VAL C 640 -36.92 -10.84 55.71
C VAL C 640 -36.45 -9.67 56.58
N ASN C 641 -37.22 -9.35 57.62
CA ASN C 641 -36.94 -8.21 58.51
C ASN C 641 -35.81 -8.48 59.51
N ASN C 642 -35.48 -9.74 59.76
CA ASN C 642 -34.34 -10.15 60.58
C ASN C 642 -32.99 -9.83 59.92
N SER C 643 -31.92 -9.93 60.69
CA SER C 643 -30.54 -9.70 60.26
C SER C 643 -29.66 -10.85 60.71
N TYR C 644 -28.75 -11.30 59.86
CA TYR C 644 -27.85 -12.43 60.09
C TYR C 644 -26.44 -12.10 59.60
N GLU C 645 -25.46 -12.96 59.91
CA GLU C 645 -24.17 -12.96 59.23
C GLU C 645 -24.34 -12.96 57.70
N CYS C 646 -23.49 -12.24 56.97
CA CYS C 646 -23.51 -12.28 55.52
C CYS C 646 -23.11 -13.67 54.98
N ASP C 647 -24.05 -14.36 54.35
CA ASP C 647 -23.81 -15.65 53.71
C ASP C 647 -23.30 -15.49 52.27
N ILE C 648 -24.15 -14.95 51.38
CA ILE C 648 -23.78 -14.53 50.03
C ILE C 648 -23.91 -13.00 49.97
N PRO C 649 -22.87 -12.25 49.57
CA PRO C 649 -22.97 -10.80 49.44
C PRO C 649 -23.79 -10.40 48.21
N ILE C 650 -24.66 -9.39 48.33
CA ILE C 650 -25.33 -8.77 47.18
C ILE C 650 -24.79 -7.36 46.93
N GLY C 651 -24.51 -6.61 47.99
CA GLY C 651 -24.05 -5.23 47.95
C GLY C 651 -24.98 -4.31 48.74
N ALA C 652 -24.51 -3.11 49.07
CA ALA C 652 -25.27 -2.09 49.80
C ALA C 652 -25.94 -2.58 51.10
N GLY C 653 -25.23 -3.40 51.87
CA GLY C 653 -25.66 -3.99 53.13
C GLY C 653 -26.51 -5.25 53.01
N ILE C 654 -26.93 -5.64 51.81
CA ILE C 654 -27.78 -6.80 51.61
C ILE C 654 -26.93 -8.06 51.40
N CYS C 655 -27.36 -9.15 52.01
CA CYS C 655 -26.86 -10.49 51.79
C CYS C 655 -28.03 -11.46 51.56
N ALA C 656 -27.75 -12.59 50.93
CA ALA C 656 -28.70 -13.66 50.70
C ALA C 656 -28.22 -14.98 51.30
N SER C 657 -29.16 -15.80 51.75
CA SER C 657 -28.92 -17.13 52.31
C SER C 657 -30.06 -18.09 51.96
N TYR C 658 -29.85 -19.40 52.09
CA TYR C 658 -30.90 -20.41 51.90
C TYR C 658 -31.30 -21.00 53.25
N GLN C 659 -32.56 -20.81 53.66
CA GLN C 659 -33.07 -21.12 55.01
C GLN C 659 -34.57 -21.44 54.99
N THR C 660 -35.09 -22.06 56.05
CA THR C 660 -36.53 -22.38 56.17
C THR C 660 -37.42 -21.14 56.26
N SER C 673 -40.14 -26.37 52.88
CA SER C 673 -40.23 -25.10 53.62
C SER C 673 -39.03 -24.17 53.43
N GLN C 674 -38.01 -24.62 52.68
CA GLN C 674 -36.81 -23.85 52.34
C GLN C 674 -37.10 -22.76 51.28
N SER C 675 -36.43 -21.61 51.40
CA SER C 675 -36.44 -20.51 50.42
C SER C 675 -35.09 -19.78 50.44
N ILE C 676 -34.75 -19.08 49.37
CA ILE C 676 -33.64 -18.10 49.41
C ILE C 676 -34.19 -16.83 50.06
N ILE C 677 -33.54 -16.35 51.13
CA ILE C 677 -33.88 -15.13 51.84
C ILE C 677 -32.90 -14.02 51.49
N ALA C 678 -33.39 -12.78 51.41
CA ALA C 678 -32.61 -11.56 51.33
C ALA C 678 -32.77 -10.73 52.61
N TYR C 679 -31.68 -10.25 53.19
CA TYR C 679 -31.67 -9.51 54.46
C TYR C 679 -30.54 -8.49 54.52
N THR C 680 -30.71 -7.45 55.33
CA THR C 680 -29.60 -6.59 55.77
C THR C 680 -28.71 -7.34 56.74
N MET C 681 -27.41 -7.46 56.47
CA MET C 681 -26.51 -8.22 57.34
C MET C 681 -26.30 -7.58 58.73
N SER C 682 -26.22 -8.38 59.78
CA SER C 682 -25.75 -7.94 61.09
C SER C 682 -24.22 -7.99 61.16
N LEU C 683 -23.61 -7.03 61.86
CA LEU C 683 -22.15 -6.93 61.98
C LEU C 683 -21.56 -7.78 63.11
N GLY C 684 -22.36 -8.14 64.10
CA GLY C 684 -21.97 -8.95 65.24
C GLY C 684 -22.98 -8.91 66.38
N ALA C 685 -22.77 -9.70 67.42
CA ALA C 685 -23.60 -9.64 68.62
C ALA C 685 -23.41 -8.30 69.36
N GLU C 686 -24.48 -7.59 69.65
CA GLU C 686 -24.41 -6.32 70.38
C GLU C 686 -24.10 -6.55 71.87
N ASN C 687 -23.12 -5.84 72.41
CA ASN C 687 -22.61 -5.98 73.78
C ASN C 687 -22.51 -4.61 74.43
N SER C 688 -23.05 -4.44 75.63
CA SER C 688 -22.78 -3.27 76.47
C SER C 688 -21.81 -3.65 77.57
N VAL C 689 -20.58 -3.14 77.51
CA VAL C 689 -19.55 -3.40 78.52
C VAL C 689 -19.98 -2.83 79.87
N ALA C 690 -19.84 -3.60 80.95
CA ALA C 690 -20.23 -3.25 82.30
C ALA C 690 -19.29 -2.21 82.97
N TYR C 691 -18.97 -1.11 82.28
CA TYR C 691 -18.05 -0.08 82.69
C TYR C 691 -18.50 0.77 83.90
N SER C 692 -17.58 1.09 84.81
CA SER C 692 -17.70 2.17 85.80
C SER C 692 -16.32 2.71 86.19
N ASN C 693 -16.27 3.83 86.90
CA ASN C 693 -15.02 4.41 87.39
C ASN C 693 -14.28 3.58 88.47
N ASN C 694 -14.86 2.48 88.98
CA ASN C 694 -14.26 1.62 90.02
C ASN C 694 -14.46 0.11 89.80
N SER C 695 -14.95 -0.33 88.64
CA SER C 695 -15.15 -1.75 88.34
C SER C 695 -14.05 -2.28 87.44
N ILE C 696 -13.48 -3.44 87.76
CA ILE C 696 -12.55 -4.17 86.90
C ILE C 696 -13.03 -5.62 86.70
N ALA C 697 -12.84 -6.19 85.51
CA ALA C 697 -12.98 -7.62 85.28
C ALA C 697 -11.60 -8.26 85.18
N ILE C 698 -11.34 -9.34 85.92
CA ILE C 698 -10.05 -10.04 85.88
C ILE C 698 -10.29 -11.53 85.59
N PRO C 699 -9.62 -12.11 84.60
CA PRO C 699 -9.72 -13.53 84.28
C PRO C 699 -9.19 -14.41 85.40
N THR C 700 -9.93 -15.47 85.72
CA THR C 700 -9.54 -16.42 86.77
C THR C 700 -9.03 -17.75 86.22
N ASN C 701 -8.99 -17.89 84.90
CA ASN C 701 -8.58 -19.06 84.13
C ASN C 701 -8.14 -18.61 82.73
N PHE C 702 -7.56 -19.49 81.94
CA PHE C 702 -7.18 -19.25 80.54
C PHE C 702 -7.54 -20.44 79.65
N THR C 703 -7.60 -20.23 78.34
CA THR C 703 -7.46 -21.30 77.36
C THR C 703 -6.20 -21.13 76.56
N ILE C 704 -5.57 -22.26 76.23
CA ILE C 704 -4.49 -22.30 75.25
C ILE C 704 -5.13 -22.64 73.93
N SER C 705 -5.12 -21.71 72.98
CA SER C 705 -5.70 -21.93 71.66
C SER C 705 -4.61 -22.04 70.59
N VAL C 706 -4.84 -22.91 69.62
CA VAL C 706 -3.97 -23.09 68.46
C VAL C 706 -4.76 -22.75 67.22
N THR C 707 -4.32 -21.77 66.46
CA THR C 707 -4.95 -21.35 65.22
C THR C 707 -4.01 -21.49 64.05
N THR C 708 -4.57 -21.69 62.87
CA THR C 708 -3.84 -21.88 61.63
C THR C 708 -3.86 -20.60 60.81
N GLU C 709 -2.72 -20.21 60.28
CA GLU C 709 -2.58 -19.16 59.27
C GLU C 709 -1.87 -19.74 58.06
N ILE C 710 -2.44 -19.59 56.88
CA ILE C 710 -1.89 -20.13 55.63
C ILE C 710 -1.40 -18.99 54.74
N LEU C 711 -0.18 -19.08 54.22
CA LEU C 711 0.40 -18.09 53.30
C LEU C 711 0.95 -18.73 52.03
N PRO C 712 0.58 -18.23 50.84
CA PRO C 712 1.29 -18.52 49.61
C PRO C 712 2.72 -18.02 49.65
N VAL C 713 3.68 -18.84 49.24
CA VAL C 713 5.10 -18.52 49.23
C VAL C 713 5.63 -18.45 47.81
N SER C 714 5.06 -19.21 46.88
CA SER C 714 5.53 -19.30 45.51
C SER C 714 4.40 -19.65 44.58
N MET C 715 4.68 -19.60 43.29
CA MET C 715 3.82 -20.15 42.25
C MET C 715 4.65 -21.00 41.31
N THR C 716 4.01 -21.80 40.47
CA THR C 716 4.72 -22.66 39.51
C THR C 716 5.49 -21.83 38.50
N LYS C 717 6.75 -22.20 38.28
CA LYS C 717 7.65 -21.56 37.32
C LYS C 717 7.26 -21.96 35.90
N THR C 718 6.60 -21.11 35.13
CA THR C 718 6.22 -21.45 33.75
C THR C 718 6.98 -20.59 32.77
N SER C 719 7.81 -21.23 31.95
CA SER C 719 8.50 -20.64 30.82
C SER C 719 7.67 -20.74 29.54
N VAL C 720 7.94 -19.85 28.58
CA VAL C 720 7.44 -19.95 27.21
C VAL C 720 8.58 -19.72 26.24
N ASP C 721 8.76 -20.59 25.25
CA ASP C 721 9.46 -20.23 24.02
C ASP C 721 8.49 -19.43 23.14
N CYS C 722 8.57 -18.10 23.19
CA CYS C 722 7.65 -17.19 22.51
C CYS C 722 7.57 -17.43 21.00
N THR C 723 8.68 -17.76 20.34
CA THR C 723 8.70 -18.03 18.90
C THR C 723 7.93 -19.30 18.60
N MET C 724 8.07 -20.34 19.42
CA MET C 724 7.32 -21.58 19.23
C MET C 724 5.83 -21.43 19.54
N TYR C 725 5.46 -20.56 20.49
CA TYR C 725 4.06 -20.22 20.72
C TYR C 725 3.43 -19.45 19.56
N ILE C 726 4.09 -18.38 19.09
CA ILE C 726 3.58 -17.55 18.01
C ILE C 726 3.59 -18.31 16.67
N CYS C 727 4.65 -19.05 16.38
CA CYS C 727 4.93 -19.55 15.03
C CYS C 727 4.96 -21.06 14.84
N GLY C 728 4.89 -21.88 15.90
CA GLY C 728 4.70 -23.32 15.78
C GLY C 728 5.70 -24.05 14.87
N ASP C 729 6.94 -23.59 14.80
CA ASP C 729 8.02 -24.03 13.89
C ASP C 729 7.89 -23.71 12.38
N SER C 730 6.90 -22.92 11.95
CA SER C 730 6.91 -22.31 10.60
C SER C 730 8.04 -21.29 10.47
N THR C 731 9.06 -21.62 9.67
CA THR C 731 10.16 -20.71 9.32
C THR C 731 9.65 -19.41 8.69
N GLU C 732 8.56 -19.50 7.94
CA GLU C 732 7.89 -18.39 7.28
C GLU C 732 7.35 -17.41 8.31
N CYS C 733 6.69 -17.91 9.36
CA CYS C 733 6.28 -17.11 10.49
C CYS C 733 7.47 -16.60 11.30
N SER C 734 8.50 -17.41 11.55
CA SER C 734 9.70 -16.98 12.27
C SER C 734 10.43 -15.83 11.58
N ASN C 735 10.54 -15.85 10.26
CA ASN C 735 11.13 -14.74 9.51
C ASN C 735 10.28 -13.47 9.59
N LEU C 736 8.95 -13.59 9.60
CA LEU C 736 8.07 -12.46 9.85
C LEU C 736 8.16 -11.93 11.27
N LEU C 737 8.26 -12.80 12.28
CA LEU C 737 8.33 -12.40 13.69
C LEU C 737 9.59 -11.59 14.01
N LEU C 738 10.71 -11.83 13.30
CA LEU C 738 11.90 -10.98 13.35
C LEU C 738 11.66 -9.52 12.90
N GLN C 739 10.58 -9.21 12.18
CA GLN C 739 10.20 -7.83 11.83
C GLN C 739 9.86 -6.97 13.07
N TYR C 740 9.45 -7.59 14.17
CA TYR C 740 8.98 -6.94 15.40
C TYR C 740 10.09 -6.75 16.45
N GLY C 741 11.30 -7.27 16.18
CA GLY C 741 12.50 -6.99 16.97
C GLY C 741 12.52 -7.64 18.34
N SER C 742 12.60 -6.81 19.38
CA SER C 742 13.02 -7.25 20.72
C SER C 742 11.89 -7.79 21.61
N PHE C 743 10.62 -7.68 21.20
CA PHE C 743 9.45 -8.10 22.01
C PHE C 743 9.55 -9.54 22.50
N CYS C 744 9.96 -10.48 21.66
CA CYS C 744 10.01 -11.89 22.03
C CYS C 744 11.07 -12.19 23.11
N THR C 745 12.25 -11.58 23.02
CA THR C 745 13.30 -11.68 24.04
C THR C 745 12.92 -10.99 25.35
N GLN C 746 12.26 -9.84 25.26
CA GLN C 746 11.74 -9.09 26.40
C GLN C 746 10.68 -9.88 27.20
N LEU C 747 9.83 -10.67 26.53
CA LEU C 747 8.89 -11.58 27.18
C LEU C 747 9.57 -12.75 27.89
N ASN C 748 10.59 -13.33 27.27
CA ASN C 748 11.35 -14.43 27.88
C ASN C 748 12.12 -13.97 29.13
N ARG C 749 12.74 -12.79 29.11
CA ARG C 749 13.38 -12.19 30.29
C ARG C 749 12.39 -12.03 31.45
N ALA C 750 11.20 -11.52 31.18
CA ALA C 750 10.18 -11.28 32.21
C ALA C 750 9.76 -12.57 32.93
N LEU C 751 9.44 -13.64 32.20
CA LEU C 751 9.11 -14.94 32.80
C LEU C 751 10.30 -15.60 33.49
N THR C 752 11.52 -15.34 33.04
CA THR C 752 12.73 -15.85 33.70
C THR C 752 12.98 -15.13 35.03
N GLY C 753 12.76 -13.82 35.09
CA GLY C 753 12.77 -13.06 36.33
C GLY C 753 11.75 -13.55 37.36
N ILE C 754 10.53 -13.90 36.92
CA ILE C 754 9.50 -14.46 37.81
C ILE C 754 9.93 -15.82 38.35
N ALA C 755 10.43 -16.71 37.48
CA ALA C 755 10.81 -18.06 37.87
C ALA C 755 11.99 -18.08 38.86
N VAL C 756 12.98 -17.20 38.68
CA VAL C 756 14.08 -17.03 39.63
C VAL C 756 13.59 -16.57 41.00
N GLU C 757 12.64 -15.65 41.07
CA GLU C 757 12.18 -15.14 42.35
C GLU C 757 11.27 -16.10 43.12
N GLN C 758 10.73 -17.16 42.51
CA GLN C 758 9.98 -18.18 43.25
C GLN C 758 10.88 -18.99 44.19
N ASP C 759 12.11 -19.27 43.77
CA ASP C 759 13.12 -19.91 44.60
C ASP C 759 13.62 -18.97 45.69
N LYS C 760 13.83 -17.69 45.36
CA LYS C 760 14.12 -16.65 46.34
C LYS C 760 13.04 -16.57 47.41
N ASN C 761 11.78 -16.49 47.03
CA ASN C 761 10.66 -16.43 47.96
C ASN C 761 10.67 -17.60 48.94
N THR C 762 10.91 -18.81 48.44
CA THR C 762 11.00 -20.03 49.25
C THR C 762 12.23 -20.03 50.16
N GLN C 763 13.38 -19.53 49.69
CA GLN C 763 14.56 -19.37 50.52
C GLN C 763 14.41 -18.30 51.60
N GLU C 764 13.70 -17.20 51.38
CA GLU C 764 13.44 -16.22 52.43
C GLU C 764 12.53 -16.78 53.53
N VAL C 765 11.65 -17.72 53.23
CA VAL C 765 10.73 -18.30 54.21
C VAL C 765 11.35 -19.47 54.96
N PHE C 766 11.90 -20.47 54.26
CA PHE C 766 12.29 -21.73 54.89
C PHE C 766 13.77 -21.81 55.29
N ALA C 767 14.68 -21.26 54.50
CA ALA C 767 16.12 -21.37 54.75
C ALA C 767 16.65 -20.41 55.84
N GLN C 768 15.84 -20.09 56.86
CA GLN C 768 16.19 -19.20 57.96
C GLN C 768 17.06 -19.87 59.04
N VAL C 769 17.05 -21.20 59.14
CA VAL C 769 18.00 -21.97 59.95
C VAL C 769 19.36 -22.05 59.26
N LYS C 770 20.44 -21.78 59.99
CA LYS C 770 21.82 -22.00 59.51
C LYS C 770 22.23 -23.48 59.51
N GLN C 771 21.56 -24.29 60.32
CA GLN C 771 21.97 -25.62 60.73
C GLN C 771 20.75 -26.53 60.90
N ILE C 772 20.86 -27.83 60.60
CA ILE C 772 19.70 -28.71 60.51
C ILE C 772 19.47 -29.41 61.84
N TYR C 773 18.84 -28.68 62.76
CA TYR C 773 18.53 -29.15 64.10
C TYR C 773 17.67 -30.39 64.10
N LYS C 774 18.01 -31.34 64.97
CA LYS C 774 17.38 -32.66 65.07
C LYS C 774 16.87 -32.86 66.50
N THR C 775 15.63 -33.32 66.63
CA THR C 775 14.99 -33.53 67.94
C THR C 775 15.49 -34.82 68.61
N PRO C 776 15.71 -34.86 69.94
CA PRO C 776 16.18 -36.04 70.66
C PRO C 776 15.22 -37.24 70.55
N PRO C 777 15.73 -38.48 70.73
CA PRO C 777 14.91 -39.68 70.75
C PRO C 777 13.98 -39.79 71.97
N ILE C 778 14.26 -39.07 73.05
CA ILE C 778 13.40 -38.96 74.24
C ILE C 778 12.54 -37.69 74.14
N LYS C 779 11.26 -37.88 73.88
CA LYS C 779 10.25 -36.81 73.70
C LYS C 779 9.73 -36.23 75.03
N ASP C 780 10.60 -36.02 76.02
CA ASP C 780 10.21 -35.50 77.34
C ASP C 780 10.11 -33.98 77.35
N PHE C 781 8.99 -33.46 76.82
CA PHE C 781 8.69 -32.05 76.71
C PHE C 781 7.65 -31.59 77.74
N GLY C 782 7.69 -32.10 78.97
CA GLY C 782 6.86 -31.63 80.09
C GLY C 782 5.38 -32.01 80.03
N GLY C 783 5.02 -33.02 79.22
CA GLY C 783 3.64 -33.45 78.98
C GLY C 783 3.00 -32.89 77.70
N PHE C 784 3.62 -31.91 77.04
CA PHE C 784 3.21 -31.43 75.72
C PHE C 784 3.65 -32.44 74.66
N ASN C 785 2.79 -32.73 73.67
CA ASN C 785 3.01 -33.75 72.65
C ASN C 785 3.04 -33.13 71.25
N PHE C 786 4.15 -33.29 70.52
CA PHE C 786 4.35 -32.73 69.18
C PHE C 786 4.35 -33.78 68.05
N SER C 787 3.97 -35.03 68.34
CA SER C 787 4.11 -36.15 67.40
C SER C 787 3.39 -35.97 66.07
N GLN C 788 2.32 -35.16 66.00
CA GLN C 788 1.56 -34.91 64.78
C GLN C 788 2.11 -33.74 63.92
N ILE C 789 3.07 -32.97 64.42
CA ILE C 789 3.75 -31.89 63.70
C ILE C 789 5.25 -32.12 63.51
N LEU C 790 5.86 -33.00 64.31
CA LEU C 790 7.18 -33.56 64.06
C LEU C 790 7.11 -34.63 62.95
N PRO C 791 8.21 -34.92 62.24
CA PRO C 791 8.24 -35.92 61.19
C PRO C 791 7.78 -37.31 61.64
N ASP C 792 7.14 -38.04 60.74
CA ASP C 792 7.02 -39.50 60.84
C ASP C 792 8.19 -40.15 60.08
N PRO C 793 9.14 -40.83 60.73
CA PRO C 793 10.28 -41.45 60.05
C PRO C 793 9.89 -42.65 59.18
N SER C 794 8.81 -43.36 59.54
CA SER C 794 8.29 -44.52 58.80
C SER C 794 7.39 -44.15 57.61
N LYS C 795 7.71 -43.05 56.93
CA LYS C 795 6.98 -42.52 55.77
C LYS C 795 7.94 -42.23 54.61
N PRO C 796 7.59 -42.46 53.32
CA PRO C 796 8.52 -42.31 52.20
C PRO C 796 9.10 -40.89 52.03
N SER C 797 8.32 -39.85 52.35
CA SER C 797 8.83 -38.50 52.64
C SER C 797 8.66 -38.22 54.13
N LYS C 798 9.69 -37.69 54.79
CA LYS C 798 9.71 -37.43 56.24
C LYS C 798 8.96 -36.14 56.58
N ARG C 799 7.72 -36.04 56.11
CA ARG C 799 6.75 -35.00 56.46
C ARG C 799 6.12 -35.30 57.82
N SER C 800 5.56 -34.30 58.46
CA SER C 800 4.72 -34.51 59.63
C SER C 800 3.36 -35.07 59.24
N PHE C 801 2.59 -35.55 60.22
CA PHE C 801 1.23 -36.01 59.99
C PHE C 801 0.34 -34.89 59.43
N ILE C 802 0.42 -33.69 59.99
CA ILE C 802 -0.29 -32.52 59.48
C ILE C 802 0.23 -32.10 58.10
N GLU C 803 1.52 -32.20 57.79
CA GLU C 803 2.03 -31.90 56.46
C GLU C 803 1.51 -32.88 55.41
N ASP C 804 1.37 -34.18 55.72
CA ASP C 804 0.65 -35.11 54.86
C ASP C 804 -0.81 -34.73 54.63
N LEU C 805 -1.55 -34.28 55.65
CA LEU C 805 -2.88 -33.71 55.46
C LEU C 805 -2.85 -32.54 54.48
N LEU C 806 -2.02 -31.53 54.69
CA LEU C 806 -1.91 -30.34 53.82
C LEU C 806 -1.58 -30.72 52.37
N PHE C 807 -0.61 -31.62 52.17
CA PHE C 807 -0.25 -32.11 50.85
C PHE C 807 -1.34 -32.94 50.16
N ASN C 808 -2.29 -33.52 50.89
CA ASN C 808 -3.46 -34.18 50.30
C ASN C 808 -4.62 -33.22 50.01
N LYS C 809 -4.84 -32.16 50.78
CA LYS C 809 -6.00 -31.27 50.60
C LYS C 809 -5.88 -30.31 49.41
N VAL C 810 -4.67 -29.97 48.96
CA VAL C 810 -4.43 -29.25 47.70
C VAL C 810 -4.56 -30.21 46.52
N THR C 811 -5.30 -29.82 45.47
CA THR C 811 -5.45 -30.59 44.23
C THR C 811 -4.72 -29.90 43.06
N LEU C 812 -3.97 -30.69 42.29
CA LEU C 812 -3.01 -30.22 41.28
C LEU C 812 -3.35 -30.76 39.88
N PHE C 839 1.91 -28.91 24.40
CA PHE C 839 2.53 -27.82 25.15
C PHE C 839 2.64 -26.50 24.37
N ASN C 840 2.83 -26.52 23.04
CA ASN C 840 2.94 -25.30 22.21
C ASN C 840 3.99 -24.27 22.71
N GLY C 841 5.19 -24.73 23.09
CA GLY C 841 6.26 -23.88 23.57
C GLY C 841 6.19 -23.51 25.07
N LEU C 842 5.14 -23.88 25.78
CA LEU C 842 4.96 -23.66 27.21
C LEU C 842 5.64 -24.79 28.01
N THR C 843 6.46 -24.49 29.02
CA THR C 843 7.10 -25.51 29.89
C THR C 843 7.11 -25.12 31.36
N VAL C 844 6.94 -26.10 32.27
CA VAL C 844 7.03 -25.89 33.72
C VAL C 844 8.37 -26.39 34.22
N LEU C 845 9.08 -25.52 34.95
CA LEU C 845 10.40 -25.78 35.51
C LEU C 845 10.26 -26.25 36.96
N PRO C 846 11.05 -27.22 37.45
CA PRO C 846 10.98 -27.65 38.83
C PRO C 846 11.40 -26.53 39.82
N PRO C 847 10.85 -26.50 41.03
CA PRO C 847 11.41 -25.71 42.13
C PRO C 847 12.84 -26.19 42.43
N LEU C 848 13.70 -25.30 42.91
CA LEU C 848 15.06 -25.66 43.32
C LEU C 848 15.08 -26.56 44.57
N LEU C 849 14.32 -26.22 45.60
CA LEU C 849 14.14 -27.03 46.79
C LEU C 849 12.99 -28.02 46.60
N THR C 850 13.22 -29.30 46.86
CA THR C 850 12.16 -30.31 46.82
C THR C 850 11.25 -30.22 48.06
N ASP C 851 10.07 -30.85 47.99
CA ASP C 851 9.18 -30.94 49.15
C ASP C 851 9.84 -31.67 50.33
N GLU C 852 10.75 -32.60 50.08
CA GLU C 852 11.56 -33.22 51.12
C GLU C 852 12.48 -32.21 51.78
N MET C 853 13.10 -31.31 51.02
CA MET C 853 13.93 -30.24 51.55
C MET C 853 13.13 -29.20 52.33
N ILE C 854 11.93 -28.82 51.87
CA ILE C 854 11.08 -27.87 52.60
C ILE C 854 10.57 -28.49 53.90
N ALA C 855 10.25 -29.79 53.87
CA ALA C 855 9.93 -30.55 55.05
C ALA C 855 11.14 -30.67 56.00
N GLN C 856 12.35 -30.91 55.50
CA GLN C 856 13.58 -30.86 56.30
C GLN C 856 13.80 -29.50 56.97
N TYR C 857 13.73 -28.39 56.24
CA TYR C 857 13.84 -27.05 56.86
C TYR C 857 12.78 -26.82 57.93
N THR C 858 11.54 -27.18 57.64
CA THR C 858 10.43 -27.03 58.58
C THR C 858 10.67 -27.84 59.85
N SER C 859 11.08 -29.09 59.70
CA SER C 859 11.48 -30.01 60.78
C SER C 859 12.61 -29.44 61.65
N ALA C 860 13.60 -28.77 61.06
CA ALA C 860 14.69 -28.14 61.78
C ALA C 860 14.25 -26.90 62.56
N LEU C 861 13.39 -26.05 61.98
CA LEU C 861 12.80 -24.92 62.68
C LEU C 861 12.01 -25.37 63.91
N LEU C 862 11.26 -26.46 63.77
CA LEU C 862 10.55 -27.13 64.84
C LEU C 862 11.47 -27.64 65.95
N ALA C 863 12.49 -28.43 65.61
CA ALA C 863 13.45 -28.95 66.57
C ALA C 863 14.21 -27.83 67.30
N GLY C 864 14.56 -26.74 66.60
CA GLY C 864 15.14 -25.56 67.21
C GLY C 864 14.21 -24.94 68.25
N THR C 865 12.97 -24.63 67.90
CA THR C 865 12.02 -24.03 68.84
C THR C 865 11.76 -24.93 70.05
N ILE C 866 11.47 -26.21 69.84
CA ILE C 866 11.13 -27.16 70.90
C ILE C 866 12.30 -27.44 71.84
N THR C 867 13.54 -27.54 71.36
CA THR C 867 14.68 -27.84 72.24
C THR C 867 15.32 -26.61 72.83
N SER C 868 15.11 -25.44 72.22
CA SER C 868 16.04 -24.33 72.36
C SER C 868 15.39 -22.94 72.42
N GLY C 869 14.06 -22.86 72.36
CA GLY C 869 13.33 -21.61 72.52
C GLY C 869 13.59 -20.63 71.39
N TRP C 870 13.76 -19.34 71.70
CA TRP C 870 14.15 -18.32 70.73
C TRP C 870 15.67 -18.22 70.50
N THR C 871 16.49 -19.00 71.20
CA THR C 871 17.94 -18.77 71.22
C THR C 871 18.63 -19.13 69.90
N PHE C 872 18.16 -20.15 69.18
CA PHE C 872 18.67 -20.51 67.86
C PHE C 872 18.38 -19.44 66.78
N GLY C 873 17.44 -18.52 67.02
CA GLY C 873 17.23 -17.36 66.16
C GLY C 873 18.38 -16.36 66.26
N ALA C 874 18.82 -16.05 67.49
CA ALA C 874 19.82 -15.02 67.77
C ALA C 874 21.27 -15.51 67.74
N GLY C 875 21.53 -16.80 67.92
CA GLY C 875 22.88 -17.36 67.98
C GLY C 875 22.89 -18.86 67.78
N ALA C 876 23.79 -19.57 68.45
CA ALA C 876 23.72 -21.02 68.56
C ALA C 876 22.49 -21.44 69.39
N ALA C 877 21.89 -22.58 69.07
CA ALA C 877 20.86 -23.18 69.90
C ALA C 877 21.40 -23.49 71.31
N LEU C 878 20.82 -22.88 72.33
CA LEU C 878 21.08 -23.21 73.72
C LEU C 878 19.95 -24.10 74.20
N GLN C 879 20.20 -25.31 74.66
CA GLN C 879 19.09 -26.15 75.12
C GLN C 879 18.48 -25.55 76.39
N ILE C 880 17.19 -25.72 76.54
CA ILE C 880 16.44 -25.40 77.75
C ILE C 880 15.29 -26.39 77.86
N PRO C 881 14.86 -26.84 79.05
CA PRO C 881 13.73 -27.75 79.16
C PRO C 881 12.42 -27.10 78.71
N PHE C 882 11.51 -27.83 78.08
CA PHE C 882 10.34 -27.21 77.43
C PHE C 882 9.41 -26.43 78.39
N ALA C 883 9.16 -26.95 79.60
CA ALA C 883 8.36 -26.24 80.62
C ALA C 883 9.01 -24.93 81.06
N MET C 884 10.33 -24.94 81.20
CA MET C 884 11.14 -23.77 81.52
C MET C 884 11.02 -22.71 80.42
N GLN C 885 11.02 -23.12 79.16
CA GLN C 885 10.77 -22.26 78.02
C GLN C 885 9.36 -21.65 78.03
N MET C 886 8.34 -22.45 78.29
CA MET C 886 6.95 -22.01 78.42
C MET C 886 6.73 -21.03 79.58
N ALA C 887 7.45 -21.14 80.67
CA ALA C 887 7.45 -20.15 81.73
C ALA C 887 7.99 -18.79 81.28
N TYR C 888 9.07 -18.75 80.48
CA TYR C 888 9.52 -17.51 79.85
C TYR C 888 8.48 -16.95 78.87
N ARG C 889 7.78 -17.80 78.10
CA ARG C 889 6.69 -17.36 77.24
C ARG C 889 5.57 -16.71 78.03
N PHE C 890 5.20 -17.26 79.19
CA PHE C 890 4.20 -16.68 80.07
C PHE C 890 4.65 -15.33 80.63
N ASN C 891 5.93 -15.17 81.00
CA ASN C 891 6.45 -13.85 81.36
C ASN C 891 6.38 -12.85 80.20
N GLY C 892 6.64 -13.30 78.97
CA GLY C 892 6.54 -12.48 77.77
C GLY C 892 5.14 -11.99 77.42
N ILE C 893 4.10 -12.51 78.06
CA ILE C 893 2.72 -12.01 77.96
C ILE C 893 2.23 -11.39 79.26
N GLY C 894 3.10 -11.13 80.22
CA GLY C 894 2.75 -10.51 81.49
C GLY C 894 2.10 -11.43 82.52
N VAL C 895 2.26 -12.75 82.40
CA VAL C 895 1.79 -13.74 83.38
C VAL C 895 2.96 -14.28 84.20
N THR C 896 2.81 -14.32 85.52
CA THR C 896 3.88 -14.77 86.42
C THR C 896 4.15 -16.25 86.27
N GLN C 897 5.41 -16.69 86.34
CA GLN C 897 5.80 -18.04 85.90
C GLN C 897 5.30 -19.19 86.78
N ASN C 898 5.00 -18.92 88.04
CA ASN C 898 4.37 -19.91 88.90
C ASN C 898 3.01 -20.35 88.35
N VAL C 899 2.29 -19.46 87.62
CA VAL C 899 1.02 -19.80 86.98
C VAL C 899 1.19 -20.89 85.94
N LEU C 900 2.30 -20.90 85.18
CA LEU C 900 2.59 -22.03 84.33
C LEU C 900 2.90 -23.30 85.13
N TYR C 901 3.87 -23.29 86.03
CA TYR C 901 4.25 -24.50 86.77
C TYR C 901 3.12 -25.10 87.62
N GLU C 902 2.29 -24.29 88.27
CA GLU C 902 1.14 -24.76 89.05
C GLU C 902 0.01 -25.33 88.17
N ASN C 903 -0.08 -24.97 86.90
CA ASN C 903 -1.09 -25.45 85.96
C ASN C 903 -0.50 -26.26 84.79
N GLN C 904 0.72 -26.79 84.90
CA GLN C 904 1.44 -27.37 83.77
C GLN C 904 0.70 -28.52 83.08
N LYS C 905 0.08 -29.43 83.85
CA LYS C 905 -0.69 -30.56 83.30
C LYS C 905 -1.94 -30.09 82.57
N LEU C 906 -2.64 -29.10 83.10
CA LEU C 906 -3.78 -28.46 82.43
C LEU C 906 -3.34 -27.80 81.12
N ILE C 907 -2.31 -26.96 81.16
CA ILE C 907 -1.78 -26.24 80.00
C ILE C 907 -1.32 -27.23 78.92
N ALA C 908 -0.61 -28.29 79.29
CA ALA C 908 -0.18 -29.34 78.37
C ALA C 908 -1.37 -30.09 77.75
N ASN C 909 -2.39 -30.46 78.52
CA ASN C 909 -3.64 -31.03 77.99
C ASN C 909 -4.40 -30.09 77.06
N GLN C 910 -4.49 -28.80 77.37
CA GLN C 910 -5.11 -27.82 76.48
C GLN C 910 -4.37 -27.69 75.15
N PHE C 911 -3.03 -27.65 75.18
CA PHE C 911 -2.23 -27.65 73.97
C PHE C 911 -2.43 -28.94 73.15
N ASN C 912 -2.36 -30.11 73.80
CA ASN C 912 -2.52 -31.41 73.15
C ASN C 912 -3.90 -31.53 72.48
N SER C 913 -4.94 -31.09 73.18
CA SER C 913 -6.31 -31.07 72.67
C SER C 913 -6.49 -30.13 71.49
N ALA C 914 -5.93 -28.92 71.54
CA ALA C 914 -5.98 -27.95 70.46
C ALA C 914 -5.23 -28.42 69.19
N ILE C 915 -4.10 -29.10 69.30
CA ILE C 915 -3.46 -29.74 68.15
C ILE C 915 -4.33 -30.86 67.58
N GLY C 916 -5.04 -31.60 68.43
CA GLY C 916 -5.98 -32.64 67.99
C GLY C 916 -7.12 -32.06 67.14
N LYS C 917 -7.66 -30.91 67.54
CA LYS C 917 -8.67 -30.16 66.77
C LYS C 917 -8.11 -29.65 65.44
N ILE C 918 -6.84 -29.26 65.34
CA ILE C 918 -6.23 -28.82 64.07
C ILE C 918 -6.30 -29.92 63.01
N GLN C 919 -5.96 -31.16 63.36
CA GLN C 919 -6.01 -32.29 62.42
C GLN C 919 -7.41 -32.49 61.82
N ASP C 920 -8.43 -32.60 62.68
CA ASP C 920 -9.82 -32.71 62.23
C ASP C 920 -10.31 -31.46 61.48
N SER C 921 -10.01 -30.25 61.96
CA SER C 921 -10.45 -28.99 61.36
C SER C 921 -9.92 -28.79 59.94
N LEU C 922 -8.70 -29.24 59.65
CA LEU C 922 -8.18 -29.34 58.28
C LEU C 922 -8.89 -30.45 57.50
N SER C 923 -8.90 -31.68 58.05
CA SER C 923 -9.37 -32.88 57.36
C SER C 923 -10.86 -32.81 56.94
N SER C 924 -11.67 -32.02 57.66
CA SER C 924 -13.10 -31.84 57.41
C SER C 924 -13.46 -31.05 56.13
N THR C 925 -12.60 -30.15 55.63
CA THR C 925 -12.92 -29.36 54.42
C THR C 925 -11.70 -28.75 53.73
N ALA C 926 -11.59 -28.94 52.41
CA ALA C 926 -10.54 -28.34 51.57
C ALA C 926 -10.64 -26.81 51.45
N SER C 927 -11.78 -26.20 51.82
CA SER C 927 -11.92 -24.74 51.91
C SER C 927 -10.99 -24.10 52.95
N ALA C 928 -10.43 -24.91 53.86
CA ALA C 928 -9.35 -24.50 54.77
C ALA C 928 -8.07 -24.06 54.02
N LEU C 929 -7.75 -24.65 52.87
CA LEU C 929 -6.55 -24.32 52.06
C LEU C 929 -6.85 -23.47 50.82
N GLY C 930 -7.99 -22.77 50.80
CA GLY C 930 -8.47 -22.01 49.64
C GLY C 930 -7.51 -20.94 49.14
N LYS C 931 -6.72 -20.31 50.02
CA LYS C 931 -5.63 -19.39 49.65
C LYS C 931 -4.58 -20.03 48.75
N LEU C 932 -4.20 -21.28 49.01
CA LEU C 932 -3.22 -22.00 48.20
C LEU C 932 -3.85 -22.53 46.91
N GLN C 933 -5.05 -23.08 47.01
CA GLN C 933 -5.75 -23.58 45.84
C GLN C 933 -6.01 -22.47 44.83
N ASN C 934 -6.34 -21.26 45.28
CA ASN C 934 -6.53 -20.11 44.41
C ASN C 934 -5.28 -19.76 43.59
N VAL C 935 -4.07 -19.82 44.14
CA VAL C 935 -2.83 -19.56 43.42
C VAL C 935 -2.59 -20.61 42.34
N VAL C 936 -2.92 -21.88 42.60
CA VAL C 936 -2.87 -22.95 41.60
C VAL C 936 -3.91 -22.69 40.50
N ASN C 937 -5.13 -22.39 40.89
CA ASN C 937 -6.25 -22.19 39.97
C ASN C 937 -6.08 -20.98 39.06
N GLN C 938 -5.56 -19.86 39.58
CA GLN C 938 -5.26 -18.67 38.77
C GLN C 938 -4.22 -18.96 37.69
N ASN C 939 -3.12 -19.64 38.05
CA ASN C 939 -2.06 -19.93 37.09
C ASN C 939 -2.50 -20.97 36.05
N ALA C 940 -3.26 -22.00 36.44
CA ALA C 940 -3.88 -22.94 35.52
C ALA C 940 -4.86 -22.27 34.53
N GLN C 941 -5.66 -21.33 35.00
CA GLN C 941 -6.62 -20.57 34.21
C GLN C 941 -5.95 -19.59 33.23
N ALA C 942 -4.84 -18.97 33.62
CA ALA C 942 -4.05 -18.12 32.74
C ALA C 942 -3.40 -18.93 31.61
N LEU C 943 -2.82 -20.09 31.91
CA LEU C 943 -2.29 -20.99 30.88
C LEU C 943 -3.36 -21.58 29.97
N ASN C 944 -4.55 -21.91 30.49
CA ASN C 944 -5.64 -22.38 29.64
C ASN C 944 -6.11 -21.29 28.68
N THR C 945 -6.19 -20.05 29.15
CA THR C 945 -6.58 -18.91 28.31
C THR C 945 -5.53 -18.68 27.22
N LEU C 946 -4.25 -18.80 27.54
CA LEU C 946 -3.15 -18.67 26.59
C LEU C 946 -3.20 -19.76 25.52
N VAL C 947 -3.41 -21.01 25.90
CA VAL C 947 -3.53 -22.13 24.96
C VAL C 947 -4.79 -22.04 24.10
N LYS C 948 -5.95 -21.66 24.65
CA LYS C 948 -7.17 -21.43 23.86
C LYS C 948 -7.00 -20.29 22.87
N GLN C 949 -6.20 -19.27 23.14
CA GLN C 949 -5.98 -18.18 22.18
C GLN C 949 -5.29 -18.62 20.89
N LEU C 950 -4.60 -19.77 20.85
CA LEU C 950 -4.07 -20.33 19.60
C LEU C 950 -5.17 -20.71 18.60
N SER C 951 -6.37 -21.03 19.09
CA SER C 951 -7.51 -21.41 18.27
C SER C 951 -8.25 -20.21 17.63
N SER C 952 -7.91 -18.98 17.97
CA SER C 952 -8.48 -17.76 17.42
C SER C 952 -7.92 -17.42 16.03
N ASN C 953 -8.77 -16.92 15.13
CA ASN C 953 -8.36 -16.47 13.80
C ASN C 953 -7.65 -15.12 13.81
N PHE C 954 -8.03 -14.21 14.72
CA PHE C 954 -7.59 -12.80 14.74
C PHE C 954 -7.86 -12.05 13.42
N GLY C 955 -8.80 -12.52 12.61
CA GLY C 955 -9.15 -11.98 11.30
C GLY C 955 -8.42 -12.63 10.11
N ALA C 956 -7.56 -13.63 10.34
CA ALA C 956 -7.03 -14.49 9.29
C ALA C 956 -8.10 -15.49 8.79
N ILE C 957 -7.87 -16.11 7.63
CA ILE C 957 -8.76 -17.16 7.08
C ILE C 957 -8.82 -18.44 7.91
N SER C 958 -7.84 -18.68 8.77
CA SER C 958 -7.75 -19.84 9.65
C SER C 958 -6.97 -19.52 10.93
N SER C 959 -7.21 -20.30 11.99
CA SER C 959 -6.33 -20.39 13.16
C SER C 959 -5.08 -21.22 12.87
N VAL C 960 -5.06 -22.05 11.83
CA VAL C 960 -4.02 -23.08 11.65
C VAL C 960 -2.98 -22.62 10.63
N LEU C 961 -1.75 -22.48 11.11
CA LEU C 961 -0.66 -21.85 10.37
C LEU C 961 -0.19 -22.70 9.19
N ASN C 962 -0.04 -24.01 9.42
CA ASN C 962 0.28 -24.96 8.36
C ASN C 962 -0.82 -25.03 7.30
N ASP C 963 -2.09 -24.83 7.64
CA ASP C 963 -3.16 -24.85 6.65
C ASP C 963 -3.07 -23.64 5.71
N ILE C 964 -2.82 -22.44 6.23
CA ILE C 964 -2.55 -21.25 5.41
C ILE C 964 -1.37 -21.50 4.47
N LEU C 965 -0.26 -22.03 4.98
CA LEU C 965 0.94 -22.31 4.20
C LEU C 965 0.74 -23.46 3.22
N SER C 966 -0.18 -24.39 3.48
CA SER C 966 -0.55 -25.44 2.55
C SER C 966 -1.46 -24.93 1.44
N ARG C 967 -2.36 -23.99 1.72
CA ARG C 967 -3.32 -23.47 0.76
C ARG C 967 -2.74 -22.40 -0.14
N LEU C 968 -1.93 -21.49 0.38
CA LEU C 968 -1.51 -20.30 -0.36
C LEU C 968 -0.01 -20.31 -0.66
N ASP C 969 0.36 -19.73 -1.79
CA ASP C 969 1.75 -19.37 -2.10
C ASP C 969 2.19 -18.12 -1.33
N LYS C 970 3.52 -17.93 -1.20
CA LYS C 970 4.15 -17.09 -0.18
C LYS C 970 3.60 -15.67 -0.08
N VAL C 971 3.44 -14.99 -1.21
CA VAL C 971 3.04 -13.56 -1.26
C VAL C 971 1.71 -13.31 -0.57
N GLU C 972 0.74 -14.20 -0.76
CA GLU C 972 -0.59 -14.09 -0.15
C GLU C 972 -0.66 -14.73 1.24
N ALA C 973 0.14 -15.78 1.50
CA ALA C 973 0.18 -16.41 2.80
C ALA C 973 0.62 -15.43 3.90
N GLU C 974 1.69 -14.67 3.68
CA GLU C 974 2.25 -13.76 4.67
C GLU C 974 1.27 -12.66 5.15
N VAL C 975 0.29 -12.29 4.33
CA VAL C 975 -0.77 -11.35 4.73
C VAL C 975 -1.68 -11.94 5.81
N GLN C 976 -1.93 -13.24 5.76
CA GLN C 976 -2.65 -13.99 6.79
C GLN C 976 -1.77 -14.25 8.01
N ILE C 977 -0.51 -14.68 7.83
CA ILE C 977 0.43 -14.93 8.94
C ILE C 977 0.57 -13.69 9.84
N ASP C 978 0.68 -12.49 9.29
CA ASP C 978 0.81 -11.24 10.06
C ASP C 978 -0.36 -10.99 11.03
N ARG C 979 -1.59 -11.38 10.68
CA ARG C 979 -2.75 -11.25 11.58
C ARG C 979 -2.71 -12.25 12.72
N LEU C 980 -2.31 -13.50 12.45
CA LEU C 980 -2.03 -14.46 13.51
C LEU C 980 -0.88 -14.00 14.42
N ILE C 981 0.21 -13.46 13.88
CA ILE C 981 1.32 -12.96 14.70
C ILE C 981 0.82 -11.86 15.62
N THR C 982 0.12 -10.88 15.09
CA THR C 982 -0.35 -9.73 15.85
C THR C 982 -1.24 -10.16 17.02
N GLY C 983 -2.19 -11.07 16.79
CA GLY C 983 -3.09 -11.53 17.83
C GLY C 983 -2.45 -12.48 18.82
N ARG C 984 -1.55 -13.37 18.39
CA ARG C 984 -0.78 -14.25 19.28
C ARG C 984 0.18 -13.47 20.15
N LEU C 985 0.86 -12.47 19.63
CA LEU C 985 1.75 -11.61 20.39
C LEU C 985 1.00 -10.76 21.41
N GLN C 986 -0.18 -10.24 21.07
CA GLN C 986 -1.04 -9.53 22.03
C GLN C 986 -1.50 -10.45 23.16
N SER C 987 -1.76 -11.72 22.84
CA SER C 987 -2.17 -12.73 23.79
C SER C 987 -1.05 -13.06 24.77
N LEU C 988 0.16 -13.21 24.25
CA LEU C 988 1.33 -13.52 25.06
C LEU C 988 1.76 -12.33 25.95
N GLN C 989 1.69 -11.10 25.46
CA GLN C 989 1.92 -9.90 26.29
C GLN C 989 0.91 -9.78 27.43
N THR C 990 -0.35 -10.09 27.16
CA THR C 990 -1.41 -10.10 28.16
C THR C 990 -1.13 -11.11 29.26
N TYR C 991 -0.70 -12.32 28.90
CA TYR C 991 -0.29 -13.34 29.85
C TYR C 991 0.91 -12.90 30.68
N VAL C 992 2.00 -12.44 30.07
CA VAL C 992 3.20 -12.06 30.80
C VAL C 992 2.95 -10.88 31.74
N THR C 993 2.15 -9.90 31.34
CA THR C 993 1.81 -8.78 32.21
C THR C 993 1.02 -9.23 33.42
N GLN C 994 0.03 -10.10 33.25
CA GLN C 994 -0.74 -10.65 34.35
C GLN C 994 0.12 -11.52 35.27
N GLN C 995 1.07 -12.29 34.74
CA GLN C 995 2.04 -13.03 35.54
C GLN C 995 2.97 -12.13 36.35
N LEU C 996 3.47 -11.02 35.81
CA LEU C 996 4.27 -10.06 36.56
C LEU C 996 3.48 -9.45 37.72
N ILE C 997 2.22 -9.08 37.49
CA ILE C 997 1.37 -8.48 38.52
C ILE C 997 1.03 -9.52 39.59
N ARG C 998 0.68 -10.75 39.20
CA ARG C 998 0.46 -11.88 40.09
C ARG C 998 1.70 -12.27 40.90
N ALA C 999 2.90 -12.23 40.32
CA ALA C 999 4.15 -12.50 41.01
C ALA C 999 4.45 -11.52 42.15
N ALA C 1000 4.09 -10.25 41.98
CA ALA C 1000 4.23 -9.24 43.02
C ALA C 1000 3.34 -9.52 44.25
N GLU C 1001 2.13 -10.04 44.07
CA GLU C 1001 1.29 -10.48 45.18
C GLU C 1001 1.91 -11.65 45.96
N ILE C 1002 2.48 -12.63 45.26
CA ILE C 1002 3.19 -13.76 45.84
C ILE C 1002 4.43 -13.29 46.59
N ARG C 1003 5.17 -12.32 46.07
CA ARG C 1003 6.34 -11.74 46.72
C ARG C 1003 5.99 -10.98 47.99
N ALA C 1004 4.90 -10.23 47.99
CA ALA C 1004 4.36 -9.63 49.21
C ALA C 1004 3.96 -10.71 50.23
N SER C 1005 3.23 -11.74 49.81
CA SER C 1005 2.82 -12.84 50.67
C SER C 1005 4.00 -13.61 51.26
N ALA C 1006 5.02 -13.89 50.46
CA ALA C 1006 6.24 -14.54 50.88
C ALA C 1006 7.09 -13.70 51.82
N ASN C 1007 7.16 -12.39 51.63
CA ASN C 1007 7.85 -11.49 52.54
C ASN C 1007 7.17 -11.47 53.91
N LEU C 1008 5.83 -11.49 53.93
CA LEU C 1008 5.03 -11.60 55.12
C LEU C 1008 5.19 -12.96 55.79
N ALA C 1009 5.27 -14.04 55.03
CA ALA C 1009 5.58 -15.36 55.53
C ALA C 1009 6.98 -15.43 56.16
N ALA C 1010 7.99 -14.85 55.52
CA ALA C 1010 9.33 -14.76 56.06
C ALA C 1010 9.37 -13.96 57.34
N THR C 1011 8.57 -12.91 57.44
CA THR C 1011 8.47 -12.06 58.63
C THR C 1011 7.81 -12.79 59.79
N LYS C 1012 6.81 -13.64 59.54
CA LYS C 1012 6.20 -14.51 60.56
C LYS C 1012 7.13 -15.64 60.97
N MET C 1013 7.93 -16.17 60.06
CA MET C 1013 8.95 -17.12 60.41
C MET C 1013 9.96 -16.51 61.39
N SER C 1014 10.42 -15.29 61.16
CA SER C 1014 11.27 -14.59 62.10
C SER C 1014 10.56 -14.23 63.41
N GLU C 1015 9.45 -13.50 63.35
CA GLU C 1015 8.85 -12.89 64.52
C GLU C 1015 7.92 -13.82 65.32
N CYS C 1016 7.41 -14.91 64.73
CA CYS C 1016 6.50 -15.83 65.41
C CYS C 1016 7.09 -17.22 65.63
N VAL C 1017 7.98 -17.71 64.76
CA VAL C 1017 8.64 -19.02 64.97
C VAL C 1017 9.96 -18.84 65.71
N LEU C 1018 10.78 -17.88 65.32
CA LEU C 1018 12.11 -17.65 65.89
C LEU C 1018 12.07 -16.72 67.13
N GLY C 1019 10.96 -16.05 67.40
CA GLY C 1019 10.78 -15.21 68.57
C GLY C 1019 9.42 -15.36 69.23
N GLN C 1020 9.16 -14.50 70.19
CA GLN C 1020 7.82 -14.23 70.71
C GLN C 1020 7.43 -12.78 70.41
N SER C 1021 6.47 -12.59 69.50
CA SER C 1021 5.98 -11.26 69.12
C SER C 1021 5.05 -10.64 70.16
N LYS C 1022 5.23 -9.35 70.44
CA LYS C 1022 4.26 -8.52 71.20
C LYS C 1022 3.32 -7.70 70.31
N ARG C 1023 3.43 -7.81 68.98
CA ARG C 1023 2.55 -7.18 68.00
C ARG C 1023 1.17 -7.82 68.00
N VAL C 1024 0.12 -7.05 68.28
CA VAL C 1024 -1.25 -7.57 68.39
C VAL C 1024 -1.75 -8.09 67.04
N ASP C 1025 -2.33 -9.29 67.05
CA ASP C 1025 -2.80 -10.07 65.90
C ASP C 1025 -1.73 -10.53 64.90
N PHE C 1026 -0.43 -10.26 65.08
CA PHE C 1026 0.57 -10.69 64.09
C PHE C 1026 0.77 -12.21 64.04
N CYS C 1027 0.61 -12.89 65.17
CA CYS C 1027 0.81 -14.33 65.34
C CYS C 1027 -0.45 -14.99 65.91
N GLY C 1028 -1.62 -14.75 65.31
CA GLY C 1028 -2.90 -15.24 65.82
C GLY C 1028 -3.56 -14.35 66.88
N LYS C 1029 -4.73 -14.75 67.36
CA LYS C 1029 -5.58 -13.97 68.26
C LYS C 1029 -5.52 -14.51 69.69
N GLY C 1030 -5.38 -13.63 70.67
CA GLY C 1030 -4.87 -13.99 72.00
C GLY C 1030 -3.45 -13.46 72.18
N TYR C 1031 -2.83 -13.69 73.33
CA TYR C 1031 -1.45 -13.32 73.55
C TYR C 1031 -0.51 -14.41 73.05
N HIS C 1032 0.37 -14.09 72.12
CA HIS C 1032 1.18 -15.08 71.42
C HIS C 1032 2.22 -15.75 72.33
N LEU C 1033 2.26 -17.07 72.32
CA LEU C 1033 3.26 -17.86 73.03
C LEU C 1033 4.37 -18.29 72.09
N MET C 1034 4.06 -19.11 71.10
CA MET C 1034 4.96 -19.53 70.04
C MET C 1034 4.18 -19.98 68.81
N SER C 1035 4.85 -20.05 67.66
CA SER C 1035 4.31 -20.66 66.46
C SER C 1035 5.18 -21.78 65.98
N PHE C 1036 4.54 -22.76 65.35
CA PHE C 1036 5.19 -23.84 64.61
C PHE C 1036 4.89 -23.69 63.12
N PRO C 1037 5.90 -23.70 62.23
CA PRO C 1037 5.66 -23.75 60.80
C PRO C 1037 5.36 -25.18 60.37
N GLN C 1038 4.54 -25.35 59.35
CA GLN C 1038 4.30 -26.60 58.62
C GLN C 1038 4.37 -26.29 57.14
N SER C 1039 5.06 -27.12 56.39
CA SER C 1039 5.19 -26.95 54.94
C SER C 1039 3.89 -27.31 54.23
N ALA C 1040 3.53 -26.54 53.20
CA ALA C 1040 2.36 -26.77 52.37
C ALA C 1040 2.72 -26.64 50.88
N PRO C 1041 1.93 -27.18 49.94
CA PRO C 1041 2.20 -27.01 48.51
C PRO C 1041 2.19 -25.53 48.11
N HIS C 1042 3.33 -24.99 47.66
CA HIS C 1042 3.50 -23.57 47.32
C HIS C 1042 3.23 -22.58 48.46
N GLY C 1043 3.35 -23.02 49.72
CA GLY C 1043 2.98 -22.23 50.85
C GLY C 1043 3.53 -22.72 52.18
N VAL C 1044 3.09 -22.08 53.24
CA VAL C 1044 3.41 -22.42 54.62
C VAL C 1044 2.13 -22.32 55.42
N VAL C 1045 1.99 -23.15 56.43
CA VAL C 1045 0.98 -22.99 57.48
C VAL C 1045 1.68 -22.70 58.78
N PHE C 1046 1.32 -21.63 59.47
CA PHE C 1046 1.75 -21.39 60.84
C PHE C 1046 0.65 -21.86 61.77
N LEU C 1047 1.01 -22.75 62.68
CA LEU C 1047 0.20 -23.10 63.83
C LEU C 1047 0.62 -22.19 64.98
N HIS C 1048 -0.21 -21.23 65.32
CA HIS C 1048 0.08 -20.20 66.30
C HIS C 1048 -0.53 -20.59 67.63
N VAL C 1049 0.25 -20.65 68.69
CA VAL C 1049 -0.22 -20.94 70.04
C VAL C 1049 -0.39 -19.64 70.78
N THR C 1050 -1.58 -19.37 71.29
CA THR C 1050 -1.87 -18.18 72.08
C THR C 1050 -2.49 -18.55 73.43
N TYR C 1051 -2.27 -17.68 74.40
CA TYR C 1051 -2.97 -17.64 75.66
C TYR C 1051 -4.21 -16.77 75.50
N VAL C 1052 -5.38 -17.26 75.90
CA VAL C 1052 -6.61 -16.48 75.92
C VAL C 1052 -7.19 -16.47 77.33
N PRO C 1053 -7.33 -15.33 78.01
CA PRO C 1053 -8.04 -15.24 79.29
C PRO C 1053 -9.51 -15.66 79.19
N ALA C 1054 -10.01 -16.45 80.15
CA ALA C 1054 -11.20 -17.28 79.94
C ALA C 1054 -12.41 -17.15 80.91
N GLN C 1055 -12.22 -16.84 82.19
CA GLN C 1055 -13.30 -16.89 83.20
C GLN C 1055 -13.27 -15.67 84.11
N GLU C 1056 -13.67 -14.52 83.61
CA GLU C 1056 -13.55 -13.26 84.32
C GLU C 1056 -14.54 -13.08 85.46
N LYS C 1057 -14.09 -12.46 86.54
CA LYS C 1057 -14.90 -12.02 87.66
C LYS C 1057 -14.80 -10.51 87.78
N ASN C 1058 -15.89 -9.86 88.16
CA ASN C 1058 -15.88 -8.46 88.56
C ASN C 1058 -15.24 -8.29 89.93
N PHE C 1059 -14.47 -7.23 90.09
CA PHE C 1059 -13.93 -6.74 91.35
C PHE C 1059 -14.11 -5.24 91.45
N THR C 1060 -14.17 -4.73 92.67
CA THR C 1060 -13.99 -3.29 92.91
C THR C 1060 -12.50 -2.98 92.84
N THR C 1061 -12.11 -1.82 92.32
CA THR C 1061 -10.71 -1.48 92.14
C THR C 1061 -10.44 -0.03 92.49
N ALA C 1062 -9.20 0.28 92.84
CA ALA C 1062 -8.74 1.61 93.15
C ALA C 1062 -7.36 1.84 92.50
N PRO C 1063 -7.05 3.07 92.06
CA PRO C 1063 -5.74 3.40 91.52
C PRO C 1063 -4.62 3.32 92.57
N ALA C 1064 -4.95 3.63 93.83
CA ALA C 1064 -4.03 3.71 94.94
C ALA C 1064 -4.70 3.31 96.26
N ILE C 1065 -3.89 3.00 97.26
CA ILE C 1065 -4.30 2.87 98.66
C ILE C 1065 -3.74 4.05 99.47
N CYS C 1066 -4.59 4.76 100.19
CA CYS C 1066 -4.23 5.64 101.31
C CYS C 1066 -3.93 4.81 102.54
N HIS C 1067 -2.75 4.97 103.13
CA HIS C 1067 -2.37 4.22 104.32
C HIS C 1067 -2.11 5.10 105.54
N ASP C 1068 -1.24 6.09 105.39
CA ASP C 1068 -0.62 6.80 106.52
C ASP C 1068 -0.32 8.25 106.13
N GLY C 1069 -1.30 8.90 105.51
CA GLY C 1069 -1.11 10.04 104.61
C GLY C 1069 -0.52 9.65 103.25
N LYS C 1070 0.39 8.67 103.24
CA LYS C 1070 1.02 8.07 102.06
C LYS C 1070 0.01 7.47 101.08
N ALA C 1071 0.18 7.76 99.80
CA ALA C 1071 -0.50 7.06 98.70
C ALA C 1071 0.40 5.94 98.16
N HIS C 1072 -0.12 4.72 98.11
CA HIS C 1072 0.56 3.52 97.63
C HIS C 1072 0.03 3.11 96.27
N PHE C 1073 0.92 2.71 95.37
CA PHE C 1073 0.64 2.22 94.03
C PHE C 1073 1.19 0.80 93.88
N PRO C 1074 0.60 -0.08 93.05
CA PRO C 1074 1.15 -1.41 92.80
C PRO C 1074 2.43 -1.34 91.96
N ARG C 1075 3.47 -2.09 92.30
CA ARG C 1075 4.69 -2.21 91.47
C ARG C 1075 4.42 -2.91 90.14
N GLU C 1076 3.77 -4.05 90.27
CA GLU C 1076 3.16 -4.86 89.23
C GLU C 1076 1.69 -5.02 89.62
N GLY C 1077 0.80 -5.17 88.66
CA GLY C 1077 -0.57 -5.53 88.98
C GLY C 1077 -1.49 -4.38 89.35
N VAL C 1078 -2.57 -4.72 90.05
CA VAL C 1078 -3.70 -3.84 90.33
C VAL C 1078 -4.31 -4.15 91.70
N PHE C 1079 -4.74 -3.12 92.42
CA PHE C 1079 -5.54 -3.27 93.63
C PHE C 1079 -6.98 -3.66 93.32
N VAL C 1080 -7.48 -4.67 94.00
CA VAL C 1080 -8.82 -5.21 93.87
C VAL C 1080 -9.41 -5.56 95.23
N SER C 1081 -10.71 -5.39 95.35
CA SER C 1081 -11.47 -5.77 96.54
C SER C 1081 -12.46 -6.88 96.21
N ASN C 1082 -12.55 -7.88 97.09
CA ASN C 1082 -13.58 -8.92 97.04
C ASN C 1082 -14.95 -8.46 97.60
N GLY C 1083 -15.14 -7.15 97.81
CA GLY C 1083 -16.29 -6.55 98.45
C GLY C 1083 -16.08 -6.21 99.93
N THR C 1084 -15.02 -6.72 100.57
CA THR C 1084 -14.69 -6.42 101.97
C THR C 1084 -13.19 -6.22 102.19
N HIS C 1085 -12.36 -7.11 101.64
CA HIS C 1085 -10.90 -7.12 101.77
C HIS C 1085 -10.22 -6.68 100.48
N TRP C 1086 -9.21 -5.81 100.59
CA TRP C 1086 -8.36 -5.39 99.49
C TRP C 1086 -7.15 -6.31 99.31
N PHE C 1087 -6.81 -6.60 98.06
CA PHE C 1087 -5.67 -7.39 97.60
C PHE C 1087 -5.00 -6.67 96.44
N VAL C 1088 -3.81 -7.13 96.09
CA VAL C 1088 -3.15 -6.82 94.83
C VAL C 1088 -3.01 -8.10 94.00
N THR C 1089 -3.26 -8.02 92.71
CA THR C 1089 -3.18 -9.16 91.79
C THR C 1089 -2.38 -8.75 90.56
N GLN C 1090 -1.74 -9.71 89.89
CA GLN C 1090 -1.31 -9.55 88.51
C GLN C 1090 -2.52 -9.32 87.58
N ARG C 1091 -2.33 -8.58 86.49
CA ARG C 1091 -3.40 -8.01 85.67
C ARG C 1091 -4.17 -9.04 84.83
N ASN C 1092 -3.53 -10.13 84.43
CA ASN C 1092 -4.02 -11.08 83.42
C ASN C 1092 -4.43 -12.44 83.97
N PHE C 1093 -4.35 -12.66 85.28
CA PHE C 1093 -4.73 -13.90 85.94
C PHE C 1093 -4.93 -13.63 87.42
N TYR C 1094 -6.13 -13.85 87.96
CA TYR C 1094 -6.44 -13.50 89.34
C TYR C 1094 -5.66 -14.38 90.33
N GLU C 1095 -4.74 -13.77 91.05
CA GLU C 1095 -3.93 -14.34 92.11
C GLU C 1095 -3.80 -13.28 93.21
N PRO C 1096 -4.80 -13.16 94.09
CA PRO C 1096 -4.84 -12.12 95.10
C PRO C 1096 -3.75 -12.31 96.14
N GLN C 1097 -3.05 -11.24 96.46
CA GLN C 1097 -2.01 -11.19 97.47
C GLN C 1097 -2.30 -10.08 98.46
N ILE C 1098 -1.95 -10.28 99.72
CA ILE C 1098 -2.02 -9.24 100.76
C ILE C 1098 -1.17 -8.05 100.32
N ILE C 1099 -1.72 -6.84 100.43
CA ILE C 1099 -1.05 -5.62 100.00
C ILE C 1099 0.06 -5.28 100.98
N THR C 1100 1.31 -5.29 100.55
CA THR C 1100 2.48 -5.02 101.40
C THR C 1100 3.42 -3.99 100.77
N THR C 1101 4.32 -3.42 101.57
CA THR C 1101 5.43 -2.60 101.10
C THR C 1101 6.36 -3.33 100.10
N ASP C 1102 6.29 -4.66 99.99
CA ASP C 1102 6.98 -5.40 98.93
C ASP C 1102 6.21 -5.38 97.60
N ASN C 1103 4.87 -5.39 97.64
CA ASN C 1103 4.04 -5.29 96.44
C ASN C 1103 3.90 -3.86 95.94
N THR C 1104 3.96 -2.85 96.81
CA THR C 1104 3.65 -1.46 96.48
C THR C 1104 4.87 -0.57 96.45
N PHE C 1105 4.76 0.61 95.82
CA PHE C 1105 5.64 1.75 96.04
C PHE C 1105 4.82 2.96 96.49
N VAL C 1106 5.45 3.88 97.22
CA VAL C 1106 4.83 5.12 97.72
C VAL C 1106 5.16 6.29 96.81
N SER C 1107 4.20 7.17 96.56
CA SER C 1107 4.49 8.48 95.99
C SER C 1107 3.49 9.53 96.45
N GLY C 1108 3.99 10.56 97.15
CA GLY C 1108 3.17 11.68 97.60
C GLY C 1108 2.13 11.28 98.66
N ASN C 1109 0.97 11.91 98.62
CA ASN C 1109 -0.06 11.75 99.64
C ASN C 1109 -1.49 11.62 99.07
N CYS C 1110 -2.43 11.38 99.95
CA CYS C 1110 -3.86 11.23 99.66
C CYS C 1110 -4.57 12.47 99.07
N ASP C 1111 -3.92 13.64 98.95
CA ASP C 1111 -4.58 14.85 98.48
C ASP C 1111 -4.90 14.84 96.97
N VAL C 1112 -4.06 14.22 96.15
CA VAL C 1112 -4.05 14.45 94.69
C VAL C 1112 -4.73 13.34 93.86
N VAL C 1113 -4.57 12.07 94.25
CA VAL C 1113 -5.08 10.93 93.49
C VAL C 1113 -6.60 10.88 93.57
N ILE C 1114 -7.27 10.88 92.41
CA ILE C 1114 -8.71 10.72 92.30
C ILE C 1114 -9.06 9.24 92.54
N GLY C 1115 -10.05 8.95 93.38
CA GLY C 1115 -10.57 7.60 93.57
C GLY C 1115 -9.78 6.70 94.52
N ILE C 1116 -8.76 7.23 95.20
CA ILE C 1116 -7.93 6.53 96.20
C ILE C 1116 -8.76 6.02 97.39
N VAL C 1117 -8.41 4.86 97.95
CA VAL C 1117 -9.17 4.23 99.05
C VAL C 1117 -8.32 4.06 100.30
N ASN C 1118 -8.91 4.23 101.48
CA ASN C 1118 -8.23 3.97 102.75
C ASN C 1118 -8.10 2.46 103.02
N ASN C 1119 -6.89 1.97 103.30
CA ASN C 1119 -6.68 0.59 103.76
C ASN C 1119 -5.35 0.43 104.53
N THR C 1120 -5.20 -0.68 105.24
CA THR C 1120 -3.88 -1.09 105.72
C THR C 1120 -2.96 -1.48 104.56
N VAL C 1121 -1.65 -1.24 104.73
CA VAL C 1121 -0.58 -1.83 103.92
C VAL C 1121 0.35 -2.52 104.89
N TYR C 1122 0.55 -3.83 104.73
CA TYR C 1122 1.36 -4.63 105.64
C TYR C 1122 2.86 -4.42 105.42
N ASP C 1123 3.64 -4.40 106.49
CA ASP C 1123 5.09 -4.43 106.45
C ASP C 1123 5.59 -5.73 107.09
N PRO C 1124 6.29 -6.62 106.37
CA PRO C 1124 6.77 -7.88 106.94
C PRO C 1124 7.93 -7.69 107.93
N LEU C 1125 8.69 -6.59 107.85
CA LEU C 1125 9.84 -6.38 108.74
C LEU C 1125 9.39 -6.17 110.19
N GLN C 1126 8.25 -5.50 110.40
CA GLN C 1126 7.75 -5.19 111.74
C GLN C 1126 7.50 -6.46 112.58
N PRO C 1127 6.67 -7.43 112.17
CA PRO C 1127 6.49 -8.69 112.89
C PRO C 1127 7.72 -9.61 112.85
N GLU C 1128 8.58 -9.50 111.83
CA GLU C 1128 9.85 -10.25 111.80
C GLU C 1128 10.79 -9.81 112.93
N LEU C 1129 10.82 -8.52 113.26
CA LEU C 1129 11.47 -7.99 114.47
C LEU C 1129 10.67 -8.33 115.74
N ASP C 1130 9.39 -7.98 115.80
CA ASP C 1130 8.51 -8.28 116.94
C ASP C 1130 8.18 -9.78 117.02
N GLN D 1 -18.34 -15.47 -57.04
CA GLN D 1 -17.59 -16.12 -55.93
C GLN D 1 -16.11 -15.73 -56.03
N SER D 2 -15.59 -15.01 -55.04
CA SER D 2 -14.29 -14.28 -55.07
C SER D 2 -13.05 -15.19 -54.95
N ALA D 3 -12.90 -16.13 -55.87
CA ALA D 3 -11.99 -17.27 -55.78
C ALA D 3 -10.57 -16.90 -55.31
N LEU D 4 -10.02 -17.68 -54.38
CA LEU D 4 -8.71 -17.45 -53.80
C LEU D 4 -7.61 -17.72 -54.83
N THR D 5 -6.67 -16.80 -54.99
CA THR D 5 -5.57 -16.89 -55.96
C THR D 5 -4.58 -17.97 -55.55
N GLN D 6 -4.37 -18.97 -56.41
CA GLN D 6 -3.44 -20.08 -56.23
C GLN D 6 -2.57 -20.26 -57.50
N PRO D 7 -1.37 -20.87 -57.42
CA PRO D 7 -0.64 -21.32 -58.60
C PRO D 7 -1.40 -22.45 -59.32
N ALA D 8 -1.26 -22.56 -60.65
CA ALA D 8 -1.96 -23.59 -61.42
C ALA D 8 -1.44 -25.02 -61.17
N SER D 9 -0.13 -25.19 -61.15
CA SER D 9 0.51 -26.44 -60.73
C SER D 9 1.88 -26.18 -60.11
N VAL D 10 2.34 -27.12 -59.28
CA VAL D 10 3.67 -27.14 -58.66
C VAL D 10 4.22 -28.57 -58.71
N SER D 11 5.53 -28.74 -58.53
CA SER D 11 6.18 -30.05 -58.65
C SER D 11 7.36 -30.25 -57.72
N GLY D 12 7.68 -31.50 -57.42
CA GLY D 12 8.88 -31.88 -56.68
C GLY D 12 9.16 -33.38 -56.76
N SER D 13 10.41 -33.77 -56.50
CA SER D 13 10.79 -35.18 -56.42
C SER D 13 10.40 -35.79 -55.06
N PRO D 14 10.23 -37.12 -54.97
CA PRO D 14 9.95 -37.78 -53.69
C PRO D 14 10.96 -37.41 -52.60
N GLY D 15 10.49 -37.25 -51.37
CA GLY D 15 11.28 -36.84 -50.22
C GLY D 15 11.59 -35.33 -50.14
N GLN D 16 11.37 -34.55 -51.21
CA GLN D 16 11.47 -33.08 -51.13
C GLN D 16 10.31 -32.48 -50.35
N SER D 17 10.48 -31.23 -49.89
CA SER D 17 9.44 -30.43 -49.25
C SER D 17 9.03 -29.25 -50.13
N ILE D 18 7.73 -29.03 -50.30
CA ILE D 18 7.16 -27.99 -51.17
C ILE D 18 6.02 -27.25 -50.48
N THR D 19 5.64 -26.09 -51.01
CA THR D 19 4.53 -25.28 -50.48
C THR D 19 3.60 -24.79 -51.59
N ILE D 20 2.30 -24.87 -51.36
CA ILE D 20 1.25 -24.30 -52.20
C ILE D 20 0.70 -23.07 -51.47
N SER D 21 0.64 -21.92 -52.15
CA SER D 21 0.18 -20.65 -51.58
C SER D 21 -1.23 -20.28 -52.03
N CYS D 22 -1.90 -19.46 -51.24
CA CYS D 22 -3.30 -19.09 -51.43
C CYS D 22 -3.53 -17.65 -50.95
N THR D 23 -3.75 -16.72 -51.87
CA THR D 23 -3.99 -15.31 -51.53
C THR D 23 -5.46 -14.97 -51.69
N GLY D 24 -6.08 -14.43 -50.64
CA GLY D 24 -7.48 -14.03 -50.62
C GLY D 24 -7.69 -12.54 -50.44
N THR D 25 -8.95 -12.11 -50.37
CA THR D 25 -9.31 -10.75 -49.96
C THR D 25 -9.01 -10.58 -48.46
N SER D 26 -8.88 -9.33 -48.02
CA SER D 26 -8.83 -8.94 -46.60
C SER D 26 -10.05 -9.37 -45.77
N SER D 27 -11.17 -9.68 -46.42
CA SER D 27 -12.38 -10.27 -45.81
C SER D 27 -12.39 -11.80 -45.76
N ASP D 28 -11.46 -12.49 -46.43
CA ASP D 28 -11.60 -13.91 -46.75
C ASP D 28 -10.47 -14.75 -46.16
N VAL D 29 -9.22 -14.45 -46.52
CA VAL D 29 -8.03 -15.07 -45.91
C VAL D 29 -7.33 -14.09 -44.98
N GLY D 30 -7.39 -12.78 -45.28
CA GLY D 30 -7.36 -11.78 -44.22
C GLY D 30 -8.63 -11.91 -43.35
N GLY D 31 -8.62 -11.37 -42.15
CA GLY D 31 -9.69 -11.63 -41.18
C GLY D 31 -9.53 -13.02 -40.55
N TYR D 32 -10.51 -13.90 -40.72
CA TYR D 32 -10.63 -15.16 -39.99
C TYR D 32 -9.50 -16.19 -40.24
N ASN D 33 -9.32 -17.10 -39.29
CA ASN D 33 -8.33 -18.18 -39.29
C ASN D 33 -8.92 -19.56 -39.60
N TYR D 34 -10.14 -19.59 -40.15
CA TYR D 34 -10.86 -20.81 -40.54
C TYR D 34 -10.35 -21.49 -41.83
N VAL D 35 -9.25 -20.98 -42.41
CA VAL D 35 -8.82 -21.30 -43.78
C VAL D 35 -8.45 -22.78 -43.91
N SER D 36 -9.28 -23.56 -44.59
CA SER D 36 -9.08 -24.99 -44.79
C SER D 36 -8.34 -25.28 -46.08
N TRP D 37 -7.76 -26.47 -46.17
CA TRP D 37 -7.20 -27.04 -47.38
C TRP D 37 -7.79 -28.40 -47.64
N TYR D 38 -8.14 -28.67 -48.89
CA TYR D 38 -8.70 -29.94 -49.38
C TYR D 38 -7.80 -30.55 -50.45
N GLN D 39 -7.76 -31.87 -50.52
CA GLN D 39 -7.12 -32.66 -51.56
C GLN D 39 -8.20 -33.41 -52.35
N GLN D 40 -8.09 -33.53 -53.67
CA GLN D 40 -8.76 -34.61 -54.40
C GLN D 40 -7.85 -35.28 -55.43
N HIS D 41 -7.83 -36.61 -55.46
CA HIS D 41 -7.37 -37.36 -56.62
C HIS D 41 -8.39 -37.26 -57.76
N PRO D 42 -8.01 -37.52 -59.03
CA PRO D 42 -8.90 -37.32 -60.17
C PRO D 42 -10.24 -38.05 -60.04
N GLY D 43 -11.33 -37.35 -60.35
CA GLY D 43 -12.65 -37.95 -60.55
C GLY D 43 -13.38 -38.45 -59.30
N LYS D 44 -12.95 -38.07 -58.10
CA LYS D 44 -13.57 -38.45 -56.81
C LYS D 44 -13.63 -37.29 -55.82
N ALA D 45 -14.50 -37.42 -54.81
CA ALA D 45 -14.84 -36.33 -53.90
C ALA D 45 -13.64 -35.87 -53.04
N PRO D 46 -13.55 -34.58 -52.67
CA PRO D 46 -12.47 -34.05 -51.85
C PRO D 46 -12.35 -34.69 -50.46
N LYS D 47 -11.16 -34.53 -49.86
CA LYS D 47 -10.79 -34.88 -48.49
C LYS D 47 -10.24 -33.63 -47.81
N LEU D 48 -10.68 -33.32 -46.60
CA LEU D 48 -10.16 -32.22 -45.78
C LEU D 48 -8.76 -32.56 -45.25
N MET D 49 -7.75 -31.75 -45.57
CA MET D 49 -6.36 -31.94 -45.13
C MET D 49 -6.00 -31.04 -43.94
N ILE D 50 -6.44 -29.79 -43.94
CA ILE D 50 -6.20 -28.81 -42.89
C ILE D 50 -7.52 -28.09 -42.65
N TYR D 51 -7.91 -27.87 -41.39
CA TYR D 51 -9.24 -27.33 -41.08
C TYR D 51 -9.24 -25.86 -40.70
N ASP D 52 -9.10 -25.49 -39.42
CA ASP D 52 -8.59 -24.15 -39.12
C ASP D 52 -7.13 -24.11 -39.55
N VAL D 53 -6.57 -22.91 -39.73
CA VAL D 53 -5.17 -22.74 -40.13
C VAL D 53 -4.25 -23.63 -39.30
N SER D 54 -3.39 -24.40 -39.96
CA SER D 54 -2.44 -25.33 -39.36
C SER D 54 -3.00 -26.60 -38.68
N LYS D 55 -4.32 -26.76 -38.49
CA LYS D 55 -4.86 -27.94 -37.78
C LYS D 55 -5.16 -29.10 -38.72
N ARG D 56 -4.51 -30.27 -38.54
CA ARG D 56 -4.90 -31.51 -39.22
C ARG D 56 -6.10 -32.18 -38.54
N PRO D 57 -7.10 -32.68 -39.28
CA PRO D 57 -8.08 -33.63 -38.74
C PRO D 57 -7.46 -35.03 -38.54
N SER D 58 -8.16 -35.93 -37.86
CA SER D 58 -7.66 -37.28 -37.55
C SER D 58 -7.36 -38.12 -38.79
N GLY D 59 -6.33 -38.96 -38.73
CA GLY D 59 -5.88 -39.83 -39.82
C GLY D 59 -5.02 -39.14 -40.90
N VAL D 60 -4.97 -37.80 -40.97
CA VAL D 60 -4.07 -37.08 -41.88
C VAL D 60 -2.62 -37.16 -41.38
N SER D 61 -1.67 -37.42 -42.30
CA SER D 61 -0.24 -37.53 -41.99
C SER D 61 0.37 -36.19 -41.58
N ASN D 62 1.31 -36.20 -40.64
CA ASN D 62 2.07 -35.00 -40.26
C ASN D 62 3.06 -34.49 -41.32
N ARG D 63 3.10 -35.10 -42.52
CA ARG D 63 3.70 -34.51 -43.72
C ARG D 63 2.98 -33.24 -44.19
N PHE D 64 1.72 -33.03 -43.77
CA PHE D 64 0.92 -31.85 -44.13
C PHE D 64 0.90 -30.84 -42.98
N SER D 65 1.22 -29.58 -43.26
CA SER D 65 1.11 -28.45 -42.33
C SER D 65 0.68 -27.18 -43.08
N GLY D 66 0.22 -26.17 -42.36
CA GLY D 66 -0.18 -24.90 -42.99
C GLY D 66 -0.02 -23.69 -42.09
N SER D 67 -0.15 -22.50 -42.66
CA SER D 67 0.13 -21.21 -42.00
C SER D 67 -0.54 -20.05 -42.73
N LYS D 68 -0.53 -18.86 -42.13
CA LYS D 68 -1.09 -17.64 -42.71
C LYS D 68 -0.25 -16.42 -42.33
N SER D 69 -0.17 -15.46 -43.24
CA SER D 69 0.47 -14.17 -43.03
C SER D 69 -0.23 -13.10 -43.86
N GLY D 70 -0.82 -12.11 -43.21
CA GLY D 70 -1.68 -11.11 -43.85
C GLY D 70 -2.85 -11.75 -44.59
N ASN D 71 -3.09 -11.31 -45.83
CA ASN D 71 -4.15 -11.80 -46.72
C ASN D 71 -3.88 -13.17 -47.37
N THR D 72 -2.80 -13.87 -47.00
CA THR D 72 -2.33 -15.07 -47.70
C THR D 72 -2.08 -16.25 -46.74
N ALA D 73 -2.50 -17.44 -47.13
CA ALA D 73 -2.30 -18.70 -46.42
C ALA D 73 -1.47 -19.67 -47.27
N SER D 74 -0.90 -20.71 -46.64
CA SER D 74 -0.04 -21.67 -47.33
C SER D 74 -0.22 -23.09 -46.78
N LEU D 75 -0.06 -24.09 -47.63
CA LEU D 75 0.00 -25.50 -47.31
C LEU D 75 1.39 -26.02 -47.65
N THR D 76 2.10 -26.54 -46.67
CA THR D 76 3.42 -27.13 -46.85
C THR D 76 3.29 -28.64 -46.77
N ILE D 77 3.83 -29.32 -47.77
CA ILE D 77 3.84 -30.78 -47.88
C ILE D 77 5.30 -31.20 -47.85
N SER D 78 5.73 -31.77 -46.74
CA SER D 78 7.08 -32.30 -46.59
C SER D 78 7.16 -33.74 -47.11
N GLY D 79 8.38 -34.19 -47.41
CA GLY D 79 8.66 -35.59 -47.73
C GLY D 79 7.77 -36.16 -48.83
N LEU D 80 7.67 -35.51 -50.00
CA LEU D 80 6.74 -35.88 -51.07
C LEU D 80 6.71 -37.37 -51.38
N GLN D 81 5.53 -37.88 -51.73
CA GLN D 81 5.31 -39.25 -52.21
C GLN D 81 4.27 -39.23 -53.33
N SER D 82 4.26 -40.24 -54.20
CA SER D 82 3.34 -40.31 -55.35
C SER D 82 1.85 -40.26 -54.97
N GLU D 83 1.49 -40.66 -53.73
CA GLU D 83 0.16 -40.47 -53.16
C GLU D 83 -0.28 -38.99 -53.05
N ASP D 84 0.66 -38.04 -53.07
CA ASP D 84 0.40 -36.60 -53.05
C ASP D 84 -0.06 -36.04 -54.40
N GLU D 85 0.00 -36.81 -55.50
CA GLU D 85 -0.39 -36.30 -56.82
C GLU D 85 -1.91 -36.12 -56.93
N ALA D 86 -2.35 -34.88 -56.72
CA ALA D 86 -3.75 -34.50 -56.55
C ALA D 86 -3.93 -33.01 -56.84
N ASP D 87 -5.18 -32.56 -56.98
CA ASP D 87 -5.52 -31.13 -56.90
C ASP D 87 -5.69 -30.72 -55.44
N TYR D 88 -5.07 -29.61 -55.04
CA TYR D 88 -5.19 -29.02 -53.70
C TYR D 88 -5.91 -27.67 -53.74
N TYR D 89 -6.98 -27.52 -52.95
CA TYR D 89 -7.78 -26.30 -52.87
C TYR D 89 -7.73 -25.72 -51.48
N CYS D 90 -7.33 -24.45 -51.33
CA CYS D 90 -7.66 -23.71 -50.13
C CYS D 90 -9.14 -23.30 -50.13
N ASN D 91 -9.69 -22.95 -48.97
CA ASN D 91 -11.06 -22.47 -48.81
C ASN D 91 -11.17 -21.57 -47.59
N SER D 92 -12.06 -20.57 -47.59
CA SER D 92 -12.38 -19.81 -46.40
C SER D 92 -13.77 -19.18 -46.45
N LEU D 93 -14.30 -18.74 -45.32
CA LEU D 93 -15.48 -17.88 -45.28
C LEU D 93 -15.06 -16.45 -45.60
N THR D 94 -15.81 -15.79 -46.47
CA THR D 94 -15.83 -14.33 -46.57
C THR D 94 -16.56 -13.70 -45.38
N SER D 95 -17.51 -14.47 -44.87
CA SER D 95 -18.63 -14.11 -44.00
C SER D 95 -19.49 -15.38 -43.88
N ILE D 96 -20.39 -15.47 -42.89
CA ILE D 96 -21.40 -16.56 -42.91
C ILE D 96 -22.32 -16.52 -44.13
N SER D 97 -22.37 -15.40 -44.86
CA SER D 97 -23.10 -15.36 -46.13
C SER D 97 -22.42 -16.15 -47.25
N THR D 98 -21.10 -16.41 -47.20
CA THR D 98 -20.39 -16.99 -48.36
C THR D 98 -19.06 -17.64 -48.00
N TRP D 99 -18.94 -18.93 -48.31
CA TRP D 99 -17.68 -19.67 -48.43
C TRP D 99 -17.07 -19.44 -49.80
N VAL D 100 -15.76 -19.58 -49.91
CA VAL D 100 -15.04 -19.42 -51.17
C VAL D 100 -13.85 -20.37 -51.24
N PHE D 101 -13.71 -21.08 -52.34
CA PHE D 101 -12.56 -21.94 -52.66
C PHE D 101 -11.48 -21.18 -53.45
N GLY D 102 -10.26 -21.71 -53.46
CA GLY D 102 -9.21 -21.31 -54.38
C GLY D 102 -9.30 -22.00 -55.74
N GLY D 103 -8.55 -21.50 -56.73
CA GLY D 103 -8.56 -22.03 -58.09
C GLY D 103 -8.04 -23.47 -58.25
N GLY D 104 -7.37 -24.02 -57.22
CA GLY D 104 -6.86 -25.39 -57.20
C GLY D 104 -5.49 -25.53 -57.86
N THR D 105 -4.54 -26.10 -57.12
CA THR D 105 -3.17 -26.34 -57.57
C THR D 105 -2.95 -27.81 -57.74
N LYS D 106 -2.58 -28.27 -58.93
CA LYS D 106 -2.18 -29.66 -59.12
C LYS D 106 -0.75 -29.86 -58.64
N LEU D 107 -0.49 -30.94 -57.91
CA LEU D 107 0.85 -31.33 -57.48
C LEU D 107 1.37 -32.48 -58.34
N THR D 108 2.54 -32.31 -58.94
CA THR D 108 3.24 -33.35 -59.70
C THR D 108 4.41 -33.88 -58.90
N VAL D 109 4.48 -35.19 -58.70
CA VAL D 109 5.62 -35.84 -58.03
C VAL D 109 6.48 -36.53 -59.08
N LEU D 110 7.74 -36.12 -59.17
CA LEU D 110 8.61 -36.31 -60.34
C LEU D 110 9.22 -37.72 -60.43
N GLY D 111 8.37 -38.74 -60.53
CA GLY D 111 8.73 -40.16 -60.51
C GLY D 111 9.27 -40.75 -61.82
N ARG D 112 9.27 -40.00 -62.93
CA ARG D 112 9.83 -40.44 -64.23
C ARG D 112 10.48 -39.30 -65.02
N THR D 113 11.32 -39.65 -66.00
CA THR D 113 12.02 -38.71 -66.89
C THR D 113 11.07 -37.98 -67.85
N VAL D 114 11.46 -36.78 -68.28
CA VAL D 114 10.79 -36.04 -69.35
C VAL D 114 10.74 -36.88 -70.64
N ALA D 115 9.60 -36.89 -71.32
CA ALA D 115 9.42 -37.52 -72.63
C ALA D 115 8.85 -36.50 -73.63
N ALA D 116 9.48 -36.35 -74.79
CA ALA D 116 9.00 -35.48 -75.86
C ALA D 116 7.82 -36.10 -76.63
N PRO D 117 6.86 -35.31 -77.12
CA PRO D 117 5.77 -35.82 -77.96
C PRO D 117 6.28 -36.24 -79.35
N SER D 118 5.79 -37.35 -79.87
CA SER D 118 5.72 -37.53 -81.34
C SER D 118 4.56 -36.66 -81.85
N VAL D 119 4.83 -35.75 -82.79
CA VAL D 119 3.88 -34.72 -83.27
C VAL D 119 3.42 -35.02 -84.69
N PHE D 120 2.11 -35.00 -84.93
CA PHE D 120 1.48 -35.32 -86.22
C PHE D 120 0.30 -34.37 -86.50
N ILE D 121 -0.02 -34.08 -87.77
CA ILE D 121 -1.24 -33.32 -88.14
C ILE D 121 -2.04 -34.02 -89.24
N PHE D 122 -3.36 -33.96 -89.11
CA PHE D 122 -4.35 -34.47 -90.04
C PHE D 122 -5.09 -33.30 -90.72
N PRO D 123 -4.86 -33.09 -92.03
CA PRO D 123 -5.68 -32.21 -92.89
C PRO D 123 -7.14 -32.69 -92.98
N PRO D 124 -8.08 -31.86 -93.47
CA PRO D 124 -9.51 -32.21 -93.51
C PRO D 124 -9.80 -33.49 -94.30
N SER D 125 -10.74 -34.31 -93.81
CA SER D 125 -11.28 -35.45 -94.58
C SER D 125 -12.26 -34.94 -95.65
N ASP D 126 -12.20 -35.53 -96.85
CA ASP D 126 -13.08 -35.13 -97.96
C ASP D 126 -14.56 -35.40 -97.64
N GLU D 127 -14.86 -36.44 -96.86
CA GLU D 127 -16.21 -36.74 -96.40
C GLU D 127 -16.80 -35.64 -95.50
N GLN D 128 -15.98 -34.97 -94.69
CA GLN D 128 -16.42 -33.82 -93.90
C GLN D 128 -16.57 -32.55 -94.77
N LEU D 129 -15.70 -32.36 -95.78
CA LEU D 129 -15.88 -31.29 -96.77
C LEU D 129 -17.18 -31.48 -97.57
N LYS D 130 -17.58 -32.73 -97.87
CA LYS D 130 -18.90 -33.06 -98.45
C LYS D 130 -20.08 -32.72 -97.53
N SER D 131 -19.90 -32.70 -96.22
CA SER D 131 -20.89 -32.18 -95.24
C SER D 131 -20.63 -30.70 -94.85
N GLY D 132 -19.77 -29.98 -95.56
CA GLY D 132 -19.59 -28.52 -95.44
C GLY D 132 -18.71 -28.04 -94.30
N THR D 133 -17.91 -28.89 -93.65
CA THR D 133 -16.98 -28.49 -92.57
C THR D 133 -15.59 -29.12 -92.69
N ALA D 134 -14.63 -28.57 -91.97
CA ALA D 134 -13.23 -28.92 -92.02
C ALA D 134 -12.65 -28.95 -90.59
N SER D 135 -12.38 -30.15 -90.07
CA SER D 135 -11.67 -30.36 -88.80
C SER D 135 -10.25 -30.82 -89.09
N VAL D 136 -9.28 -30.09 -88.57
CA VAL D 136 -7.85 -30.38 -88.69
C VAL D 136 -7.38 -30.83 -87.31
N VAL D 137 -6.76 -32.00 -87.21
CA VAL D 137 -6.40 -32.60 -85.91
C VAL D 137 -4.89 -32.66 -85.78
N CYS D 138 -4.34 -32.22 -84.65
CA CYS D 138 -2.93 -32.28 -84.33
C CYS D 138 -2.72 -33.21 -83.13
N LEU D 139 -1.97 -34.29 -83.32
CA LEU D 139 -1.75 -35.34 -82.32
C LEU D 139 -0.33 -35.26 -81.74
N LEU D 140 -0.24 -35.26 -80.42
CA LEU D 140 0.97 -35.30 -79.63
C LEU D 140 0.95 -36.60 -78.82
N ASN D 141 1.99 -37.43 -78.90
CA ASN D 141 1.90 -38.79 -78.39
C ASN D 141 2.97 -39.15 -77.33
N ASN D 142 2.55 -39.83 -76.27
CA ASN D 142 3.35 -40.40 -75.16
C ASN D 142 4.47 -39.47 -74.62
N PHE D 143 4.10 -38.25 -74.23
CA PHE D 143 4.97 -37.25 -73.60
C PHE D 143 4.84 -37.20 -72.07
N TYR D 144 5.82 -36.62 -71.38
CA TYR D 144 5.78 -36.36 -69.93
C TYR D 144 6.66 -35.14 -69.58
N PRO D 145 6.30 -34.27 -68.62
CA PRO D 145 5.04 -34.22 -67.85
C PRO D 145 3.83 -33.78 -68.70
N ARG D 146 2.66 -33.59 -68.07
CA ARG D 146 1.38 -33.42 -68.77
C ARG D 146 1.22 -32.10 -69.54
N GLU D 147 1.81 -30.99 -69.09
CA GLU D 147 1.56 -29.64 -69.62
C GLU D 147 2.23 -29.30 -70.98
N ALA D 148 2.01 -30.11 -72.01
CA ALA D 148 2.20 -29.71 -73.42
C ALA D 148 1.13 -28.70 -73.88
N LYS D 149 1.37 -28.02 -75.02
CA LYS D 149 0.47 -27.01 -75.62
C LYS D 149 0.55 -26.99 -77.15
N VAL D 150 -0.52 -26.55 -77.81
CA VAL D 150 -0.61 -26.40 -79.27
C VAL D 150 -1.12 -25.00 -79.67
N GLN D 151 -0.49 -24.40 -80.66
CA GLN D 151 -0.93 -23.19 -81.35
C GLN D 151 -1.44 -23.57 -82.75
N TRP D 152 -2.58 -23.02 -83.16
CA TRP D 152 -3.14 -23.23 -84.50
C TRP D 152 -2.93 -21.99 -85.37
N LYS D 153 -2.45 -22.17 -86.60
CA LYS D 153 -2.08 -21.08 -87.50
C LYS D 153 -2.64 -21.29 -88.89
N VAL D 154 -3.16 -20.23 -89.50
CA VAL D 154 -3.76 -20.25 -90.84
C VAL D 154 -3.28 -19.03 -91.63
N ASP D 155 -2.71 -19.23 -92.82
CA ASP D 155 -1.82 -18.27 -93.49
C ASP D 155 -0.79 -17.64 -92.50
N ASN D 156 -0.26 -18.51 -91.63
CA ASN D 156 0.63 -18.21 -90.49
C ASN D 156 0.05 -17.30 -89.38
N ALA D 157 -1.21 -16.87 -89.47
CA ALA D 157 -1.89 -16.09 -88.44
C ALA D 157 -2.48 -16.99 -87.33
N LEU D 158 -2.19 -16.67 -86.08
CA LEU D 158 -2.62 -17.42 -84.90
C LEU D 158 -4.16 -17.41 -84.74
N GLN D 159 -4.75 -18.59 -84.60
CA GLN D 159 -6.20 -18.80 -84.45
C GLN D 159 -6.66 -18.77 -82.99
N SER D 160 -7.91 -18.37 -82.76
CA SER D 160 -8.58 -18.41 -81.45
C SER D 160 -10.08 -18.72 -81.62
N GLY D 161 -10.68 -19.43 -80.65
CA GLY D 161 -12.09 -19.86 -80.65
C GLY D 161 -12.45 -20.99 -81.63
N ASN D 162 -11.70 -21.12 -82.73
CA ASN D 162 -11.90 -22.16 -83.76
C ASN D 162 -11.33 -23.55 -83.38
N SER D 163 -10.74 -23.73 -82.20
CA SER D 163 -10.01 -24.96 -81.83
C SER D 163 -10.27 -25.45 -80.41
N GLN D 164 -10.11 -26.76 -80.19
CA GLN D 164 -10.37 -27.50 -78.95
C GLN D 164 -9.36 -28.66 -78.76
N GLU D 165 -9.23 -29.18 -77.54
CA GLU D 165 -8.25 -30.21 -77.16
C GLU D 165 -8.78 -31.27 -76.20
N SER D 166 -8.26 -32.49 -76.34
CA SER D 166 -8.38 -33.57 -75.35
C SER D 166 -7.02 -34.18 -75.05
N VAL D 167 -6.83 -34.62 -73.81
CA VAL D 167 -5.61 -35.23 -73.28
C VAL D 167 -5.97 -36.56 -72.64
N THR D 168 -5.12 -37.58 -72.79
CA THR D 168 -5.32 -38.86 -72.11
C THR D 168 -5.29 -38.70 -70.59
N GLU D 169 -5.81 -39.69 -69.87
CA GLU D 169 -5.34 -39.93 -68.50
C GLU D 169 -3.85 -40.33 -68.53
N GLN D 170 -3.20 -40.41 -67.36
CA GLN D 170 -1.82 -40.89 -67.29
C GLN D 170 -1.72 -42.33 -67.82
N ASP D 171 -0.75 -42.58 -68.69
CA ASP D 171 -0.50 -43.88 -69.29
C ASP D 171 -0.23 -44.93 -68.20
N SER D 172 -1.06 -45.96 -68.11
CA SER D 172 -0.98 -46.97 -67.04
C SER D 172 0.29 -47.83 -67.06
N LYS D 173 1.07 -47.80 -68.15
CA LYS D 173 2.25 -48.65 -68.37
C LYS D 173 3.57 -47.89 -68.41
N ASP D 174 3.59 -46.64 -68.88
CA ASP D 174 4.82 -45.81 -68.90
C ASP D 174 4.64 -44.40 -68.28
N SER D 175 3.46 -44.10 -67.76
CA SER D 175 3.15 -42.85 -67.06
C SER D 175 3.30 -41.57 -67.91
N THR D 176 3.46 -41.66 -69.22
CA THR D 176 3.34 -40.52 -70.14
C THR D 176 1.87 -40.16 -70.39
N TYR D 177 1.61 -39.29 -71.36
CA TYR D 177 0.29 -38.83 -71.79
C TYR D 177 0.30 -38.59 -73.30
N SER D 178 -0.87 -38.51 -73.92
CA SER D 178 -1.03 -38.06 -75.30
C SER D 178 -2.09 -36.96 -75.37
N LEU D 179 -2.10 -36.16 -76.43
CA LEU D 179 -3.04 -35.05 -76.63
C LEU D 179 -3.50 -35.03 -78.09
N SER D 180 -4.80 -34.87 -78.31
CA SER D 180 -5.41 -34.55 -79.61
C SER D 180 -5.92 -33.12 -79.55
N SER D 181 -5.27 -32.22 -80.27
CA SER D 181 -5.73 -30.87 -80.52
C SER D 181 -6.47 -30.82 -81.85
N THR D 182 -7.40 -29.90 -82.01
CA THR D 182 -8.31 -29.88 -83.15
C THR D 182 -8.72 -28.47 -83.50
N LEU D 183 -8.32 -27.95 -84.66
CA LEU D 183 -8.95 -26.81 -85.31
C LEU D 183 -10.21 -27.29 -86.04
N THR D 184 -11.26 -26.47 -86.10
CA THR D 184 -12.51 -26.82 -86.78
C THR D 184 -13.21 -25.59 -87.35
N LEU D 185 -13.72 -25.73 -88.56
CA LEU D 185 -14.04 -24.64 -89.50
C LEU D 185 -15.18 -25.06 -90.45
N SER D 186 -15.86 -24.11 -91.10
CA SER D 186 -16.71 -24.44 -92.26
C SER D 186 -15.86 -24.69 -93.52
N LYS D 187 -16.45 -25.26 -94.58
CA LYS D 187 -15.80 -25.35 -95.89
C LYS D 187 -15.45 -23.97 -96.44
N ALA D 188 -16.31 -22.96 -96.25
CA ALA D 188 -15.99 -21.57 -96.60
C ALA D 188 -14.74 -21.07 -95.85
N ASP D 189 -14.61 -21.38 -94.57
CA ASP D 189 -13.42 -21.03 -93.78
C ASP D 189 -12.17 -21.88 -94.12
N TYR D 190 -12.32 -22.98 -94.85
CA TYR D 190 -11.22 -23.66 -95.54
C TYR D 190 -10.84 -22.93 -96.85
N GLU D 191 -11.82 -22.42 -97.59
CA GLU D 191 -11.59 -21.69 -98.85
C GLU D 191 -11.04 -20.26 -98.67
N LYS D 192 -11.27 -19.61 -97.51
CA LYS D 192 -10.80 -18.24 -97.22
C LYS D 192 -9.27 -18.06 -97.17
N HIS D 193 -8.51 -19.14 -96.96
CA HIS D 193 -7.05 -19.10 -96.76
C HIS D 193 -6.34 -20.20 -97.57
N LYS D 194 -5.00 -20.18 -97.61
CA LYS D 194 -4.18 -21.10 -98.41
C LYS D 194 -3.45 -22.14 -97.56
N VAL D 195 -2.90 -21.77 -96.41
CA VAL D 195 -2.03 -22.62 -95.58
C VAL D 195 -2.61 -22.82 -94.18
N TYR D 196 -2.51 -24.03 -93.65
CA TYR D 196 -3.07 -24.46 -92.36
C TYR D 196 -2.00 -25.24 -91.56
N ALA D 197 -1.90 -24.99 -90.26
CA ALA D 197 -0.81 -25.51 -89.43
C ALA D 197 -1.18 -25.66 -87.95
N CYS D 198 -0.48 -26.59 -87.28
CA CYS D 198 -0.36 -26.63 -85.83
C CYS D 198 1.11 -26.55 -85.40
N GLU D 199 1.37 -25.93 -84.25
CA GLU D 199 2.71 -25.76 -83.69
C GLU D 199 2.73 -26.09 -82.20
N VAL D 200 3.65 -26.95 -81.78
CA VAL D 200 3.64 -27.62 -80.48
C VAL D 200 4.74 -27.11 -79.56
N THR D 201 4.37 -26.74 -78.33
CA THR D 201 5.29 -26.31 -77.27
C THR D 201 5.24 -27.30 -76.10
N HIS D 202 6.41 -27.81 -75.66
CA HIS D 202 6.52 -28.67 -74.46
C HIS D 202 7.95 -28.69 -73.88
N GLN D 203 8.11 -29.04 -72.61
CA GLN D 203 9.37 -29.15 -71.88
C GLN D 203 10.41 -30.09 -72.52
N GLY D 204 9.96 -31.17 -73.18
CA GLY D 204 10.83 -32.11 -73.89
C GLY D 204 11.35 -31.60 -75.25
N LEU D 205 10.92 -30.42 -75.71
CA LEU D 205 11.30 -29.82 -76.99
C LEU D 205 12.25 -28.63 -76.78
N SER D 206 13.39 -28.61 -77.48
CA SER D 206 14.34 -27.49 -77.45
C SER D 206 13.80 -26.21 -78.11
N SER D 207 12.87 -26.35 -79.06
CA SER D 207 12.07 -25.27 -79.66
C SER D 207 10.75 -25.85 -80.21
N PRO D 208 9.71 -25.02 -80.47
CA PRO D 208 8.40 -25.52 -80.89
C PRO D 208 8.43 -26.30 -82.22
N VAL D 209 7.60 -27.34 -82.34
CA VAL D 209 7.55 -28.22 -83.52
C VAL D 209 6.29 -27.93 -84.34
N THR D 210 6.45 -27.57 -85.60
CA THR D 210 5.35 -27.18 -86.51
C THR D 210 5.04 -28.28 -87.54
N LYS D 211 3.76 -28.57 -87.76
CA LYS D 211 3.26 -29.40 -88.87
C LYS D 211 2.19 -28.62 -89.64
N SER D 212 2.27 -28.61 -90.97
CA SER D 212 1.50 -27.69 -91.82
C SER D 212 1.28 -28.19 -93.25
N PHE D 213 0.30 -27.62 -93.95
CA PHE D 213 -0.08 -27.97 -95.32
C PHE D 213 -0.74 -26.79 -96.04
N ASN D 214 -0.81 -26.86 -97.37
CA ASN D 214 -1.56 -25.93 -98.22
C ASN D 214 -2.84 -26.63 -98.72
N ARG D 215 -3.98 -25.94 -98.75
CA ARG D 215 -5.26 -26.48 -99.22
C ARG D 215 -5.19 -27.08 -100.64
N GLY D 216 -4.31 -26.55 -101.51
CA GLY D 216 -4.07 -27.11 -102.84
C GLY D 216 -3.44 -28.51 -102.84
N GLU D 217 -2.84 -28.93 -101.73
CA GLU D 217 -2.34 -30.29 -101.48
C GLU D 217 -3.43 -31.24 -100.93
N CYS D 218 -4.52 -30.67 -100.39
CA CYS D 218 -5.44 -31.34 -99.46
C CYS D 218 -6.93 -31.06 -99.76
N GLN E 1 -18.87 -45.95 -39.34
CA GLN E 1 -18.42 -45.13 -40.48
C GLN E 1 -19.44 -44.05 -40.80
N VAL E 2 -19.02 -42.78 -40.86
CA VAL E 2 -19.83 -41.66 -41.37
C VAL E 2 -19.98 -41.75 -42.89
N GLN E 3 -21.19 -41.60 -43.40
CA GLN E 3 -21.47 -41.56 -44.84
C GLN E 3 -22.50 -40.48 -45.20
N LEU E 4 -22.34 -39.96 -46.42
CA LEU E 4 -23.33 -39.19 -47.17
C LEU E 4 -23.54 -39.89 -48.52
N VAL E 5 -24.78 -40.05 -48.96
CA VAL E 5 -25.14 -40.76 -50.20
C VAL E 5 -26.09 -39.90 -51.03
N GLU E 6 -25.85 -39.82 -52.34
CA GLU E 6 -26.44 -38.79 -53.21
C GLU E 6 -27.18 -39.36 -54.41
N SER E 7 -28.25 -38.68 -54.82
CA SER E 7 -29.10 -39.05 -55.96
C SER E 7 -29.84 -37.83 -56.54
N GLY E 8 -30.47 -38.03 -57.70
CA GLY E 8 -31.24 -36.99 -58.41
C GLY E 8 -30.56 -36.41 -59.65
N GLY E 9 -29.25 -36.59 -59.81
CA GLY E 9 -28.52 -36.15 -60.99
C GLY E 9 -28.89 -36.94 -62.26
N GLY E 10 -28.76 -36.31 -63.42
CA GLY E 10 -29.04 -36.89 -64.73
C GLY E 10 -28.97 -35.85 -65.86
N VAL E 11 -29.33 -36.26 -67.08
CA VAL E 11 -29.53 -35.34 -68.22
C VAL E 11 -30.85 -34.57 -68.02
N VAL E 12 -30.86 -33.24 -68.22
CA VAL E 12 -32.06 -32.38 -68.03
C VAL E 12 -32.08 -31.20 -69.00
N GLN E 13 -33.28 -30.71 -69.35
CA GLN E 13 -33.50 -29.57 -70.25
C GLN E 13 -33.15 -28.22 -69.57
N PRO E 14 -32.60 -27.22 -70.28
CA PRO E 14 -32.45 -25.85 -69.77
C PRO E 14 -33.81 -25.21 -69.45
N GLY E 15 -33.82 -24.26 -68.52
CA GLY E 15 -35.02 -23.59 -68.02
C GLY E 15 -35.93 -24.45 -67.13
N ARG E 16 -35.71 -25.77 -67.08
CA ARG E 16 -36.47 -26.72 -66.25
C ARG E 16 -35.97 -26.75 -64.80
N SER E 17 -36.59 -27.64 -64.03
CA SER E 17 -36.26 -27.92 -62.63
C SER E 17 -35.81 -29.35 -62.41
N LEU E 18 -34.95 -29.55 -61.42
CA LEU E 18 -34.49 -30.87 -60.97
C LEU E 18 -34.21 -30.85 -59.46
N ARG E 19 -34.46 -31.96 -58.78
CA ARG E 19 -34.22 -32.10 -57.34
C ARG E 19 -33.08 -33.07 -57.08
N LEU E 20 -31.99 -32.59 -56.48
CA LEU E 20 -30.98 -33.44 -55.89
C LEU E 20 -31.37 -33.76 -54.45
N SER E 21 -31.03 -34.96 -54.01
CA SER E 21 -31.20 -35.42 -52.64
C SER E 21 -29.91 -36.06 -52.15
N CYS E 22 -29.63 -35.89 -50.87
CA CYS E 22 -28.50 -36.48 -50.17
C CYS E 22 -28.95 -36.97 -48.80
N ALA E 23 -28.54 -38.16 -48.39
CA ALA E 23 -28.96 -38.81 -47.15
C ALA E 23 -27.75 -39.19 -46.29
N ALA E 24 -27.87 -39.04 -44.97
CA ALA E 24 -26.74 -39.14 -44.04
C ALA E 24 -26.85 -40.30 -43.03
N SER E 25 -25.71 -40.89 -42.66
CA SER E 25 -25.63 -41.93 -41.63
C SER E 25 -24.31 -41.90 -40.87
N GLY E 26 -24.30 -42.47 -39.66
CA GLY E 26 -23.12 -42.52 -38.78
C GLY E 26 -22.91 -41.26 -37.92
N PHE E 27 -23.75 -40.23 -38.07
CA PHE E 27 -23.70 -39.00 -37.26
C PHE E 27 -25.09 -38.39 -37.09
N THR E 28 -25.23 -37.56 -36.05
CA THR E 28 -26.48 -36.84 -35.74
C THR E 28 -26.66 -35.66 -36.70
N PHE E 29 -27.29 -35.91 -37.85
CA PHE E 29 -27.43 -34.98 -38.97
C PHE E 29 -27.94 -33.60 -38.54
N SER E 30 -28.96 -33.58 -37.68
CA SER E 30 -29.58 -32.35 -37.17
C SER E 30 -28.68 -31.46 -36.31
N ASN E 31 -27.49 -31.90 -35.92
CA ASN E 31 -26.53 -31.08 -35.18
C ASN E 31 -25.65 -30.19 -36.07
N TYR E 32 -25.61 -30.40 -37.39
CA TYR E 32 -24.60 -29.76 -38.24
C TYR E 32 -25.19 -29.07 -39.47
N ALA E 33 -24.56 -27.99 -39.90
CA ALA E 33 -24.84 -27.38 -41.19
C ALA E 33 -24.52 -28.35 -42.32
N MET E 34 -25.30 -28.23 -43.38
CA MET E 34 -25.20 -29.06 -44.57
C MET E 34 -25.04 -28.17 -45.78
N TYR E 35 -24.25 -28.62 -46.74
CA TYR E 35 -23.73 -27.81 -47.82
C TYR E 35 -23.97 -28.49 -49.15
N TRP E 36 -24.04 -27.70 -50.22
CA TRP E 36 -23.82 -28.18 -51.57
C TRP E 36 -22.66 -27.44 -52.21
N VAL E 37 -21.88 -28.20 -52.95
CA VAL E 37 -20.69 -27.76 -53.65
C VAL E 37 -20.75 -28.41 -55.02
N ARG E 38 -20.26 -27.76 -56.07
CA ARG E 38 -20.27 -28.30 -57.42
C ARG E 38 -18.93 -28.14 -58.12
N GLN E 39 -18.75 -28.95 -59.15
CA GLN E 39 -17.52 -29.03 -59.92
C GLN E 39 -17.84 -29.36 -61.38
N ALA E 40 -17.80 -28.37 -62.26
CA ALA E 40 -17.83 -28.63 -63.70
C ALA E 40 -16.62 -29.50 -64.06
N PRO E 41 -16.76 -30.63 -64.78
CA PRO E 41 -15.66 -31.56 -65.00
C PRO E 41 -14.39 -30.89 -65.55
N GLY E 42 -13.27 -31.09 -64.86
CA GLY E 42 -11.97 -30.46 -65.18
C GLY E 42 -11.74 -29.08 -64.55
N LYS E 43 -12.72 -28.47 -63.87
CA LYS E 43 -12.59 -27.18 -63.15
C LYS E 43 -12.49 -27.36 -61.64
N GLY E 44 -12.15 -26.28 -60.92
CA GLY E 44 -12.09 -26.24 -59.47
C GLY E 44 -13.45 -26.12 -58.79
N LEU E 45 -13.52 -26.40 -57.48
CA LEU E 45 -14.77 -26.43 -56.72
C LEU E 45 -15.44 -25.06 -56.64
N GLU E 46 -16.76 -25.02 -56.75
CA GLU E 46 -17.61 -23.87 -56.45
C GLU E 46 -18.57 -24.24 -55.31
N TRP E 47 -18.59 -23.47 -54.24
CA TRP E 47 -19.63 -23.61 -53.21
C TRP E 47 -20.96 -23.16 -53.79
N VAL E 48 -22.04 -23.91 -53.55
CA VAL E 48 -23.38 -23.61 -54.07
C VAL E 48 -24.28 -23.03 -52.99
N ALA E 49 -24.41 -23.73 -51.86
CA ALA E 49 -25.38 -23.38 -50.82
C ALA E 49 -25.05 -24.00 -49.46
N VAL E 50 -25.69 -23.51 -48.40
CA VAL E 50 -25.63 -24.08 -47.04
C VAL E 50 -26.96 -23.92 -46.32
N ILE E 51 -27.26 -24.83 -45.42
CA ILE E 51 -28.42 -24.78 -44.52
C ILE E 51 -28.00 -25.10 -43.09
N SER E 52 -28.47 -24.29 -42.15
CA SER E 52 -28.20 -24.43 -40.71
C SER E 52 -28.65 -25.78 -40.18
N TYR E 53 -28.13 -26.17 -39.02
CA TYR E 53 -28.47 -27.42 -38.35
C TYR E 53 -29.98 -27.62 -38.19
N ASP E 54 -30.70 -26.60 -37.71
CA ASP E 54 -32.15 -26.61 -37.49
C ASP E 54 -32.98 -26.32 -38.75
N GLY E 55 -32.35 -26.04 -39.89
CA GLY E 55 -33.02 -25.67 -41.14
C GLY E 55 -33.66 -24.26 -41.18
N SER E 56 -33.47 -23.41 -40.18
CA SER E 56 -34.08 -22.08 -40.14
C SER E 56 -33.40 -21.06 -41.05
N ASN E 57 -32.13 -21.26 -41.39
CA ASN E 57 -31.29 -20.29 -42.09
C ASN E 57 -30.55 -20.96 -43.25
N LYS E 58 -30.43 -20.24 -44.36
CA LYS E 58 -29.90 -20.73 -45.64
C LYS E 58 -29.06 -19.64 -46.29
N TYR E 59 -27.95 -20.00 -46.94
CA TYR E 59 -27.17 -19.05 -47.74
C TYR E 59 -26.75 -19.68 -49.08
N TYR E 60 -26.49 -18.84 -50.08
CA TYR E 60 -26.29 -19.25 -51.47
C TYR E 60 -25.13 -18.51 -52.13
N ALA E 61 -24.52 -19.13 -53.14
CA ALA E 61 -23.64 -18.43 -54.06
C ALA E 61 -24.44 -17.49 -54.99
N ASP E 62 -23.82 -16.38 -55.39
CA ASP E 62 -24.44 -15.38 -56.28
C ASP E 62 -24.79 -15.95 -57.67
N SER E 63 -24.10 -17.02 -58.10
CA SER E 63 -24.38 -17.77 -59.32
C SER E 63 -25.70 -18.58 -59.29
N VAL E 64 -26.34 -18.76 -58.13
CA VAL E 64 -27.49 -19.67 -57.97
C VAL E 64 -28.65 -19.12 -57.14
N LYS E 65 -28.47 -18.04 -56.36
CA LYS E 65 -29.53 -17.53 -55.48
C LYS E 65 -30.82 -17.19 -56.22
N GLY E 66 -31.96 -17.59 -55.66
CA GLY E 66 -33.29 -17.47 -56.27
C GLY E 66 -33.60 -18.55 -57.31
N ARG E 67 -32.60 -19.02 -58.07
CA ARG E 67 -32.74 -20.15 -59.00
C ARG E 67 -32.77 -21.48 -58.25
N PHE E 68 -31.84 -21.67 -57.32
CA PHE E 68 -31.75 -22.87 -56.49
C PHE E 68 -32.25 -22.59 -55.07
N THR E 69 -32.82 -23.61 -54.44
CA THR E 69 -33.22 -23.60 -53.03
C THR E 69 -32.68 -24.84 -52.31
N ILE E 70 -32.09 -24.66 -51.14
CA ILE E 70 -31.62 -25.74 -50.27
C ILE E 70 -32.65 -26.00 -49.17
N SER E 71 -32.83 -27.24 -48.77
CA SER E 71 -33.71 -27.60 -47.64
C SER E 71 -33.31 -28.95 -47.06
N ARG E 72 -33.78 -29.26 -45.84
CA ARG E 72 -33.41 -30.47 -45.10
C ARG E 72 -34.58 -31.04 -44.30
N ASP E 73 -34.57 -32.34 -44.09
CA ASP E 73 -35.49 -33.05 -43.21
C ASP E 73 -34.66 -33.81 -42.16
N ASN E 74 -34.64 -33.26 -40.96
CA ASN E 74 -33.91 -33.78 -39.80
C ASN E 74 -34.55 -35.03 -39.16
N SER E 75 -35.73 -35.48 -39.62
CA SER E 75 -36.32 -36.77 -39.26
C SER E 75 -35.88 -37.89 -40.22
N LYS E 76 -35.77 -37.57 -41.52
CA LYS E 76 -35.29 -38.50 -42.57
C LYS E 76 -33.76 -38.56 -42.71
N ASN E 77 -33.05 -37.61 -42.11
CA ASN E 77 -31.63 -37.32 -42.35
C ASN E 77 -31.34 -37.02 -43.83
N THR E 78 -32.21 -36.23 -44.46
CA THR E 78 -32.13 -35.88 -45.89
C THR E 78 -31.87 -34.40 -46.10
N LEU E 79 -31.00 -34.08 -47.04
CA LEU E 79 -30.70 -32.77 -47.58
C LEU E 79 -31.15 -32.73 -49.04
N TYR E 80 -31.68 -31.61 -49.49
CA TYR E 80 -32.12 -31.38 -50.86
C TYR E 80 -31.37 -30.21 -51.48
N LEU E 81 -31.17 -30.27 -52.80
CA LEU E 81 -31.02 -29.07 -53.62
C LEU E 81 -32.14 -29.07 -54.65
N GLN E 82 -33.12 -28.18 -54.49
CA GLN E 82 -34.14 -27.94 -55.48
C GLN E 82 -33.61 -26.91 -56.48
N MET E 83 -33.26 -27.35 -57.68
CA MET E 83 -32.75 -26.49 -58.73
C MET E 83 -33.89 -26.13 -59.68
N ASN E 84 -34.12 -24.84 -59.90
CA ASN E 84 -35.12 -24.31 -60.83
C ASN E 84 -34.43 -23.32 -61.78
N SER E 85 -35.03 -23.06 -62.95
CA SER E 85 -34.41 -22.22 -64.00
C SER E 85 -32.95 -22.63 -64.29
N LEU E 86 -32.74 -23.94 -64.48
CA LEU E 86 -31.44 -24.54 -64.78
C LEU E 86 -30.84 -23.95 -66.08
N ARG E 87 -29.52 -23.91 -66.15
CA ARG E 87 -28.76 -23.39 -67.31
C ARG E 87 -27.70 -24.40 -67.73
N THR E 88 -27.24 -24.35 -68.98
CA THR E 88 -26.17 -25.24 -69.45
C THR E 88 -24.91 -25.13 -68.57
N GLU E 89 -24.58 -23.92 -68.12
CA GLU E 89 -23.50 -23.62 -67.17
C GLU E 89 -23.66 -24.25 -65.77
N ASP E 90 -24.85 -24.72 -65.37
CA ASP E 90 -25.04 -25.49 -64.14
C ASP E 90 -24.54 -26.93 -64.25
N THR E 91 -24.12 -27.38 -65.45
CA THR E 91 -23.62 -28.73 -65.69
C THR E 91 -22.38 -29.01 -64.86
N ALA E 92 -22.49 -29.91 -63.89
CA ALA E 92 -21.43 -30.19 -62.94
C ALA E 92 -21.69 -31.50 -62.19
N VAL E 93 -20.64 -32.05 -61.57
CA VAL E 93 -20.80 -32.95 -60.43
C VAL E 93 -21.17 -32.10 -59.22
N TYR E 94 -22.25 -32.44 -58.55
CA TYR E 94 -22.68 -31.84 -57.29
C TYR E 94 -22.33 -32.79 -56.14
N TYR E 95 -21.74 -32.27 -55.08
CA TYR E 95 -21.48 -32.95 -53.82
C TYR E 95 -22.22 -32.26 -52.69
N CYS E 96 -22.99 -32.99 -51.89
CA CYS E 96 -23.35 -32.56 -50.56
C CYS E 96 -22.18 -32.73 -49.60
N ALA E 97 -22.07 -31.85 -48.61
CA ALA E 97 -21.09 -31.95 -47.54
C ALA E 97 -21.67 -31.50 -46.21
N SER E 98 -21.02 -31.83 -45.09
CA SER E 98 -21.50 -31.49 -43.75
C SER E 98 -20.41 -30.91 -42.86
N GLY E 99 -20.81 -30.08 -41.90
CA GLY E 99 -19.95 -29.74 -40.76
C GLY E 99 -19.66 -30.96 -39.89
N SER E 100 -18.84 -30.79 -38.86
CA SER E 100 -18.69 -31.75 -37.75
C SER E 100 -18.19 -31.06 -36.48
N ASP E 101 -17.86 -31.82 -35.44
CA ASP E 101 -17.25 -31.32 -34.20
C ASP E 101 -15.90 -30.60 -34.41
N TYR E 102 -15.23 -30.77 -35.56
CA TYR E 102 -14.07 -29.95 -35.92
C TYR E 102 -14.44 -28.48 -36.15
N GLY E 103 -15.69 -28.18 -36.48
CA GLY E 103 -16.19 -26.85 -36.77
C GLY E 103 -17.39 -26.91 -37.70
N ASP E 104 -18.50 -26.26 -37.37
CA ASP E 104 -19.72 -26.31 -38.20
C ASP E 104 -19.52 -25.70 -39.60
N TYR E 105 -18.60 -24.74 -39.68
CA TYR E 105 -18.23 -24.01 -40.88
C TYR E 105 -17.25 -24.76 -41.81
N LEU E 106 -16.78 -25.95 -41.45
CA LEU E 106 -15.96 -26.81 -42.32
C LEU E 106 -16.86 -27.65 -43.23
N LEU E 107 -16.28 -28.17 -44.31
CA LEU E 107 -16.87 -29.18 -45.16
C LEU E 107 -16.16 -30.49 -44.84
N VAL E 108 -16.51 -31.11 -43.72
CA VAL E 108 -15.73 -32.22 -43.16
C VAL E 108 -15.98 -33.52 -43.91
N TYR E 109 -17.25 -33.90 -44.07
CA TYR E 109 -17.66 -35.13 -44.75
C TYR E 109 -18.35 -34.79 -46.06
N TRP E 110 -18.13 -35.61 -47.08
CA TRP E 110 -18.56 -35.37 -48.46
C TRP E 110 -19.26 -36.58 -49.04
N GLY E 111 -20.37 -36.38 -49.75
CA GLY E 111 -21.05 -37.43 -50.49
C GLY E 111 -20.26 -37.91 -51.71
N GLN E 112 -20.70 -38.98 -52.37
CA GLN E 112 -19.94 -39.61 -53.46
C GLN E 112 -19.90 -38.78 -54.77
N GLY E 113 -20.68 -37.70 -54.85
CA GLY E 113 -20.90 -36.90 -56.05
C GLY E 113 -22.07 -37.42 -56.89
N THR E 114 -22.85 -36.53 -57.50
CA THR E 114 -23.86 -36.87 -58.51
C THR E 114 -23.78 -35.89 -59.69
N LEU E 115 -23.83 -36.39 -60.92
CA LEU E 115 -23.59 -35.61 -62.14
C LEU E 115 -24.91 -35.08 -62.72
N VAL E 116 -24.98 -33.77 -62.92
CA VAL E 116 -26.10 -33.09 -63.56
C VAL E 116 -25.65 -32.56 -64.92
N THR E 117 -26.32 -32.98 -65.99
CA THR E 117 -25.97 -32.61 -67.37
C THR E 117 -27.11 -31.77 -67.96
N VAL E 118 -27.04 -30.44 -67.80
CA VAL E 118 -28.06 -29.53 -68.35
C VAL E 118 -27.79 -29.31 -69.83
N SER E 119 -28.65 -29.79 -70.71
CA SER E 119 -28.40 -29.81 -72.15
C SER E 119 -29.66 -29.69 -73.00
N SER E 120 -29.63 -28.83 -74.02
CA SER E 120 -30.69 -28.70 -75.04
C SER E 120 -30.64 -29.77 -76.13
N ALA E 121 -29.55 -30.54 -76.22
CA ALA E 121 -29.36 -31.55 -77.24
C ALA E 121 -30.28 -32.78 -77.07
N SER E 122 -30.84 -33.28 -78.17
CA SER E 122 -31.54 -34.58 -78.21
C SER E 122 -30.56 -35.73 -78.38
N THR E 123 -30.95 -36.95 -77.99
CA THR E 123 -30.12 -38.15 -78.18
C THR E 123 -29.82 -38.37 -79.68
N LYS E 124 -28.53 -38.46 -80.03
CA LYS E 124 -28.06 -38.54 -81.42
C LYS E 124 -26.87 -39.49 -81.56
N GLY E 125 -26.85 -40.26 -82.64
CA GLY E 125 -25.73 -41.12 -83.02
C GLY E 125 -24.58 -40.38 -83.71
N PRO E 126 -23.32 -40.84 -83.54
CA PRO E 126 -22.15 -40.18 -84.11
C PRO E 126 -22.05 -40.27 -85.63
N SER E 127 -21.43 -39.26 -86.23
CA SER E 127 -20.75 -39.39 -87.52
C SER E 127 -19.31 -39.84 -87.28
N VAL E 128 -18.78 -40.70 -88.16
CA VAL E 128 -17.39 -41.20 -88.08
C VAL E 128 -16.63 -40.79 -89.35
N PHE E 129 -15.51 -40.10 -89.19
CA PHE E 129 -14.68 -39.60 -90.29
C PHE E 129 -13.24 -40.12 -90.18
N PRO E 130 -12.58 -40.48 -91.29
CA PRO E 130 -11.21 -40.98 -91.27
C PRO E 130 -10.19 -39.84 -91.10
N LEU E 131 -9.33 -39.97 -90.10
CA LEU E 131 -8.11 -39.17 -89.96
C LEU E 131 -7.02 -39.82 -90.82
N ALA E 132 -7.07 -39.48 -92.11
CA ALA E 132 -6.29 -40.11 -93.15
C ALA E 132 -4.78 -39.88 -92.97
N PRO E 133 -3.94 -40.93 -93.03
CA PRO E 133 -2.50 -40.76 -92.97
C PRO E 133 -1.97 -39.99 -94.18
N SER E 134 -0.94 -39.18 -93.96
CA SER E 134 -0.34 -38.28 -94.97
C SER E 134 1.13 -37.98 -94.62
N SER E 135 1.85 -37.27 -95.48
CA SER E 135 3.23 -36.82 -95.15
C SER E 135 3.24 -35.96 -93.87
N LYS E 136 2.16 -35.22 -93.60
CA LYS E 136 2.02 -34.31 -92.44
C LYS E 136 1.63 -35.05 -91.15
N SER E 137 1.09 -36.28 -91.24
CA SER E 137 0.84 -37.16 -90.07
C SER E 137 1.88 -38.27 -89.91
N THR E 138 3.09 -38.11 -90.47
CA THR E 138 4.17 -39.11 -90.43
C THR E 138 5.47 -38.47 -89.94
N SER E 139 6.21 -39.18 -89.06
CA SER E 139 7.52 -38.75 -88.57
C SER E 139 8.40 -39.96 -88.21
N GLY E 140 9.70 -39.91 -88.50
CA GLY E 140 10.67 -40.94 -88.08
C GLY E 140 10.34 -42.38 -88.50
N GLY E 141 9.73 -42.57 -89.67
CA GLY E 141 9.27 -43.88 -90.17
C GLY E 141 7.97 -44.40 -89.52
N THR E 142 7.29 -43.60 -88.70
CA THR E 142 6.00 -43.91 -88.08
C THR E 142 4.92 -42.95 -88.56
N ALA E 143 3.80 -43.48 -89.05
CA ALA E 143 2.61 -42.72 -89.42
C ALA E 143 1.53 -42.82 -88.35
N ALA E 144 0.93 -41.69 -87.99
CA ALA E 144 -0.34 -41.64 -87.28
C ALA E 144 -1.52 -41.70 -88.28
N LEU E 145 -2.56 -42.44 -87.90
CA LEU E 145 -3.87 -42.47 -88.54
C LEU E 145 -4.96 -42.60 -87.47
N GLY E 146 -6.21 -42.34 -87.81
CA GLY E 146 -7.28 -42.42 -86.83
C GLY E 146 -8.69 -42.30 -87.39
N CYS E 147 -9.64 -42.19 -86.48
CA CYS E 147 -11.02 -41.82 -86.74
C CYS E 147 -11.47 -40.73 -85.76
N LEU E 148 -12.11 -39.71 -86.30
CA LEU E 148 -12.80 -38.69 -85.56
C LEU E 148 -14.26 -39.11 -85.42
N VAL E 149 -14.73 -39.23 -84.18
CA VAL E 149 -16.11 -39.56 -83.83
C VAL E 149 -16.75 -38.25 -83.39
N LYS E 150 -17.80 -37.82 -84.10
CA LYS E 150 -18.27 -36.44 -84.03
C LYS E 150 -19.77 -36.37 -83.88
N ASP E 151 -20.23 -35.33 -83.19
CA ASP E 151 -21.63 -34.90 -83.16
C ASP E 151 -22.58 -35.98 -82.63
N TYR E 152 -22.35 -36.42 -81.40
CA TYR E 152 -23.22 -37.36 -80.68
C TYR E 152 -23.60 -36.83 -79.29
N PHE E 153 -24.72 -37.32 -78.74
CA PHE E 153 -25.18 -37.02 -77.38
C PHE E 153 -26.14 -38.11 -76.87
N PRO E 154 -26.27 -38.35 -75.54
CA PRO E 154 -25.29 -38.03 -74.50
C PRO E 154 -24.06 -38.97 -74.58
N GLU E 155 -23.13 -38.86 -73.64
CA GLU E 155 -22.04 -39.83 -73.43
C GLU E 155 -22.56 -41.19 -72.90
N PRO E 156 -21.82 -42.31 -73.10
CA PRO E 156 -20.52 -42.45 -73.79
C PRO E 156 -20.62 -43.12 -75.18
N VAL E 157 -19.57 -43.00 -75.98
CA VAL E 157 -19.22 -43.94 -77.07
C VAL E 157 -18.19 -44.97 -76.60
N THR E 158 -17.95 -46.04 -77.37
CA THR E 158 -16.78 -46.92 -77.26
C THR E 158 -16.19 -47.23 -78.65
N VAL E 159 -14.86 -47.44 -78.73
CA VAL E 159 -14.12 -47.60 -80.00
C VAL E 159 -13.08 -48.73 -79.91
N SER E 160 -12.89 -49.46 -81.01
CA SER E 160 -11.83 -50.47 -81.20
C SER E 160 -11.31 -50.45 -82.65
N TRP E 161 -10.19 -51.14 -82.93
CA TRP E 161 -9.55 -51.14 -84.26
C TRP E 161 -9.38 -52.55 -84.83
N ASN E 162 -9.65 -52.72 -86.12
CA ASN E 162 -9.68 -53.99 -86.86
C ASN E 162 -10.45 -55.08 -86.08
N SER E 163 -11.65 -54.75 -85.58
CA SER E 163 -12.50 -55.60 -84.72
C SER E 163 -11.82 -56.07 -83.42
N GLY E 164 -10.88 -55.28 -82.90
CA GLY E 164 -10.03 -55.60 -81.75
C GLY E 164 -8.73 -56.33 -82.10
N ALA E 165 -8.45 -56.60 -83.38
CA ALA E 165 -7.20 -57.22 -83.82
C ALA E 165 -6.00 -56.26 -83.78
N LEU E 166 -6.22 -54.93 -83.75
CA LEU E 166 -5.18 -53.92 -83.62
C LEU E 166 -5.28 -53.22 -82.25
N THR E 167 -4.20 -53.29 -81.46
CA THR E 167 -4.14 -52.76 -80.09
C THR E 167 -2.84 -51.99 -79.81
N SER E 168 -1.70 -52.40 -80.37
CA SER E 168 -0.42 -51.69 -80.22
C SER E 168 -0.48 -50.27 -80.80
N GLY E 169 -0.05 -49.27 -80.02
CA GLY E 169 -0.03 -47.87 -80.43
C GLY E 169 -1.40 -47.21 -80.57
N VAL E 170 -2.49 -47.88 -80.21
CA VAL E 170 -3.84 -47.29 -80.19
C VAL E 170 -4.01 -46.36 -79.00
N HIS E 171 -4.60 -45.18 -79.22
CA HIS E 171 -5.10 -44.29 -78.17
C HIS E 171 -6.53 -43.86 -78.50
N THR E 172 -7.42 -43.84 -77.51
CA THR E 172 -8.74 -43.21 -77.61
C THR E 172 -8.90 -42.18 -76.52
N PHE E 173 -9.18 -40.94 -76.92
CA PHE E 173 -9.23 -39.80 -76.03
C PHE E 173 -10.56 -39.70 -75.26
N PRO E 174 -10.57 -39.07 -74.08
CA PRO E 174 -11.82 -38.57 -73.48
C PRO E 174 -12.52 -37.56 -74.39
N ALA E 175 -13.84 -37.51 -74.34
CA ALA E 175 -14.62 -36.65 -75.22
C ALA E 175 -14.49 -35.16 -74.89
N VAL E 176 -14.78 -34.31 -75.88
CA VAL E 176 -14.90 -32.86 -75.76
C VAL E 176 -16.31 -32.44 -76.16
N LEU E 177 -16.83 -31.42 -75.47
CA LEU E 177 -18.13 -30.84 -75.79
C LEU E 177 -17.92 -29.63 -76.72
N GLN E 178 -18.55 -29.67 -77.88
CA GLN E 178 -18.44 -28.60 -78.89
C GLN E 178 -19.42 -27.46 -78.60
N SER E 179 -19.23 -26.30 -79.25
CA SER E 179 -20.11 -25.14 -79.16
C SER E 179 -21.56 -25.41 -79.63
N SER E 180 -21.77 -26.44 -80.46
CA SER E 180 -23.08 -26.98 -80.85
C SER E 180 -23.83 -27.67 -79.71
N GLY E 181 -23.14 -28.05 -78.63
CA GLY E 181 -23.70 -28.87 -77.55
C GLY E 181 -23.66 -30.38 -77.79
N LEU E 182 -22.91 -30.82 -78.80
CA LEU E 182 -22.69 -32.23 -79.11
C LEU E 182 -21.27 -32.66 -78.77
N TYR E 183 -21.10 -33.86 -78.23
CA TYR E 183 -19.79 -34.42 -77.95
C TYR E 183 -19.07 -34.87 -79.23
N SER E 184 -17.75 -34.97 -79.10
CA SER E 184 -16.85 -35.56 -80.07
C SER E 184 -15.65 -36.19 -79.37
N LEU E 185 -15.01 -37.17 -79.98
CA LEU E 185 -13.69 -37.67 -79.56
C LEU E 185 -12.87 -38.17 -80.74
N SER E 186 -11.55 -38.28 -80.54
CA SER E 186 -10.63 -38.92 -81.48
C SER E 186 -10.22 -40.30 -80.98
N SER E 187 -10.17 -41.28 -81.88
CA SER E 187 -9.38 -42.50 -81.70
C SER E 187 -8.29 -42.55 -82.77
N VAL E 188 -7.09 -42.94 -82.40
CA VAL E 188 -5.90 -42.89 -83.26
C VAL E 188 -5.04 -44.13 -83.06
N VAL E 189 -4.20 -44.44 -84.04
CA VAL E 189 -3.17 -45.47 -83.94
C VAL E 189 -1.92 -45.04 -84.69
N THR E 190 -0.76 -45.40 -84.15
CA THR E 190 0.53 -45.18 -84.80
C THR E 190 1.08 -46.50 -85.35
N VAL E 191 1.54 -46.47 -86.60
CA VAL E 191 1.94 -47.65 -87.38
C VAL E 191 3.18 -47.34 -88.23
N PRO E 192 3.97 -48.34 -88.66
CA PRO E 192 5.09 -48.10 -89.55
C PRO E 192 4.62 -47.46 -90.87
N SER E 193 5.31 -46.43 -91.36
CA SER E 193 4.94 -45.74 -92.61
C SER E 193 4.96 -46.68 -93.82
N SER E 194 5.82 -47.70 -93.80
CA SER E 194 5.89 -48.80 -94.77
C SER E 194 4.66 -49.71 -94.81
N SER E 195 3.79 -49.68 -93.79
CA SER E 195 2.53 -50.44 -93.76
C SER E 195 1.33 -49.70 -94.39
N LEU E 196 1.48 -48.41 -94.72
CA LEU E 196 0.43 -47.66 -95.42
C LEU E 196 0.18 -48.23 -96.83
N GLY E 197 -1.09 -48.38 -97.20
CA GLY E 197 -1.52 -49.00 -98.45
C GLY E 197 -1.41 -50.53 -98.48
N THR E 198 -0.42 -51.13 -97.82
CA THR E 198 -0.23 -52.60 -97.76
C THR E 198 -1.04 -53.27 -96.65
N GLN E 199 -1.36 -52.55 -95.55
CA GLN E 199 -2.26 -53.01 -94.48
C GLN E 199 -3.59 -52.21 -94.50
N THR E 200 -4.73 -52.91 -94.43
CA THR E 200 -6.04 -52.29 -94.19
C THR E 200 -6.21 -51.91 -92.72
N TYR E 201 -6.67 -50.69 -92.46
CA TYR E 201 -7.03 -50.18 -91.13
C TYR E 201 -8.51 -49.79 -91.06
N ILE E 202 -9.23 -50.27 -90.05
CA ILE E 202 -10.64 -49.98 -89.79
C ILE E 202 -10.83 -49.62 -88.31
N CYS E 203 -11.56 -48.53 -88.02
CA CYS E 203 -12.09 -48.28 -86.68
C CYS E 203 -13.53 -48.80 -86.58
N ASN E 204 -13.88 -49.33 -85.41
CA ASN E 204 -15.20 -49.86 -85.07
C ASN E 204 -15.76 -49.08 -83.87
N VAL E 205 -16.91 -48.44 -84.04
CA VAL E 205 -17.48 -47.43 -83.13
C VAL E 205 -18.87 -47.86 -82.67
N ASN E 206 -19.19 -47.69 -81.38
CA ASN E 206 -20.48 -48.04 -80.77
C ASN E 206 -20.99 -46.90 -79.87
N HIS E 207 -22.29 -46.62 -79.89
CA HIS E 207 -22.98 -45.60 -79.07
C HIS E 207 -24.31 -46.11 -78.53
N LYS E 208 -24.28 -46.70 -77.33
CA LYS E 208 -25.43 -47.38 -76.70
C LYS E 208 -26.67 -46.49 -76.48
N PRO E 209 -26.59 -45.18 -76.12
CA PRO E 209 -27.78 -44.35 -75.93
C PRO E 209 -28.69 -44.22 -77.17
N SER E 210 -28.13 -44.30 -78.38
CA SER E 210 -28.89 -44.26 -79.65
C SER E 210 -28.95 -45.61 -80.39
N ASN E 211 -28.41 -46.69 -79.80
CA ASN E 211 -28.24 -48.01 -80.43
C ASN E 211 -27.56 -47.96 -81.81
N THR E 212 -26.48 -47.19 -81.93
CA THR E 212 -25.76 -46.95 -83.20
C THR E 212 -24.39 -47.63 -83.21
N LYS E 213 -24.06 -48.34 -84.29
CA LYS E 213 -22.74 -48.95 -84.54
C LYS E 213 -22.25 -48.65 -85.95
N VAL E 214 -20.96 -48.33 -86.10
CA VAL E 214 -20.32 -47.95 -87.38
C VAL E 214 -18.92 -48.59 -87.50
N ASP E 215 -18.58 -49.13 -88.67
CA ASP E 215 -17.23 -49.54 -89.04
C ASP E 215 -16.70 -48.64 -90.17
N LYS E 216 -15.56 -47.97 -89.99
CA LYS E 216 -14.98 -47.03 -90.97
C LYS E 216 -13.56 -47.42 -91.36
N LYS E 217 -13.32 -47.66 -92.66
CA LYS E 217 -11.97 -47.86 -93.23
C LYS E 217 -11.20 -46.54 -93.29
N VAL E 218 -9.91 -46.58 -93.00
CA VAL E 218 -8.99 -45.43 -93.10
C VAL E 218 -7.95 -45.69 -94.19
N GLU E 219 -7.79 -44.74 -95.12
CA GLU E 219 -6.90 -44.84 -96.29
C GLU E 219 -6.08 -43.54 -96.46
N PRO E 220 -4.87 -43.57 -97.05
CA PRO E 220 -4.01 -42.38 -97.17
C PRO E 220 -4.61 -41.23 -98.01
N LYS E 221 -4.24 -39.98 -97.68
CA LYS E 221 -4.55 -38.76 -98.46
C LYS E 221 -3.24 -38.06 -98.85
N SER E 222 -3.19 -37.52 -100.08
CA SER E 222 -1.96 -37.10 -100.79
C SER E 222 -1.32 -35.78 -100.34
N CYS E 223 -1.57 -35.31 -99.12
CA CYS E 223 -0.89 -34.17 -98.51
C CYS E 223 0.61 -34.48 -98.25
N GLN F 1 30.87 39.25 -64.63
CA GLN F 1 30.31 38.54 -63.46
C GLN F 1 29.17 39.37 -62.84
N SER F 2 28.10 38.71 -62.38
CA SER F 2 26.82 39.33 -61.97
C SER F 2 26.83 40.03 -60.58
N ALA F 3 27.86 40.83 -60.31
CA ALA F 3 28.26 41.28 -58.97
C ALA F 3 27.14 41.93 -58.11
N LEU F 4 27.22 41.75 -56.80
CA LEU F 4 26.32 42.37 -55.81
C LEU F 4 26.58 43.88 -55.70
N THR F 5 25.54 44.69 -55.56
CA THR F 5 25.65 46.14 -55.47
C THR F 5 26.19 46.57 -54.11
N GLN F 6 27.20 47.44 -54.08
CA GLN F 6 27.76 48.07 -52.88
C GLN F 6 28.02 49.57 -53.13
N PRO F 7 28.09 50.42 -52.09
CA PRO F 7 28.63 51.77 -52.23
C PRO F 7 30.13 51.75 -52.54
N ALA F 8 30.64 52.64 -53.37
CA ALA F 8 32.05 52.62 -53.78
C ALA F 8 33.03 52.88 -52.62
N SER F 9 32.70 53.78 -51.71
CA SER F 9 33.45 54.02 -50.48
C SER F 9 32.56 54.60 -49.37
N VAL F 10 33.02 54.46 -48.13
CA VAL F 10 32.46 55.08 -46.92
C VAL F 10 33.57 55.57 -46.00
N SER F 11 33.25 56.44 -45.06
CA SER F 11 34.23 56.98 -44.11
C SER F 11 33.63 57.29 -42.74
N GLY F 12 34.50 57.42 -41.74
CA GLY F 12 34.13 57.87 -40.42
C GLY F 12 35.34 58.36 -39.62
N SER F 13 35.08 59.19 -38.62
CA SER F 13 36.13 59.59 -37.67
C SER F 13 36.50 58.42 -36.75
N PRO F 14 37.69 58.42 -36.14
CA PRO F 14 38.04 57.41 -35.16
C PRO F 14 36.99 57.30 -34.05
N GLY F 15 36.68 56.07 -33.63
CA GLY F 15 35.68 55.79 -32.59
C GLY F 15 34.22 55.91 -33.00
N GLN F 16 33.91 56.38 -34.22
CA GLN F 16 32.56 56.32 -34.77
C GLN F 16 32.14 54.89 -35.17
N SER F 17 30.90 54.74 -35.62
CA SER F 17 30.33 53.49 -36.12
C SER F 17 29.71 53.70 -37.51
N ILE F 18 29.89 52.75 -38.41
CA ILE F 18 29.45 52.83 -39.82
C ILE F 18 28.88 51.49 -40.28
N THR F 19 28.06 51.53 -41.32
CA THR F 19 27.48 50.33 -41.94
C THR F 19 27.64 50.36 -43.46
N ILE F 20 28.08 49.24 -44.02
CA ILE F 20 28.29 49.03 -45.45
C ILE F 20 27.17 48.10 -45.93
N SER F 21 26.34 48.56 -46.85
CA SER F 21 25.28 47.75 -47.46
C SER F 21 25.78 46.95 -48.66
N CYS F 22 25.18 45.78 -48.86
CA CYS F 22 25.38 44.96 -50.04
C CYS F 22 24.02 44.42 -50.51
N THR F 23 23.68 44.53 -51.79
CA THR F 23 22.35 44.20 -52.30
C THR F 23 22.42 43.21 -53.46
N GLY F 24 21.51 42.25 -53.46
CA GLY F 24 21.38 41.19 -54.45
C GLY F 24 19.92 40.97 -54.89
N THR F 25 19.50 39.71 -54.95
CA THR F 25 18.25 39.19 -55.51
C THR F 25 17.81 37.94 -54.74
N SER F 26 16.59 37.47 -55.01
CA SER F 26 16.09 36.17 -54.54
C SER F 26 16.93 34.97 -54.99
N SER F 27 17.76 35.12 -56.03
CA SER F 27 18.64 34.06 -56.54
C SER F 27 19.97 33.94 -55.78
N ASP F 28 20.29 34.88 -54.88
CA ASP F 28 21.65 34.98 -54.32
C ASP F 28 21.71 35.53 -52.88
N VAL F 29 20.84 36.45 -52.47
CA VAL F 29 20.87 37.08 -51.14
C VAL F 29 19.51 37.01 -50.43
N GLY F 30 18.40 37.16 -51.15
CA GLY F 30 17.06 36.96 -50.60
C GLY F 30 16.76 35.50 -50.25
N GLY F 31 17.26 34.56 -51.05
CA GLY F 31 16.96 33.13 -50.91
C GLY F 31 17.77 32.37 -49.87
N TYR F 32 18.90 32.92 -49.40
CA TYR F 32 19.85 32.23 -48.51
C TYR F 32 20.39 33.14 -47.41
N ASN F 33 20.94 32.55 -46.35
CA ASN F 33 21.66 33.26 -45.29
C ASN F 33 23.17 32.98 -45.33
N TYR F 34 23.74 32.73 -46.52
CA TYR F 34 25.15 32.38 -46.69
C TYR F 34 26.11 33.57 -46.81
N VAL F 35 25.60 34.81 -46.80
CA VAL F 35 26.40 36.00 -47.09
C VAL F 35 27.64 36.08 -46.19
N SER F 36 28.80 36.34 -46.78
CA SER F 36 30.06 36.49 -46.06
C SER F 36 30.78 37.75 -46.49
N TRP F 37 31.57 38.34 -45.60
CA TRP F 37 32.26 39.61 -45.83
C TRP F 37 33.75 39.44 -45.64
N TYR F 38 34.51 39.98 -46.58
CA TYR F 38 35.97 39.88 -46.62
C TYR F 38 36.57 41.27 -46.53
N GLN F 39 37.60 41.44 -45.71
CA GLN F 39 38.40 42.64 -45.60
C GLN F 39 39.72 42.43 -46.34
N GLN F 40 40.14 43.35 -47.20
CA GLN F 40 41.45 43.32 -47.85
C GLN F 40 42.22 44.62 -47.66
N HIS F 41 43.40 44.55 -47.08
CA HIS F 41 44.35 45.67 -47.02
C HIS F 41 45.15 45.77 -48.33
N PRO F 42 45.66 46.95 -48.72
CA PRO F 42 46.39 47.12 -49.96
C PRO F 42 47.55 46.12 -50.13
N GLY F 43 47.48 45.33 -51.21
CA GLY F 43 48.50 44.34 -51.57
C GLY F 43 48.51 43.04 -50.73
N LYS F 44 47.64 42.89 -49.73
CA LYS F 44 47.47 41.64 -48.97
C LYS F 44 46.36 40.77 -49.58
N ALA F 45 46.36 39.48 -49.30
CA ALA F 45 45.21 38.62 -49.61
C ALA F 45 44.02 38.92 -48.67
N PRO F 46 42.76 38.69 -49.06
CA PRO F 46 41.60 38.95 -48.21
C PRO F 46 41.58 38.12 -46.92
N LYS F 47 40.81 38.58 -45.93
CA LYS F 47 40.51 37.91 -44.66
C LYS F 47 38.99 37.83 -44.50
N LEU F 48 38.46 36.69 -44.12
CA LEU F 48 37.04 36.51 -43.80
C LEU F 48 36.71 37.20 -42.47
N MET F 49 35.78 38.16 -42.46
CA MET F 49 35.35 38.89 -41.26
C MET F 49 34.01 38.40 -40.72
N ILE F 50 33.06 38.07 -41.59
CA ILE F 50 31.73 37.61 -41.24
C ILE F 50 31.32 36.50 -42.21
N TYR F 51 30.60 35.49 -41.74
CA TYR F 51 29.98 34.46 -42.56
C TYR F 51 28.56 34.13 -42.08
N ASP F 52 27.81 33.41 -42.89
CA ASP F 52 26.41 33.09 -42.63
C ASP F 52 25.58 34.30 -42.15
N VAL F 53 25.72 35.44 -42.83
CA VAL F 53 25.18 36.77 -42.48
C VAL F 53 25.76 37.40 -41.21
N SER F 54 26.01 36.63 -40.15
CA SER F 54 26.22 37.20 -38.80
C SER F 54 27.43 36.66 -38.03
N LYS F 55 27.91 35.46 -38.35
CA LYS F 55 28.89 34.73 -37.54
C LYS F 55 30.29 35.28 -37.75
N ARG F 56 30.98 35.66 -36.68
CA ARG F 56 32.42 35.96 -36.71
C ARG F 56 33.24 34.68 -36.63
N PRO F 57 34.31 34.53 -37.42
CA PRO F 57 35.37 33.54 -37.19
C PRO F 57 36.08 33.75 -35.84
N SER F 58 36.90 32.79 -35.42
CA SER F 58 37.92 33.07 -34.41
C SER F 58 38.96 34.07 -34.96
N GLY F 59 39.52 34.92 -34.09
CA GLY F 59 40.48 35.96 -34.52
C GLY F 59 39.84 37.13 -35.27
N VAL F 60 38.55 37.38 -35.06
CA VAL F 60 37.84 38.60 -35.50
C VAL F 60 37.26 39.34 -34.30
N SER F 61 37.46 40.64 -34.24
CA SER F 61 36.95 41.51 -33.18
C SER F 61 35.44 41.63 -33.20
N ASN F 62 34.80 41.63 -32.02
CA ASN F 62 33.37 41.86 -31.86
C ASN F 62 32.89 43.26 -32.31
N ARG F 63 33.81 44.17 -32.70
CA ARG F 63 33.45 45.43 -33.39
C ARG F 63 32.78 45.20 -34.74
N PHE F 64 33.07 44.08 -35.41
CA PHE F 64 32.44 43.70 -36.67
C PHE F 64 31.16 42.92 -36.41
N SER F 65 30.06 43.29 -37.08
CA SER F 65 28.79 42.55 -37.03
C SER F 65 28.05 42.63 -38.36
N GLY F 66 27.18 41.67 -38.65
CA GLY F 66 26.41 41.64 -39.88
C GLY F 66 24.90 41.50 -39.66
N SER F 67 24.12 41.74 -40.72
CA SER F 67 22.65 41.60 -40.73
C SER F 67 22.12 41.48 -42.15
N LYS F 68 20.83 41.12 -42.29
CA LYS F 68 20.12 41.06 -43.58
C LYS F 68 18.67 41.48 -43.45
N SER F 69 18.13 42.07 -44.50
CA SER F 69 16.72 42.43 -44.67
C SER F 69 16.34 42.36 -46.14
N GLY F 70 15.41 41.47 -46.50
CA GLY F 70 15.06 41.18 -47.89
C GLY F 70 16.28 40.80 -48.72
N ASN F 71 16.43 41.43 -49.89
CA ASN F 71 17.57 41.24 -50.79
C ASN F 71 18.84 42.01 -50.38
N THR F 72 18.91 42.63 -49.22
CA THR F 72 20.08 43.43 -48.77
C THR F 72 20.71 42.85 -47.52
N ALA F 73 22.02 42.61 -47.56
CA ALA F 73 22.87 42.37 -46.40
C ALA F 73 23.54 43.66 -45.92
N SER F 74 24.14 43.66 -44.74
CA SER F 74 24.99 44.76 -44.28
C SER F 74 26.08 44.29 -43.31
N LEU F 75 27.23 44.96 -43.34
CA LEU F 75 28.31 44.85 -42.35
C LEU F 75 28.38 46.15 -41.58
N THR F 76 28.35 46.08 -40.26
CA THR F 76 28.51 47.21 -39.36
C THR F 76 29.84 47.09 -38.64
N ILE F 77 30.61 48.18 -38.62
CA ILE F 77 31.85 48.28 -37.85
C ILE F 77 31.65 49.39 -36.82
N SER F 78 31.75 49.04 -35.53
CA SER F 78 31.76 50.02 -34.45
C SER F 78 33.19 50.38 -34.04
N GLY F 79 33.34 51.51 -33.33
CA GLY F 79 34.62 51.91 -32.74
C GLY F 79 35.75 52.00 -33.76
N LEU F 80 35.54 52.72 -34.87
CA LEU F 80 36.45 52.76 -36.00
C LEU F 80 37.90 53.07 -35.62
N GLN F 81 38.83 52.40 -36.29
CA GLN F 81 40.27 52.54 -36.08
C GLN F 81 41.03 52.59 -37.42
N SER F 82 42.28 53.05 -37.40
CA SER F 82 43.15 53.01 -38.59
C SER F 82 43.32 51.58 -39.15
N GLU F 83 43.29 50.55 -38.30
CA GLU F 83 43.32 49.15 -38.71
C GLU F 83 42.06 48.70 -39.50
N ASP F 84 40.99 49.51 -39.53
CA ASP F 84 39.80 49.23 -40.34
C ASP F 84 39.89 49.79 -41.75
N GLU F 85 40.88 50.64 -42.07
CA GLU F 85 41.04 51.17 -43.42
C GLU F 85 41.44 50.07 -44.41
N ALA F 86 40.48 49.64 -45.22
CA ALA F 86 40.57 48.49 -46.09
C ALA F 86 39.46 48.52 -47.14
N ASP F 87 39.54 47.66 -48.16
CA ASP F 87 38.43 47.36 -49.03
C ASP F 87 37.61 46.19 -48.47
N TYR F 88 36.30 46.35 -48.33
CA TYR F 88 35.37 45.34 -47.83
C TYR F 88 34.47 44.82 -48.96
N TYR F 89 34.46 43.50 -49.16
CA TYR F 89 33.66 42.82 -50.18
C TYR F 89 32.64 41.92 -49.51
N CYS F 90 31.36 42.06 -49.84
CA CYS F 90 30.42 40.98 -49.56
C CYS F 90 30.57 39.86 -50.59
N ASN F 91 30.03 38.70 -50.29
CA ASN F 91 30.00 37.54 -51.16
C ASN F 91 28.75 36.72 -50.85
N SER F 92 28.19 36.04 -51.84
CA SER F 92 27.15 35.05 -51.60
C SER F 92 27.19 33.90 -52.60
N LEU F 93 26.54 32.80 -52.26
CA LEU F 93 26.35 31.62 -53.12
C LEU F 93 24.95 31.70 -53.76
N THR F 94 24.89 31.53 -55.07
CA THR F 94 23.66 31.60 -55.86
C THR F 94 22.90 30.26 -55.93
N SER F 95 21.63 30.31 -56.34
CA SER F 95 20.85 29.13 -56.76
C SER F 95 21.46 28.38 -57.95
N ILE F 96 22.32 29.06 -58.73
CA ILE F 96 23.08 28.51 -59.86
C ILE F 96 24.31 27.70 -59.39
N SER F 97 24.54 27.61 -58.08
CA SER F 97 25.79 27.12 -57.46
C SER F 97 27.02 27.81 -58.05
N THR F 98 27.05 29.13 -57.95
CA THR F 98 28.18 30.00 -58.29
C THR F 98 28.35 31.03 -57.18
N TRP F 99 29.53 31.63 -57.07
CA TRP F 99 29.85 32.61 -56.04
C TRP F 99 29.87 33.98 -56.65
N VAL F 100 29.13 34.91 -56.05
CA VAL F 100 29.01 36.29 -56.52
C VAL F 100 29.54 37.24 -55.45
N PHE F 101 30.63 37.93 -55.76
CA PHE F 101 31.19 38.98 -54.93
C PHE F 101 30.47 40.29 -55.18
N GLY F 102 30.50 41.19 -54.20
CA GLY F 102 30.13 42.58 -54.41
C GLY F 102 31.25 43.38 -55.06
N GLY F 103 30.92 44.58 -55.53
CA GLY F 103 31.90 45.48 -56.17
C GLY F 103 33.00 46.03 -55.23
N GLY F 104 32.84 45.86 -53.91
CA GLY F 104 33.77 46.30 -52.88
C GLY F 104 33.57 47.74 -52.45
N THR F 105 33.76 48.00 -51.15
CA THR F 105 33.67 49.32 -50.53
C THR F 105 34.95 49.66 -49.81
N LYS F 106 35.62 50.74 -50.19
CA LYS F 106 36.76 51.26 -49.43
C LYS F 106 36.28 51.98 -48.18
N LEU F 107 36.92 51.73 -47.04
CA LEU F 107 36.68 52.45 -45.79
C LEU F 107 37.85 53.39 -45.48
N THR F 108 37.54 54.66 -45.25
CA THR F 108 38.49 55.69 -44.82
C THR F 108 38.21 56.08 -43.37
N VAL F 109 39.23 56.02 -42.51
CA VAL F 109 39.12 56.41 -41.09
C VAL F 109 40.02 57.60 -40.82
N LEU F 110 39.43 58.72 -40.37
CA LEU F 110 40.06 60.05 -40.39
C LEU F 110 41.10 60.27 -39.28
N GLY F 111 42.23 59.57 -39.38
CA GLY F 111 43.31 59.52 -38.38
C GLY F 111 44.26 60.72 -38.34
N ARG F 112 43.98 61.79 -39.10
CA ARG F 112 44.68 63.10 -39.03
C ARG F 112 43.80 64.27 -39.52
N THR F 113 44.27 65.49 -39.28
CA THR F 113 43.67 66.73 -39.80
C THR F 113 43.71 66.81 -41.33
N VAL F 114 42.79 67.56 -41.93
CA VAL F 114 42.80 67.88 -43.38
C VAL F 114 44.09 68.64 -43.74
N ALA F 115 44.72 68.28 -44.85
CA ALA F 115 45.89 68.94 -45.40
C ALA F 115 45.70 69.23 -46.89
N ALA F 116 45.95 70.47 -47.33
CA ALA F 116 45.89 70.87 -48.73
C ALA F 116 47.17 70.45 -49.49
N PRO F 117 47.07 70.08 -50.79
CA PRO F 117 48.23 69.75 -51.59
C PRO F 117 49.13 70.96 -51.85
N SER F 118 50.44 70.76 -51.79
CA SER F 118 51.36 71.62 -52.54
C SER F 118 51.30 71.20 -54.01
N VAL F 119 51.02 72.14 -54.92
CA VAL F 119 50.80 71.84 -56.34
C VAL F 119 51.97 72.33 -57.18
N PHE F 120 52.50 71.46 -58.03
CA PHE F 120 53.64 71.73 -58.90
C PHE F 120 53.36 71.18 -60.30
N ILE F 121 53.81 71.89 -61.34
CA ILE F 121 53.66 71.43 -62.74
C ILE F 121 55.01 71.37 -63.44
N PHE F 122 55.20 70.34 -64.25
CA PHE F 122 56.38 70.11 -65.08
C PHE F 122 55.99 70.06 -66.56
N PRO F 123 56.58 70.93 -67.39
CA PRO F 123 56.57 70.77 -68.85
C PRO F 123 57.28 69.50 -69.31
N PRO F 124 57.12 69.09 -70.57
CA PRO F 124 57.94 68.06 -71.18
C PRO F 124 59.42 68.46 -71.17
N SER F 125 60.33 67.50 -70.97
CA SER F 125 61.77 67.73 -71.16
C SER F 125 62.12 67.90 -72.64
N ASP F 126 63.18 68.66 -72.94
CA ASP F 126 63.66 68.82 -74.32
C ASP F 126 64.05 67.46 -74.94
N GLU F 127 64.59 66.55 -74.13
CA GLU F 127 64.94 65.19 -74.55
C GLU F 127 63.72 64.36 -74.95
N GLN F 128 62.57 64.56 -74.30
CA GLN F 128 61.32 63.93 -74.71
C GLN F 128 60.77 64.57 -76.01
N LEU F 129 60.82 65.90 -76.14
CA LEU F 129 60.41 66.55 -77.39
C LEU F 129 61.25 66.05 -78.58
N LYS F 130 62.54 65.78 -78.39
CA LYS F 130 63.41 65.14 -79.39
C LYS F 130 63.05 63.68 -79.72
N SER F 131 62.27 62.97 -78.89
CA SER F 131 61.71 61.64 -79.22
C SER F 131 60.40 61.71 -80.02
N GLY F 132 59.83 62.90 -80.22
CA GLY F 132 58.55 63.07 -80.91
C GLY F 132 57.31 62.94 -80.02
N THR F 133 57.46 62.99 -78.69
CA THR F 133 56.33 62.92 -77.74
C THR F 133 56.45 63.99 -76.65
N ALA F 134 55.34 64.27 -75.97
CA ALA F 134 55.27 65.29 -74.94
C ALA F 134 54.39 64.84 -73.77
N SER F 135 54.97 64.73 -72.58
CA SER F 135 54.24 64.43 -71.34
C SER F 135 54.35 65.59 -70.37
N VAL F 136 53.21 66.11 -69.93
CA VAL F 136 53.11 67.19 -68.95
C VAL F 136 52.69 66.56 -67.63
N VAL F 137 53.42 66.82 -66.55
CA VAL F 137 53.19 66.19 -65.25
C VAL F 137 52.73 67.23 -64.23
N CYS F 138 51.59 66.98 -63.58
CA CYS F 138 51.11 67.76 -62.46
C CYS F 138 51.22 66.93 -61.18
N LEU F 139 51.92 67.47 -60.19
CA LEU F 139 52.19 66.85 -58.89
C LEU F 139 51.38 67.57 -57.81
N LEU F 140 50.60 66.79 -57.06
CA LEU F 140 49.95 67.20 -55.83
C LEU F 140 50.69 66.49 -54.70
N ASN F 141 51.29 67.26 -53.79
CA ASN F 141 52.19 66.73 -52.79
C ASN F 141 51.62 66.89 -51.37
N ASN F 142 51.68 65.81 -50.58
CA ASN F 142 51.36 65.75 -49.15
C ASN F 142 49.99 66.38 -48.78
N PHE F 143 48.89 65.73 -49.18
CA PHE F 143 47.52 66.14 -48.88
C PHE F 143 46.74 65.03 -48.16
N TYR F 144 45.65 65.40 -47.47
CA TYR F 144 44.77 64.47 -46.78
C TYR F 144 43.36 65.07 -46.60
N PRO F 145 42.26 64.29 -46.64
CA PRO F 145 42.17 62.88 -47.04
C PRO F 145 42.40 62.67 -48.56
N ARG F 146 42.41 61.40 -48.98
CA ARG F 146 42.88 60.95 -50.31
C ARG F 146 42.05 61.44 -51.51
N GLU F 147 40.80 61.83 -51.31
CA GLU F 147 39.90 62.26 -52.40
C GLU F 147 40.30 63.65 -52.96
N ALA F 148 40.95 63.67 -54.13
CA ALA F 148 41.38 64.86 -54.88
C ALA F 148 41.03 64.74 -56.37
N LYS F 149 40.94 65.87 -57.09
CA LYS F 149 40.64 65.90 -58.53
C LYS F 149 41.54 66.89 -59.27
N VAL F 150 42.02 66.46 -60.45
CA VAL F 150 42.86 67.26 -61.36
C VAL F 150 42.16 67.41 -62.71
N GLN F 151 42.02 68.64 -63.18
CA GLN F 151 41.46 68.95 -64.50
C GLN F 151 42.53 69.61 -65.38
N TRP F 152 42.78 69.05 -66.56
CA TRP F 152 43.80 69.55 -67.48
C TRP F 152 43.18 70.52 -68.48
N LYS F 153 43.79 71.70 -68.61
CA LYS F 153 43.36 72.74 -69.55
C LYS F 153 44.51 73.11 -70.48
N VAL F 154 44.23 73.14 -71.78
CA VAL F 154 45.20 73.45 -72.83
C VAL F 154 44.64 74.53 -73.74
N ASP F 155 45.34 75.66 -73.87
CA ASP F 155 44.78 76.92 -74.37
C ASP F 155 43.42 77.26 -73.72
N ASN F 156 43.33 77.04 -72.39
CA ASN F 156 42.12 77.09 -71.55
C ASN F 156 41.02 76.04 -71.85
N ALA F 157 41.10 75.26 -72.93
CA ALA F 157 40.12 74.21 -73.24
C ALA F 157 40.33 72.98 -72.35
N LEU F 158 39.24 72.48 -71.75
CA LEU F 158 39.25 71.27 -70.92
C LEU F 158 39.57 70.01 -71.73
N GLN F 159 40.61 69.29 -71.31
CA GLN F 159 41.04 68.02 -71.92
C GLN F 159 40.34 66.81 -71.31
N SER F 160 40.21 65.73 -72.09
CA SER F 160 39.68 64.43 -71.64
C SER F 160 40.35 63.27 -72.37
N GLY F 161 40.42 62.10 -71.73
CA GLY F 161 40.96 60.84 -72.28
C GLY F 161 42.50 60.76 -72.42
N ASN F 162 43.18 61.86 -72.69
CA ASN F 162 44.63 61.92 -72.94
C ASN F 162 45.51 61.98 -71.66
N SER F 163 44.92 61.80 -70.47
CA SER F 163 45.62 61.86 -69.19
C SER F 163 45.42 60.62 -68.31
N GLN F 164 46.37 60.39 -67.41
CA GLN F 164 46.36 59.31 -66.41
C GLN F 164 46.75 59.86 -65.04
N GLU F 165 46.38 59.15 -63.97
CA GLU F 165 46.63 59.54 -62.58
C GLU F 165 47.12 58.36 -61.75
N SER F 166 48.05 58.62 -60.83
CA SER F 166 48.54 57.66 -59.86
C SER F 166 48.73 58.33 -58.50
N VAL F 167 48.45 57.60 -57.42
CA VAL F 167 48.45 58.12 -56.05
C VAL F 167 49.33 57.23 -55.19
N THR F 168 50.15 57.82 -54.33
CA THR F 168 51.02 57.05 -53.44
C THR F 168 50.22 56.19 -52.46
N GLU F 169 50.87 55.18 -51.87
CA GLU F 169 50.43 54.67 -50.57
C GLU F 169 50.54 55.78 -49.50
N GLN F 170 49.87 55.62 -48.37
CA GLN F 170 49.86 56.62 -47.31
C GLN F 170 51.26 56.81 -46.70
N ASP F 171 51.65 58.06 -46.44
CA ASP F 171 52.94 58.40 -45.85
C ASP F 171 53.03 57.95 -44.36
N SER F 172 54.05 57.17 -44.01
CA SER F 172 54.21 56.63 -42.65
C SER F 172 54.65 57.66 -41.59
N LYS F 173 55.14 58.84 -41.98
CA LYS F 173 55.62 59.90 -41.08
C LYS F 173 54.58 60.98 -40.81
N ASP F 174 53.69 61.27 -41.75
CA ASP F 174 52.67 62.33 -41.59
C ASP F 174 51.25 61.93 -42.03
N SER F 175 51.04 60.68 -42.46
CA SER F 175 49.76 60.13 -42.87
C SER F 175 49.10 60.83 -44.08
N THR F 176 49.82 61.67 -44.83
CA THR F 176 49.30 62.28 -46.06
C THR F 176 49.49 61.38 -47.28
N TYR F 177 49.07 61.86 -48.45
CA TYR F 177 49.20 61.24 -49.76
C TYR F 177 49.80 62.22 -50.76
N SER F 178 50.33 61.70 -51.87
CA SER F 178 50.69 62.50 -53.04
C SER F 178 50.10 61.88 -54.29
N LEU F 179 49.86 62.68 -55.32
CA LEU F 179 49.25 62.29 -56.59
C LEU F 179 50.07 62.88 -57.73
N SER F 180 50.34 62.04 -58.73
CA SER F 180 50.90 62.45 -60.01
C SER F 180 49.82 62.28 -61.06
N SER F 181 49.50 63.35 -61.77
CA SER F 181 48.71 63.30 -62.98
C SER F 181 49.61 63.60 -64.17
N THR F 182 49.46 62.85 -65.26
CA THR F 182 50.22 63.06 -66.49
C THR F 182 49.27 63.23 -67.66
N LEU F 183 49.49 64.25 -68.48
CA LEU F 183 48.83 64.47 -69.78
C LEU F 183 49.85 64.13 -70.88
N THR F 184 49.49 63.30 -71.86
CA THR F 184 50.43 62.89 -72.94
C THR F 184 49.90 63.23 -74.33
N LEU F 185 50.79 63.74 -75.18
CA LEU F 185 50.53 64.19 -76.54
C LEU F 185 51.68 63.80 -77.49
N SER F 186 51.42 63.82 -78.80
CA SER F 186 52.50 63.85 -79.79
C SER F 186 53.23 65.21 -79.74
N LYS F 187 54.49 65.27 -80.20
CA LYS F 187 55.20 66.56 -80.32
C LYS F 187 54.43 67.53 -81.23
N ALA F 188 53.87 67.04 -82.34
CA ALA F 188 53.07 67.85 -83.25
C ALA F 188 51.83 68.46 -82.58
N ASP F 189 51.07 67.66 -81.81
CA ASP F 189 49.93 68.18 -81.04
C ASP F 189 50.35 69.15 -79.92
N TYR F 190 51.46 68.87 -79.22
CA TYR F 190 52.01 69.80 -78.23
C TYR F 190 52.39 71.15 -78.85
N GLU F 191 52.93 71.14 -80.07
CA GLU F 191 53.25 72.35 -80.84
C GLU F 191 52.03 73.04 -81.47
N LYS F 192 50.84 72.44 -81.51
CA LYS F 192 49.60 73.16 -81.93
C LYS F 192 49.17 74.21 -80.90
N HIS F 193 49.26 73.88 -79.62
CA HIS F 193 48.82 74.72 -78.51
C HIS F 193 49.95 75.59 -77.93
N LYS F 194 49.63 76.49 -76.99
CA LYS F 194 50.63 77.39 -76.37
C LYS F 194 50.62 77.36 -74.85
N VAL F 195 49.47 77.34 -74.18
CA VAL F 195 49.36 77.37 -72.72
C VAL F 195 48.87 76.02 -72.18
N TYR F 196 49.56 75.51 -71.17
CA TYR F 196 49.28 74.25 -70.49
C TYR F 196 49.02 74.49 -69.00
N ALA F 197 47.96 73.90 -68.46
CA ALA F 197 47.56 74.08 -67.07
C ALA F 197 46.95 72.82 -66.43
N CYS F 198 47.19 72.61 -65.14
CA CYS F 198 46.44 71.70 -64.30
C CYS F 198 45.72 72.47 -63.18
N GLU F 199 44.41 72.27 -63.08
CA GLU F 199 43.52 72.85 -62.06
C GLU F 199 43.13 71.79 -61.04
N VAL F 200 43.37 72.08 -59.76
CA VAL F 200 43.26 71.14 -58.65
C VAL F 200 42.09 71.49 -57.75
N THR F 201 41.24 70.50 -57.48
CA THR F 201 40.16 70.55 -56.48
C THR F 201 40.49 69.57 -55.35
N HIS F 202 40.43 70.03 -54.09
CA HIS F 202 40.63 69.21 -52.89
C HIS F 202 39.83 69.76 -51.70
N GLN F 203 39.47 68.91 -50.73
CA GLN F 203 38.68 69.28 -49.54
C GLN F 203 39.28 70.44 -48.74
N GLY F 204 40.62 70.47 -48.65
CA GLY F 204 41.40 71.54 -47.98
C GLY F 204 41.58 72.85 -48.76
N LEU F 205 41.03 72.97 -49.98
CA LEU F 205 41.10 74.19 -50.80
C LEU F 205 39.75 74.93 -50.80
N SER F 206 39.77 76.22 -50.48
CA SER F 206 38.57 77.08 -50.47
C SER F 206 38.05 77.40 -51.88
N SER F 207 38.92 77.38 -52.88
CA SER F 207 38.62 77.41 -54.32
C SER F 207 39.73 76.71 -55.12
N PRO F 208 39.48 76.25 -56.35
CA PRO F 208 40.47 75.44 -57.09
C PRO F 208 41.79 76.17 -57.36
N VAL F 209 42.90 75.44 -57.32
CA VAL F 209 44.26 75.99 -57.53
C VAL F 209 44.76 75.56 -58.91
N THR F 210 45.17 76.52 -59.73
CA THR F 210 45.67 76.24 -61.09
C THR F 210 47.15 76.55 -61.20
N LYS F 211 47.95 75.59 -61.67
CA LYS F 211 49.37 75.77 -62.03
C LYS F 211 49.54 75.59 -63.54
N SER F 212 50.29 76.49 -64.18
CA SER F 212 50.33 76.61 -65.64
C SER F 212 51.64 77.17 -66.18
N PHE F 213 51.89 76.97 -67.47
CA PHE F 213 53.03 77.52 -68.21
C PHE F 213 52.68 77.79 -69.68
N ASN F 214 53.49 78.60 -70.35
CA ASN F 214 53.42 78.82 -71.79
C ASN F 214 54.64 78.14 -72.48
N ARG F 215 54.38 77.31 -73.49
CA ARG F 215 55.37 76.58 -74.28
C ARG F 215 56.44 77.48 -74.92
N GLY F 216 56.07 78.71 -75.27
CA GLY F 216 57.00 79.72 -75.82
C GLY F 216 57.90 80.38 -74.77
N GLU F 217 57.57 80.28 -73.48
CA GLU F 217 58.41 80.76 -72.37
C GLU F 217 59.33 79.66 -71.81
N CYS F 218 58.94 78.39 -71.95
CA CYS F 218 59.73 77.20 -71.64
C CYS F 218 60.59 76.74 -72.83
N GLN G 1 49.51 25.93 -37.96
CA GLN G 1 48.80 26.96 -38.74
C GLN G 1 48.55 26.48 -40.18
N VAL G 2 47.32 26.64 -40.66
CA VAL G 2 46.90 26.34 -42.05
C VAL G 2 47.51 27.33 -43.04
N GLN G 3 48.03 26.84 -44.17
CA GLN G 3 48.63 27.66 -45.22
C GLN G 3 48.33 27.11 -46.63
N LEU G 4 48.29 28.02 -47.60
CA LEU G 4 48.19 27.72 -49.04
C LEU G 4 49.29 28.51 -49.76
N VAL G 5 50.12 27.87 -50.58
CA VAL G 5 51.22 28.55 -51.30
C VAL G 5 51.07 28.35 -52.80
N GLU G 6 50.95 29.44 -53.56
CA GLU G 6 50.77 29.41 -55.01
C GLU G 6 52.08 29.57 -55.78
N SER G 7 52.10 29.04 -57.01
CA SER G 7 53.16 29.24 -58.00
C SER G 7 52.60 29.04 -59.42
N GLY G 8 53.35 29.46 -60.43
CA GLY G 8 52.94 29.40 -61.85
C GLY G 8 52.45 30.71 -62.45
N GLY G 9 52.37 31.79 -61.67
CA GLY G 9 52.18 33.15 -62.18
C GLY G 9 53.38 33.65 -63.00
N GLY G 10 53.19 34.70 -63.78
CA GLY G 10 54.21 35.25 -64.67
C GLY G 10 53.63 36.11 -65.79
N VAL G 11 54.42 36.33 -66.83
CA VAL G 11 54.05 37.10 -68.03
C VAL G 11 53.86 36.15 -69.22
N VAL G 12 52.76 36.30 -69.97
CA VAL G 12 52.34 35.35 -71.01
C VAL G 12 51.61 36.03 -72.19
N GLN G 13 51.70 35.42 -73.36
CA GLN G 13 51.11 35.90 -74.62
C GLN G 13 49.56 35.71 -74.64
N PRO G 14 48.78 36.58 -75.28
CA PRO G 14 47.38 36.32 -75.58
C PRO G 14 47.18 35.08 -76.46
N GLY G 15 46.06 34.38 -76.32
CA GLY G 15 45.76 33.13 -77.00
C GLY G 15 46.53 31.90 -76.48
N ARG G 16 47.51 32.09 -75.60
CA ARG G 16 48.33 31.01 -75.00
C ARG G 16 47.60 30.28 -73.88
N SER G 17 48.26 29.25 -73.36
CA SER G 17 47.85 28.48 -72.18
C SER G 17 48.90 28.57 -71.06
N LEU G 18 48.46 28.55 -69.80
CA LEU G 18 49.32 28.63 -68.62
C LEU G 18 48.70 27.86 -67.45
N ARG G 19 49.54 27.31 -66.56
CA ARG G 19 49.14 26.52 -65.39
C ARG G 19 49.54 27.20 -64.09
N LEU G 20 48.56 27.45 -63.21
CA LEU G 20 48.80 27.77 -61.81
C LEU G 20 48.73 26.50 -60.97
N SER G 21 49.50 26.47 -59.89
CA SER G 21 49.50 25.42 -58.88
C SER G 21 49.38 26.07 -57.51
N CYS G 22 48.71 25.44 -56.54
CA CYS G 22 48.95 25.78 -55.14
C CYS G 22 49.02 24.55 -54.23
N ALA G 23 49.99 24.56 -53.32
CA ALA G 23 50.24 23.53 -52.33
C ALA G 23 49.57 23.88 -50.99
N ALA G 24 48.77 22.96 -50.46
CA ALA G 24 48.17 23.06 -49.15
C ALA G 24 49.07 22.49 -48.04
N SER G 25 48.99 23.05 -46.84
CA SER G 25 49.56 22.47 -45.63
C SER G 25 48.76 22.84 -44.38
N GLY G 26 48.84 21.99 -43.35
CA GLY G 26 48.19 22.20 -42.06
C GLY G 26 46.68 21.90 -42.01
N PHE G 27 46.06 21.48 -43.11
CA PHE G 27 44.65 21.09 -43.16
C PHE G 27 44.42 19.90 -44.09
N THR G 28 43.34 19.15 -43.85
CA THR G 28 42.96 17.97 -44.64
C THR G 28 42.35 18.41 -45.97
N PHE G 29 43.20 18.77 -46.93
CA PHE G 29 42.82 19.30 -48.25
C PHE G 29 41.67 18.54 -48.91
N SER G 30 41.77 17.20 -48.90
CA SER G 30 40.80 16.28 -49.50
C SER G 30 39.41 16.27 -48.86
N ASN G 31 39.18 16.97 -47.74
CA ASN G 31 37.84 17.13 -47.15
C ASN G 31 37.07 18.34 -47.70
N TYR G 32 37.69 19.30 -48.39
CA TYR G 32 37.09 20.62 -48.65
C TYR G 32 37.08 21.02 -50.12
N ALA G 33 36.09 21.82 -50.50
CA ALA G 33 36.10 22.50 -51.78
C ALA G 33 37.31 23.41 -51.90
N MET G 34 37.83 23.53 -53.10
CA MET G 34 38.93 24.44 -53.42
C MET G 34 38.49 25.42 -54.49
N TYR G 35 38.88 26.67 -54.33
CA TYR G 35 38.45 27.80 -55.13
C TYR G 35 39.63 28.46 -55.81
N TRP G 36 39.39 29.03 -56.99
CA TRP G 36 40.24 30.11 -57.50
C TRP G 36 39.41 31.39 -57.65
N VAL G 37 39.99 32.50 -57.27
CA VAL G 37 39.44 33.84 -57.31
C VAL G 37 40.50 34.75 -57.89
N ARG G 38 40.14 35.73 -58.70
CA ARG G 38 41.09 36.66 -59.28
C ARG G 38 40.74 38.11 -59.02
N GLN G 39 41.74 38.95 -58.93
CA GLN G 39 41.59 40.38 -58.79
C GLN G 39 42.34 41.09 -59.91
N ALA G 40 41.62 41.76 -60.81
CA ALA G 40 42.27 42.61 -61.80
C ALA G 40 42.97 43.80 -61.10
N PRO G 41 44.09 44.33 -61.63
CA PRO G 41 44.89 45.32 -60.90
C PRO G 41 44.10 46.56 -60.48
N GLY G 42 44.05 46.82 -59.16
CA GLY G 42 43.31 47.92 -58.57
C GLY G 42 41.78 47.78 -58.54
N LYS G 43 41.23 46.62 -58.91
CA LYS G 43 39.77 46.36 -59.01
C LYS G 43 39.29 45.32 -57.98
N GLY G 44 38.01 44.97 -58.04
CA GLY G 44 37.35 44.03 -57.13
C GLY G 44 37.69 42.56 -57.35
N LEU G 45 37.27 41.72 -56.41
CA LEU G 45 37.38 40.26 -56.54
C LEU G 45 36.37 39.73 -57.56
N GLU G 46 36.80 38.80 -58.40
CA GLU G 46 36.01 38.03 -59.33
C GLU G 46 36.23 36.55 -59.02
N TRP G 47 35.19 35.78 -58.78
CA TRP G 47 35.31 34.33 -58.65
C TRP G 47 35.62 33.68 -60.00
N VAL G 48 36.50 32.68 -60.04
CA VAL G 48 36.95 32.01 -61.27
C VAL G 48 36.40 30.59 -61.37
N ALA G 49 36.65 29.77 -60.35
CA ALA G 49 36.37 28.34 -60.39
C ALA G 49 36.24 27.73 -58.99
N VAL G 50 35.62 26.55 -58.89
CA VAL G 50 35.59 25.72 -57.68
C VAL G 50 35.65 24.25 -58.04
N ILE G 51 36.19 23.41 -57.16
CA ILE G 51 36.23 21.96 -57.29
C ILE G 51 35.85 21.27 -55.99
N SER G 52 35.00 20.25 -56.06
CA SER G 52 34.54 19.46 -54.93
C SER G 52 35.68 18.77 -54.20
N TYR G 53 35.45 18.37 -52.95
CA TYR G 53 36.44 17.73 -52.09
C TYR G 53 37.06 16.47 -52.71
N ASP G 54 36.23 15.64 -53.34
CA ASP G 54 36.64 14.44 -54.08
C ASP G 54 37.12 14.71 -55.53
N GLY G 55 37.09 15.95 -55.99
CA GLY G 55 37.41 16.30 -57.38
C GLY G 55 36.37 15.93 -58.44
N SER G 56 35.23 15.35 -58.08
CA SER G 56 34.22 14.86 -59.03
C SER G 56 33.42 15.96 -59.74
N ASN G 57 33.23 17.12 -59.09
CA ASN G 57 32.35 18.19 -59.54
C ASN G 57 33.08 19.53 -59.54
N LYS G 58 32.85 20.32 -60.59
CA LYS G 58 33.58 21.57 -60.89
C LYS G 58 32.60 22.63 -61.39
N TYR G 59 32.72 23.87 -60.95
CA TYR G 59 31.90 24.97 -61.46
C TYR G 59 32.78 26.18 -61.78
N TYR G 60 32.34 27.01 -62.73
CA TYR G 60 33.12 28.09 -63.31
C TYR G 60 32.32 29.37 -63.49
N ALA G 61 33.01 30.51 -63.52
CA ALA G 61 32.44 31.75 -64.01
C ALA G 61 32.33 31.77 -65.53
N ASP G 62 31.29 32.40 -66.08
CA ASP G 62 31.07 32.52 -67.54
C ASP G 62 32.18 33.28 -68.27
N SER G 63 32.93 34.12 -67.56
CA SER G 63 34.14 34.79 -68.05
C SER G 63 35.32 33.85 -68.33
N VAL G 64 35.28 32.60 -67.85
CA VAL G 64 36.37 31.61 -67.97
C VAL G 64 35.92 30.21 -68.38
N LYS G 65 34.62 29.89 -68.28
CA LYS G 65 34.07 28.58 -68.64
C LYS G 65 34.45 28.19 -70.07
N GLY G 66 34.88 26.94 -70.26
CA GLY G 66 35.35 26.40 -71.53
C GLY G 66 36.81 26.76 -71.87
N ARG G 67 37.31 27.91 -71.42
CA ARG G 67 38.71 28.31 -71.54
C ARG G 67 39.60 27.74 -70.43
N PHE G 68 39.09 27.68 -69.20
CA PHE G 68 39.84 27.28 -68.01
C PHE G 68 39.38 25.91 -67.50
N THR G 69 40.28 25.12 -66.93
CA THR G 69 40.02 23.83 -66.29
C THR G 69 40.66 23.79 -64.91
N ILE G 70 39.87 23.53 -63.86
CA ILE G 70 40.37 23.30 -62.50
C ILE G 70 40.62 21.81 -62.27
N SER G 71 41.63 21.45 -61.50
CA SER G 71 41.90 20.06 -61.11
C SER G 71 42.68 19.99 -59.80
N ARG G 72 42.67 18.84 -59.13
CA ARG G 72 43.32 18.66 -57.83
C ARG G 72 43.96 17.29 -57.69
N ASP G 73 45.09 17.24 -57.00
CA ASP G 73 45.78 16.02 -56.61
C ASP G 73 45.65 15.83 -55.10
N ASN G 74 44.64 15.05 -54.69
CA ASN G 74 44.38 14.72 -53.29
C ASN G 74 45.44 13.79 -52.65
N SER G 75 46.44 13.32 -53.39
CA SER G 75 47.60 12.61 -52.84
C SER G 75 48.73 13.56 -52.45
N LYS G 76 49.05 14.54 -53.31
CA LYS G 76 50.05 15.59 -53.05
C LYS G 76 49.51 16.78 -52.24
N ASN G 77 48.19 16.91 -52.11
CA ASN G 77 47.49 18.09 -51.63
C ASN G 77 47.81 19.33 -52.48
N THR G 78 47.73 19.16 -53.81
CA THR G 78 47.99 20.22 -54.80
C THR G 78 46.72 20.56 -55.55
N LEU G 79 46.32 21.82 -55.55
CA LEU G 79 45.32 22.36 -56.46
C LEU G 79 46.01 22.88 -57.73
N TYR G 80 45.36 22.75 -58.87
CA TYR G 80 45.81 23.34 -60.13
C TYR G 80 44.71 24.16 -60.79
N LEU G 81 45.10 25.20 -61.53
CA LEU G 81 44.28 25.79 -62.56
C LEU G 81 45.04 25.69 -63.88
N GLN G 82 44.43 25.11 -64.90
CA GLN G 82 44.92 25.13 -66.27
C GLN G 82 44.11 26.16 -67.05
N MET G 83 44.76 27.14 -67.66
CA MET G 83 44.13 28.22 -68.40
C MET G 83 44.50 28.07 -69.88
N ASN G 84 43.55 28.29 -70.80
CA ASN G 84 43.76 28.24 -72.24
C ASN G 84 43.09 29.41 -72.94
N SER G 85 43.56 29.76 -74.14
CA SER G 85 43.04 30.92 -74.90
C SER G 85 43.00 32.18 -74.03
N LEU G 86 44.13 32.49 -73.38
CA LEU G 86 44.25 33.63 -72.48
C LEU G 86 43.97 34.97 -73.18
N ARG G 87 43.49 35.95 -72.42
CA ARG G 87 43.14 37.29 -72.90
C ARG G 87 43.79 38.34 -72.02
N THR G 88 43.95 39.57 -72.52
CA THR G 88 44.44 40.69 -71.70
C THR G 88 43.61 40.87 -70.42
N GLU G 89 42.29 40.67 -70.49
CA GLU G 89 41.39 40.73 -69.33
C GLU G 89 41.61 39.62 -68.29
N ASP G 90 42.30 38.53 -68.62
CA ASP G 90 42.72 37.53 -67.63
C ASP G 90 43.92 38.00 -66.78
N THR G 91 44.52 39.15 -67.07
CA THR G 91 45.55 39.78 -66.23
C THR G 91 45.00 40.10 -64.85
N ALA G 92 45.51 39.44 -63.82
CA ALA G 92 45.02 39.57 -62.45
C ALA G 92 45.97 38.90 -61.47
N VAL G 93 45.85 39.24 -60.19
CA VAL G 93 46.35 38.41 -59.10
C VAL G 93 45.35 37.28 -58.86
N TYR G 94 45.78 36.03 -58.96
CA TYR G 94 44.94 34.86 -58.73
C TYR G 94 45.23 34.29 -57.35
N TYR G 95 44.20 34.15 -56.53
CA TYR G 95 44.26 33.54 -55.21
C TYR G 95 43.57 32.17 -55.27
N CYS G 96 44.22 31.12 -54.77
CA CYS G 96 43.52 29.90 -54.42
C CYS G 96 42.99 30.00 -52.99
N ALA G 97 41.89 29.32 -52.69
CA ALA G 97 41.28 29.34 -51.37
C ALA G 97 40.50 28.07 -51.06
N SER G 98 40.11 27.84 -49.81
CA SER G 98 39.37 26.63 -49.42
C SER G 98 38.28 26.89 -48.39
N GLY G 99 37.30 26.00 -48.34
CA GLY G 99 36.28 25.98 -47.29
C GLY G 99 36.80 25.44 -45.95
N SER G 100 35.96 25.46 -44.91
CA SER G 100 36.23 24.80 -43.63
C SER G 100 34.95 24.35 -42.92
N ASP G 101 35.04 23.83 -41.70
CA ASP G 101 33.87 23.54 -40.85
C ASP G 101 33.01 24.77 -40.47
N TYR G 102 33.44 25.99 -40.78
CA TYR G 102 32.56 27.16 -40.80
C TYR G 102 31.48 27.04 -41.90
N GLY G 103 31.76 26.31 -42.98
CA GLY G 103 30.90 26.11 -44.13
C GLY G 103 31.75 25.84 -45.37
N ASP G 104 31.50 24.74 -46.09
CA ASP G 104 32.35 24.37 -47.25
C ASP G 104 32.25 25.38 -48.41
N TYR G 105 31.15 26.14 -48.47
CA TYR G 105 30.89 27.19 -49.43
C TYR G 105 31.58 28.53 -49.13
N LEU G 106 32.31 28.66 -48.01
CA LEU G 106 33.10 29.85 -47.69
C LEU G 106 34.49 29.77 -48.33
N LEU G 107 35.13 30.91 -48.53
CA LEU G 107 36.55 31.00 -48.86
C LEU G 107 37.30 31.35 -47.57
N VAL G 108 37.51 30.37 -46.71
CA VAL G 108 38.05 30.57 -45.37
C VAL G 108 39.55 30.84 -45.39
N TYR G 109 40.32 29.96 -46.02
CA TYR G 109 41.78 30.09 -46.12
C TYR G 109 42.16 30.55 -47.51
N TRP G 110 43.09 31.49 -47.63
CA TRP G 110 43.55 32.08 -48.90
C TRP G 110 45.06 31.93 -49.04
N GLY G 111 45.55 31.62 -50.22
CA GLY G 111 46.98 31.71 -50.55
C GLY G 111 47.43 33.16 -50.80
N GLN G 112 48.72 33.36 -51.07
CA GLN G 112 49.34 34.70 -51.05
C GLN G 112 48.92 35.62 -52.23
N GLY G 113 48.30 35.08 -53.27
CA GLY G 113 48.02 35.75 -54.53
C GLY G 113 49.20 35.63 -55.51
N THR G 114 49.01 35.00 -56.67
CA THR G 114 50.03 34.93 -57.73
C THR G 114 49.60 35.69 -58.98
N LEU G 115 50.43 36.63 -59.43
CA LEU G 115 50.13 37.50 -60.55
C LEU G 115 50.25 36.77 -61.90
N VAL G 116 49.22 36.87 -62.73
CA VAL G 116 49.28 36.55 -64.15
C VAL G 116 49.15 37.85 -64.93
N THR G 117 50.09 38.10 -65.85
CA THR G 117 50.06 39.24 -66.77
C THR G 117 49.96 38.74 -68.20
N VAL G 118 48.87 39.06 -68.90
CA VAL G 118 48.66 38.63 -70.29
C VAL G 118 48.82 39.84 -71.21
N SER G 119 49.85 39.84 -72.06
CA SER G 119 50.11 40.97 -72.97
C SER G 119 50.98 40.56 -74.15
N SER G 120 50.71 41.14 -75.32
CA SER G 120 51.52 40.99 -76.54
C SER G 120 52.79 41.84 -76.55
N ALA G 121 52.95 42.77 -75.60
CA ALA G 121 54.10 43.67 -75.52
C ALA G 121 55.43 42.92 -75.32
N SER G 122 56.50 43.40 -75.97
CA SER G 122 57.86 42.85 -75.86
C SER G 122 58.55 43.29 -74.57
N THR G 123 59.47 42.47 -74.05
CA THR G 123 60.35 42.88 -72.93
C THR G 123 61.24 44.05 -73.36
N LYS G 124 61.03 45.22 -72.75
CA LYS G 124 61.57 46.51 -73.19
C LYS G 124 62.08 47.34 -72.02
N GLY G 125 63.26 47.95 -72.17
CA GLY G 125 63.82 48.90 -71.20
C GLY G 125 63.21 50.30 -71.28
N PRO G 126 63.19 51.05 -70.16
CA PRO G 126 62.57 52.37 -70.08
C PRO G 126 63.32 53.45 -70.86
N SER G 127 62.60 54.53 -71.17
CA SER G 127 63.17 55.85 -71.43
C SER G 127 62.99 56.72 -70.20
N VAL G 128 64.05 57.40 -69.76
CA VAL G 128 64.05 58.25 -68.55
C VAL G 128 64.18 59.72 -68.95
N PHE G 129 63.29 60.56 -68.45
CA PHE G 129 63.24 61.99 -68.76
C PHE G 129 63.26 62.84 -67.48
N PRO G 130 64.04 63.93 -67.43
CA PRO G 130 64.10 64.79 -66.26
C PRO G 130 62.85 65.70 -66.16
N LEU G 131 62.18 65.67 -65.02
CA LEU G 131 61.15 66.64 -64.64
C LEU G 131 61.84 67.83 -63.97
N ALA G 132 62.37 68.71 -64.81
CA ALA G 132 63.23 69.83 -64.44
C ALA G 132 62.54 70.84 -63.51
N PRO G 133 63.17 71.27 -62.40
CA PRO G 133 62.59 72.28 -61.52
C PRO G 133 62.52 73.66 -62.19
N SER G 134 61.51 74.46 -61.86
CA SER G 134 61.27 75.79 -62.40
C SER G 134 60.44 76.66 -61.44
N SER G 135 60.13 77.92 -61.81
CA SER G 135 59.21 78.73 -61.00
C SER G 135 57.84 78.04 -60.83
N LYS G 136 57.41 77.28 -61.84
CA LYS G 136 56.15 76.54 -61.89
C LYS G 136 56.15 75.23 -61.07
N SER G 137 57.32 74.83 -60.56
CA SER G 137 57.46 73.75 -59.58
C SER G 137 58.04 74.22 -58.24
N THR G 138 57.97 75.53 -57.94
CA THR G 138 58.48 76.11 -56.69
C THR G 138 57.40 76.88 -55.94
N SER G 139 57.32 76.68 -54.62
CA SER G 139 56.41 77.40 -53.72
C SER G 139 57.00 77.49 -52.30
N GLY G 140 56.84 78.63 -51.62
CA GLY G 140 57.18 78.78 -50.19
C GLY G 140 58.65 78.54 -49.81
N GLY G 141 59.59 78.67 -50.76
CA GLY G 141 61.00 78.31 -50.56
C GLY G 141 61.33 76.82 -50.80
N THR G 142 60.37 76.03 -51.27
CA THR G 142 60.53 74.61 -51.61
C THR G 142 60.30 74.39 -53.11
N ALA G 143 61.22 73.71 -53.78
CA ALA G 143 61.10 73.29 -55.17
C ALA G 143 60.87 71.78 -55.27
N ALA G 144 59.92 71.37 -56.10
CA ALA G 144 59.80 70.00 -56.56
C ALA G 144 60.59 69.78 -57.86
N LEU G 145 61.21 68.61 -58.00
CA LEU G 145 61.89 68.10 -59.18
C LEU G 145 61.67 66.59 -59.30
N GLY G 146 61.93 66.00 -60.46
CA GLY G 146 61.72 64.56 -60.61
C GLY G 146 62.31 63.96 -61.89
N CYS G 147 61.91 62.71 -62.14
CA CYS G 147 62.15 61.96 -63.36
C CYS G 147 60.88 61.21 -63.75
N LEU G 148 60.58 61.19 -65.05
CA LEU G 148 59.55 60.36 -65.65
C LEU G 148 60.24 59.13 -66.27
N VAL G 149 59.79 57.95 -65.87
CA VAL G 149 60.25 56.66 -66.39
C VAL G 149 59.13 56.13 -67.28
N LYS G 150 59.42 55.94 -68.57
CA LYS G 150 58.38 55.77 -69.59
C LYS G 150 58.62 54.55 -70.46
N ASP G 151 57.53 53.95 -70.93
CA ASP G 151 57.51 52.98 -72.02
C ASP G 151 58.41 51.77 -71.79
N TYR G 152 58.20 51.07 -70.68
CA TYR G 152 58.88 49.82 -70.36
C TYR G 152 57.87 48.68 -70.19
N PHE G 153 58.32 47.44 -70.38
CA PHE G 153 57.53 46.25 -70.09
C PHE G 153 58.44 45.04 -69.80
N PRO G 154 58.02 44.07 -68.97
CA PRO G 154 56.95 44.17 -67.97
C PRO G 154 57.40 44.99 -66.75
N GLU G 155 56.56 45.08 -65.71
CA GLU G 155 57.00 45.50 -64.37
C GLU G 155 58.01 44.52 -63.75
N PRO G 156 58.83 44.93 -62.76
CA PRO G 156 58.94 46.28 -62.20
C PRO G 156 60.19 47.05 -62.70
N VAL G 157 60.16 48.38 -62.59
CA VAL G 157 61.39 49.19 -62.43
C VAL G 157 61.65 49.43 -60.93
N THR G 158 62.88 49.82 -60.59
CA THR G 158 63.22 50.41 -59.29
C THR G 158 63.94 51.74 -59.50
N VAL G 159 63.67 52.71 -58.61
CA VAL G 159 64.22 54.07 -58.68
C VAL G 159 64.77 54.51 -57.32
N SER G 160 65.94 55.15 -57.32
CA SER G 160 66.55 55.80 -56.16
C SER G 160 67.18 57.14 -56.57
N TRP G 161 67.54 57.99 -55.61
CA TRP G 161 68.07 59.32 -55.87
C TRP G 161 69.47 59.52 -55.26
N ASN G 162 70.37 60.12 -56.03
CA ASN G 162 71.78 60.33 -55.69
C ASN G 162 72.46 59.02 -55.19
N SER G 163 72.27 57.92 -55.94
CA SER G 163 72.72 56.56 -55.58
C SER G 163 72.19 56.04 -54.24
N GLY G 164 71.03 56.54 -53.80
CA GLY G 164 70.40 56.26 -52.51
C GLY G 164 70.74 57.27 -51.40
N ALA G 165 71.59 58.27 -51.66
CA ALA G 165 71.94 59.30 -50.68
C ALA G 165 70.80 60.31 -50.42
N LEU G 166 69.78 60.38 -51.29
CA LEU G 166 68.60 61.22 -51.13
C LEU G 166 67.33 60.36 -50.96
N THR G 167 66.62 60.55 -49.85
CA THR G 167 65.38 59.82 -49.52
C THR G 167 64.30 60.72 -48.88
N SER G 168 64.68 61.75 -48.13
CA SER G 168 63.73 62.70 -47.53
C SER G 168 62.97 63.49 -48.60
N GLY G 169 61.65 63.53 -48.50
CA GLY G 169 60.76 64.20 -49.46
C GLY G 169 60.64 63.52 -50.83
N VAL G 170 61.16 62.30 -51.02
CA VAL G 170 61.02 61.52 -52.25
C VAL G 170 59.65 60.85 -52.31
N HIS G 171 59.01 60.85 -53.48
CA HIS G 171 57.86 59.99 -53.81
C HIS G 171 58.08 59.32 -55.17
N THR G 172 57.82 58.01 -55.25
CA THR G 172 57.81 57.26 -56.51
C THR G 172 56.44 56.61 -56.69
N PHE G 173 55.76 56.94 -57.78
CA PHE G 173 54.36 56.59 -57.98
C PHE G 173 54.19 55.13 -58.44
N PRO G 174 53.11 54.44 -58.04
CA PRO G 174 52.72 53.18 -58.66
C PRO G 174 52.56 53.34 -60.18
N ALA G 175 53.07 52.40 -60.96
CA ALA G 175 53.09 52.53 -62.41
C ALA G 175 51.70 52.52 -63.03
N VAL G 176 51.57 53.20 -64.15
CA VAL G 176 50.36 53.24 -64.98
C VAL G 176 50.63 52.53 -66.31
N LEU G 177 49.72 51.63 -66.67
CA LEU G 177 49.71 50.99 -67.97
C LEU G 177 49.12 51.94 -69.00
N GLN G 178 49.94 52.38 -69.96
CA GLN G 178 49.50 53.25 -71.04
C GLN G 178 48.73 52.46 -72.11
N SER G 179 47.95 53.14 -72.95
CA SER G 179 47.19 52.53 -74.06
C SER G 179 48.06 51.80 -75.09
N SER G 180 49.36 52.07 -75.12
CA SER G 180 50.37 51.34 -75.91
C SER G 180 50.65 49.91 -75.41
N GLY G 181 50.17 49.55 -74.21
CA GLY G 181 50.51 48.29 -73.54
C GLY G 181 51.85 48.31 -72.81
N LEU G 182 52.47 49.50 -72.64
CA LEU G 182 53.71 49.71 -71.91
C LEU G 182 53.48 50.52 -70.64
N TYR G 183 54.22 50.21 -69.59
CA TYR G 183 54.17 50.92 -68.32
C TYR G 183 54.95 52.24 -68.33
N SER G 184 54.55 53.12 -67.42
CA SER G 184 55.26 54.33 -67.06
C SER G 184 55.05 54.66 -65.58
N LEU G 185 56.00 55.36 -64.96
CA LEU G 185 55.85 55.96 -63.64
C LEU G 185 56.64 57.26 -63.52
N SER G 186 56.32 58.07 -62.51
CA SER G 186 57.11 59.24 -62.12
C SER G 186 57.79 58.99 -60.77
N SER G 187 58.98 59.52 -60.60
CA SER G 187 59.63 59.70 -59.31
C SER G 187 59.97 61.16 -59.11
N VAL G 188 59.75 61.70 -57.91
CA VAL G 188 59.86 63.13 -57.61
C VAL G 188 60.46 63.32 -56.24
N VAL G 189 61.01 64.49 -55.99
CA VAL G 189 61.51 64.92 -54.70
C VAL G 189 61.30 66.41 -54.49
N THR G 190 61.05 66.81 -53.25
CA THR G 190 60.98 68.22 -52.83
C THR G 190 62.22 68.60 -52.03
N VAL G 191 62.80 69.74 -52.37
CA VAL G 191 64.08 70.25 -51.85
C VAL G 191 63.99 71.77 -51.62
N PRO G 192 64.85 72.39 -50.79
CA PRO G 192 64.88 73.84 -50.66
C PRO G 192 65.20 74.49 -52.01
N SER G 193 64.48 75.54 -52.40
CA SER G 193 64.70 76.23 -53.68
C SER G 193 66.12 76.82 -53.79
N SER G 194 66.72 77.19 -52.67
CA SER G 194 68.11 77.64 -52.56
C SER G 194 69.15 76.56 -52.91
N SER G 195 68.79 75.27 -52.85
CA SER G 195 69.68 74.16 -53.23
C SER G 195 69.71 73.86 -54.74
N LEU G 196 68.85 74.52 -55.53
CA LEU G 196 68.88 74.36 -56.99
C LEU G 196 70.18 74.95 -57.59
N GLY G 197 70.80 74.22 -58.52
CA GLY G 197 72.08 74.57 -59.14
C GLY G 197 73.30 74.33 -58.25
N THR G 198 73.22 74.61 -56.95
CA THR G 198 74.30 74.42 -55.98
C THR G 198 74.45 72.96 -55.54
N GLN G 199 73.36 72.18 -55.50
CA GLN G 199 73.36 70.74 -55.26
C GLN G 199 72.98 69.96 -56.53
N THR G 200 73.78 68.95 -56.90
CA THR G 200 73.45 67.99 -57.96
C THR G 200 72.35 67.03 -57.50
N TYR G 201 71.32 66.85 -58.31
CA TYR G 201 70.29 65.83 -58.15
C TYR G 201 70.28 64.87 -59.34
N ILE G 202 70.33 63.57 -59.06
CA ILE G 202 70.32 62.48 -60.04
C ILE G 202 69.28 61.45 -59.62
N CYS G 203 68.47 60.95 -60.55
CA CYS G 203 67.67 59.75 -60.35
C CYS G 203 68.39 58.56 -61.01
N ASN G 204 68.42 57.44 -60.30
CA ASN G 204 69.07 56.20 -60.69
C ASN G 204 67.97 55.14 -60.90
N VAL G 205 67.84 54.63 -62.11
CA VAL G 205 66.73 53.79 -62.58
C VAL G 205 67.25 52.42 -63.01
N ASN G 206 66.58 51.35 -62.60
CA ASN G 206 66.94 49.97 -62.91
C ASN G 206 65.71 49.18 -63.38
N HIS G 207 65.89 48.30 -64.37
CA HIS G 207 64.85 47.44 -64.94
C HIS G 207 65.41 46.04 -65.23
N LYS G 208 65.34 45.17 -64.22
CA LYS G 208 65.90 43.80 -64.25
C LYS G 208 65.44 42.92 -65.42
N PRO G 209 64.16 42.96 -65.89
CA PRO G 209 63.71 42.09 -66.98
C PRO G 209 64.41 42.32 -68.33
N SER G 210 64.87 43.55 -68.61
CA SER G 210 65.66 43.89 -69.81
C SER G 210 67.14 44.13 -69.51
N ASN G 211 67.60 43.86 -68.28
CA ASN G 211 68.96 44.13 -67.79
C ASN G 211 69.43 45.58 -68.04
N THR G 212 68.55 46.56 -67.86
CA THR G 212 68.80 47.98 -68.18
C THR G 212 68.97 48.82 -66.91
N LYS G 213 70.02 49.65 -66.86
CA LYS G 213 70.24 50.67 -65.83
C LYS G 213 70.55 52.02 -66.45
N VAL G 214 69.95 53.09 -65.91
CA VAL G 214 70.12 54.48 -66.38
C VAL G 214 70.28 55.42 -65.19
N ASP G 215 71.27 56.30 -65.23
CA ASP G 215 71.41 57.42 -64.29
C ASP G 215 71.13 58.74 -65.02
N LYS G 216 70.15 59.52 -64.54
CA LYS G 216 69.73 60.78 -65.17
C LYS G 216 69.90 61.95 -64.19
N LYS G 217 70.73 62.92 -64.55
CA LYS G 217 70.85 64.21 -63.84
C LYS G 217 69.60 65.06 -64.10
N VAL G 218 69.11 65.75 -63.07
CA VAL G 218 68.00 66.69 -63.17
C VAL G 218 68.51 68.10 -62.89
N GLU G 219 68.29 69.01 -63.83
CA GLU G 219 68.78 70.39 -63.80
C GLU G 219 67.63 71.39 -64.01
N PRO G 220 67.68 72.61 -63.43
CA PRO G 220 66.61 73.59 -63.58
C PRO G 220 66.33 74.01 -65.03
N LYS G 221 65.09 74.42 -65.29
CA LYS G 221 64.64 75.03 -66.55
C LYS G 221 63.93 76.37 -66.27
N SER G 222 64.17 77.36 -67.14
CA SER G 222 63.88 78.79 -66.92
C SER G 222 62.41 79.21 -67.07
N CYS G 223 61.44 78.31 -66.94
CA CYS G 223 60.01 78.63 -66.86
C CYS G 223 59.70 79.50 -65.61
N GLN H 1 -13.62 5.48 -53.39
CA GLN H 1 -14.72 5.22 -52.43
C GLN H 1 -15.29 3.81 -52.67
N SER H 2 -14.63 2.79 -52.12
CA SER H 2 -14.97 1.37 -52.33
C SER H 2 -16.24 0.98 -51.59
N ALA H 3 -17.38 0.99 -52.28
CA ALA H 3 -18.72 0.87 -51.71
C ALA H 3 -18.92 -0.37 -50.83
N LEU H 4 -19.82 -0.26 -49.85
CA LEU H 4 -20.30 -1.41 -49.07
C LEU H 4 -21.16 -2.31 -49.96
N THR H 5 -21.03 -3.62 -49.85
CA THR H 5 -21.89 -4.55 -50.60
C THR H 5 -23.31 -4.57 -50.02
N GLN H 6 -24.33 -4.61 -50.86
CA GLN H 6 -25.74 -4.82 -50.49
C GLN H 6 -26.43 -5.71 -51.53
N PRO H 7 -27.49 -6.46 -51.17
CA PRO H 7 -28.33 -7.12 -52.15
C PRO H 7 -29.06 -6.09 -53.00
N ALA H 8 -29.21 -6.31 -54.30
CA ALA H 8 -29.83 -5.35 -55.21
C ALA H 8 -31.31 -5.07 -54.88
N SER H 9 -32.02 -6.09 -54.38
CA SER H 9 -33.41 -5.99 -53.94
C SER H 9 -33.79 -7.10 -52.96
N VAL H 10 -34.88 -6.87 -52.24
CA VAL H 10 -35.56 -7.85 -51.37
C VAL H 10 -37.07 -7.69 -51.53
N SER H 11 -37.84 -8.70 -51.16
CA SER H 11 -39.30 -8.64 -51.21
C SER H 11 -39.96 -9.47 -50.11
N GLY H 12 -41.19 -9.11 -49.75
CA GLY H 12 -41.98 -9.84 -48.78
C GLY H 12 -43.43 -9.38 -48.77
N SER H 13 -44.32 -10.20 -48.22
CA SER H 13 -45.72 -9.88 -48.04
C SER H 13 -45.91 -8.97 -46.81
N PRO H 14 -46.93 -8.10 -46.78
CA PRO H 14 -47.28 -7.35 -45.58
C PRO H 14 -47.43 -8.24 -44.33
N GLY H 15 -46.99 -7.75 -43.19
CA GLY H 15 -46.96 -8.50 -41.93
C GLY H 15 -45.77 -9.47 -41.74
N GLN H 16 -45.00 -9.81 -42.78
CA GLN H 16 -43.75 -10.56 -42.63
C GLN H 16 -42.64 -9.73 -41.98
N SER H 17 -41.59 -10.38 -41.48
CA SER H 17 -40.33 -9.75 -41.06
C SER H 17 -39.22 -10.04 -42.06
N ILE H 18 -38.51 -9.02 -42.53
CA ILE H 18 -37.48 -9.15 -43.58
C ILE H 18 -36.20 -8.42 -43.20
N THR H 19 -35.08 -8.77 -43.85
CA THR H 19 -33.75 -8.29 -43.50
C THR H 19 -32.93 -7.90 -44.72
N ILE H 20 -32.13 -6.86 -44.59
CA ILE H 20 -31.21 -6.34 -45.61
C ILE H 20 -29.79 -6.41 -45.05
N SER H 21 -28.86 -7.06 -45.75
CA SER H 21 -27.49 -7.26 -45.28
C SER H 21 -26.46 -6.41 -46.04
N CYS H 22 -25.85 -5.49 -45.33
CA CYS H 22 -24.68 -4.72 -45.72
C CYS H 22 -23.39 -5.48 -45.42
N THR H 23 -22.29 -5.17 -46.10
CA THR H 23 -20.98 -5.73 -45.81
C THR H 23 -19.87 -4.76 -46.18
N GLY H 24 -18.82 -4.72 -45.35
CA GLY H 24 -17.70 -3.80 -45.47
C GLY H 24 -16.37 -4.45 -45.13
N THR H 25 -15.53 -3.77 -44.36
CA THR H 25 -14.18 -4.17 -43.98
C THR H 25 -13.85 -3.80 -42.53
N SER H 26 -12.72 -4.28 -42.02
CA SER H 26 -12.16 -3.86 -40.73
C SER H 26 -11.86 -2.35 -40.65
N SER H 27 -11.71 -1.67 -41.78
CA SER H 27 -11.54 -0.21 -41.84
C SER H 27 -12.85 0.55 -41.59
N ASP H 28 -14.01 -0.09 -41.74
CA ASP H 28 -15.31 0.57 -41.73
C ASP H 28 -16.32 -0.17 -40.84
N VAL H 29 -17.18 -1.02 -41.41
CA VAL H 29 -18.19 -1.78 -40.67
C VAL H 29 -17.54 -2.58 -39.54
N GLY H 30 -16.47 -3.32 -39.81
CA GLY H 30 -15.77 -4.10 -38.78
C GLY H 30 -14.98 -3.23 -37.80
N GLY H 31 -14.71 -1.97 -38.13
CA GLY H 31 -13.91 -1.04 -37.34
C GLY H 31 -14.70 -0.18 -36.36
N TYR H 32 -15.96 0.12 -36.66
CA TYR H 32 -16.76 1.06 -35.88
C TYR H 32 -18.21 0.60 -35.67
N ASN H 33 -18.77 0.87 -34.50
CA ASN H 33 -20.21 0.80 -34.28
C ASN H 33 -20.92 2.06 -34.81
N TYR H 34 -20.68 2.41 -36.08
CA TYR H 34 -21.17 3.65 -36.72
C TYR H 34 -22.10 3.42 -37.90
N VAL H 35 -22.38 2.16 -38.27
CA VAL H 35 -23.23 1.85 -39.42
C VAL H 35 -24.58 2.56 -39.32
N SER H 36 -24.97 3.26 -40.38
CA SER H 36 -26.21 4.01 -40.47
C SER H 36 -27.01 3.52 -41.66
N TRP H 37 -28.33 3.55 -41.54
CA TRP H 37 -29.24 3.12 -42.60
C TRP H 37 -30.17 4.26 -42.95
N TYR H 38 -30.20 4.61 -44.23
CA TYR H 38 -31.09 5.62 -44.77
C TYR H 38 -32.17 4.96 -45.61
N GLN H 39 -33.43 5.26 -45.33
CA GLN H 39 -34.51 5.01 -46.26
C GLN H 39 -34.57 6.15 -47.26
N GLN H 40 -34.86 5.88 -48.53
CA GLN H 40 -35.16 6.87 -49.55
C GLN H 40 -36.36 6.42 -50.37
N HIS H 41 -37.47 7.14 -50.27
CA HIS H 41 -38.61 6.96 -51.17
C HIS H 41 -38.31 7.57 -52.55
N PRO H 42 -38.90 7.06 -53.65
CA PRO H 42 -38.62 7.55 -55.00
C PRO H 42 -38.84 9.06 -55.18
N GLY H 43 -37.88 9.73 -55.82
CA GLY H 43 -37.99 11.15 -56.19
C GLY H 43 -37.76 12.17 -55.07
N LYS H 44 -37.38 11.74 -53.86
CA LYS H 44 -37.12 12.62 -52.70
C LYS H 44 -35.83 12.23 -51.94
N ALA H 45 -35.36 13.11 -51.07
CA ALA H 45 -34.10 12.93 -50.35
C ALA H 45 -34.14 11.77 -49.33
N PRO H 46 -32.99 11.20 -48.94
CA PRO H 46 -32.92 10.16 -47.92
C PRO H 46 -33.30 10.65 -46.51
N LYS H 47 -33.68 9.73 -45.62
CA LYS H 47 -33.86 9.97 -44.18
C LYS H 47 -33.22 8.86 -43.36
N LEU H 48 -32.63 9.22 -42.22
CA LEU H 48 -31.96 8.27 -41.32
C LEU H 48 -32.99 7.43 -40.56
N MET H 49 -32.82 6.11 -40.55
CA MET H 49 -33.69 5.16 -39.85
C MET H 49 -32.99 4.50 -38.68
N ILE H 50 -31.75 4.06 -38.87
CA ILE H 50 -30.91 3.42 -37.86
C ILE H 50 -29.54 4.07 -37.90
N TYR H 51 -28.92 4.30 -36.75
CA TYR H 51 -27.55 4.77 -36.63
C TYR H 51 -26.79 4.03 -35.55
N ASP H 52 -25.47 4.15 -35.55
CA ASP H 52 -24.58 3.45 -34.63
C ASP H 52 -24.92 1.95 -34.51
N VAL H 53 -25.08 1.30 -35.66
CA VAL H 53 -25.53 -0.08 -35.86
C VAL H 53 -27.01 -0.34 -35.54
N SER H 54 -27.58 0.25 -34.50
CA SER H 54 -28.88 -0.20 -33.97
C SER H 54 -29.78 0.86 -33.35
N LYS H 55 -29.30 2.08 -33.12
CA LYS H 55 -30.09 3.14 -32.49
C LYS H 55 -31.10 3.71 -33.48
N ARG H 56 -32.30 4.06 -33.04
CA ARG H 56 -33.30 4.78 -33.85
C ARG H 56 -33.32 6.26 -33.48
N PRO H 57 -33.38 7.17 -34.47
CA PRO H 57 -33.82 8.55 -34.24
C PRO H 57 -35.22 8.62 -33.65
N SER H 58 -35.59 9.76 -33.08
CA SER H 58 -36.98 10.01 -32.66
C SER H 58 -37.94 10.00 -33.86
N GLY H 59 -39.15 9.49 -33.66
CA GLY H 59 -40.20 9.41 -34.69
C GLY H 59 -40.04 8.27 -35.71
N VAL H 60 -38.93 7.53 -35.73
CA VAL H 60 -38.78 6.30 -36.53
C VAL H 60 -39.51 5.14 -35.85
N SER H 61 -40.21 4.31 -36.63
CA SER H 61 -41.00 3.19 -36.10
C SER H 61 -40.14 2.08 -35.51
N ASN H 62 -40.54 1.51 -34.37
CA ASN H 62 -39.87 0.37 -33.74
C ASN H 62 -39.92 -0.93 -34.58
N ARG H 63 -40.61 -0.94 -35.72
CA ARG H 63 -40.52 -1.99 -36.74
C ARG H 63 -39.12 -2.10 -37.33
N PHE H 64 -38.35 -1.01 -37.36
CA PHE H 64 -36.97 -0.97 -37.87
C PHE H 64 -35.97 -1.27 -36.74
N SER H 65 -35.02 -2.17 -36.99
CA SER H 65 -33.94 -2.53 -36.05
C SER H 65 -32.66 -2.89 -36.78
N GLY H 66 -31.50 -2.88 -36.12
CA GLY H 66 -30.21 -3.15 -36.76
C GLY H 66 -29.22 -3.97 -35.93
N SER H 67 -28.18 -4.49 -36.58
CA SER H 67 -27.21 -5.44 -36.01
C SER H 67 -25.87 -5.43 -36.77
N LYS H 68 -24.81 -5.96 -36.18
CA LYS H 68 -23.52 -6.20 -36.84
C LYS H 68 -22.86 -7.47 -36.31
N SER H 69 -22.24 -8.24 -37.20
CA SER H 69 -21.31 -9.30 -36.83
C SER H 69 -20.16 -9.36 -37.83
N GLY H 70 -18.93 -9.34 -37.31
CA GLY H 70 -17.73 -9.23 -38.13
C GLY H 70 -17.76 -7.98 -39.02
N ASN H 71 -17.45 -8.15 -40.30
CA ASN H 71 -17.54 -7.12 -41.33
C ASN H 71 -18.96 -6.91 -41.91
N THR H 72 -19.98 -7.61 -41.40
CA THR H 72 -21.35 -7.59 -41.96
C THR H 72 -22.30 -6.86 -41.03
N ALA H 73 -23.19 -6.04 -41.57
CA ALA H 73 -24.19 -5.30 -40.80
C ALA H 73 -25.58 -5.48 -41.40
N SER H 74 -26.64 -5.36 -40.61
CA SER H 74 -27.97 -5.76 -41.02
C SER H 74 -29.02 -4.78 -40.54
N LEU H 75 -30.02 -4.52 -41.38
CA LEU H 75 -31.30 -3.91 -41.02
C LEU H 75 -32.36 -5.00 -41.02
N THR H 76 -33.27 -4.99 -40.07
CA THR H 76 -34.48 -5.79 -40.11
C THR H 76 -35.69 -4.87 -40.05
N ILE H 77 -36.71 -5.17 -40.82
CA ILE H 77 -38.02 -4.51 -40.77
C ILE H 77 -39.04 -5.59 -40.43
N SER H 78 -39.71 -5.46 -39.28
CA SER H 78 -40.66 -6.46 -38.79
C SER H 78 -42.11 -6.00 -38.95
N GLY H 79 -42.96 -6.83 -39.55
CA GLY H 79 -44.33 -6.46 -39.88
C GLY H 79 -44.37 -5.49 -41.06
N LEU H 80 -44.06 -5.96 -42.27
CA LEU H 80 -44.01 -5.14 -43.48
C LEU H 80 -45.30 -4.36 -43.74
N GLN H 81 -45.17 -3.17 -44.30
CA GLN H 81 -46.24 -2.26 -44.71
C GLN H 81 -45.89 -1.59 -46.04
N SER H 82 -46.88 -1.03 -46.74
CA SER H 82 -46.65 -0.34 -48.02
C SER H 82 -45.74 0.89 -47.91
N GLU H 83 -45.65 1.51 -46.73
CA GLU H 83 -44.69 2.59 -46.46
C GLU H 83 -43.22 2.12 -46.47
N ASP H 84 -42.94 0.82 -46.46
CA ASP H 84 -41.58 0.28 -46.53
C ASP H 84 -41.03 0.21 -47.96
N GLU H 85 -41.88 0.40 -48.97
CA GLU H 85 -41.53 0.30 -50.39
C GLU H 85 -40.59 1.43 -50.84
N ALA H 86 -39.28 1.25 -50.66
CA ALA H 86 -38.26 2.28 -50.79
C ALA H 86 -36.87 1.68 -51.05
N ASP H 87 -35.90 2.53 -51.40
CA ASP H 87 -34.49 2.17 -51.37
C ASP H 87 -33.92 2.32 -49.95
N TYR H 88 -33.06 1.38 -49.53
CA TYR H 88 -32.33 1.43 -48.28
C TYR H 88 -30.83 1.44 -48.55
N TYR H 89 -30.13 2.47 -48.07
CA TYR H 89 -28.68 2.59 -48.18
C TYR H 89 -28.06 2.41 -46.81
N CYS H 90 -27.18 1.42 -46.71
CA CYS H 90 -26.23 1.31 -45.62
C CYS H 90 -25.14 2.38 -45.78
N ASN H 91 -24.53 2.82 -44.70
CA ASN H 91 -23.46 3.81 -44.71
C ASN H 91 -22.53 3.59 -43.54
N SER H 92 -21.25 3.92 -43.69
CA SER H 92 -20.27 3.85 -42.63
C SER H 92 -19.24 4.96 -42.75
N LEU H 93 -18.63 5.34 -41.63
CA LEU H 93 -17.32 5.99 -41.59
C LEU H 93 -16.23 4.95 -41.90
N THR H 94 -15.00 5.40 -42.09
CA THR H 94 -13.81 4.55 -42.30
C THR H 94 -12.62 5.09 -41.52
N SER H 95 -11.58 4.29 -41.30
CA SER H 95 -10.34 4.77 -40.66
C SER H 95 -9.53 5.75 -41.52
N ILE H 96 -9.86 5.87 -42.80
CA ILE H 96 -9.38 6.91 -43.73
C ILE H 96 -10.05 8.28 -43.45
N SER H 97 -11.08 8.29 -42.60
CA SER H 97 -12.09 9.34 -42.44
C SER H 97 -12.67 9.77 -43.79
N THR H 98 -13.14 8.78 -44.55
CA THR H 98 -14.06 8.93 -45.68
C THR H 98 -15.36 8.21 -45.35
N TRP H 99 -16.48 8.72 -45.83
CA TRP H 99 -17.79 8.11 -45.68
C TRP H 99 -18.06 7.25 -46.89
N VAL H 100 -18.63 6.08 -46.67
CA VAL H 100 -18.91 5.12 -47.72
C VAL H 100 -20.35 4.67 -47.60
N PHE H 101 -21.09 4.76 -48.70
CA PHE H 101 -22.44 4.22 -48.83
C PHE H 101 -22.39 2.83 -49.43
N GLY H 102 -23.45 2.06 -49.24
CA GLY H 102 -23.65 0.79 -49.93
C GLY H 102 -24.32 0.95 -51.29
N GLY H 103 -24.38 -0.14 -52.05
CA GLY H 103 -24.98 -0.15 -53.39
C GLY H 103 -26.49 0.16 -53.46
N GLY H 104 -27.19 0.19 -52.32
CA GLY H 104 -28.63 0.39 -52.24
C GLY H 104 -29.45 -0.86 -52.50
N THR H 105 -30.45 -1.12 -51.65
CA THR H 105 -31.39 -2.23 -51.78
C THR H 105 -32.80 -1.70 -51.96
N LYS H 106 -33.50 -2.09 -53.03
CA LYS H 106 -34.94 -1.80 -53.12
C LYS H 106 -35.74 -2.87 -52.41
N LEU H 107 -36.64 -2.48 -51.52
CA LEU H 107 -37.60 -3.38 -50.89
C LEU H 107 -38.92 -3.33 -51.66
N THR H 108 -39.24 -4.39 -52.39
CA THR H 108 -40.53 -4.55 -53.09
C THR H 108 -41.52 -5.29 -52.19
N VAL H 109 -42.42 -4.58 -51.51
CA VAL H 109 -43.49 -5.23 -50.73
C VAL H 109 -44.55 -5.76 -51.68
N LEU H 110 -44.96 -7.02 -51.51
CA LEU H 110 -45.89 -7.75 -52.37
C LEU H 110 -47.35 -7.40 -52.05
N GLY H 111 -47.72 -6.12 -52.23
CA GLY H 111 -49.00 -5.53 -51.81
C GLY H 111 -50.23 -5.87 -52.65
N ARG H 112 -50.09 -6.61 -53.76
CA ARG H 112 -51.21 -7.12 -54.59
C ARG H 112 -50.86 -8.41 -55.32
N THR H 113 -51.87 -9.06 -55.90
CA THR H 113 -51.73 -10.30 -56.70
C THR H 113 -50.96 -10.06 -58.01
N VAL H 114 -50.24 -11.07 -58.48
CA VAL H 114 -49.48 -11.04 -59.75
C VAL H 114 -50.43 -10.83 -60.94
N ALA H 115 -50.04 -10.01 -61.92
CA ALA H 115 -50.78 -9.77 -63.17
C ALA H 115 -49.85 -9.76 -64.39
N ALA H 116 -50.21 -10.47 -65.46
CA ALA H 116 -49.42 -10.55 -66.69
C ALA H 116 -49.52 -9.28 -67.57
N PRO H 117 -48.45 -8.91 -68.29
CA PRO H 117 -48.45 -7.77 -69.21
C PRO H 117 -49.31 -8.02 -70.45
N SER H 118 -50.07 -7.00 -70.87
CA SER H 118 -50.48 -6.91 -72.27
C SER H 118 -49.28 -6.46 -73.10
N VAL H 119 -48.85 -7.31 -74.04
CA VAL H 119 -47.64 -7.08 -74.84
C VAL H 119 -48.02 -6.62 -76.24
N PHE H 120 -47.40 -5.53 -76.69
CA PHE H 120 -47.62 -4.95 -78.00
C PHE H 120 -46.29 -4.57 -78.65
N ILE H 121 -46.15 -4.73 -79.97
CA ILE H 121 -44.95 -4.30 -80.70
C ILE H 121 -45.32 -3.34 -81.82
N PHE H 122 -44.56 -2.25 -81.92
CA PHE H 122 -44.68 -1.22 -82.93
C PHE H 122 -43.42 -1.19 -83.82
N PRO H 123 -43.57 -1.37 -85.13
CA PRO H 123 -42.52 -1.06 -86.10
C PRO H 123 -42.14 0.44 -86.10
N PRO H 124 -41.02 0.82 -86.73
CA PRO H 124 -40.74 2.22 -87.05
C PRO H 124 -41.85 2.84 -87.91
N SER H 125 -42.17 4.10 -87.68
CA SER H 125 -43.06 4.85 -88.59
C SER H 125 -42.38 5.13 -89.93
N ASP H 126 -43.16 5.27 -91.01
CA ASP H 126 -42.62 5.61 -92.33
C ASP H 126 -41.91 6.98 -92.32
N GLU H 127 -42.41 7.91 -91.51
CA GLU H 127 -41.80 9.24 -91.31
C GLU H 127 -40.44 9.17 -90.62
N GLN H 128 -40.22 8.20 -89.73
CA GLN H 128 -38.89 7.91 -89.19
C GLN H 128 -37.98 7.23 -90.22
N LEU H 129 -38.49 6.25 -90.98
CA LEU H 129 -37.68 5.61 -92.04
C LEU H 129 -37.24 6.64 -93.11
N LYS H 130 -38.07 7.64 -93.40
CA LYS H 130 -37.68 8.79 -94.25
C LYS H 130 -36.62 9.72 -93.64
N SER H 131 -36.44 9.72 -92.32
CA SER H 131 -35.33 10.46 -91.66
C SER H 131 -33.98 9.72 -91.72
N GLY H 132 -33.96 8.44 -92.12
CA GLY H 132 -32.76 7.61 -92.16
C GLY H 132 -32.49 6.81 -90.88
N THR H 133 -33.45 6.69 -89.97
CA THR H 133 -33.32 5.92 -88.71
C THR H 133 -34.54 5.03 -88.47
N ALA H 134 -34.41 4.05 -87.58
CA ALA H 134 -35.47 3.08 -87.29
C ALA H 134 -35.50 2.73 -85.81
N SER H 135 -36.60 3.05 -85.13
CA SER H 135 -36.84 2.68 -83.74
C SER H 135 -38.06 1.77 -83.62
N VAL H 136 -37.86 0.59 -83.03
CA VAL H 136 -38.88 -0.44 -82.82
C VAL H 136 -39.25 -0.41 -81.34
N VAL H 137 -40.53 -0.33 -81.02
CA VAL H 137 -40.99 -0.19 -79.63
C VAL H 137 -41.79 -1.41 -79.20
N CYS H 138 -41.42 -2.00 -78.08
CA CYS H 138 -42.15 -3.07 -77.42
C CYS H 138 -42.73 -2.52 -76.12
N LEU H 139 -44.05 -2.60 -75.96
CA LEU H 139 -44.80 -2.12 -74.81
C LEU H 139 -45.32 -3.31 -74.01
N LEU H 140 -45.02 -3.32 -72.71
CA LEU H 140 -45.60 -4.20 -71.72
C LEU H 140 -46.50 -3.35 -70.83
N ASN H 141 -47.81 -3.60 -70.88
CA ASN H 141 -48.78 -2.72 -70.24
C ASN H 141 -49.46 -3.36 -69.03
N ASN H 142 -49.56 -2.62 -67.93
CA ASN H 142 -50.32 -2.92 -66.71
C ASN H 142 -50.07 -4.33 -66.12
N PHE H 143 -48.82 -4.65 -65.81
CA PHE H 143 -48.42 -5.89 -65.11
C PHE H 143 -48.08 -5.66 -63.63
N TYR H 144 -47.96 -6.73 -62.85
CA TYR H 144 -47.45 -6.68 -61.47
C TYR H 144 -46.80 -8.01 -61.11
N PRO H 145 -45.70 -8.04 -60.33
CA PRO H 145 -44.95 -6.90 -59.78
C PRO H 145 -44.11 -6.17 -60.83
N ARG H 146 -43.25 -5.23 -60.42
CA ARG H 146 -42.46 -4.37 -61.31
C ARG H 146 -41.45 -5.13 -62.18
N GLU H 147 -40.90 -6.24 -61.70
CA GLU H 147 -39.75 -6.94 -62.31
C GLU H 147 -40.12 -7.79 -63.54
N ALA H 148 -39.72 -7.35 -64.73
CA ALA H 148 -39.90 -8.04 -66.01
C ALA H 148 -38.63 -7.98 -66.87
N LYS H 149 -38.56 -8.80 -67.93
CA LYS H 149 -37.47 -8.80 -68.91
C LYS H 149 -38.00 -8.84 -70.34
N VAL H 150 -37.32 -8.14 -71.25
CA VAL H 150 -37.58 -8.11 -72.69
C VAL H 150 -36.31 -8.46 -73.44
N GLN H 151 -36.36 -9.45 -74.31
CA GLN H 151 -35.27 -9.85 -75.21
C GLN H 151 -35.62 -9.50 -76.64
N TRP H 152 -34.70 -8.88 -77.38
CA TRP H 152 -34.93 -8.45 -78.75
C TRP H 152 -34.29 -9.44 -79.72
N LYS H 153 -35.06 -9.93 -80.68
CA LYS H 153 -34.60 -10.85 -81.72
C LYS H 153 -34.85 -10.26 -83.10
N VAL H 154 -33.85 -10.35 -83.97
CA VAL H 154 -33.91 -9.84 -85.33
C VAL H 154 -33.40 -10.92 -86.27
N ASP H 155 -34.20 -11.34 -87.24
CA ASP H 155 -33.99 -12.60 -88.01
C ASP H 155 -33.67 -13.79 -87.07
N ASN H 156 -34.38 -13.85 -85.94
CA ASN H 156 -34.19 -14.77 -84.80
C ASN H 156 -32.85 -14.66 -84.05
N ALA H 157 -31.92 -13.79 -84.44
CA ALA H 157 -30.67 -13.53 -83.71
C ALA H 157 -30.90 -12.57 -82.54
N LEU H 158 -30.46 -12.95 -81.34
CA LEU H 158 -30.56 -12.14 -80.12
C LEU H 158 -29.70 -10.88 -80.21
N GLN H 159 -30.33 -9.72 -80.06
CA GLN H 159 -29.69 -8.41 -80.06
C GLN H 159 -29.17 -8.01 -78.68
N SER H 160 -28.14 -7.15 -78.64
CA SER H 160 -27.56 -6.59 -77.41
C SER H 160 -27.05 -5.16 -77.64
N GLY H 161 -27.07 -4.33 -76.61
CA GLY H 161 -26.57 -2.94 -76.60
C GLY H 161 -27.42 -1.90 -77.35
N ASN H 162 -28.07 -2.27 -78.45
CA ASN H 162 -28.84 -1.36 -79.31
C ASN H 162 -30.26 -1.02 -78.80
N SER H 163 -30.62 -1.49 -77.61
CA SER H 163 -31.93 -1.27 -76.98
C SER H 163 -31.84 -0.58 -75.60
N GLN H 164 -32.93 0.11 -75.25
CA GLN H 164 -33.13 0.79 -73.96
C GLN H 164 -34.52 0.46 -73.41
N GLU H 165 -34.70 0.65 -72.11
CA GLU H 165 -35.93 0.35 -71.39
C GLU H 165 -36.29 1.44 -70.37
N SER H 166 -37.58 1.68 -70.20
CA SER H 166 -38.11 2.58 -69.18
C SER H 166 -39.41 2.03 -68.61
N VAL H 167 -39.64 2.26 -67.32
CA VAL H 167 -40.81 1.75 -66.57
C VAL H 167 -41.57 2.93 -65.99
N THR H 168 -42.90 2.89 -66.03
CA THR H 168 -43.72 3.90 -65.34
C THR H 168 -43.52 3.84 -63.82
N GLU H 169 -43.91 4.92 -63.13
CA GLU H 169 -44.26 4.80 -61.71
C GLU H 169 -45.45 3.84 -61.53
N GLN H 170 -45.71 3.40 -60.30
CA GLN H 170 -46.81 2.50 -60.00
C GLN H 170 -48.17 3.18 -60.22
N ASP H 171 -49.12 2.48 -60.83
CA ASP H 171 -50.47 2.97 -61.08
C ASP H 171 -51.28 3.16 -59.79
N SER H 172 -51.93 4.32 -59.63
CA SER H 172 -52.66 4.67 -58.40
C SER H 172 -54.04 3.99 -58.26
N LYS H 173 -54.59 3.40 -59.32
CA LYS H 173 -55.92 2.77 -59.35
C LYS H 173 -55.86 1.25 -59.21
N ASP H 174 -54.86 0.58 -59.79
CA ASP H 174 -54.72 -0.89 -59.74
C ASP H 174 -53.32 -1.39 -59.31
N SER H 175 -52.43 -0.48 -58.89
CA SER H 175 -51.08 -0.82 -58.42
C SER H 175 -50.17 -1.51 -59.44
N THR H 176 -50.53 -1.59 -60.73
CA THR H 176 -49.68 -2.17 -61.77
C THR H 176 -48.58 -1.23 -62.26
N TYR H 177 -47.68 -1.77 -63.08
CA TYR H 177 -46.57 -1.09 -63.75
C TYR H 177 -46.64 -1.34 -65.25
N SER H 178 -46.08 -0.44 -66.05
CA SER H 178 -45.91 -0.62 -67.49
C SER H 178 -44.45 -0.37 -67.87
N LEU H 179 -43.97 -1.04 -68.91
CA LEU H 179 -42.59 -0.93 -69.40
C LEU H 179 -42.59 -0.72 -70.91
N SER H 180 -41.79 0.24 -71.37
CA SER H 180 -41.47 0.45 -72.77
C SER H 180 -40.03 0.03 -73.00
N SER H 181 -39.82 -0.88 -73.94
CA SER H 181 -38.50 -1.21 -74.46
C SER H 181 -38.42 -0.69 -75.90
N THR H 182 -37.29 -0.10 -76.26
CA THR H 182 -37.06 0.41 -77.61
C THR H 182 -35.74 -0.14 -78.14
N LEU H 183 -35.76 -0.65 -79.37
CA LEU H 183 -34.57 -1.04 -80.14
C LEU H 183 -34.35 0.00 -81.24
N THR H 184 -33.12 0.49 -81.42
CA THR H 184 -32.80 1.53 -82.41
C THR H 184 -31.69 1.11 -83.37
N LEU H 185 -31.87 1.39 -84.66
CA LEU H 185 -30.97 1.07 -85.77
C LEU H 185 -30.92 2.22 -86.80
N SER H 186 -29.89 2.24 -87.64
CA SER H 186 -29.93 3.02 -88.89
C SER H 186 -30.98 2.45 -89.85
N LYS H 187 -31.49 3.23 -90.82
CA LYS H 187 -32.37 2.71 -91.88
C LYS H 187 -31.68 1.58 -92.67
N ALA H 188 -30.40 1.73 -92.99
CA ALA H 188 -29.63 0.70 -93.68
C ALA H 188 -29.57 -0.61 -92.87
N ASP H 189 -29.22 -0.57 -91.58
CA ASP H 189 -29.19 -1.77 -90.73
C ASP H 189 -30.59 -2.39 -90.53
N TYR H 190 -31.64 -1.58 -90.43
CA TYR H 190 -33.02 -2.06 -90.40
C TYR H 190 -33.39 -2.81 -91.70
N GLU H 191 -32.99 -2.28 -92.85
CA GLU H 191 -33.20 -2.91 -94.16
C GLU H 191 -32.31 -4.13 -94.43
N LYS H 192 -31.20 -4.37 -93.70
CA LYS H 192 -30.42 -5.62 -93.80
C LYS H 192 -31.23 -6.85 -93.39
N HIS H 193 -32.08 -6.71 -92.37
CA HIS H 193 -32.87 -7.79 -91.78
C HIS H 193 -34.32 -7.79 -92.28
N LYS H 194 -35.12 -8.79 -91.89
CA LYS H 194 -36.53 -8.91 -92.30
C LYS H 194 -37.50 -9.03 -91.11
N VAL H 195 -37.21 -9.87 -90.13
CA VAL H 195 -38.13 -10.18 -89.02
C VAL H 195 -37.67 -9.54 -87.73
N TYR H 196 -38.56 -8.79 -87.08
CA TYR H 196 -38.32 -8.11 -85.81
C TYR H 196 -39.23 -8.68 -84.72
N ALA H 197 -38.68 -8.97 -83.55
CA ALA H 197 -39.40 -9.58 -82.44
C ALA H 197 -38.93 -9.08 -81.07
N CYS H 198 -39.86 -8.95 -80.13
CA CYS H 198 -39.57 -8.83 -78.71
C CYS H 198 -40.19 -10.02 -77.95
N GLU H 199 -39.39 -10.70 -77.13
CA GLU H 199 -39.77 -11.85 -76.32
C GLU H 199 -39.74 -11.48 -74.84
N VAL H 200 -40.88 -11.64 -74.16
CA VAL H 200 -41.16 -11.11 -72.83
C VAL H 200 -41.19 -12.20 -71.78
N THR H 201 -40.44 -12.02 -70.70
CA THR H 201 -40.44 -12.88 -69.51
C THR H 201 -40.95 -12.10 -68.29
N HIS H 202 -41.99 -12.61 -67.62
CA HIS H 202 -42.58 -12.02 -66.42
C HIS H 202 -43.17 -13.12 -65.52
N GLN H 203 -43.28 -12.89 -64.20
CA GLN H 203 -43.75 -13.89 -63.22
C GLN H 203 -45.16 -14.43 -63.54
N GLY H 204 -46.06 -13.57 -64.05
CA GLY H 204 -47.42 -13.94 -64.47
C GLY H 204 -47.52 -14.74 -65.78
N LEU H 205 -46.42 -15.03 -66.46
CA LEU H 205 -46.39 -15.82 -67.71
C LEU H 205 -45.89 -17.24 -67.44
N SER H 206 -46.61 -18.27 -67.90
CA SER H 206 -46.18 -19.66 -67.78
C SER H 206 -45.00 -20.01 -68.71
N SER H 207 -44.85 -19.28 -69.82
CA SER H 207 -43.68 -19.28 -70.70
C SER H 207 -43.57 -17.93 -71.43
N PRO H 208 -42.38 -17.54 -71.93
CA PRO H 208 -42.18 -16.21 -72.51
C PRO H 208 -43.09 -15.92 -73.71
N VAL H 209 -43.60 -14.69 -73.81
CA VAL H 209 -44.51 -14.26 -74.88
C VAL H 209 -43.75 -13.46 -75.93
N THR H 210 -43.84 -13.87 -77.19
CA THR H 210 -43.16 -13.20 -78.30
C THR H 210 -44.15 -12.47 -79.18
N LYS H 211 -43.93 -11.17 -79.41
CA LYS H 211 -44.63 -10.38 -80.43
C LYS H 211 -43.64 -9.99 -81.51
N SER H 212 -44.02 -10.16 -82.78
CA SER H 212 -43.11 -10.01 -83.92
C SER H 212 -43.80 -9.56 -85.21
N PHE H 213 -43.03 -9.02 -86.14
CA PHE H 213 -43.48 -8.62 -87.47
C PHE H 213 -42.39 -8.83 -88.53
N ASN H 214 -42.79 -8.86 -89.80
CA ASN H 214 -41.88 -8.85 -90.93
C ASN H 214 -41.92 -7.47 -91.61
N ARG H 215 -40.75 -6.85 -91.81
CA ARG H 215 -40.56 -5.56 -92.47
C ARG H 215 -41.21 -5.49 -93.86
N GLY H 216 -41.23 -6.61 -94.58
CA GLY H 216 -41.89 -6.73 -95.89
C GLY H 216 -43.42 -6.74 -95.83
N GLU H 217 -44.02 -7.06 -94.68
CA GLU H 217 -45.47 -6.96 -94.43
C GLU H 217 -45.88 -5.58 -93.87
N CYS H 218 -44.92 -4.83 -93.31
CA CYS H 218 -45.09 -3.46 -92.82
C CYS H 218 -44.59 -2.40 -93.83
N GLN I 1 -38.53 23.45 -36.41
CA GLN I 1 -38.19 22.44 -37.43
C GLN I 1 -36.92 22.84 -38.18
N VAL I 2 -35.98 21.90 -38.34
CA VAL I 2 -34.76 22.09 -39.16
C VAL I 2 -35.10 22.19 -40.64
N GLN I 3 -34.45 23.11 -41.35
CA GLN I 3 -34.45 23.15 -42.81
C GLN I 3 -33.04 23.31 -43.37
N LEU I 4 -32.76 22.54 -44.42
CA LEU I 4 -31.69 22.78 -45.37
C LEU I 4 -32.34 23.06 -46.73
N VAL I 5 -32.00 24.18 -47.38
CA VAL I 5 -32.60 24.58 -48.66
C VAL I 5 -31.51 24.99 -49.64
N GLU I 6 -31.59 24.48 -50.86
CA GLU I 6 -30.47 24.43 -51.79
C GLU I 6 -30.74 25.14 -53.11
N SER I 7 -29.69 25.64 -53.75
CA SER I 7 -29.75 26.35 -55.04
C SER I 7 -28.42 26.23 -55.81
N GLY I 8 -28.44 26.65 -57.07
CA GLY I 8 -27.26 26.71 -57.94
C GLY I 8 -27.12 25.55 -58.94
N GLY I 9 -27.92 24.50 -58.84
CA GLY I 9 -27.94 23.41 -59.82
C GLY I 9 -28.56 23.82 -61.16
N GLY I 10 -28.04 23.28 -62.26
CA GLY I 10 -28.55 23.52 -63.62
C GLY I 10 -27.75 22.78 -64.70
N VAL I 11 -28.10 23.02 -65.96
CA VAL I 11 -27.32 22.52 -67.12
C VAL I 11 -26.02 23.32 -67.27
N VAL I 12 -24.92 22.63 -67.57
CA VAL I 12 -23.57 23.23 -67.64
C VAL I 12 -22.67 22.46 -68.62
N GLN I 13 -21.71 23.14 -69.23
CA GLN I 13 -20.76 22.56 -70.19
C GLN I 13 -19.66 21.73 -69.48
N PRO I 14 -19.12 20.65 -70.07
CA PRO I 14 -17.91 20.00 -69.57
C PRO I 14 -16.70 20.95 -69.49
N GLY I 15 -15.81 20.73 -68.54
CA GLY I 15 -14.65 21.59 -68.24
C GLY I 15 -14.97 22.90 -67.50
N ARG I 16 -16.25 23.27 -67.38
CA ARG I 16 -16.73 24.50 -66.73
C ARG I 16 -16.72 24.39 -65.20
N SER I 17 -17.11 25.47 -64.53
CA SER I 17 -17.30 25.57 -63.08
C SER I 17 -18.73 25.96 -62.73
N LEU I 18 -19.20 25.53 -61.55
CA LEU I 18 -20.51 25.89 -61.01
C LEU I 18 -20.45 25.93 -59.48
N ARG I 19 -21.25 26.78 -58.83
CA ARG I 19 -21.29 26.87 -57.36
C ARG I 19 -22.67 26.53 -56.82
N LEU I 20 -22.76 25.49 -56.00
CA LEU I 20 -23.97 25.13 -55.26
C LEU I 20 -23.98 25.85 -53.91
N SER I 21 -25.17 26.18 -53.44
CA SER I 21 -25.40 26.84 -52.17
C SER I 21 -26.48 26.13 -51.38
N CYS I 22 -26.31 26.04 -50.07
CA CYS I 22 -27.21 25.35 -49.16
C CYS I 22 -27.37 26.22 -47.91
N ALA I 23 -28.48 26.93 -47.80
CA ALA I 23 -28.83 27.71 -46.62
C ALA I 23 -29.46 26.82 -45.54
N ALA I 24 -29.13 27.08 -44.29
CA ALA I 24 -29.53 26.27 -43.13
C ALA I 24 -30.28 27.10 -42.08
N SER I 25 -31.28 26.50 -41.44
CA SER I 25 -32.06 27.14 -40.36
C SER I 25 -32.70 26.10 -39.43
N GLY I 26 -33.09 26.54 -38.22
CA GLY I 26 -33.71 25.69 -37.20
C GLY I 26 -32.74 24.88 -36.32
N PHE I 27 -31.43 25.04 -36.53
CA PHE I 27 -30.37 24.45 -35.71
C PHE I 27 -29.11 25.32 -35.76
N THR I 28 -28.23 25.16 -34.77
CA THR I 28 -26.96 25.88 -34.68
C THR I 28 -25.95 25.32 -35.69
N PHE I 29 -26.09 25.74 -36.95
CA PHE I 29 -25.28 25.29 -38.08
C PHE I 29 -23.79 25.22 -37.79
N SER I 30 -23.24 26.28 -37.18
CA SER I 30 -21.83 26.42 -36.82
C SER I 30 -21.32 25.42 -35.78
N ASN I 31 -22.18 24.61 -35.16
CA ASN I 31 -21.78 23.57 -34.23
C ASN I 31 -21.59 22.19 -34.89
N TYR I 32 -21.99 21.99 -36.15
CA TYR I 32 -22.00 20.66 -36.77
C TYR I 32 -21.22 20.59 -38.07
N ALA I 33 -20.67 19.41 -38.36
CA ALA I 33 -20.20 19.10 -39.69
C ALA I 33 -21.32 19.22 -40.72
N MET I 34 -20.95 19.64 -41.92
CA MET I 34 -21.85 19.78 -43.05
C MET I 34 -21.31 19.02 -44.25
N TYR I 35 -22.19 18.39 -45.00
CA TYR I 35 -21.88 17.39 -46.00
C TYR I 35 -22.40 17.77 -47.36
N TRP I 36 -21.75 17.30 -48.42
CA TRP I 36 -22.36 17.12 -49.73
C TRP I 36 -22.31 15.65 -50.14
N VAL I 37 -23.42 15.16 -50.67
CA VAL I 37 -23.65 13.81 -51.18
C VAL I 37 -24.39 13.95 -52.49
N ARG I 38 -24.14 13.07 -53.47
CA ARG I 38 -24.79 13.15 -54.78
C ARG I 38 -25.34 11.82 -55.22
N GLN I 39 -26.25 11.85 -56.19
CA GLN I 39 -26.95 10.69 -56.71
C GLN I 39 -27.17 10.86 -58.21
N ALA I 40 -26.43 10.11 -59.02
CA ALA I 40 -26.63 10.12 -60.47
C ALA I 40 -28.03 9.57 -60.83
N PRO I 41 -28.63 9.94 -61.97
CA PRO I 41 -29.99 9.55 -62.30
C PRO I 41 -30.21 8.03 -62.28
N GLY I 42 -31.08 7.56 -61.39
CA GLY I 42 -31.38 6.14 -61.20
C GLY I 42 -30.30 5.29 -60.50
N LYS I 43 -29.29 5.92 -59.88
CA LYS I 43 -28.18 5.24 -59.18
C LYS I 43 -28.17 5.50 -57.66
N GLY I 44 -27.21 4.91 -56.96
CA GLY I 44 -27.02 5.05 -55.51
C GLY I 44 -26.39 6.36 -55.06
N LEU I 45 -26.32 6.57 -53.74
CA LEU I 45 -25.68 7.72 -53.11
C LEU I 45 -24.16 7.61 -53.18
N GLU I 46 -23.48 8.70 -53.53
CA GLU I 46 -22.04 8.88 -53.45
C GLU I 46 -21.73 10.03 -52.50
N TRP I 47 -20.89 9.81 -51.49
CA TRP I 47 -20.41 10.91 -50.68
C TRP I 47 -19.44 11.79 -51.48
N VAL I 48 -19.59 13.12 -51.42
CA VAL I 48 -18.76 14.06 -52.18
C VAL I 48 -17.76 14.77 -51.28
N ALA I 49 -18.21 15.38 -50.19
CA ALA I 49 -17.38 16.17 -49.31
C ALA I 49 -17.96 16.36 -47.91
N VAL I 50 -17.13 16.79 -46.95
CA VAL I 50 -17.54 17.29 -45.63
C VAL I 50 -16.67 18.44 -45.18
N ILE I 51 -17.23 19.35 -44.39
CA ILE I 51 -16.53 20.46 -43.75
C ILE I 51 -16.82 20.50 -42.25
N SER I 52 -15.79 20.71 -41.44
CA SER I 52 -15.92 20.79 -39.98
C SER I 52 -16.80 21.95 -39.54
N TYR I 53 -17.24 21.93 -38.29
CA TYR I 53 -18.13 22.91 -37.69
C TYR I 53 -17.63 24.35 -37.84
N ASP I 54 -16.33 24.56 -37.64
CA ASP I 54 -15.62 25.83 -37.80
C ASP I 54 -15.01 26.06 -39.20
N GLY I 55 -15.13 25.10 -40.13
CA GLY I 55 -14.48 25.15 -41.44
C GLY I 55 -12.97 24.89 -41.47
N SER I 56 -12.31 24.56 -40.36
CA SER I 56 -10.85 24.37 -40.32
C SER I 56 -10.38 23.08 -41.01
N ASN I 57 -11.25 22.09 -41.20
CA ASN I 57 -10.93 20.78 -41.76
C ASN I 57 -11.95 20.42 -42.85
N LYS I 58 -11.47 19.82 -43.94
CA LYS I 58 -12.24 19.48 -45.14
C LYS I 58 -11.80 18.12 -45.65
N TYR I 59 -12.73 17.31 -46.16
CA TYR I 59 -12.42 16.02 -46.77
C TYR I 59 -13.28 15.80 -48.03
N TYR I 60 -12.72 15.10 -49.02
CA TYR I 60 -13.29 14.93 -50.35
C TYR I 60 -13.19 13.48 -50.83
N ALA I 61 -14.19 13.01 -51.56
CA ALA I 61 -14.08 11.74 -52.27
C ALA I 61 -13.06 11.84 -53.42
N ASP I 62 -12.34 10.76 -53.72
CA ASP I 62 -11.29 10.76 -54.76
C ASP I 62 -11.80 11.14 -56.16
N SER I 63 -13.09 10.92 -56.42
CA SER I 63 -13.81 11.32 -57.64
C SER I 63 -13.90 12.84 -57.84
N VAL I 64 -13.68 13.64 -56.79
CA VAL I 64 -13.78 15.10 -56.80
C VAL I 64 -12.61 15.83 -56.12
N LYS I 65 -11.76 15.11 -55.40
CA LYS I 65 -10.54 15.62 -54.77
C LYS I 65 -9.59 16.19 -55.83
N GLY I 66 -9.01 17.34 -55.55
CA GLY I 66 -8.20 18.09 -56.51
C GLY I 66 -9.02 18.87 -57.55
N ARG I 67 -10.36 18.84 -57.48
CA ARG I 67 -11.26 19.63 -58.33
C ARG I 67 -12.19 20.52 -57.50
N PHE I 68 -12.99 19.92 -56.62
CA PHE I 68 -14.03 20.63 -55.88
C PHE I 68 -13.49 21.30 -54.60
N THR I 69 -14.22 22.29 -54.10
CA THR I 69 -13.94 22.98 -52.83
C THR I 69 -15.23 23.23 -52.04
N ILE I 70 -15.33 22.66 -50.85
CA ILE I 70 -16.42 22.93 -49.91
C ILE I 70 -16.06 24.16 -49.05
N SER I 71 -17.05 24.96 -48.66
CA SER I 71 -16.84 26.10 -47.76
C SER I 71 -18.14 26.48 -47.06
N ARG I 72 -18.06 27.26 -45.99
CA ARG I 72 -19.22 27.64 -45.16
C ARG I 72 -19.13 29.06 -44.65
N ASP I 73 -20.29 29.67 -44.42
CA ASP I 73 -20.49 30.95 -43.76
C ASP I 73 -21.32 30.72 -42.50
N ASN I 74 -20.64 30.64 -41.36
CA ASN I 74 -21.27 30.45 -40.06
C ASN I 74 -21.97 31.71 -39.52
N SER I 75 -21.85 32.86 -40.19
CA SER I 75 -22.63 34.06 -39.85
C SER I 75 -23.99 34.06 -40.56
N LYS I 76 -24.01 33.65 -41.83
CA LYS I 76 -25.21 33.53 -42.68
C LYS I 76 -25.93 32.18 -42.58
N ASN I 77 -25.27 31.19 -41.97
CA ASN I 77 -25.67 29.78 -42.00
C ASN I 77 -25.83 29.26 -43.43
N THR I 78 -24.77 29.37 -44.23
CA THR I 78 -24.76 28.90 -45.63
C THR I 78 -23.56 28.02 -45.91
N LEU I 79 -23.79 26.89 -46.56
CA LEU I 79 -22.80 25.95 -47.04
C LEU I 79 -22.70 26.07 -48.55
N TYR I 80 -21.49 25.95 -49.10
CA TYR I 80 -21.26 25.99 -50.53
C TYR I 80 -20.54 24.74 -51.00
N LEU I 81 -20.77 24.36 -52.26
CA LEU I 81 -19.82 23.56 -53.02
C LEU I 81 -19.40 24.34 -54.24
N GLN I 82 -18.12 24.69 -54.34
CA GLN I 82 -17.52 25.14 -55.57
C GLN I 82 -17.09 23.92 -56.37
N MET I 83 -17.67 23.74 -57.55
CA MET I 83 -17.29 22.70 -58.49
C MET I 83 -16.50 23.33 -59.64
N ASN I 84 -15.30 22.80 -59.90
CA ASN I 84 -14.44 23.24 -60.99
C ASN I 84 -14.04 22.05 -61.87
N SER I 85 -13.76 22.30 -63.15
CA SER I 85 -13.42 21.25 -64.12
C SER I 85 -14.47 20.14 -64.13
N LEU I 86 -15.73 20.52 -64.29
CA LEU I 86 -16.85 19.59 -64.30
C LEU I 86 -16.73 18.54 -65.39
N ARG I 87 -17.09 17.31 -65.09
CA ARG I 87 -17.04 16.16 -65.99
C ARG I 87 -18.44 15.60 -66.15
N THR I 88 -18.74 14.94 -67.27
CA THR I 88 -20.11 14.43 -67.52
C THR I 88 -20.59 13.50 -66.41
N GLU I 89 -19.67 12.71 -65.82
CA GLU I 89 -19.94 11.86 -64.65
C GLU I 89 -20.20 12.61 -63.33
N ASP I 90 -20.04 13.94 -63.27
CA ASP I 90 -20.55 14.77 -62.17
C ASP I 90 -22.06 15.07 -62.28
N THR I 91 -22.73 14.64 -63.37
CA THR I 91 -24.18 14.82 -63.56
C THR I 91 -24.98 14.04 -62.52
N ALA I 92 -25.61 14.73 -61.58
CA ALA I 92 -26.30 14.13 -60.45
C ALA I 92 -27.21 15.12 -59.73
N VAL I 93 -28.15 14.61 -58.93
CA VAL I 93 -28.77 15.41 -57.87
C VAL I 93 -27.79 15.52 -56.70
N TYR I 94 -27.49 16.74 -56.26
CA TYR I 94 -26.63 17.01 -55.12
C TYR I 94 -27.51 17.39 -53.93
N TYR I 95 -27.24 16.75 -52.80
CA TYR I 95 -27.84 17.04 -51.50
C TYR I 95 -26.76 17.53 -50.55
N CYS I 96 -26.96 18.66 -49.91
CA CYS I 96 -26.30 18.94 -48.63
C CYS I 96 -26.98 18.17 -47.49
N ALA I 97 -26.23 17.93 -46.42
CA ALA I 97 -26.72 17.30 -45.21
C ALA I 97 -25.88 17.71 -44.00
N SER I 98 -26.29 17.37 -42.78
CA SER I 98 -25.63 17.84 -41.56
C SER I 98 -25.67 16.86 -40.40
N GLY I 99 -24.72 16.99 -39.47
CA GLY I 99 -24.72 16.26 -38.21
C GLY I 99 -25.75 16.77 -37.20
N SER I 100 -25.91 16.08 -36.08
CA SER I 100 -26.65 16.55 -34.90
C SER I 100 -26.07 15.92 -33.63
N ASP I 101 -26.69 16.13 -32.47
CA ASP I 101 -26.29 15.42 -31.24
C ASP I 101 -26.51 13.90 -31.27
N TYR I 102 -27.17 13.32 -32.30
CA TYR I 102 -27.06 11.88 -32.53
C TYR I 102 -25.63 11.47 -32.88
N GLY I 103 -24.85 12.38 -33.46
CA GLY I 103 -23.48 12.18 -33.87
C GLY I 103 -23.12 13.20 -34.93
N ASP I 104 -21.95 13.82 -34.82
CA ASP I 104 -21.49 14.81 -35.81
C ASP I 104 -21.23 14.18 -37.18
N TYR I 105 -20.87 12.89 -37.16
CA TYR I 105 -20.48 12.08 -38.31
C TYR I 105 -21.68 11.44 -39.05
N LEU I 106 -22.89 11.59 -38.53
CA LEU I 106 -24.13 11.18 -39.19
C LEU I 106 -24.59 12.25 -40.17
N LEU I 107 -25.33 11.86 -41.20
CA LEU I 107 -26.00 12.78 -42.11
C LEU I 107 -27.48 12.82 -41.68
N VAL I 108 -27.77 13.54 -40.61
CA VAL I 108 -29.06 13.47 -39.92
C VAL I 108 -30.15 14.21 -40.69
N TYR I 109 -29.88 15.45 -41.09
CA TYR I 109 -30.81 16.28 -41.85
C TYR I 109 -30.31 16.49 -43.27
N TRP I 110 -31.23 16.51 -44.24
CA TRP I 110 -30.93 16.55 -45.67
C TRP I 110 -31.68 17.69 -46.36
N GLY I 111 -31.06 18.33 -47.33
CA GLY I 111 -31.71 19.32 -48.19
C GLY I 111 -32.65 18.68 -49.22
N GLN I 112 -33.39 19.50 -49.99
CA GLN I 112 -34.37 18.98 -50.95
C GLN I 112 -33.75 18.30 -52.20
N GLY I 113 -32.44 18.45 -52.42
CA GLY I 113 -31.71 18.02 -53.60
C GLY I 113 -31.79 19.03 -54.75
N THR I 114 -30.66 19.32 -55.41
CA THR I 114 -30.60 20.16 -56.62
C THR I 114 -29.88 19.43 -57.76
N LEU I 115 -30.49 19.39 -58.95
CA LEU I 115 -29.95 18.67 -60.11
C LEU I 115 -28.87 19.48 -60.84
N VAL I 116 -27.73 18.86 -61.12
CA VAL I 116 -26.64 19.39 -61.95
C VAL I 116 -26.48 18.52 -63.19
N THR I 117 -26.51 19.12 -64.39
CA THR I 117 -26.46 18.39 -65.67
C THR I 117 -25.26 18.83 -66.51
N VAL I 118 -24.13 18.14 -66.35
CA VAL I 118 -22.91 18.41 -67.12
C VAL I 118 -23.03 17.74 -68.50
N SER I 119 -23.42 18.50 -69.52
CA SER I 119 -23.68 18.00 -70.87
C SER I 119 -23.10 18.89 -71.97
N SER I 120 -22.51 18.27 -73.00
CA SER I 120 -22.03 18.95 -74.21
C SER I 120 -23.13 19.22 -75.25
N ALA I 121 -24.31 18.62 -75.12
CA ALA I 121 -25.38 18.73 -76.11
C ALA I 121 -25.97 20.15 -76.19
N SER I 122 -26.30 20.59 -77.40
CA SER I 122 -26.99 21.85 -77.65
C SER I 122 -28.49 21.75 -77.31
N THR I 123 -29.12 22.87 -76.94
CA THR I 123 -30.57 22.92 -76.73
C THR I 123 -31.29 22.63 -78.06
N LYS I 124 -32.06 21.55 -78.10
CA LYS I 124 -32.62 20.95 -79.33
C LYS I 124 -34.07 20.48 -79.13
N GLY I 125 -34.94 20.79 -80.08
CA GLY I 125 -36.34 20.33 -80.10
C GLY I 125 -36.49 18.87 -80.56
N PRO I 126 -37.55 18.17 -80.13
CA PRO I 126 -37.78 16.77 -80.47
C PRO I 126 -38.17 16.53 -81.93
N SER I 127 -37.99 15.30 -82.37
CA SER I 127 -38.73 14.70 -83.49
C SER I 127 -39.82 13.78 -82.92
N VAL I 128 -41.05 13.89 -83.42
CA VAL I 128 -42.21 13.11 -82.96
C VAL I 128 -42.66 12.14 -84.05
N PHE I 129 -42.81 10.87 -83.68
CA PHE I 129 -43.17 9.79 -84.61
C PHE I 129 -44.38 9.01 -84.08
N PRO I 130 -45.38 8.69 -84.93
CA PRO I 130 -46.54 7.91 -84.52
C PRO I 130 -46.19 6.42 -84.35
N LEU I 131 -46.53 5.86 -83.20
CA LEU I 131 -46.55 4.41 -82.96
C LEU I 131 -47.92 3.88 -83.42
N ALA I 132 -48.03 3.64 -84.72
CA ALA I 132 -49.26 3.32 -85.43
C ALA I 132 -49.87 1.98 -84.97
N PRO I 133 -51.17 1.91 -84.66
CA PRO I 133 -51.82 0.66 -84.27
C PRO I 133 -51.89 -0.34 -85.43
N SER I 134 -51.80 -1.63 -85.11
CA SER I 134 -51.82 -2.73 -86.09
C SER I 134 -52.26 -4.05 -85.43
N SER I 135 -52.30 -5.16 -86.17
CA SER I 135 -52.57 -6.47 -85.56
C SER I 135 -51.56 -6.80 -84.46
N LYS I 136 -50.31 -6.35 -84.64
CA LYS I 136 -49.16 -6.54 -83.74
C LYS I 136 -49.20 -5.65 -82.48
N SER I 137 -50.15 -4.71 -82.43
CA SER I 137 -50.48 -3.92 -81.24
C SER I 137 -51.94 -4.07 -80.79
N THR I 138 -52.62 -5.17 -81.18
CA THR I 138 -54.03 -5.42 -80.82
C THR I 138 -54.20 -6.80 -80.17
N SER I 139 -54.95 -6.87 -79.08
CA SER I 139 -55.27 -8.13 -78.36
C SER I 139 -56.58 -8.02 -77.60
N GLY I 140 -57.40 -9.09 -77.59
CA GLY I 140 -58.62 -9.18 -76.77
C GLY I 140 -59.68 -8.10 -77.04
N GLY I 141 -59.71 -7.51 -78.23
CA GLY I 141 -60.59 -6.39 -78.59
C GLY I 141 -60.08 -5.00 -78.15
N THR I 142 -58.86 -4.91 -77.61
CA THR I 142 -58.17 -3.67 -77.26
C THR I 142 -56.98 -3.46 -78.18
N ALA I 143 -56.78 -2.25 -78.68
CA ALA I 143 -55.59 -1.85 -79.42
C ALA I 143 -54.75 -0.85 -78.61
N ALA I 144 -53.44 -1.02 -78.61
CA ALA I 144 -52.49 0.00 -78.20
C ALA I 144 -52.03 0.83 -79.39
N LEU I 145 -51.82 2.13 -79.15
CA LEU I 145 -51.25 3.12 -80.06
C LEU I 145 -50.43 4.14 -79.27
N GLY I 146 -49.55 4.90 -79.91
CA GLY I 146 -48.69 5.83 -79.18
C GLY I 146 -47.95 6.84 -80.05
N CYS I 147 -47.01 7.53 -79.43
CA CYS I 147 -46.02 8.40 -80.06
C CYS I 147 -44.65 8.14 -79.43
N LEU I 148 -43.61 8.19 -80.25
CA LEU I 148 -42.22 8.23 -79.84
C LEU I 148 -41.75 9.68 -79.98
N VAL I 149 -41.18 10.23 -78.92
CA VAL I 149 -40.62 11.58 -78.88
C VAL I 149 -39.10 11.38 -78.76
N LYS I 150 -38.33 11.91 -79.70
CA LYS I 150 -36.93 11.50 -79.90
C LYS I 150 -35.99 12.68 -80.05
N ASP I 151 -34.73 12.48 -79.66
CA ASP I 151 -33.59 13.33 -79.99
C ASP I 151 -33.77 14.80 -79.59
N TYR I 152 -34.08 15.04 -78.32
CA TYR I 152 -34.21 16.38 -77.74
C TYR I 152 -33.26 16.57 -76.56
N PHE I 153 -32.90 17.82 -76.27
CA PHE I 153 -32.13 18.18 -75.08
C PHE I 153 -32.40 19.65 -74.66
N PRO I 154 -32.30 20.01 -73.38
CA PRO I 154 -32.34 19.14 -72.20
C PRO I 154 -33.76 18.58 -71.96
N GLU I 155 -33.95 17.82 -70.88
CA GLU I 155 -35.28 17.59 -70.30
C GLU I 155 -35.85 18.87 -69.65
N PRO I 156 -37.17 18.96 -69.42
CA PRO I 156 -38.20 17.98 -69.79
C PRO I 156 -38.92 18.30 -71.11
N VAL I 157 -39.53 17.28 -71.72
CA VAL I 157 -40.72 17.42 -72.58
C VAL I 157 -41.99 17.16 -71.75
N THR I 158 -43.15 17.56 -72.25
CA THR I 158 -44.47 17.13 -71.71
C THR I 158 -45.37 16.63 -72.85
N VAL I 159 -46.23 15.63 -72.55
CA VAL I 159 -47.11 14.98 -73.54
C VAL I 159 -48.54 14.84 -72.99
N SER I 160 -49.54 15.09 -73.83
CA SER I 160 -50.97 14.83 -73.58
C SER I 160 -51.64 14.26 -74.84
N TRP I 161 -52.88 13.78 -74.72
CA TRP I 161 -53.61 13.15 -75.81
C TRP I 161 -54.96 13.82 -76.07
N ASN I 162 -55.29 14.02 -77.34
CA ASN I 162 -56.49 14.71 -77.82
C ASN I 162 -56.71 16.06 -77.10
N SER I 163 -55.66 16.87 -76.98
CA SER I 163 -55.63 18.15 -76.25
C SER I 163 -55.97 18.02 -74.76
N GLY I 164 -55.70 16.87 -74.15
CA GLY I 164 -56.05 16.51 -72.78
C GLY I 164 -57.43 15.89 -72.61
N ALA I 165 -58.20 15.69 -73.70
CA ALA I 165 -59.50 15.04 -73.65
C ALA I 165 -59.39 13.51 -73.45
N LEU I 166 -58.23 12.90 -73.73
CA LEU I 166 -57.96 11.48 -73.50
C LEU I 166 -56.93 11.29 -72.38
N THR I 167 -57.30 10.54 -71.33
CA THR I 167 -56.47 10.29 -70.13
C THR I 167 -56.54 8.85 -69.62
N SER I 168 -57.70 8.18 -69.69
CA SER I 168 -57.82 6.76 -69.31
C SER I 168 -56.98 5.86 -70.23
N GLY I 169 -56.22 4.93 -69.65
CA GLY I 169 -55.34 4.02 -70.39
C GLY I 169 -54.06 4.65 -70.97
N VAL I 170 -53.83 5.95 -70.77
CA VAL I 170 -52.61 6.64 -71.19
C VAL I 170 -51.44 6.32 -70.24
N HIS I 171 -50.26 6.04 -70.79
CA HIS I 171 -48.99 6.03 -70.07
C HIS I 171 -47.93 6.82 -70.83
N THR I 172 -47.16 7.65 -70.13
CA THR I 172 -45.98 8.32 -70.69
C THR I 172 -44.75 7.93 -69.91
N PHE I 173 -43.77 7.35 -70.59
CA PHE I 173 -42.59 6.77 -69.95
C PHE I 173 -41.58 7.85 -69.52
N PRO I 174 -40.89 7.69 -68.38
CA PRO I 174 -39.73 8.52 -68.05
C PRO I 174 -38.67 8.44 -69.14
N ALA I 175 -38.07 9.57 -69.49
CA ALA I 175 -37.16 9.65 -70.63
C ALA I 175 -35.88 8.84 -70.44
N VAL I 176 -35.32 8.36 -71.56
CA VAL I 176 -34.04 7.65 -71.64
C VAL I 176 -33.03 8.53 -72.36
N LEU I 177 -31.80 8.57 -71.82
CA LEU I 177 -30.69 9.27 -72.44
C LEU I 177 -29.98 8.35 -73.43
N GLN I 178 -30.03 8.69 -74.71
CA GLN I 178 -29.41 7.89 -75.77
C GLN I 178 -27.89 8.11 -75.81
N SER I 179 -27.16 7.21 -76.48
CA SER I 179 -25.70 7.30 -76.67
C SER I 179 -25.24 8.57 -77.41
N SER I 180 -26.14 9.23 -78.15
CA SER I 180 -25.93 10.55 -78.77
C SER I 180 -25.84 11.72 -77.78
N GLY I 181 -26.19 11.51 -76.51
CA GLY I 181 -26.35 12.58 -75.52
C GLY I 181 -27.69 13.32 -75.60
N LEU I 182 -28.67 12.76 -76.33
CA LEU I 182 -30.02 13.31 -76.47
C LEU I 182 -31.06 12.40 -75.84
N TYR I 183 -32.09 12.98 -75.25
CA TYR I 183 -33.20 12.25 -74.64
C TYR I 183 -34.23 11.76 -75.67
N SER I 184 -34.97 10.74 -75.25
CA SER I 184 -36.15 10.21 -75.93
C SER I 184 -37.15 9.66 -74.91
N LEU I 185 -38.43 9.62 -75.26
CA LEU I 185 -39.46 8.90 -74.52
C LEU I 185 -40.54 8.37 -75.45
N SER I 186 -41.36 7.47 -74.92
CA SER I 186 -42.59 7.00 -75.55
C SER I 186 -43.80 7.45 -74.73
N SER I 187 -44.91 7.71 -75.41
CA SER I 187 -46.22 7.87 -74.80
C SER I 187 -47.22 6.99 -75.55
N VAL I 188 -48.11 6.31 -74.83
CA VAL I 188 -48.97 5.26 -75.36
C VAL I 188 -50.35 5.32 -74.74
N VAL I 189 -51.34 4.76 -75.42
CA VAL I 189 -52.69 4.60 -74.91
C VAL I 189 -53.33 3.32 -75.45
N THR I 190 -54.15 2.68 -74.62
CA THR I 190 -54.98 1.54 -75.00
C THR I 190 -56.45 1.94 -75.16
N VAL I 191 -57.06 1.49 -76.26
CA VAL I 191 -58.41 1.88 -76.70
C VAL I 191 -59.14 0.66 -77.29
N PRO I 192 -60.48 0.64 -77.36
CA PRO I 192 -61.19 -0.43 -78.05
C PRO I 192 -60.76 -0.53 -79.52
N SER I 193 -60.47 -1.73 -80.03
CA SER I 193 -60.04 -1.93 -81.43
C SER I 193 -61.10 -1.45 -82.43
N SER I 194 -62.38 -1.48 -82.06
CA SER I 194 -63.51 -0.92 -82.82
C SER I 194 -63.48 0.60 -82.98
N SER I 195 -62.73 1.34 -82.15
CA SER I 195 -62.59 2.80 -82.25
C SER I 195 -61.50 3.24 -83.24
N LEU I 196 -60.68 2.32 -83.76
CA LEU I 196 -59.69 2.64 -84.79
C LEU I 196 -60.37 3.13 -86.07
N GLY I 197 -59.82 4.17 -86.69
CA GLY I 197 -60.36 4.82 -87.90
C GLY I 197 -61.60 5.70 -87.66
N THR I 198 -62.52 5.28 -86.78
CA THR I 198 -63.74 6.02 -86.44
C THR I 198 -63.49 7.14 -85.42
N GLN I 199 -62.51 6.99 -84.52
CA GLN I 199 -62.03 8.03 -83.60
C GLN I 199 -60.64 8.53 -84.02
N THR I 200 -60.48 9.86 -84.10
CA THR I 200 -59.16 10.50 -84.25
C THR I 200 -58.37 10.40 -82.95
N TYR I 201 -57.11 9.97 -83.04
CA TYR I 201 -56.14 10.00 -81.94
C TYR I 201 -54.95 10.89 -82.28
N ILE I 202 -54.62 11.83 -81.39
CA ILE I 202 -53.51 12.78 -81.51
C ILE I 202 -52.71 12.81 -80.21
N CYS I 203 -51.38 12.77 -80.30
CA CYS I 203 -50.52 13.15 -79.18
C CYS I 203 -50.07 14.61 -79.35
N ASN I 204 -50.11 15.36 -78.26
CA ASN I 204 -49.74 16.76 -78.17
C ASN I 204 -48.47 16.89 -77.32
N VAL I 205 -47.39 17.43 -77.88
CA VAL I 205 -46.03 17.40 -77.33
C VAL I 205 -45.48 18.81 -77.20
N ASN I 206 -44.88 19.13 -76.05
CA ASN I 206 -44.29 20.44 -75.76
C ASN I 206 -42.86 20.30 -75.21
N HIS I 207 -41.96 21.19 -75.62
CA HIS I 207 -40.56 21.26 -75.18
C HIS I 207 -40.16 22.71 -74.91
N LYS I 208 -40.44 23.20 -73.70
CA LYS I 208 -40.20 24.58 -73.27
C LYS I 208 -38.76 25.10 -73.47
N PRO I 209 -37.68 24.30 -73.28
CA PRO I 209 -36.30 24.79 -73.46
C PRO I 209 -35.99 25.31 -74.87
N SER I 210 -36.58 24.71 -75.91
CA SER I 210 -36.43 25.14 -77.32
C SER I 210 -37.65 25.92 -77.86
N ASN I 211 -38.65 26.20 -77.03
CA ASN I 211 -39.95 26.79 -77.40
C ASN I 211 -40.68 26.04 -78.54
N THR I 212 -40.62 24.69 -78.52
CA THR I 212 -41.17 23.84 -79.59
C THR I 212 -42.46 23.15 -79.12
N LYS I 213 -43.50 23.18 -79.96
CA LYS I 213 -44.76 22.44 -79.75
C LYS I 213 -45.15 21.68 -81.02
N VAL I 214 -45.62 20.44 -80.87
CA VAL I 214 -46.00 19.55 -81.97
C VAL I 214 -47.32 18.85 -81.61
N ASP I 215 -48.26 18.78 -82.55
CA ASP I 215 -49.42 17.90 -82.47
C ASP I 215 -49.29 16.84 -83.57
N LYS I 216 -49.26 15.54 -83.21
CA LYS I 216 -49.10 14.43 -84.16
C LYS I 216 -50.29 13.50 -84.12
N LYS I 217 -50.98 13.35 -85.26
CA LYS I 217 -52.05 12.37 -85.46
C LYS I 217 -51.47 10.97 -85.56
N VAL I 218 -52.14 10.00 -84.94
CA VAL I 218 -51.81 8.58 -85.00
C VAL I 218 -52.91 7.83 -85.75
N GLU I 219 -52.54 7.14 -86.81
CA GLU I 219 -53.45 6.40 -87.71
C GLU I 219 -52.99 4.93 -87.84
N PRO I 220 -53.90 3.96 -88.08
CA PRO I 220 -53.53 2.56 -88.21
C PRO I 220 -52.54 2.26 -89.35
N LYS I 221 -51.75 1.19 -89.20
CA LYS I 221 -50.88 0.61 -90.23
C LYS I 221 -51.16 -0.88 -90.38
N SER I 222 -51.16 -1.39 -91.61
CA SER I 222 -51.67 -2.70 -92.02
C SER I 222 -50.77 -3.91 -91.69
N CYS I 223 -49.93 -3.84 -90.66
CA CYS I 223 -49.16 -5.00 -90.15
C CYS I 223 -50.08 -6.07 -89.52
#